data_6YN1
#
_entry.id   6YN1
#
_cell.length_a   105.224
_cell.length_b   189.686
_cell.length_c   204.324
_cell.angle_alpha   90.000
_cell.angle_beta   90.000
_cell.angle_gamma   90.000
#
_symmetry.space_group_name_H-M   'P 21 21 21'
#
loop_
_entity.id
_entity.type
_entity.pdbx_description
1 polymer 'Histone H2A'
2 polymer 'Histone H2B'
3 polymer 'Histone H3'
4 polymer 'Histone H4'
5 polymer 'Aprataxin and PNK-like factor'
6 non-polymer GLYCEROL
7 non-polymer 'CHLORIDE ION'
8 water water
#
loop_
_entity_poly.entity_id
_entity_poly.type
_entity_poly.pdbx_seq_one_letter_code
_entity_poly.pdbx_strand_id
1 'polypeptide(L)'
;MKAKTRSSRAGLQFPVGRVHRLLRKGNYAERVGAGAPVYLAAVLEYLTAEILELAGNAARDNKKTRIIPRHLQLAVRNDE
ELNKLLGRVTIAQGGVLPNIQSVLLPK
;
A,F,K,P,U,Z,e,j
2 'polypeptide(L)'
;MKKRRKTRKESYAIYVYKVLKQVHPDTGISSKAMSIMNSFVNDVFERIAGEASRLAHYNKRSTITSREIQTAVRLLLPGE
LAKHAVSEGTKAVTKYTSAK
;
B,G,L,Q,V,a,f,k
3 'polypeptide(L)'
;MPHRYRPGTVALREIRRYQKSTELLIRKLPFQRLVREIAQDFKTDLRFQSSAVMALQEASEAYLVALFEDTNLCAIHAKR
VTIMPKDIQLARRIRGERA
;
C,H,M,R,W,b,g,l
4 'polypeptide(L)'
;MKVLRDNIQGITKPAIRRLARRGGVKRISGLIYEETRGVLKVFLENVIRDAVTYTEHAKRKTVTAMDVVYALKRQGRTLY
GFGG
;
D,I,N,S,X,c,h,m
5 'polypeptide(L)' GLDEDNDNVGQPNEYDLNDSFLDDEEEDYEPTDEDSDWEPGKE E,J,O,T,Y,d,i,n
#
loop_
_chem_comp.id
_chem_comp.type
_chem_comp.name
_chem_comp.formula
CL non-polymer 'CHLORIDE ION' 'Cl -1'
GOL non-polymer GLYCEROL 'C3 H8 O3'
#
# COMPACT_ATOMS: atom_id res chain seq x y z
N THR A 5 -14.35 -61.22 11.27
CA THR A 5 -15.15 -60.41 10.34
C THR A 5 -14.32 -59.73 9.27
N ARG A 6 -15.01 -59.13 8.31
CA ARG A 6 -14.31 -58.37 7.27
C ARG A 6 -13.51 -57.23 7.89
N SER A 7 -14.10 -56.53 8.87
CA SER A 7 -13.36 -55.45 9.54
C SER A 7 -12.17 -55.98 10.35
N SER A 8 -12.29 -57.19 10.92
CA SER A 8 -11.15 -57.77 11.62
C SER A 8 -10.00 -58.00 10.67
N ARG A 9 -10.27 -58.72 9.58
CA ARG A 9 -9.24 -58.97 8.57
C ARG A 9 -8.63 -57.70 8.03
N ALA A 10 -9.35 -56.57 8.05
CA ALA A 10 -8.80 -55.33 7.55
C ALA A 10 -8.03 -54.54 8.62
N GLY A 11 -8.02 -55.02 9.87
CA GLY A 11 -7.47 -54.24 10.97
C GLY A 11 -8.26 -53.00 11.31
N LEU A 12 -9.59 -53.06 11.21
CA LEU A 12 -10.44 -51.87 11.37
C LEU A 12 -11.51 -52.08 12.44
N GLN A 13 -11.89 -50.97 13.08
CA GLN A 13 -12.97 -50.99 14.10
C GLN A 13 -14.29 -50.67 13.38
N PHE A 14 -14.21 -49.91 12.29
CA PHE A 14 -15.42 -49.49 11.53
C PHE A 14 -16.03 -50.70 10.82
N PRO A 15 -17.37 -50.78 10.70
CA PRO A 15 -18.04 -51.93 10.09
C PRO A 15 -17.94 -51.96 8.57
N VAL A 16 -17.11 -52.87 8.03
CA VAL A 16 -16.93 -52.97 6.56
C VAL A 16 -18.22 -53.51 5.92
N GLY A 17 -18.98 -54.34 6.64
CA GLY A 17 -20.15 -54.90 6.05
C GLY A 17 -21.24 -53.89 5.88
N ARG A 18 -21.38 -53.02 6.85
CA ARG A 18 -22.34 -51.95 6.82
C ARG A 18 -22.04 -50.97 5.74
N VAL A 19 -20.78 -50.60 5.62
CA VAL A 19 -20.37 -49.71 4.58
C VAL A 19 -20.67 -50.26 3.20
N HIS A 20 -20.42 -51.55 3.00
CA HIS A 20 -20.74 -52.21 1.78
C HIS A 20 -22.21 -52.15 1.54
N ARG A 21 -22.99 -52.44 2.57
CA ARG A 21 -24.42 -52.40 2.46
C ARG A 21 -24.90 -51.03 2.04
N LEU A 22 -24.42 -49.99 2.69
CA LEU A 22 -24.85 -48.65 2.37
C LEU A 22 -24.40 -48.19 1.02
N LEU A 23 -23.28 -48.69 0.53
CA LEU A 23 -22.88 -48.37 -0.83
C LEU A 23 -23.91 -48.87 -1.83
N ARG A 24 -24.38 -50.08 -1.63
CA ARG A 24 -25.35 -50.69 -2.57
C ARG A 24 -26.70 -49.99 -2.44
N LYS A 25 -27.11 -49.69 -1.22
CA LYS A 25 -28.46 -49.18 -0.99
C LYS A 25 -28.60 -47.71 -1.34
N GLY A 26 -27.52 -46.95 -1.33
CA GLY A 26 -27.59 -45.55 -1.69
C GLY A 26 -27.57 -45.24 -3.18
N ASN A 27 -27.64 -46.24 -4.05
CA ASN A 27 -27.68 -46.06 -5.51
C ASN A 27 -26.52 -45.22 -6.00
N TYR A 28 -25.32 -45.64 -5.64
CA TYR A 28 -24.11 -44.98 -6.10
C TYR A 28 -23.54 -45.61 -7.38
N ALA A 29 -23.62 -46.93 -7.52
CA ALA A 29 -23.37 -47.57 -8.80
C ALA A 29 -24.14 -48.87 -8.84
N GLU A 30 -24.27 -49.44 -10.04
CA GLU A 30 -24.79 -50.80 -10.15
C GLU A 30 -23.98 -51.80 -9.31
N ARG A 31 -22.68 -51.55 -9.12
CA ARG A 31 -21.76 -52.56 -8.61
C ARG A 31 -20.77 -51.96 -7.61
N VAL A 32 -20.37 -52.77 -6.64
CA VAL A 32 -19.35 -52.41 -5.67
C VAL A 32 -18.18 -53.35 -5.80
N GLY A 33 -16.97 -52.78 -5.91
CA GLY A 33 -15.77 -53.59 -5.93
C GLY A 33 -15.41 -54.06 -4.53
N ALA A 34 -14.89 -55.29 -4.46
CA ALA A 34 -14.58 -55.92 -3.18
C ALA A 34 -13.71 -55.02 -2.30
N GLY A 35 -12.76 -54.31 -2.89
CA GLY A 35 -11.93 -53.42 -2.09
C GLY A 35 -12.63 -52.16 -1.64
N ALA A 36 -13.67 -51.73 -2.35
CA ALA A 36 -14.23 -50.42 -2.09
C ALA A 36 -14.71 -50.23 -0.66
N PRO A 37 -15.57 -51.09 -0.09
CA PRO A 37 -16.01 -50.84 1.29
C PRO A 37 -14.90 -51.00 2.33
N VAL A 38 -13.85 -51.79 2.04
CA VAL A 38 -12.72 -51.81 2.97
C VAL A 38 -12.01 -50.46 2.97
N TYR A 39 -11.69 -49.95 1.78
CA TYR A 39 -11.02 -48.67 1.63
C TYR A 39 -11.82 -47.56 2.30
N LEU A 40 -13.08 -47.42 1.92
CA LEU A 40 -13.91 -46.37 2.49
C LEU A 40 -14.02 -46.48 4.00
N ALA A 41 -14.26 -47.70 4.52
CA ALA A 41 -14.31 -47.88 5.96
C ALA A 41 -13.01 -47.44 6.62
N ALA A 42 -11.87 -47.83 6.05
CA ALA A 42 -10.59 -47.41 6.62
C ALA A 42 -10.47 -45.88 6.65
N VAL A 43 -10.92 -45.21 5.59
CA VAL A 43 -10.81 -43.75 5.53
C VAL A 43 -11.70 -43.10 6.59
N LEU A 44 -12.91 -43.63 6.76
CA LEU A 44 -13.84 -43.07 7.74
C LEU A 44 -13.34 -43.26 9.15
N GLU A 45 -12.73 -44.41 9.44
CA GLU A 45 -12.09 -44.62 10.73
C GLU A 45 -10.91 -43.67 10.91
N TYR A 46 -10.08 -43.52 9.88
CA TYR A 46 -8.95 -42.59 9.98
C TYR A 46 -9.44 -41.19 10.34
N LEU A 47 -10.45 -40.69 9.61
CA LEU A 47 -10.92 -39.34 9.88
C LEU A 47 -11.53 -39.23 11.27
N THR A 48 -12.26 -40.28 11.69
CA THR A 48 -12.81 -40.31 13.04
C THR A 48 -11.70 -40.29 14.09
N ALA A 49 -10.64 -41.07 13.88
CA ALA A 49 -9.51 -41.07 14.81
C ALA A 49 -8.83 -39.70 14.88
N GLU A 50 -8.70 -39.02 13.74
CA GLU A 50 -8.06 -37.71 13.73
C GLU A 50 -8.82 -36.73 14.61
N ILE A 51 -10.14 -36.65 14.42
CA ILE A 51 -10.93 -35.72 15.21
C ILE A 51 -10.92 -36.12 16.67
N LEU A 52 -11.10 -37.42 16.95
CA LEU A 52 -11.15 -37.86 18.34
C LEU A 52 -9.81 -37.63 19.05
N GLU A 53 -8.70 -37.84 18.34
CA GLU A 53 -7.40 -37.55 18.94
C GLU A 53 -7.25 -36.08 19.29
N LEU A 54 -7.55 -35.19 18.33
CA LEU A 54 -7.37 -33.77 18.61
C LEU A 54 -8.40 -33.30 19.64
N ALA A 55 -9.62 -33.82 19.59
CA ALA A 55 -10.65 -33.42 20.55
C ALA A 55 -10.31 -33.88 21.96
N GLY A 56 -9.81 -35.11 22.09
CA GLY A 56 -9.32 -35.57 23.38
C GLY A 56 -8.17 -34.74 23.90
N ASN A 57 -7.28 -34.28 23.01
CA ASN A 57 -6.25 -33.32 23.43
C ASN A 57 -6.87 -32.05 23.98
N ALA A 58 -7.90 -31.51 23.31
CA ALA A 58 -8.48 -30.27 23.80
C ALA A 58 -9.20 -30.50 25.13
N ALA A 59 -9.92 -31.61 25.23
CA ALA A 59 -10.52 -31.99 26.49
C ALA A 59 -9.46 -32.10 27.58
N ARG A 60 -8.36 -32.81 27.29
CA ARG A 60 -7.38 -32.98 28.36
C ARG A 60 -6.56 -31.72 28.61
N ASP A 61 -6.36 -30.89 27.59
CA ASP A 61 -5.74 -29.58 27.83
C ASP A 61 -6.58 -28.71 28.76
N ASN A 62 -7.86 -29.03 28.93
CA ASN A 62 -8.75 -28.32 29.85
C ASN A 62 -9.00 -29.10 31.14
N LYS A 63 -8.18 -30.12 31.41
CA LYS A 63 -8.39 -31.02 32.56
C LYS A 63 -9.82 -31.56 32.60
N LYS A 64 -10.28 -32.06 31.46
CA LYS A 64 -11.59 -32.69 31.34
C LYS A 64 -11.42 -34.15 30.93
N THR A 65 -12.24 -35.02 31.50
CA THR A 65 -12.21 -36.46 31.23
C THR A 65 -13.20 -36.90 30.15
N ARG A 66 -13.97 -35.99 29.60
CA ARG A 66 -15.04 -36.30 28.66
C ARG A 66 -14.96 -35.34 27.47
N ILE A 67 -15.22 -35.86 26.28
CA ILE A 67 -15.32 -35.03 25.08
C ILE A 67 -16.77 -34.58 24.96
N ILE A 68 -16.96 -33.25 24.85
CA ILE A 68 -18.27 -32.66 24.57
C ILE A 68 -18.19 -31.92 23.23
N PRO A 69 -19.33 -31.47 22.63
CA PRO A 69 -19.25 -30.79 21.33
C PRO A 69 -18.23 -29.67 21.27
N ARG A 70 -18.14 -28.86 22.33
CA ARG A 70 -17.14 -27.80 22.38
C ARG A 70 -15.74 -28.31 21.97
N HIS A 71 -15.35 -29.49 22.45
CA HIS A 71 -14.02 -30.01 22.17
C HIS A 71 -13.89 -30.44 20.71
N LEU A 72 -14.94 -31.02 20.13
CA LEU A 72 -14.88 -31.33 18.71
C LEU A 72 -14.73 -30.05 17.89
N GLN A 73 -15.43 -28.98 18.30
CA GLN A 73 -15.33 -27.71 17.59
C GLN A 73 -13.93 -27.12 17.72
N LEU A 74 -13.39 -27.06 18.96
CA LEU A 74 -12.02 -26.59 19.14
C LEU A 74 -11.04 -27.39 18.29
N ALA A 75 -11.18 -28.71 18.26
CA ALA A 75 -10.19 -29.51 17.53
C ALA A 75 -10.25 -29.23 16.04
N VAL A 76 -11.47 -29.10 15.50
CA VAL A 76 -11.63 -28.95 14.05
C VAL A 76 -11.13 -27.59 13.60
N ARG A 77 -11.50 -26.54 14.35
CA ARG A 77 -11.18 -25.17 13.96
C ARG A 77 -9.71 -24.82 14.17
N ASN A 78 -8.97 -25.63 14.93
CA ASN A 78 -7.54 -25.37 15.10
C ASN A 78 -6.66 -26.23 14.21
N ASP A 79 -7.24 -27.13 13.43
CA ASP A 79 -6.49 -27.92 12.46
C ASP A 79 -6.83 -27.38 11.08
N GLU A 80 -5.82 -26.80 10.41
CA GLU A 80 -6.03 -26.14 9.13
C GLU A 80 -6.77 -27.04 8.14
N GLU A 81 -6.49 -28.34 8.16
CA GLU A 81 -7.10 -29.22 7.15
C GLU A 81 -8.50 -29.67 7.54
N LEU A 82 -8.75 -30.03 8.80
CA LEU A 82 -10.12 -30.35 9.18
C LEU A 82 -11.01 -29.13 9.02
N ASN A 83 -10.49 -27.97 9.39
CA ASN A 83 -11.27 -26.75 9.28
C ASN A 83 -11.72 -26.51 7.85
N LYS A 84 -10.85 -26.82 6.87
CA LYS A 84 -11.27 -26.70 5.48
C LYS A 84 -12.28 -27.78 5.11
N LEU A 85 -12.05 -29.00 5.57
CA LEU A 85 -12.94 -30.10 5.25
C LEU A 85 -14.35 -29.86 5.79
N LEU A 86 -14.46 -29.34 7.01
CA LEU A 86 -15.75 -29.05 7.63
C LEU A 86 -16.09 -27.57 7.54
N GLY A 87 -15.73 -26.94 6.43
CA GLY A 87 -15.89 -25.50 6.32
C GLY A 87 -17.33 -25.03 6.30
N ARG A 88 -18.22 -25.82 5.73
CA ARG A 88 -19.63 -25.45 5.66
C ARG A 88 -20.48 -26.21 6.67
N VAL A 89 -19.88 -26.58 7.80
CA VAL A 89 -20.50 -27.44 8.81
C VAL A 89 -20.71 -26.65 10.10
N THR A 90 -21.89 -26.80 10.68
CA THR A 90 -22.23 -26.24 11.98
C THR A 90 -22.24 -27.38 13.00
N ILE A 91 -21.29 -27.36 13.93
CA ILE A 91 -21.27 -28.29 15.05
C ILE A 91 -22.15 -27.68 16.15
N ALA A 92 -23.37 -28.21 16.31
CA ALA A 92 -24.26 -27.71 17.35
C ALA A 92 -23.57 -27.74 18.70
N GLN A 93 -23.73 -26.65 19.46
CA GLN A 93 -23.19 -26.49 20.80
C GLN A 93 -21.66 -26.40 20.79
N GLY A 94 -21.07 -26.10 19.64
CA GLY A 94 -19.62 -26.05 19.55
C GLY A 94 -19.07 -24.70 19.94
N GLY A 95 -19.90 -23.65 19.88
CA GLY A 95 -19.41 -22.31 20.12
C GLY A 95 -18.40 -21.93 19.04
N VAL A 96 -17.62 -20.90 19.34
CA VAL A 96 -16.60 -20.47 18.40
C VAL A 96 -15.24 -20.60 19.06
N LEU A 97 -14.22 -20.72 18.21
CA LEU A 97 -12.83 -20.58 18.62
C LEU A 97 -12.60 -19.20 19.21
N PRO A 98 -12.13 -19.09 20.46
CA PRO A 98 -11.97 -17.75 21.07
C PRO A 98 -10.90 -16.97 20.34
N ASN A 99 -11.26 -15.77 19.88
CA ASN A 99 -10.32 -14.98 19.10
C ASN A 99 -10.84 -13.57 18.92
N ILE A 100 -10.03 -12.61 19.31
CA ILE A 100 -10.37 -11.19 19.24
C ILE A 100 -9.38 -10.56 18.27
N GLN A 101 -9.91 -9.81 17.30
CA GLN A 101 -9.04 -9.08 16.38
C GLN A 101 -8.04 -8.25 17.16
N SER A 102 -6.77 -8.27 16.71
CA SER A 102 -5.69 -7.60 17.44
C SER A 102 -5.95 -6.10 17.59
N VAL A 103 -6.61 -5.47 16.63
CA VAL A 103 -6.87 -4.04 16.68
C VAL A 103 -7.84 -3.66 17.79
N LEU A 104 -8.60 -4.61 18.32
CA LEU A 104 -9.55 -4.30 19.39
C LEU A 104 -8.95 -4.42 20.79
N LEU A 105 -7.74 -4.98 20.87
CA LEU A 105 -7.04 -5.21 22.15
C LEU A 105 -6.17 -4.00 22.50
N PRO A 106 -6.03 -3.65 23.80
CA PRO A 106 -5.21 -2.52 24.22
C PRO A 106 -3.79 -2.62 23.63
N LYS A 107 -3.27 -1.51 23.09
CA LYS A 107 -1.91 -1.49 22.51
C LYS A 107 -0.87 -1.61 23.63
N GLU B 10 -25.97 -44.59 9.10
CA GLU B 10 -26.84 -43.80 9.95
C GLU B 10 -26.64 -43.90 11.45
N SER B 11 -26.06 -44.97 11.99
CA SER B 11 -25.44 -44.90 13.33
C SER B 11 -24.22 -45.75 13.59
N TYR B 12 -23.14 -45.07 13.92
CA TYR B 12 -21.85 -45.68 13.97
C TYR B 12 -21.30 -45.55 15.34
N ALA B 13 -22.15 -45.27 16.31
CA ALA B 13 -21.68 -44.85 17.61
C ALA B 13 -20.73 -45.84 18.28
N ILE B 14 -21.09 -47.11 18.27
CA ILE B 14 -20.24 -48.13 18.91
C ILE B 14 -18.84 -48.16 18.28
N TYR B 15 -18.77 -47.94 16.97
CA TYR B 15 -17.47 -47.90 16.30
C TYR B 15 -16.69 -46.65 16.65
N VAL B 16 -17.36 -45.49 16.66
CA VAL B 16 -16.73 -44.26 17.14
C VAL B 16 -16.15 -44.49 18.52
N TYR B 17 -16.93 -45.10 19.41
CA TYR B 17 -16.46 -45.38 20.77
C TYR B 17 -15.24 -46.29 20.76
N LYS B 18 -15.24 -47.31 19.90
CA LYS B 18 -14.08 -48.19 19.83
C LYS B 18 -12.84 -47.43 19.43
N VAL B 19 -12.96 -46.52 18.47
CA VAL B 19 -11.82 -45.72 18.04
C VAL B 19 -11.37 -44.78 19.16
N LEU B 20 -12.33 -44.14 19.85
CA LEU B 20 -11.99 -43.30 21.00
C LEU B 20 -11.11 -44.03 22.00
N LYS B 21 -11.44 -45.28 22.31
CA LYS B 21 -10.69 -46.02 23.31
C LYS B 21 -9.28 -46.38 22.86
N GLN B 22 -9.04 -46.44 21.54
CA GLN B 22 -7.68 -46.61 21.02
C GLN B 22 -6.86 -45.32 21.11
N VAL B 23 -7.42 -44.16 20.78
CA VAL B 23 -6.60 -42.96 20.82
C VAL B 23 -6.57 -42.29 22.21
N HIS B 24 -7.61 -42.47 23.03
CA HIS B 24 -7.68 -41.82 24.35
C HIS B 24 -8.36 -42.76 25.35
N PRO B 25 -7.64 -43.81 25.77
CA PRO B 25 -8.28 -44.87 26.59
C PRO B 25 -9.05 -44.38 27.79
N ASP B 26 -8.54 -43.35 28.47
CA ASP B 26 -9.15 -42.84 29.70
C ASP B 26 -10.08 -41.67 29.46
N THR B 27 -10.45 -41.38 28.22
CA THR B 27 -11.37 -40.30 27.91
C THR B 27 -12.70 -40.86 27.44
N GLY B 28 -13.79 -40.31 27.98
CA GLY B 28 -15.13 -40.61 27.51
C GLY B 28 -15.65 -39.55 26.55
N ILE B 29 -16.87 -39.78 26.06
CA ILE B 29 -17.51 -38.90 25.08
C ILE B 29 -18.96 -38.68 25.49
N SER B 30 -19.47 -37.46 25.28
CA SER B 30 -20.83 -37.21 25.71
C SER B 30 -21.80 -37.66 24.62
N SER B 31 -23.08 -37.77 24.98
CA SER B 31 -24.02 -38.24 23.96
C SER B 31 -24.25 -37.16 22.90
N LYS B 32 -24.29 -35.89 23.30
CA LYS B 32 -24.38 -34.83 22.29
C LYS B 32 -23.18 -34.89 21.33
N ALA B 33 -21.98 -35.14 21.87
CA ALA B 33 -20.78 -35.23 21.03
C ALA B 33 -20.79 -36.47 20.16
N MET B 34 -21.38 -37.57 20.65
CA MET B 34 -21.53 -38.76 19.81
C MET B 34 -22.47 -38.49 18.64
N SER B 35 -23.52 -37.72 18.87
CA SER B 35 -24.35 -37.31 17.75
C SER B 35 -23.56 -36.54 16.71
N ILE B 36 -22.70 -35.61 17.14
CA ILE B 36 -21.89 -34.87 16.17
C ILE B 36 -21.05 -35.83 15.35
N MET B 37 -20.44 -36.83 15.99
CA MET B 37 -19.54 -37.74 15.29
C MET B 37 -20.33 -38.56 14.28
N ASN B 38 -21.54 -38.98 14.65
CA ASN B 38 -22.38 -39.72 13.72
C ASN B 38 -22.74 -38.89 12.50
N SER B 39 -23.15 -37.63 12.71
CA SER B 39 -23.38 -36.74 11.59
C SER B 39 -22.13 -36.62 10.71
N PHE B 40 -20.96 -36.54 11.35
CA PHE B 40 -19.71 -36.42 10.62
C PHE B 40 -19.46 -37.63 9.74
N VAL B 41 -19.60 -38.84 10.30
CA VAL B 41 -19.30 -40.04 9.52
C VAL B 41 -20.29 -40.16 8.37
N ASN B 42 -21.56 -39.86 8.62
CA ASN B 42 -22.55 -39.89 7.56
C ASN B 42 -22.25 -38.83 6.51
N ASP B 43 -21.88 -37.63 6.95
CA ASP B 43 -21.53 -36.58 6.00
C ASP B 43 -20.37 -36.99 5.09
N VAL B 44 -19.26 -37.42 5.68
CA VAL B 44 -18.07 -37.73 4.90
C VAL B 44 -18.31 -38.94 4.01
N PHE B 45 -19.05 -39.93 4.50
CA PHE B 45 -19.47 -41.04 3.66
C PHE B 45 -20.20 -40.54 2.41
N GLU B 46 -21.22 -39.68 2.59
CA GLU B 46 -22.00 -39.27 1.44
C GLU B 46 -21.16 -38.46 0.44
N ARG B 47 -20.25 -37.62 0.95
CA ARG B 47 -19.38 -36.86 0.04
C ARG B 47 -18.51 -37.80 -0.79
N ILE B 48 -17.87 -38.77 -0.15
CA ILE B 48 -16.95 -39.65 -0.88
C ILE B 48 -17.73 -40.56 -1.82
N ALA B 49 -18.77 -41.20 -1.30
CA ALA B 49 -19.58 -42.07 -2.14
C ALA B 49 -20.16 -41.28 -3.29
N GLY B 50 -20.59 -40.04 -3.01
CA GLY B 50 -21.10 -39.20 -4.07
C GLY B 50 -20.09 -38.96 -5.17
N GLU B 51 -18.87 -38.57 -4.78
CA GLU B 51 -17.88 -38.26 -5.81
C GLU B 51 -17.45 -39.54 -6.53
N ALA B 52 -17.35 -40.65 -5.79
CA ALA B 52 -17.00 -41.91 -6.43
C ALA B 52 -18.05 -42.30 -7.45
N SER B 53 -19.31 -41.97 -7.19
CA SER B 53 -20.35 -42.30 -8.17
C SER B 53 -20.22 -41.41 -9.41
N ARG B 54 -19.96 -40.13 -9.18
CA ARG B 54 -19.68 -39.19 -10.28
C ARG B 54 -18.55 -39.69 -11.17
N LEU B 55 -17.40 -40.05 -10.56
CA LEU B 55 -16.23 -40.55 -11.29
C LEU B 55 -16.58 -41.73 -12.16
N ALA B 56 -17.22 -42.75 -11.57
CA ALA B 56 -17.59 -43.92 -12.34
C ALA B 56 -18.51 -43.53 -13.49
N HIS B 57 -19.45 -42.63 -13.24
CA HIS B 57 -20.37 -42.20 -14.29
C HIS B 57 -19.61 -41.44 -15.39
N TYR B 58 -18.69 -40.53 -15.01
CA TYR B 58 -17.89 -39.84 -16.02
CA TYR B 58 -17.89 -39.85 -16.03
C TYR B 58 -17.16 -40.84 -16.91
N ASN B 59 -16.68 -41.93 -16.33
CA ASN B 59 -15.87 -42.88 -17.07
C ASN B 59 -16.68 -44.02 -17.67
N LYS B 60 -18.01 -43.85 -17.76
CA LYS B 60 -18.90 -44.84 -18.37
C LYS B 60 -18.69 -46.22 -17.75
N ARG B 61 -18.46 -46.24 -16.45
CA ARG B 61 -18.22 -47.49 -15.74
C ARG B 61 -19.34 -47.73 -14.74
N SER B 62 -19.64 -49.00 -14.52
CA SER B 62 -20.80 -49.44 -13.77
C SER B 62 -20.50 -49.68 -12.31
N THR B 63 -19.25 -49.58 -11.90
CA THR B 63 -18.82 -50.12 -10.61
C THR B 63 -17.97 -49.09 -9.86
N ILE B 64 -18.27 -48.94 -8.57
CA ILE B 64 -17.40 -48.19 -7.67
C ILE B 64 -16.39 -49.19 -7.13
N THR B 65 -15.13 -48.99 -7.47
CA THR B 65 -14.04 -49.80 -6.94
C THR B 65 -13.21 -48.93 -6.00
N SER B 66 -12.21 -49.56 -5.38
CA SER B 66 -11.34 -48.79 -4.50
C SER B 66 -10.62 -47.67 -5.23
N ARG B 67 -10.42 -47.81 -6.55
CA ARG B 67 -9.85 -46.71 -7.32
C ARG B 67 -10.72 -45.47 -7.25
N GLU B 68 -12.04 -45.65 -7.38
CA GLU B 68 -12.93 -44.49 -7.34
C GLU B 68 -12.99 -43.88 -5.94
N ILE B 69 -12.93 -44.72 -4.90
CA ILE B 69 -12.86 -44.21 -3.54
C ILE B 69 -11.58 -43.41 -3.37
N GLN B 70 -10.47 -43.94 -3.88
CA GLN B 70 -9.18 -43.27 -3.73
C GLN B 70 -9.19 -41.91 -4.41
N THR B 71 -9.61 -41.88 -5.68
CA THR B 71 -9.65 -40.61 -6.40
C THR B 71 -10.58 -39.63 -5.71
N ALA B 72 -11.76 -40.09 -5.28
CA ALA B 72 -12.68 -39.22 -4.56
C ALA B 72 -12.02 -38.64 -3.32
N VAL B 73 -11.22 -39.44 -2.61
CA VAL B 73 -10.53 -38.93 -1.42
C VAL B 73 -9.55 -37.82 -1.78
N ARG B 74 -8.75 -38.02 -2.83
CA ARG B 74 -7.80 -36.98 -3.23
C ARG B 74 -8.51 -35.70 -3.64
N LEU B 75 -9.70 -35.82 -4.24
CA LEU B 75 -10.43 -34.64 -4.68
C LEU B 75 -11.07 -33.90 -3.50
N LEU B 76 -11.49 -34.64 -2.47
CA LEU B 76 -12.29 -34.08 -1.38
C LEU B 76 -11.48 -33.74 -0.15
N LEU B 77 -10.43 -34.46 0.13
CA LEU B 77 -9.80 -34.11 1.39
C LEU B 77 -8.65 -33.15 1.13
N PRO B 78 -8.41 -32.22 2.02
CA PRO B 78 -7.27 -31.33 1.84
C PRO B 78 -5.94 -31.97 2.14
N GLY B 79 -4.98 -31.73 1.27
CA GLY B 79 -3.59 -31.89 1.58
C GLY B 79 -3.16 -33.19 2.21
N GLU B 80 -2.83 -33.12 3.48
CA GLU B 80 -2.17 -34.21 4.14
C GLU B 80 -3.16 -35.16 4.74
N LEU B 81 -4.39 -34.72 4.89
CA LEU B 81 -5.47 -35.61 5.23
C LEU B 81 -5.66 -36.60 4.13
N ALA B 82 -5.65 -36.12 2.90
CA ALA B 82 -5.78 -36.99 1.77
C ALA B 82 -4.65 -38.00 1.65
N LYS B 83 -3.41 -37.60 1.86
CA LYS B 83 -2.31 -38.54 1.74
C LYS B 83 -2.38 -39.60 2.84
N HIS B 84 -2.70 -39.18 4.08
CA HIS B 84 -2.81 -40.16 5.14
C HIS B 84 -4.05 -41.04 4.95
N ALA B 85 -5.14 -40.46 4.47
CA ALA B 85 -6.33 -41.25 4.18
C ALA B 85 -6.03 -42.32 3.13
N VAL B 86 -5.37 -41.93 2.04
CA VAL B 86 -5.05 -42.86 0.96
C VAL B 86 -4.13 -43.95 1.46
N SER B 87 -3.21 -43.59 2.34
CA SER B 87 -2.30 -44.58 2.90
C SER B 87 -3.05 -45.55 3.80
N GLU B 88 -3.95 -45.03 4.65
CA GLU B 88 -4.77 -45.90 5.50
C GLU B 88 -5.66 -46.81 4.68
N GLY B 89 -6.25 -46.28 3.61
CA GLY B 89 -7.14 -47.07 2.78
C GLY B 89 -6.42 -48.20 2.06
N THR B 90 -5.32 -47.87 1.35
CA THR B 90 -4.57 -48.90 0.62
C THR B 90 -4.04 -49.97 1.57
N LYS B 91 -3.49 -49.56 2.71
CA LYS B 91 -2.99 -50.51 3.69
C LYS B 91 -4.09 -51.47 4.14
N ALA B 92 -5.31 -50.95 4.35
CA ALA B 92 -6.38 -51.81 4.85
C ALA B 92 -6.81 -52.83 3.80
N VAL B 93 -6.84 -52.43 2.53
CA VAL B 93 -7.19 -53.37 1.46
C VAL B 93 -6.12 -54.47 1.37
N THR B 94 -4.87 -54.12 1.61
CA THR B 94 -3.78 -55.09 1.58
C THR B 94 -3.89 -56.09 2.73
N LYS B 95 -4.07 -55.59 3.96
CA LYS B 95 -4.19 -56.47 5.12
C LYS B 95 -5.39 -57.40 5.00
N TYR B 96 -6.47 -56.89 4.40
CA TYR B 96 -7.68 -57.67 4.22
C TYR B 96 -7.44 -59.05 3.60
N THR B 97 -6.48 -59.17 2.69
CA THR B 97 -6.25 -60.47 2.01
C THR B 97 -4.78 -60.87 2.09
N SER B 98 -4.16 -60.73 3.26
CA SER B 98 -2.74 -61.10 3.45
C SER B 98 -2.66 -62.20 4.52
N ALA B 99 -1.58 -62.98 4.52
CA ALA B 99 -1.41 -64.07 5.51
C ALA B 99 -0.95 -63.47 6.84
N ARG C 4 -4.11 17.92 -20.74
CA ARG C 4 -4.77 17.86 -19.42
C ARG C 4 -4.88 16.43 -18.93
N TYR C 5 -4.68 16.25 -17.64
CA TYR C 5 -4.68 14.94 -17.00
C TYR C 5 -6.08 14.67 -16.44
N ARG C 6 -6.79 13.72 -17.02
CA ARG C 6 -8.13 13.35 -16.57
C ARG C 6 -8.14 11.85 -16.28
N PRO C 7 -7.47 11.42 -15.21
CA PRO C 7 -7.44 9.97 -14.92
C PRO C 7 -8.81 9.39 -14.70
N GLY C 8 -9.71 10.14 -14.06
CA GLY C 8 -11.06 9.63 -13.82
C GLY C 8 -11.82 9.44 -15.11
N THR C 9 -11.63 10.36 -16.06
CA THR C 9 -12.36 10.28 -17.32
C THR C 9 -11.80 9.16 -18.18
N VAL C 10 -10.48 8.95 -18.14
CA VAL C 10 -9.89 7.83 -18.84
C VAL C 10 -10.34 6.51 -18.21
N ALA C 11 -10.40 6.47 -16.88
CA ALA C 11 -10.88 5.27 -16.18
C ALA C 11 -12.30 4.91 -16.59
N LEU C 12 -13.22 5.89 -16.55
CA LEU C 12 -14.61 5.60 -16.89
C LEU C 12 -14.74 5.11 -18.33
N ARG C 13 -14.00 5.71 -19.26
CA ARG C 13 -14.05 5.26 -20.65
C ARG C 13 -13.57 3.82 -20.79
N GLU C 14 -12.49 3.45 -20.10
CA GLU C 14 -12.05 2.06 -20.12
C GLU C 14 -13.08 1.13 -19.51
N ILE C 15 -13.71 1.54 -18.40
CA ILE C 15 -14.74 0.71 -17.80
C ILE C 15 -15.86 0.47 -18.81
N ARG C 16 -16.27 1.52 -19.53
CA ARG C 16 -17.34 1.34 -20.50
C ARG C 16 -16.89 0.42 -21.63
N ARG C 17 -15.64 0.56 -22.07
CA ARG C 17 -15.17 -0.23 -23.21
C ARG C 17 -15.10 -1.72 -22.85
N TYR C 18 -14.49 -2.06 -21.73
CA TYR C 18 -14.32 -3.46 -21.39
C TYR C 18 -15.59 -4.11 -20.82
N GLN C 19 -16.56 -3.31 -20.36
CA GLN C 19 -17.83 -3.89 -19.95
C GLN C 19 -18.76 -4.16 -21.13
N LYS C 20 -18.59 -3.50 -22.27
CA LYS C 20 -19.38 -3.84 -23.45
C LYS C 20 -18.79 -4.99 -24.23
N SER C 21 -17.55 -5.35 -23.93
CA SER C 21 -16.79 -6.34 -24.66
C SER C 21 -16.88 -7.71 -23.99
N THR C 22 -16.77 -8.77 -24.80
CA THR C 22 -16.66 -10.11 -24.25
C THR C 22 -15.33 -10.79 -24.55
N GLU C 23 -14.44 -10.18 -25.32
CA GLU C 23 -13.15 -10.80 -25.64
C GLU C 23 -12.40 -11.17 -24.36
N LEU C 24 -11.69 -12.30 -24.38
CA LEU C 24 -10.69 -12.58 -23.35
C LEU C 24 -9.69 -11.44 -23.27
N LEU C 25 -9.34 -11.02 -22.04
CA LEU C 25 -8.52 -9.84 -21.87
C LEU C 25 -7.05 -10.12 -21.53
N ILE C 26 -6.71 -11.37 -21.19
CA ILE C 26 -5.32 -11.77 -21.08
C ILE C 26 -4.90 -12.37 -22.40
N ARG C 27 -3.76 -11.91 -22.95
CA ARG C 27 -3.31 -12.42 -24.23
C ARG C 27 -3.13 -13.94 -24.16
N LYS C 28 -3.46 -14.62 -25.25
CA LYS C 28 -3.67 -16.07 -25.21
C LYS C 28 -2.35 -16.84 -25.04
N LEU C 29 -1.33 -16.50 -25.81
CA LEU C 29 -0.06 -17.20 -25.66
C LEU C 29 0.52 -17.07 -24.26
N PRO C 30 0.55 -15.91 -23.62
CA PRO C 30 1.03 -15.86 -22.22
C PRO C 30 0.22 -16.72 -21.27
N PHE C 31 -1.11 -16.68 -21.38
CA PHE C 31 -1.92 -17.57 -20.55
C PHE C 31 -1.56 -19.02 -20.81
N GLN C 32 -1.32 -19.39 -22.07
CA GLN C 32 -1.01 -20.77 -22.40
C GLN C 32 0.26 -21.22 -21.71
N ARG C 33 1.29 -20.37 -21.73
CA ARG C 33 2.57 -20.72 -21.11
C ARG C 33 2.44 -20.79 -19.60
N LEU C 34 1.55 -20.00 -19.01
CA LEU C 34 1.35 -20.07 -17.58
C LEU C 34 0.68 -21.38 -17.20
N VAL C 35 -0.35 -21.78 -17.96
CA VAL C 35 -0.96 -23.08 -17.71
C VAL C 35 0.08 -24.18 -17.93
N ARG C 36 0.91 -24.02 -18.94
CA ARG C 36 1.93 -25.02 -19.20
C ARG C 36 2.93 -25.11 -18.06
N GLU C 37 3.33 -23.95 -17.52
CA GLU C 37 4.28 -23.96 -16.42
C GLU C 37 3.71 -24.67 -15.20
N ILE C 38 2.47 -24.34 -14.84
CA ILE C 38 1.84 -24.98 -13.68
C ILE C 38 1.61 -26.46 -13.95
N ALA C 39 1.04 -26.79 -15.11
CA ALA C 39 0.72 -28.18 -15.43
C ALA C 39 1.96 -29.05 -15.44
N GLN C 40 3.03 -28.58 -16.07
CA GLN C 40 4.23 -29.41 -16.18
C GLN C 40 4.96 -29.53 -14.86
N ASP C 41 4.62 -28.69 -13.88
CA ASP C 41 5.13 -28.85 -12.53
C ASP C 41 4.41 -29.98 -11.79
N PHE C 42 3.11 -30.18 -12.07
CA PHE C 42 2.40 -31.31 -11.48
C PHE C 42 2.89 -32.63 -12.08
N LYS C 43 2.76 -32.79 -13.40
CA LYS C 43 3.34 -33.94 -14.09
C LYS C 43 4.02 -33.51 -15.38
N THR C 44 5.25 -33.98 -15.55
CA THR C 44 6.16 -33.51 -16.58
C THR C 44 5.64 -33.76 -17.98
N ASP C 45 5.13 -34.97 -18.24
CA ASP C 45 4.67 -35.35 -19.57
C ASP C 45 3.19 -35.06 -19.79
N LEU C 46 2.58 -34.23 -18.95
CA LEU C 46 1.18 -33.92 -19.11
C LEU C 46 0.95 -32.99 -20.30
N ARG C 47 -0.13 -33.23 -21.02
CA ARG C 47 -0.50 -32.35 -22.12
C ARG C 47 -1.92 -31.88 -21.92
N PHE C 48 -2.24 -30.75 -22.55
CA PHE C 48 -3.59 -30.21 -22.59
C PHE C 48 -4.10 -30.17 -24.02
N GLN C 49 -5.42 -30.28 -24.18
CA GLN C 49 -6.05 -29.81 -25.40
C GLN C 49 -6.09 -28.29 -25.38
N SER C 50 -6.08 -27.69 -26.58
CA SER C 50 -6.20 -26.24 -26.65
C SER C 50 -7.54 -25.76 -26.09
N SER C 51 -8.60 -26.54 -26.26
CA SER C 51 -9.90 -26.10 -25.72
C SER C 51 -9.93 -26.20 -24.21
N ALA C 52 -9.07 -27.04 -23.63
CA ALA C 52 -8.93 -27.09 -22.18
C ALA C 52 -8.21 -25.85 -21.69
N VAL C 53 -7.25 -25.35 -22.48
CA VAL C 53 -6.59 -24.12 -22.09
C VAL C 53 -7.58 -22.97 -22.14
N MET C 54 -8.41 -22.94 -23.18
CA MET C 54 -9.41 -21.87 -23.30
C MET C 54 -10.46 -21.96 -22.20
N ALA C 55 -10.99 -23.17 -21.94
CA ALA C 55 -11.87 -23.35 -20.79
C ALA C 55 -11.24 -22.76 -19.53
N LEU C 56 -10.00 -23.16 -19.24
CA LEU C 56 -9.30 -22.59 -18.10
C LEU C 56 -9.27 -21.08 -18.17
N GLN C 57 -9.13 -20.51 -19.37
CA GLN C 57 -8.97 -19.07 -19.46
C GLN C 57 -10.29 -18.36 -19.21
N GLU C 58 -11.38 -18.84 -19.83
CA GLU C 58 -12.71 -18.32 -19.53
C GLU C 58 -12.98 -18.35 -18.04
N ALA C 59 -12.72 -19.49 -17.39
CA ALA C 59 -13.04 -19.57 -15.97
C ALA C 59 -12.18 -18.62 -15.16
N SER C 60 -10.90 -18.49 -15.53
CA SER C 60 -9.97 -17.66 -14.76
C SER C 60 -10.31 -16.18 -14.89
N GLU C 61 -10.54 -15.71 -16.10
CA GLU C 61 -10.91 -14.31 -16.30
C GLU C 61 -12.22 -13.97 -15.59
N ALA C 62 -13.22 -14.85 -15.68
CA ALA C 62 -14.50 -14.61 -15.00
C ALA C 62 -14.32 -14.55 -13.49
N TYR C 63 -13.52 -15.46 -12.93
CA TYR C 63 -13.16 -15.39 -11.52
C TYR C 63 -12.53 -14.04 -11.16
N LEU C 64 -11.52 -13.59 -11.94
CA LEU C 64 -10.80 -12.36 -11.57
C LEU C 64 -11.70 -11.14 -11.70
N VAL C 65 -12.51 -11.08 -12.76
CA VAL C 65 -13.45 -9.98 -12.96
C VAL C 65 -14.42 -9.88 -11.78
N ALA C 66 -14.97 -11.01 -11.34
CA ALA C 66 -15.90 -10.97 -10.22
C ALA C 66 -15.18 -10.64 -8.92
N LEU C 67 -13.97 -11.16 -8.73
CA LEU C 67 -13.20 -10.77 -7.56
C LEU C 67 -12.94 -9.27 -7.55
N PHE C 68 -12.65 -8.70 -8.74
CA PHE C 68 -12.44 -7.25 -8.81
C PHE C 68 -13.72 -6.48 -8.48
N GLU C 69 -14.90 -6.99 -8.88
CA GLU C 69 -16.16 -6.39 -8.47
C GLU C 69 -16.30 -6.33 -6.94
N ASP C 70 -16.08 -7.48 -6.27
CA ASP C 70 -16.13 -7.47 -4.79
C ASP C 70 -15.05 -6.56 -4.20
N THR C 71 -13.86 -6.58 -4.81
CA THR C 71 -12.78 -5.71 -4.37
C THR C 71 -13.18 -4.25 -4.44
N ASN C 72 -13.84 -3.86 -5.54
CA ASN C 72 -14.33 -2.50 -5.67
C ASN C 72 -15.28 -2.12 -4.54
N LEU C 73 -16.21 -3.02 -4.19
CA LEU C 73 -17.15 -2.76 -3.09
C LEU C 73 -16.40 -2.58 -1.76
N CYS C 74 -15.35 -3.36 -1.54
CA CYS C 74 -14.55 -3.21 -0.34
C CYS C 74 -13.89 -1.84 -0.30
N ALA C 75 -13.29 -1.42 -1.42
CA ALA C 75 -12.65 -0.10 -1.48
C ALA C 75 -13.65 1.02 -1.29
N ILE C 76 -14.79 0.95 -2.00
CA ILE C 76 -15.82 1.97 -1.84
C ILE C 76 -16.29 2.01 -0.40
N HIS C 77 -16.45 0.83 0.22
CA HIS C 77 -16.82 0.76 1.62
C HIS C 77 -15.91 1.59 2.51
N ALA C 78 -14.61 1.60 2.22
CA ALA C 78 -13.68 2.41 2.99
C ALA C 78 -13.56 3.83 2.44
N LYS C 79 -14.50 4.27 1.61
CA LYS C 79 -14.51 5.64 1.08
C LYS C 79 -13.27 5.92 0.23
N ARG C 80 -12.88 4.93 -0.56
CA ARG C 80 -11.82 5.06 -1.54
C ARG C 80 -12.38 4.65 -2.90
N VAL C 81 -11.84 5.25 -3.97
CA VAL C 81 -12.08 4.70 -5.29
C VAL C 81 -10.90 3.87 -5.77
N THR C 82 -9.77 3.93 -5.08
CA THR C 82 -8.57 3.20 -5.46
C THR C 82 -8.55 1.84 -4.77
N ILE C 83 -8.59 0.77 -5.54
CA ILE C 83 -8.49 -0.55 -4.95
C ILE C 83 -7.04 -0.82 -4.53
N MET C 84 -6.89 -1.59 -3.47
CA MET C 84 -5.64 -1.91 -2.80
C MET C 84 -5.64 -3.37 -2.40
N PRO C 85 -4.47 -3.96 -2.13
CA PRO C 85 -4.41 -5.38 -1.71
C PRO C 85 -5.31 -5.74 -0.54
N LYS C 86 -5.43 -4.88 0.47
CA LYS C 86 -6.32 -5.18 1.59
C LYS C 86 -7.77 -5.35 1.12
N ASP C 87 -8.13 -4.71 -0.01
CA ASP C 87 -9.47 -4.88 -0.54
C ASP C 87 -9.65 -6.26 -1.16
N ILE C 88 -8.69 -6.67 -2.00
CA ILE C 88 -8.70 -8.03 -2.54
C ILE C 88 -8.74 -9.06 -1.41
N GLN C 89 -7.96 -8.80 -0.34
CA GLN C 89 -7.86 -9.76 0.76
C GLN C 89 -9.14 -9.82 1.58
N LEU C 90 -9.78 -8.67 1.82
CA LEU C 90 -11.06 -8.69 2.54
C LEU C 90 -12.12 -9.46 1.75
N ALA C 91 -12.25 -9.15 0.45
CA ALA C 91 -13.18 -9.87 -0.39
C ALA C 91 -12.95 -11.37 -0.33
N ARG C 92 -11.68 -11.80 -0.46
CA ARG C 92 -11.41 -13.22 -0.46
C ARG C 92 -11.73 -13.86 0.89
N ARG C 93 -11.47 -13.15 1.98
CA ARG C 93 -11.77 -13.71 3.30
C ARG C 93 -13.28 -13.91 3.47
N ILE C 94 -14.07 -12.90 3.14
CA ILE C 94 -15.52 -13.01 3.28
C ILE C 94 -16.09 -14.02 2.28
N ARG C 95 -15.46 -14.13 1.10
CA ARG C 95 -15.84 -15.13 0.13
C ARG C 95 -15.55 -16.55 0.61
N GLY C 96 -14.64 -16.72 1.56
CA GLY C 96 -14.22 -18.04 2.01
C GLY C 96 -12.98 -18.61 1.38
N GLU C 97 -12.11 -17.79 0.80
CA GLU C 97 -10.89 -18.29 0.15
C GLU C 97 -9.65 -17.99 0.99
N ILE D 8 4.69 -16.24 -14.59
CA ILE D 8 3.60 -15.56 -13.89
C ILE D 8 3.61 -14.06 -14.20
N GLN D 9 4.80 -13.50 -14.44
CA GLN D 9 4.91 -12.11 -14.84
C GLN D 9 4.39 -11.87 -16.26
N GLY D 10 4.09 -12.95 -17.00
CA GLY D 10 3.52 -12.82 -18.33
C GLY D 10 2.08 -12.34 -18.33
N ILE D 11 1.44 -12.36 -17.17
CA ILE D 11 0.18 -11.68 -16.95
C ILE D 11 0.55 -10.22 -16.66
N THR D 12 0.46 -9.38 -17.68
CA THR D 12 0.98 -8.03 -17.66
C THR D 12 0.04 -7.08 -16.92
N LYS D 13 0.60 -5.96 -16.48
CA LYS D 13 -0.18 -4.86 -15.93
C LYS D 13 -1.39 -4.48 -16.78
N PRO D 14 -1.26 -4.28 -18.10
CA PRO D 14 -2.46 -3.89 -18.88
C PRO D 14 -3.54 -4.96 -18.87
N ALA D 15 -3.16 -6.24 -18.98
CA ALA D 15 -4.16 -7.30 -18.92
C ALA D 15 -4.88 -7.28 -17.59
N ILE D 16 -4.13 -7.08 -16.50
CA ILE D 16 -4.77 -7.04 -15.18
C ILE D 16 -5.65 -5.81 -15.07
N ARG D 17 -5.17 -4.67 -15.59
CA ARG D 17 -5.96 -3.44 -15.60
C ARG D 17 -7.26 -3.63 -16.35
N ARG D 18 -7.21 -4.30 -17.52
CA ARG D 18 -8.42 -4.52 -18.30
C ARG D 18 -9.45 -5.31 -17.52
N LEU D 19 -9.04 -6.38 -16.84
CA LEU D 19 -9.98 -7.17 -16.06
C LEU D 19 -10.60 -6.35 -14.92
N ALA D 20 -9.78 -5.56 -14.22
CA ALA D 20 -10.29 -4.64 -13.22
C ALA D 20 -11.28 -3.66 -13.82
N ARG D 21 -11.02 -3.17 -15.04
CA ARG D 21 -11.98 -2.30 -15.70
C ARG D 21 -13.30 -3.03 -15.94
N ARG D 22 -13.24 -4.24 -16.51
CA ARG D 22 -14.49 -4.97 -16.73
C ARG D 22 -15.20 -5.21 -15.40
N GLY D 23 -14.43 -5.37 -14.31
CA GLY D 23 -14.97 -5.44 -12.97
C GLY D 23 -15.47 -4.12 -12.42
N GLY D 24 -15.37 -3.03 -13.21
CA GLY D 24 -15.89 -1.74 -12.81
C GLY D 24 -14.97 -0.88 -11.97
N VAL D 25 -13.69 -1.23 -11.86
CA VAL D 25 -12.76 -0.52 -10.98
C VAL D 25 -12.26 0.76 -11.64
N LYS D 26 -12.32 1.87 -10.89
CA LYS D 26 -11.97 3.17 -11.42
C LYS D 26 -10.50 3.53 -11.24
N ARG D 27 -9.88 3.17 -10.11
CA ARG D 27 -8.46 3.41 -9.92
C ARG D 27 -7.79 2.25 -9.16
N ILE D 28 -6.52 2.02 -9.50
CA ILE D 28 -5.82 0.77 -9.21
C ILE D 28 -4.46 1.13 -8.61
N SER D 29 -4.26 0.79 -7.34
CA SER D 29 -2.94 0.92 -6.74
C SER D 29 -1.92 0.05 -7.47
N GLY D 30 -0.68 0.56 -7.56
CA GLY D 30 0.38 -0.24 -8.14
C GLY D 30 0.60 -1.57 -7.43
N LEU D 31 0.22 -1.67 -6.17
CA LEU D 31 0.41 -2.92 -5.47
C LEU D 31 -0.55 -4.01 -5.94
N ILE D 32 -1.62 -3.64 -6.66
CA ILE D 32 -2.63 -4.61 -7.07
C ILE D 32 -2.05 -5.68 -7.99
N TYR D 33 -1.14 -5.29 -8.87
CA TYR D 33 -0.71 -6.21 -9.94
C TYR D 33 -0.05 -7.47 -9.39
N GLU D 34 0.87 -7.32 -8.44
CA GLU D 34 1.49 -8.52 -7.86
C GLU D 34 0.47 -9.34 -7.06
N GLU D 35 -0.44 -8.67 -6.34
CA GLU D 35 -1.48 -9.40 -5.60
C GLU D 35 -2.36 -10.24 -6.52
N THR D 36 -2.76 -9.67 -7.67
CA THR D 36 -3.59 -10.41 -8.61
C THR D 36 -2.86 -11.63 -9.16
N ARG D 37 -1.57 -11.48 -9.46
CA ARG D 37 -0.81 -12.61 -9.99
C ARG D 37 -0.77 -13.76 -8.99
N GLY D 38 -0.54 -13.45 -7.72
CA GLY D 38 -0.63 -14.48 -6.69
C GLY D 38 -1.97 -15.17 -6.67
N VAL D 39 -3.05 -14.39 -6.66
CA VAL D 39 -4.40 -14.98 -6.58
C VAL D 39 -4.70 -15.81 -7.83
N LEU D 40 -4.32 -15.30 -9.01
CA LEU D 40 -4.57 -16.04 -10.24
C LEU D 40 -3.82 -17.36 -10.22
N LYS D 41 -2.61 -17.37 -9.65
CA LYS D 41 -1.82 -18.60 -9.63
C LYS D 41 -2.42 -19.63 -8.67
N VAL D 42 -2.89 -19.18 -7.51
CA VAL D 42 -3.58 -20.08 -6.59
C VAL D 42 -4.82 -20.66 -7.25
N PHE D 43 -5.59 -19.81 -7.94
CA PHE D 43 -6.78 -20.30 -8.61
C PHE D 43 -6.42 -21.34 -9.67
N LEU D 44 -5.42 -21.04 -10.50
CA LEU D 44 -5.04 -21.95 -11.59
C LEU D 44 -4.48 -23.27 -11.06
N GLU D 45 -3.66 -23.23 -10.01
CA GLU D 45 -3.14 -24.47 -9.44
C GLU D 45 -4.25 -25.32 -8.84
N ASN D 46 -5.21 -24.70 -8.18
CA ASN D 46 -6.28 -25.48 -7.58
C ASN D 46 -7.10 -26.20 -8.65
N VAL D 47 -7.47 -25.48 -9.71
CA VAL D 47 -8.28 -26.10 -10.77
C VAL D 47 -7.45 -27.13 -11.55
N ILE D 48 -6.18 -26.82 -11.84
CA ILE D 48 -5.38 -27.74 -12.64
C ILE D 48 -5.10 -29.02 -11.86
N ARG D 49 -4.84 -28.89 -10.56
CA ARG D 49 -4.66 -30.06 -9.72
C ARG D 49 -5.84 -31.02 -9.84
N ASP D 50 -7.06 -30.48 -9.82
CA ASP D 50 -8.23 -31.37 -9.85
C ASP D 50 -8.44 -31.93 -11.24
N ALA D 51 -8.19 -31.12 -12.27
CA ALA D 51 -8.37 -31.60 -13.64
C ALA D 51 -7.37 -32.71 -13.94
N VAL D 52 -6.15 -32.59 -13.40
CA VAL D 52 -5.16 -33.65 -13.55
C VAL D 52 -5.62 -34.92 -12.86
N THR D 53 -6.18 -34.78 -11.65
CA THR D 53 -6.70 -35.96 -10.94
C THR D 53 -7.78 -36.66 -11.72
N TYR D 54 -8.70 -35.91 -12.36
CA TYR D 54 -9.67 -36.56 -13.26
C TYR D 54 -8.95 -37.25 -14.41
N THR D 55 -8.00 -36.57 -15.05
CA THR D 55 -7.33 -37.11 -16.21
C THR D 55 -6.59 -38.40 -15.86
N GLU D 56 -5.84 -38.36 -14.76
CA GLU D 56 -5.09 -39.53 -14.33
C GLU D 56 -6.01 -40.66 -13.90
N HIS D 57 -7.11 -40.33 -13.22
CA HIS D 57 -8.05 -41.37 -12.82
C HIS D 57 -8.46 -42.21 -14.02
N ALA D 58 -8.80 -41.52 -15.11
CA ALA D 58 -9.17 -42.11 -16.39
C ALA D 58 -7.98 -42.72 -17.14
N LYS D 59 -6.78 -42.69 -16.54
CA LYS D 59 -5.58 -43.28 -17.15
C LYS D 59 -5.21 -42.61 -18.47
N ARG D 60 -5.51 -41.33 -18.59
CA ARG D 60 -5.09 -40.52 -19.72
C ARG D 60 -3.97 -39.59 -19.29
N LYS D 61 -3.29 -38.97 -20.27
CA LYS D 61 -2.25 -37.99 -19.95
C LYS D 61 -2.44 -36.69 -20.72
N THR D 62 -3.58 -36.50 -21.36
CA THR D 62 -3.99 -35.23 -21.95
C THR D 62 -5.22 -34.71 -21.20
N VAL D 63 -5.07 -33.55 -20.56
CA VAL D 63 -6.23 -32.91 -19.95
C VAL D 63 -7.14 -32.39 -21.05
N THR D 64 -8.43 -32.77 -20.98
CA THR D 64 -9.47 -32.35 -21.90
C THR D 64 -10.24 -31.16 -21.31
N ALA D 65 -10.99 -30.47 -22.17
CA ALA D 65 -11.87 -29.43 -21.64
C ALA D 65 -12.87 -30.01 -20.65
N MET D 66 -13.36 -31.21 -20.94
CA MET D 66 -14.34 -31.87 -20.02
C MET D 66 -13.69 -32.00 -18.64
N ASP D 67 -12.44 -32.47 -18.60
CA ASP D 67 -11.72 -32.61 -17.33
C ASP D 67 -11.66 -31.28 -16.59
N VAL D 68 -11.44 -30.19 -17.32
CA VAL D 68 -11.46 -28.87 -16.71
C VAL D 68 -12.86 -28.52 -16.23
N VAL D 69 -13.89 -28.86 -17.02
CA VAL D 69 -15.27 -28.58 -16.60
C VAL D 69 -15.57 -29.26 -15.28
N TYR D 70 -15.13 -30.51 -15.14
CA TYR D 70 -15.42 -31.27 -13.93
C TYR D 70 -14.68 -30.71 -12.73
N ALA D 71 -13.42 -30.30 -12.94
CA ALA D 71 -12.65 -29.64 -11.90
C ALA D 71 -13.33 -28.37 -11.40
N LEU D 72 -13.76 -27.53 -12.34
CA LEU D 72 -14.48 -26.31 -11.97
C LEU D 72 -15.73 -26.64 -11.17
N LYS D 73 -16.56 -27.58 -11.66
CA LYS D 73 -17.81 -27.92 -10.97
C LYS D 73 -17.54 -28.54 -9.61
N ARG D 74 -16.46 -29.33 -9.48
CA ARG D 74 -16.03 -29.83 -8.18
C ARG D 74 -15.83 -28.69 -7.18
N GLN D 75 -15.40 -27.52 -7.68
CA GLN D 75 -15.12 -26.36 -6.85
C GLN D 75 -16.27 -25.37 -6.85
N GLY D 76 -17.44 -25.79 -7.32
CA GLY D 76 -18.60 -24.92 -7.33
C GLY D 76 -18.54 -23.80 -8.33
N ARG D 77 -17.82 -23.97 -9.43
CA ARG D 77 -17.71 -22.93 -10.45
C ARG D 77 -18.14 -23.51 -11.79
N THR D 78 -19.43 -23.79 -11.91
CA THR D 78 -19.96 -24.37 -13.15
C THR D 78 -19.68 -23.45 -14.33
N LEU D 79 -19.12 -24.03 -15.39
CA LEU D 79 -18.76 -23.33 -16.62
C LEU D 79 -19.59 -23.88 -17.78
N TYR D 80 -20.24 -22.99 -18.52
CA TYR D 80 -21.08 -23.39 -19.65
C TYR D 80 -20.32 -23.16 -20.96
N GLY D 81 -20.42 -24.12 -21.87
CA GLY D 81 -19.87 -23.98 -23.21
C GLY D 81 -18.75 -24.94 -23.62
N PHE D 82 -18.50 -25.95 -22.78
CA PHE D 82 -17.44 -26.96 -23.04
C PHE D 82 -17.99 -28.36 -22.76
N GLY D 83 -19.18 -28.66 -23.29
CA GLY D 83 -19.82 -29.98 -23.09
C GLY D 83 -21.13 -29.86 -22.31
N PRO E 12 -0.08 -11.11 -33.21
CA PRO E 12 -1.20 -12.05 -33.36
C PRO E 12 -1.55 -12.74 -32.03
N ASN E 13 -2.74 -12.46 -31.49
CA ASN E 13 -3.11 -12.93 -30.15
C ASN E 13 -3.90 -14.22 -30.27
N GLU E 14 -3.18 -15.33 -30.37
CA GLU E 14 -3.76 -16.65 -30.51
C GLU E 14 -2.93 -17.64 -29.70
N TYR E 15 -3.46 -18.85 -29.54
CA TYR E 15 -2.71 -19.93 -28.91
C TYR E 15 -1.74 -20.53 -29.92
N ASP E 16 -0.59 -20.98 -29.42
CA ASP E 16 0.44 -21.59 -30.26
C ASP E 16 0.19 -23.09 -30.31
N LEU E 17 -0.29 -23.59 -31.44
CA LEU E 17 -0.66 -24.99 -31.51
C LEU E 17 0.53 -25.89 -31.80
N ASN E 18 1.67 -25.34 -32.18
CA ASN E 18 2.86 -26.17 -32.36
C ASN E 18 3.52 -26.48 -31.04
N ASP E 19 3.02 -25.93 -29.95
CA ASP E 19 3.52 -26.29 -28.64
C ASP E 19 3.33 -27.77 -28.43
N SER E 20 4.43 -28.47 -28.14
CA SER E 20 4.36 -29.88 -27.81
C SER E 20 3.58 -30.13 -26.52
N PHE E 21 3.29 -29.08 -25.75
CA PHE E 21 2.42 -29.21 -24.59
C PHE E 21 0.95 -29.38 -24.98
N LEU E 22 0.55 -28.91 -26.17
CA LEU E 22 -0.81 -29.09 -26.67
C LEU E 22 -0.94 -30.37 -27.45
N ASP E 23 -2.08 -31.05 -27.27
CA ASP E 23 -2.38 -32.33 -27.90
C ASP E 23 -3.84 -32.26 -28.36
N ASP E 24 -4.05 -31.84 -29.61
CA ASP E 24 -5.38 -31.66 -30.18
C ASP E 24 -5.75 -32.79 -31.13
N GLU E 25 -5.29 -34.01 -30.83
CA GLU E 25 -5.64 -35.14 -31.68
C GLU E 25 -7.13 -35.43 -31.62
N GLU E 26 -7.69 -35.55 -30.40
CA GLU E 26 -9.10 -35.90 -30.23
C GLU E 26 -10.02 -34.73 -30.56
N GLU E 27 -9.55 -33.49 -30.41
CA GLU E 27 -10.33 -32.31 -30.78
C GLU E 27 -9.50 -31.33 -31.58
N ASP E 35 -17.53 -18.22 -34.79
CA ASP E 35 -18.87 -18.49 -34.30
C ASP E 35 -19.86 -18.53 -35.45
N SER E 36 -20.21 -19.73 -35.87
CA SER E 36 -21.07 -19.97 -37.01
C SER E 36 -22.53 -20.13 -36.56
N ASP E 37 -23.44 -19.96 -37.52
CA ASP E 37 -24.85 -20.24 -37.29
C ASP E 37 -25.08 -21.72 -37.08
N TRP E 38 -25.88 -22.04 -36.07
CA TRP E 38 -26.25 -23.43 -35.81
C TRP E 38 -27.46 -23.78 -36.66
N GLU E 39 -27.40 -24.92 -37.35
CA GLU E 39 -28.49 -25.39 -38.19
C GLU E 39 -28.61 -26.90 -38.11
N PRO E 40 -29.84 -27.43 -38.24
CA PRO E 40 -30.13 -28.87 -38.29
C PRO E 40 -29.91 -29.46 -39.69
N THR F 5 -44.93 -40.45 -30.94
CA THR F 5 -43.83 -40.40 -29.99
C THR F 5 -44.33 -40.09 -28.59
N ARG F 6 -43.58 -40.56 -27.58
CA ARG F 6 -43.94 -40.25 -26.20
C ARG F 6 -43.94 -38.74 -25.95
N SER F 7 -43.04 -38.01 -26.61
CA SER F 7 -43.00 -36.56 -26.41
C SER F 7 -44.26 -35.89 -26.95
N SER F 8 -44.62 -36.19 -28.19
CA SER F 8 -45.82 -35.56 -28.76
C SER F 8 -47.05 -35.97 -27.97
N ARG F 9 -47.03 -37.15 -27.35
CA ARG F 9 -48.16 -37.59 -26.55
C ARG F 9 -48.31 -36.78 -25.27
N ALA F 10 -47.22 -36.17 -24.80
CA ALA F 10 -47.25 -35.25 -23.66
C ALA F 10 -47.23 -33.80 -24.08
N GLY F 11 -47.23 -33.52 -25.39
CA GLY F 11 -47.26 -32.16 -25.87
C GLY F 11 -45.93 -31.46 -25.86
N LEU F 12 -44.84 -32.20 -25.71
CA LEU F 12 -43.52 -31.62 -25.55
C LEU F 12 -42.74 -31.68 -26.85
N GLN F 13 -41.76 -30.78 -26.97
CA GLN F 13 -40.73 -30.88 -27.99
C GLN F 13 -39.49 -31.59 -27.46
N PHE F 14 -39.21 -31.45 -26.18
CA PHE F 14 -38.07 -32.14 -25.59
C PHE F 14 -38.33 -33.64 -25.52
N PRO F 15 -37.29 -34.46 -25.62
CA PRO F 15 -37.48 -35.90 -25.86
C PRO F 15 -37.69 -36.72 -24.60
N VAL F 16 -38.92 -37.17 -24.40
CA VAL F 16 -39.28 -37.87 -23.17
C VAL F 16 -38.56 -39.21 -23.06
N GLY F 17 -38.51 -39.97 -24.15
CA GLY F 17 -37.81 -41.24 -24.12
C GLY F 17 -36.35 -41.09 -23.76
N ARG F 18 -35.70 -40.05 -24.29
CA ARG F 18 -34.29 -39.85 -24.01
C ARG F 18 -34.07 -39.42 -22.57
N VAL F 19 -35.01 -38.64 -22.02
CA VAL F 19 -34.87 -38.27 -20.62
C VAL F 19 -35.06 -39.50 -19.75
N HIS F 20 -35.91 -40.43 -20.18
CA HIS F 20 -36.15 -41.63 -19.39
C HIS F 20 -34.88 -42.46 -19.25
N ARG F 21 -34.18 -42.72 -20.37
CA ARG F 21 -33.01 -43.60 -20.28
C ARG F 21 -31.91 -42.96 -19.45
N LEU F 22 -31.66 -41.67 -19.66
CA LEU F 22 -30.64 -41.00 -18.86
C LEU F 22 -30.97 -41.06 -17.38
N LEU F 23 -32.26 -40.96 -17.04
CA LEU F 23 -32.67 -41.13 -15.64
C LEU F 23 -32.36 -42.53 -15.15
N ARG F 24 -32.51 -43.54 -16.02
CA ARG F 24 -32.26 -44.91 -15.63
C ARG F 24 -30.76 -45.20 -15.55
N LYS F 25 -30.01 -44.84 -16.59
CA LYS F 25 -28.58 -45.09 -16.62
C LYS F 25 -27.78 -44.17 -15.70
N GLY F 26 -28.45 -43.36 -14.88
CA GLY F 26 -27.80 -42.32 -14.12
C GLY F 26 -27.70 -42.50 -12.62
N ASN F 27 -27.96 -43.70 -12.08
CA ASN F 27 -27.68 -44.00 -10.67
C ASN F 27 -28.55 -43.17 -9.72
N TYR F 28 -29.82 -42.95 -10.09
CA TYR F 28 -30.67 -42.07 -9.28
C TYR F 28 -31.59 -42.83 -8.34
N ALA F 29 -32.09 -43.98 -8.76
CA ALA F 29 -32.98 -44.84 -7.98
C ALA F 29 -32.99 -46.18 -8.69
N GLU F 30 -33.65 -47.18 -8.12
CA GLU F 30 -33.62 -48.43 -8.85
C GLU F 30 -34.71 -48.55 -9.91
N ARG F 31 -35.81 -47.79 -9.78
CA ARG F 31 -36.77 -47.68 -10.86
C ARG F 31 -37.14 -46.23 -11.10
N VAL F 32 -37.59 -45.95 -12.31
CA VAL F 32 -38.01 -44.61 -12.73
C VAL F 32 -39.39 -44.77 -13.34
N GLY F 33 -40.41 -44.23 -12.67
CA GLY F 33 -41.76 -44.31 -13.18
C GLY F 33 -41.94 -43.50 -14.45
N ALA F 34 -43.02 -43.85 -15.17
CA ALA F 34 -43.24 -43.29 -16.51
C ALA F 34 -43.49 -41.79 -16.47
N GLY F 35 -44.15 -41.30 -15.42
CA GLY F 35 -44.44 -39.88 -15.38
C GLY F 35 -43.23 -39.02 -15.13
N ALA F 36 -42.15 -39.60 -14.62
CA ALA F 36 -40.99 -38.80 -14.24
C ALA F 36 -40.32 -38.13 -15.43
N PRO F 37 -39.96 -38.83 -16.51
CA PRO F 37 -39.34 -38.11 -17.64
C PRO F 37 -40.27 -37.13 -18.32
N VAL F 38 -41.57 -37.42 -18.39
CA VAL F 38 -42.52 -36.46 -18.95
C VAL F 38 -42.44 -35.16 -18.19
N TYR F 39 -42.61 -35.24 -16.86
CA TYR F 39 -42.54 -34.06 -16.01
C TYR F 39 -41.19 -33.35 -16.13
N LEU F 40 -40.09 -34.12 -16.12
CA LEU F 40 -38.76 -33.52 -16.19
C LEU F 40 -38.53 -32.84 -17.54
N ALA F 41 -38.86 -33.54 -18.63
CA ALA F 41 -38.77 -32.95 -19.97
C ALA F 41 -39.56 -31.65 -20.06
N ALA F 42 -40.80 -31.65 -19.56
CA ALA F 42 -41.60 -30.43 -19.58
C ALA F 42 -40.87 -29.30 -18.88
N VAL F 43 -40.17 -29.60 -17.79
CA VAL F 43 -39.53 -28.53 -17.02
C VAL F 43 -38.31 -28.01 -17.75
N LEU F 44 -37.51 -28.91 -18.33
CA LEU F 44 -36.36 -28.49 -19.12
C LEU F 44 -36.80 -27.68 -20.34
N GLU F 45 -37.91 -28.09 -20.96
CA GLU F 45 -38.41 -27.34 -22.12
C GLU F 45 -38.93 -25.97 -21.69
N TYR F 46 -39.59 -25.91 -20.54
CA TYR F 46 -40.04 -24.61 -20.05
C TYR F 46 -38.85 -23.70 -19.77
N LEU F 47 -37.84 -24.21 -19.03
CA LEU F 47 -36.71 -23.35 -18.69
C LEU F 47 -35.96 -22.92 -19.94
N THR F 48 -35.84 -23.84 -20.91
CA THR F 48 -35.23 -23.47 -22.19
C THR F 48 -35.98 -22.30 -22.83
N ALA F 49 -37.31 -22.38 -22.90
CA ALA F 49 -38.10 -21.32 -23.54
C ALA F 49 -37.94 -19.98 -22.83
N GLU F 50 -37.93 -19.99 -21.49
CA GLU F 50 -37.65 -18.78 -20.72
C GLU F 50 -36.34 -18.12 -21.15
N ILE F 51 -35.23 -18.86 -21.07
CA ILE F 51 -33.93 -18.31 -21.47
C ILE F 51 -33.99 -17.80 -22.91
N LEU F 52 -34.52 -18.64 -23.82
CA LEU F 52 -34.48 -18.27 -25.23
C LEU F 52 -35.36 -17.06 -25.50
N GLU F 53 -36.49 -16.96 -24.81
CA GLU F 53 -37.34 -15.79 -25.00
C GLU F 53 -36.58 -14.52 -24.65
N LEU F 54 -36.04 -14.48 -23.44
CA LEU F 54 -35.37 -13.27 -22.97
C LEU F 54 -34.11 -12.99 -23.77
N ALA F 55 -33.39 -14.03 -24.18
CA ALA F 55 -32.15 -13.80 -24.92
C ALA F 55 -32.42 -13.32 -26.33
N GLY F 56 -33.44 -13.88 -26.99
CA GLY F 56 -33.91 -13.30 -28.25
C GLY F 56 -34.24 -11.83 -28.13
N ASN F 57 -34.84 -11.43 -27.01
CA ASN F 57 -35.13 -10.02 -26.78
C ASN F 57 -33.85 -9.20 -26.73
N ALA F 58 -32.86 -9.66 -25.95
CA ALA F 58 -31.62 -8.91 -25.85
C ALA F 58 -30.91 -8.84 -27.19
N ALA F 59 -31.10 -9.87 -28.02
CA ALA F 59 -30.56 -9.85 -29.37
C ALA F 59 -31.23 -8.77 -30.21
N ARG F 60 -32.56 -8.73 -30.23
CA ARG F 60 -33.22 -7.74 -31.07
C ARG F 60 -33.05 -6.33 -30.51
N ASP F 61 -32.89 -6.20 -29.19
CA ASP F 61 -32.60 -4.91 -28.58
C ASP F 61 -31.26 -4.35 -29.02
N ASN F 62 -30.34 -5.19 -29.47
CA ASN F 62 -29.09 -4.75 -30.06
C ASN F 62 -29.09 -4.89 -31.58
N LYS F 63 -30.29 -4.92 -32.18
CA LYS F 63 -30.44 -5.04 -33.63
C LYS F 63 -29.64 -6.23 -34.17
N LYS F 64 -29.76 -7.36 -33.49
CA LYS F 64 -29.14 -8.60 -33.95
C LYS F 64 -30.22 -9.59 -34.34
N THR F 65 -29.90 -10.44 -35.31
CA THR F 65 -30.82 -11.47 -35.78
C THR F 65 -30.45 -12.85 -35.27
N ARG F 66 -29.37 -12.96 -34.50
CA ARG F 66 -28.82 -14.22 -34.06
C ARG F 66 -28.45 -14.15 -32.59
N ILE F 67 -28.75 -15.21 -31.84
CA ILE F 67 -28.41 -15.25 -30.43
C ILE F 67 -26.98 -15.76 -30.25
N ILE F 68 -26.16 -14.99 -29.55
CA ILE F 68 -24.78 -15.39 -29.25
C ILE F 68 -24.61 -15.42 -27.73
N PRO F 69 -23.52 -15.98 -27.21
CA PRO F 69 -23.37 -16.06 -25.74
C PRO F 69 -23.69 -14.75 -25.01
N ARG F 70 -23.27 -13.60 -25.52
CA ARG F 70 -23.55 -12.32 -24.87
C ARG F 70 -25.04 -12.14 -24.56
N HIS F 71 -25.92 -12.55 -25.47
CA HIS F 71 -27.34 -12.34 -25.26
C HIS F 71 -27.90 -13.25 -24.17
N LEU F 72 -27.47 -14.52 -24.14
CA LEU F 72 -27.83 -15.38 -23.03
C LEU F 72 -27.42 -14.76 -21.71
N GLN F 73 -26.21 -14.21 -21.65
CA GLN F 73 -25.73 -13.66 -20.39
C GLN F 73 -26.52 -12.42 -20.00
N LEU F 74 -26.80 -11.55 -20.97
CA LEU F 74 -27.65 -10.39 -20.69
C LEU F 74 -29.04 -10.82 -20.23
N ALA F 75 -29.62 -11.80 -20.90
CA ALA F 75 -30.93 -12.30 -20.50
C ALA F 75 -30.90 -12.83 -19.07
N VAL F 76 -29.87 -13.60 -18.73
CA VAL F 76 -29.81 -14.26 -17.44
C VAL F 76 -29.65 -13.22 -16.32
N ARG F 77 -28.72 -12.28 -16.50
CA ARG F 77 -28.38 -11.36 -15.41
C ARG F 77 -29.35 -10.18 -15.29
N ASN F 78 -30.26 -9.98 -16.23
CA ASN F 78 -31.30 -8.97 -16.09
C ASN F 78 -32.60 -9.51 -15.52
N ASP F 79 -32.78 -10.82 -15.52
CA ASP F 79 -33.98 -11.44 -14.98
C ASP F 79 -33.66 -11.94 -13.59
N GLU F 80 -34.28 -11.31 -12.59
CA GLU F 80 -34.08 -11.68 -11.19
C GLU F 80 -34.09 -13.19 -10.95
N GLU F 81 -34.99 -13.94 -11.59
CA GLU F 81 -35.11 -15.34 -11.21
C GLU F 81 -34.11 -16.23 -11.94
N LEU F 82 -33.86 -15.97 -13.23
CA LEU F 82 -32.81 -16.71 -13.91
C LEU F 82 -31.44 -16.38 -13.32
N ASN F 83 -31.30 -15.17 -12.79
CA ASN F 83 -30.05 -14.81 -12.13
C ASN F 83 -29.82 -15.63 -10.85
N LYS F 84 -30.87 -15.91 -10.09
CA LYS F 84 -30.71 -16.77 -8.92
C LYS F 84 -30.45 -18.22 -9.32
N LEU F 85 -31.21 -18.71 -10.30
CA LEU F 85 -30.99 -20.04 -10.83
C LEU F 85 -29.56 -20.22 -11.33
N LEU F 86 -29.01 -19.22 -12.01
CA LEU F 86 -27.69 -19.33 -12.62
C LEU F 86 -26.65 -18.48 -11.89
N GLY F 87 -26.79 -18.38 -10.57
CA GLY F 87 -25.94 -17.49 -9.79
C GLY F 87 -24.52 -17.95 -9.65
N ARG F 88 -24.28 -19.24 -9.84
CA ARG F 88 -22.96 -19.83 -9.69
C ARG F 88 -22.45 -20.39 -11.04
N VAL F 89 -22.88 -19.78 -12.15
CA VAL F 89 -22.63 -20.29 -13.49
C VAL F 89 -21.86 -19.24 -14.28
N THR F 90 -20.83 -19.70 -15.00
CA THR F 90 -20.06 -18.87 -15.91
C THR F 90 -20.46 -19.24 -17.32
N ILE F 91 -21.00 -18.26 -18.05
CA ILE F 91 -21.31 -18.40 -19.47
C ILE F 91 -20.10 -17.89 -20.26
N ALA F 92 -19.38 -18.81 -20.90
CA ALA F 92 -18.19 -18.44 -21.65
C ALA F 92 -18.55 -17.38 -22.70
N GLN F 93 -17.69 -16.38 -22.85
CA GLN F 93 -17.92 -15.32 -23.84
C GLN F 93 -19.18 -14.51 -23.53
N GLY F 94 -19.62 -14.51 -22.27
CA GLY F 94 -20.81 -13.74 -21.92
C GLY F 94 -20.53 -12.32 -21.48
N GLY F 95 -19.30 -12.03 -21.07
CA GLY F 95 -19.04 -10.75 -20.46
C GLY F 95 -19.88 -10.50 -19.20
N VAL F 96 -19.88 -9.24 -18.79
CA VAL F 96 -20.61 -8.79 -17.62
C VAL F 96 -21.75 -7.88 -18.05
N LEU F 97 -22.68 -7.71 -17.14
CA LEU F 97 -23.74 -6.73 -17.32
C LEU F 97 -23.15 -5.35 -17.08
N PRO F 98 -23.28 -4.41 -18.03
CA PRO F 98 -22.69 -3.08 -17.86
C PRO F 98 -23.31 -2.35 -16.67
N ASN F 99 -22.47 -1.94 -15.74
CA ASN F 99 -22.93 -1.28 -14.54
C ASN F 99 -21.75 -0.67 -13.82
N ILE F 100 -21.85 0.62 -13.51
CA ILE F 100 -20.83 1.35 -12.78
C ILE F 100 -21.43 1.82 -11.47
N GLN F 101 -20.74 1.55 -10.37
CA GLN F 101 -21.16 2.05 -9.07
C GLN F 101 -21.39 3.56 -9.15
N SER F 102 -22.54 4.00 -8.61
CA SER F 102 -22.93 5.40 -8.78
C SER F 102 -21.91 6.35 -8.20
N VAL F 103 -21.19 5.93 -7.15
CA VAL F 103 -20.23 6.80 -6.49
C VAL F 103 -19.05 7.13 -7.40
N LEU F 104 -18.83 6.37 -8.47
CA LEU F 104 -17.70 6.58 -9.36
C LEU F 104 -18.01 7.53 -10.52
N LEU F 105 -19.28 7.92 -10.65
CA LEU F 105 -19.75 8.81 -11.75
C LEU F 105 -19.82 10.25 -11.26
N PRO F 106 -19.60 11.26 -12.14
CA PRO F 106 -19.71 12.65 -11.75
C PRO F 106 -21.14 12.90 -11.24
N LYS F 107 -21.26 13.55 -10.08
CA LYS F 107 -22.59 13.85 -9.48
C LYS F 107 -23.36 14.82 -10.39
N SER G 11 -27.26 -35.10 -27.24
CA SER G 11 -27.33 -33.70 -26.84
C SER G 11 -28.71 -33.15 -27.10
N TYR G 12 -28.90 -31.87 -26.85
CA TYR G 12 -30.23 -31.31 -26.84
C TYR G 12 -30.41 -30.24 -27.87
N ALA G 13 -29.45 -30.07 -28.76
CA ALA G 13 -29.42 -28.90 -29.60
C ALA G 13 -30.64 -28.82 -30.48
N ILE G 14 -31.02 -29.94 -31.07
CA ILE G 14 -32.17 -29.96 -31.96
C ILE G 14 -33.42 -29.48 -31.24
N TYR G 15 -33.61 -29.94 -30.00
CA TYR G 15 -34.80 -29.58 -29.25
C TYR G 15 -34.74 -28.15 -28.76
N VAL G 16 -33.53 -27.66 -28.49
CA VAL G 16 -33.34 -26.24 -28.21
C VAL G 16 -33.76 -25.42 -29.41
N TYR G 17 -33.33 -25.85 -30.60
CA TYR G 17 -33.63 -25.11 -31.81
C TYR G 17 -35.12 -25.12 -32.10
N LYS G 18 -35.78 -26.25 -31.85
CA LYS G 18 -37.23 -26.32 -32.06
C LYS G 18 -37.96 -25.35 -31.13
N VAL G 19 -37.48 -25.21 -29.89
CA VAL G 19 -38.12 -24.29 -28.96
C VAL G 19 -37.82 -22.85 -29.35
N LEU G 20 -36.57 -22.55 -29.74
CA LEU G 20 -36.23 -21.23 -30.26
C LEU G 20 -37.18 -20.77 -31.36
N LYS G 21 -37.54 -21.69 -32.27
CA LYS G 21 -38.38 -21.31 -33.40
C LYS G 21 -39.84 -21.11 -33.00
N GLN G 22 -40.28 -21.66 -31.86
CA GLN G 22 -41.60 -21.34 -31.33
C GLN G 22 -41.62 -19.93 -30.72
N VAL G 23 -40.55 -19.57 -30.03
CA VAL G 23 -40.55 -18.34 -29.23
C VAL G 23 -40.11 -17.14 -30.06
N HIS G 24 -39.17 -17.32 -30.97
CA HIS G 24 -38.64 -16.24 -31.81
C HIS G 24 -38.44 -16.82 -33.19
N PRO G 25 -39.51 -16.90 -34.00
CA PRO G 25 -39.39 -17.59 -35.31
C PRO G 25 -38.34 -17.00 -36.24
N ASP G 26 -37.99 -15.72 -36.10
CA ASP G 26 -37.06 -15.08 -37.02
C ASP G 26 -35.68 -14.90 -36.41
N THR G 27 -35.35 -15.67 -35.38
CA THR G 27 -34.10 -15.52 -34.68
C THR G 27 -33.29 -16.79 -34.83
N GLY G 28 -31.98 -16.62 -35.08
CA GLY G 28 -31.05 -17.72 -35.11
C GLY G 28 -30.23 -17.74 -33.84
N ILE G 29 -29.38 -18.75 -33.73
CA ILE G 29 -28.52 -18.93 -32.59
C ILE G 29 -27.16 -19.38 -33.09
N SER G 30 -26.10 -18.70 -32.64
CA SER G 30 -24.74 -19.08 -32.98
C SER G 30 -24.37 -20.43 -32.39
N SER G 31 -23.28 -21.00 -32.90
CA SER G 31 -22.93 -22.36 -32.53
C SER G 31 -22.40 -22.45 -31.11
N LYS G 32 -21.71 -21.40 -30.62
CA LYS G 32 -21.24 -21.42 -29.25
C LYS G 32 -22.35 -21.10 -28.26
N ALA G 33 -23.40 -20.42 -28.72
CA ALA G 33 -24.58 -20.24 -27.88
C ALA G 33 -25.37 -21.53 -27.72
N MET G 34 -25.41 -22.37 -28.76
CA MET G 34 -26.07 -23.67 -28.61
C MET G 34 -25.34 -24.55 -27.60
N SER G 35 -24.00 -24.50 -27.57
CA SER G 35 -23.27 -25.23 -26.53
C SER G 35 -23.59 -24.72 -25.13
N ILE G 36 -23.70 -23.40 -24.96
CA ILE G 36 -24.20 -22.86 -23.68
C ILE G 36 -25.53 -23.52 -23.31
N MET G 37 -26.48 -23.48 -24.24
CA MET G 37 -27.81 -24.03 -23.95
C MET G 37 -27.72 -25.52 -23.61
N ASN G 38 -26.86 -26.25 -24.31
CA ASN G 38 -26.68 -27.67 -24.00
C ASN G 38 -26.12 -27.87 -22.60
N SER G 39 -25.14 -27.06 -22.18
CA SER G 39 -24.69 -27.17 -20.79
C SER G 39 -25.82 -26.81 -19.83
N PHE G 40 -26.60 -25.78 -20.16
CA PHE G 40 -27.70 -25.39 -19.29
C PHE G 40 -28.66 -26.55 -19.05
N VAL G 41 -29.08 -27.22 -20.14
CA VAL G 41 -30.03 -28.32 -20.03
C VAL G 41 -29.48 -29.42 -19.15
N ASN G 42 -28.24 -29.85 -19.41
CA ASN G 42 -27.65 -30.93 -18.64
C ASN G 42 -27.47 -30.55 -17.18
N ASP G 43 -27.04 -29.32 -16.92
CA ASP G 43 -26.91 -28.80 -15.56
C ASP G 43 -28.24 -28.89 -14.81
N VAL G 44 -29.30 -28.32 -15.39
CA VAL G 44 -30.62 -28.35 -14.75
C VAL G 44 -31.11 -29.78 -14.57
N PHE G 45 -30.95 -30.61 -15.60
CA PHE G 45 -31.27 -32.03 -15.47
C PHE G 45 -30.60 -32.62 -14.24
N GLU G 46 -29.29 -32.43 -14.10
CA GLU G 46 -28.53 -33.07 -13.04
C GLU G 46 -28.92 -32.55 -11.67
N ARG G 47 -29.29 -31.28 -11.57
CA ARG G 47 -29.69 -30.75 -10.27
C ARG G 47 -31.03 -31.34 -9.85
N ILE G 48 -31.98 -31.43 -10.77
CA ILE G 48 -33.29 -31.97 -10.43
C ILE G 48 -33.21 -33.48 -10.17
N ALA G 49 -32.57 -34.22 -11.06
CA ALA G 49 -32.48 -35.66 -10.88
C ALA G 49 -31.73 -36.01 -9.58
N GLY G 50 -30.67 -35.26 -9.27
CA GLY G 50 -29.94 -35.52 -8.02
C GLY G 50 -30.80 -35.35 -6.78
N GLU G 51 -31.51 -34.24 -6.70
CA GLU G 51 -32.45 -34.01 -5.61
C GLU G 51 -33.61 -35.00 -5.65
N ALA G 52 -34.07 -35.37 -6.85
CA ALA G 52 -35.14 -36.37 -6.92
C ALA G 52 -34.68 -37.68 -6.30
N SER G 53 -33.43 -38.06 -6.56
CA SER G 53 -32.88 -39.27 -5.98
C SER G 53 -32.73 -39.12 -4.46
N ARG G 54 -32.29 -37.95 -4.01
CA ARG G 54 -32.21 -37.66 -2.58
C ARG G 54 -33.57 -37.82 -1.90
N LEU G 55 -34.61 -37.21 -2.49
CA LEU G 55 -35.94 -37.28 -1.91
C LEU G 55 -36.43 -38.73 -1.81
N ALA G 56 -36.31 -39.48 -2.91
CA ALA G 56 -36.69 -40.89 -2.87
C ALA G 56 -35.91 -41.66 -1.81
N HIS G 57 -34.62 -41.39 -1.66
CA HIS G 57 -33.87 -42.15 -0.66
C HIS G 57 -34.30 -41.76 0.75
N TYR G 58 -34.57 -40.46 0.97
N TYR G 58 -34.55 -40.46 0.98
CA TYR G 58 -35.03 -40.02 2.29
CA TYR G 58 -35.04 -40.02 2.29
C TYR G 58 -36.33 -40.72 2.67
C TYR G 58 -36.32 -40.76 2.66
N ASN G 59 -37.20 -40.97 1.70
CA ASN G 59 -38.51 -41.54 1.98
C ASN G 59 -38.54 -43.06 1.80
N LYS G 60 -37.38 -43.70 1.66
CA LYS G 60 -37.29 -45.16 1.53
C LYS G 60 -38.14 -45.65 0.36
N ARG G 61 -38.16 -44.87 -0.70
CA ARG G 61 -38.88 -45.19 -1.93
C ARG G 61 -37.89 -45.67 -2.98
N SER G 62 -38.26 -46.75 -3.68
CA SER G 62 -37.39 -47.35 -4.68
C SER G 62 -37.55 -46.72 -6.06
N THR G 63 -38.59 -45.93 -6.27
CA THR G 63 -38.96 -45.42 -7.58
C THR G 63 -39.04 -43.90 -7.56
N ILE G 64 -38.40 -43.26 -8.53
CA ILE G 64 -38.56 -41.84 -8.74
C ILE G 64 -39.80 -41.64 -9.61
N THR G 65 -40.74 -40.87 -9.10
CA THR G 65 -41.98 -40.59 -9.79
C THR G 65 -42.01 -39.13 -10.22
N SER G 66 -43.11 -38.75 -10.84
CA SER G 66 -43.35 -37.34 -11.07
C SER G 66 -43.39 -36.56 -9.75
N ARG G 67 -43.81 -37.21 -8.65
CA ARG G 67 -43.85 -36.51 -7.37
C ARG G 67 -42.45 -36.08 -6.92
N GLU G 68 -41.43 -36.91 -7.16
CA GLU G 68 -40.08 -36.55 -6.75
C GLU G 68 -39.52 -35.44 -7.64
N ILE G 69 -39.87 -35.45 -8.93
CA ILE G 69 -39.45 -34.37 -9.82
C ILE G 69 -40.05 -33.05 -9.36
N GLN G 70 -41.36 -33.08 -9.06
CA GLN G 70 -42.07 -31.87 -8.68
C GLN G 70 -41.46 -31.23 -7.44
N THR G 71 -41.27 -32.03 -6.39
CA THR G 71 -40.74 -31.48 -5.14
C THR G 71 -39.33 -30.94 -5.37
N ALA G 72 -38.55 -31.60 -6.23
CA ALA G 72 -37.22 -31.08 -6.52
C ALA G 72 -37.30 -29.74 -7.25
N VAL G 73 -38.27 -29.61 -8.15
CA VAL G 73 -38.44 -28.32 -8.83
C VAL G 73 -38.79 -27.25 -7.80
N ARG G 74 -39.64 -27.59 -6.84
CA ARG G 74 -39.95 -26.67 -5.75
C ARG G 74 -38.74 -26.34 -4.90
N LEU G 75 -37.81 -27.28 -4.74
CA LEU G 75 -36.65 -27.01 -3.91
C LEU G 75 -35.61 -26.19 -4.66
N LEU G 76 -35.45 -26.44 -5.95
CA LEU G 76 -34.34 -25.89 -6.75
C LEU G 76 -34.71 -24.68 -7.58
N LEU G 77 -35.96 -24.42 -7.88
CA LEU G 77 -36.25 -23.24 -8.66
C LEU G 77 -36.71 -22.14 -7.78
N PRO G 78 -36.31 -20.92 -8.08
CA PRO G 78 -36.83 -19.75 -7.39
C PRO G 78 -38.28 -19.56 -7.69
N GLY G 79 -39.01 -19.12 -6.69
CA GLY G 79 -40.33 -18.54 -6.81
C GLY G 79 -41.21 -18.76 -8.02
N GLU G 80 -41.26 -17.77 -8.89
CA GLU G 80 -42.17 -17.81 -9.99
C GLU G 80 -41.76 -18.80 -11.04
N LEU G 81 -40.47 -19.07 -11.15
CA LEU G 81 -40.04 -20.06 -12.11
C LEU G 81 -40.52 -21.40 -11.69
N ALA G 82 -40.47 -21.67 -10.40
CA ALA G 82 -40.94 -22.92 -9.89
C ALA G 82 -42.42 -23.07 -10.10
N LYS G 83 -43.16 -22.01 -9.85
CA LYS G 83 -44.62 -22.06 -9.99
C LYS G 83 -45.02 -22.51 -11.39
N HIS G 84 -44.38 -21.94 -12.41
CA HIS G 84 -44.70 -22.25 -13.79
C HIS G 84 -44.12 -23.60 -14.23
N ALA G 85 -42.88 -23.89 -13.81
CA ALA G 85 -42.31 -25.21 -14.09
C ALA G 85 -43.22 -26.32 -13.59
N VAL G 86 -43.76 -26.15 -12.39
CA VAL G 86 -44.65 -27.16 -11.81
C VAL G 86 -45.93 -27.28 -12.65
N SER G 87 -46.49 -26.14 -13.05
CA SER G 87 -47.72 -26.18 -13.83
C SER G 87 -47.50 -26.80 -15.20
N GLU G 88 -46.37 -26.46 -15.86
CA GLU G 88 -46.02 -27.08 -17.12
C GLU G 88 -45.86 -28.58 -16.97
N GLY G 89 -45.16 -29.01 -15.92
CA GLY G 89 -44.88 -30.43 -15.75
C GLY G 89 -46.14 -31.21 -15.43
N THR G 90 -46.96 -30.69 -14.52
CA THR G 90 -48.22 -31.37 -14.20
C THR G 90 -49.13 -31.42 -15.42
N LYS G 91 -49.15 -30.35 -16.21
CA LYS G 91 -49.97 -30.33 -17.42
C LYS G 91 -49.47 -31.36 -18.43
N ALA G 92 -48.15 -31.50 -18.57
CA ALA G 92 -47.63 -32.47 -19.53
C ALA G 92 -47.97 -33.90 -19.12
N VAL G 93 -47.88 -34.19 -17.82
CA VAL G 93 -48.11 -35.54 -17.33
C VAL G 93 -49.58 -35.95 -17.52
N THR G 94 -50.51 -35.05 -17.18
CA THR G 94 -51.92 -35.40 -17.35
C THR G 94 -52.27 -35.57 -18.83
N LYS G 95 -51.72 -34.72 -19.69
CA LYS G 95 -51.93 -34.90 -21.13
C LYS G 95 -51.33 -36.21 -21.60
N TYR G 96 -50.18 -36.60 -21.04
CA TYR G 96 -49.58 -37.87 -21.39
C TYR G 96 -50.47 -39.06 -21.07
N THR G 97 -51.24 -38.96 -20.00
CA THR G 97 -52.09 -40.07 -19.56
C THR G 97 -53.49 -39.87 -20.15
N SER G 98 -53.61 -40.19 -21.44
CA SER G 98 -54.90 -40.11 -22.15
C SER G 98 -54.82 -40.77 -23.52
N ARG H 4 -16.16 4.52 37.49
CA ARG H 4 -15.41 4.73 36.25
C ARG H 4 -16.04 3.91 35.11
N TYR H 5 -16.08 4.53 33.93
CA TYR H 5 -16.91 4.03 32.84
C TYR H 5 -16.24 2.87 32.10
N ARG H 6 -15.10 3.12 31.42
CA ARG H 6 -14.28 2.17 30.65
C ARG H 6 -15.11 1.17 29.83
N PRO H 7 -15.81 1.63 28.80
CA PRO H 7 -16.69 0.70 28.05
C PRO H 7 -15.92 -0.36 27.28
N GLY H 8 -14.75 -0.04 26.73
CA GLY H 8 -13.99 -1.05 26.01
C GLY H 8 -13.61 -2.23 26.89
N THR H 9 -13.21 -1.93 28.14
CA THR H 9 -12.98 -3.00 29.12
C THR H 9 -14.24 -3.85 29.32
N VAL H 10 -15.40 -3.21 29.47
CA VAL H 10 -16.66 -3.93 29.59
C VAL H 10 -16.96 -4.75 28.33
N ALA H 11 -16.76 -4.15 27.15
CA ALA H 11 -17.02 -4.88 25.91
C ALA H 11 -16.09 -6.09 25.77
N LEU H 12 -14.81 -5.89 26.05
CA LEU H 12 -13.84 -6.98 25.90
C LEU H 12 -14.14 -8.13 26.85
N ARG H 13 -14.59 -7.83 28.06
CA ARG H 13 -14.98 -8.89 28.97
C ARG H 13 -16.20 -9.63 28.44
N GLU H 14 -17.11 -8.93 27.77
CA GLU H 14 -18.27 -9.60 27.22
C GLU H 14 -17.88 -10.49 26.05
N ILE H 15 -16.91 -10.06 25.24
CA ILE H 15 -16.47 -10.90 24.13
C ILE H 15 -15.90 -12.19 24.69
N ARG H 16 -15.02 -12.09 25.69
CA ARG H 16 -14.40 -13.29 26.26
C ARG H 16 -15.46 -14.19 26.86
N ARG H 17 -16.42 -13.62 27.60
CA ARG H 17 -17.47 -14.43 28.21
C ARG H 17 -18.21 -15.26 27.15
N TYR H 18 -18.69 -14.62 26.07
CA TYR H 18 -19.57 -15.29 25.12
C TYR H 18 -18.80 -16.11 24.09
N GLN H 19 -17.52 -15.83 23.90
CA GLN H 19 -16.70 -16.70 23.07
C GLN H 19 -16.34 -17.96 23.83
N LYS H 20 -16.32 -17.89 25.16
CA LYS H 20 -16.06 -19.05 26.00
C LYS H 20 -17.26 -19.98 26.10
N SER H 21 -18.48 -19.45 26.08
CA SER H 21 -19.68 -20.28 26.27
C SER H 21 -20.22 -20.83 24.94
N THR H 22 -21.05 -21.87 25.05
CA THR H 22 -21.70 -22.47 23.89
C THR H 22 -23.23 -22.44 23.98
N GLU H 23 -23.79 -21.85 25.03
CA GLU H 23 -25.23 -21.86 25.22
C GLU H 23 -25.92 -21.07 24.12
N LEU H 24 -27.18 -21.42 23.84
CA LEU H 24 -27.98 -20.57 22.96
C LEU H 24 -28.17 -19.19 23.61
N LEU H 25 -28.04 -18.15 22.80
CA LEU H 25 -28.02 -16.79 23.33
C LEU H 25 -29.33 -16.06 23.13
N ILE H 26 -30.12 -16.47 22.15
CA ILE H 26 -31.49 -16.01 22.06
C ILE H 26 -32.34 -16.84 23.00
N ARG H 27 -33.15 -16.19 23.82
CA ARG H 27 -34.01 -16.95 24.71
C ARG H 27 -34.95 -17.85 23.92
N LYS H 28 -35.29 -19.00 24.52
CA LYS H 28 -35.89 -20.08 23.76
C LYS H 28 -37.36 -19.80 23.45
N LEU H 29 -38.11 -19.25 24.40
CA LEU H 29 -39.52 -18.98 24.12
C LEU H 29 -39.70 -17.94 23.02
N PRO H 30 -39.08 -16.75 23.06
CA PRO H 30 -39.17 -15.86 21.90
C PRO H 30 -38.77 -16.51 20.58
N PHE H 31 -37.75 -17.37 20.59
CA PHE H 31 -37.36 -17.98 19.32
C PHE H 31 -38.45 -18.89 18.79
N GLN H 32 -38.99 -19.76 19.66
CA GLN H 32 -40.11 -20.63 19.32
C GLN H 32 -41.27 -19.81 18.73
N ARG H 33 -41.58 -18.68 19.35
CA ARG H 33 -42.72 -17.89 18.88
C ARG H 33 -42.43 -17.24 17.55
N LEU H 34 -41.15 -16.92 17.26
CA LEU H 34 -40.82 -16.41 15.93
C LEU H 34 -40.95 -17.51 14.89
N VAL H 35 -40.41 -18.71 15.18
CA VAL H 35 -40.57 -19.86 14.27
C VAL H 35 -42.05 -20.13 14.01
N ARG H 36 -42.86 -20.11 15.08
CA ARG H 36 -44.29 -20.40 14.94
C ARG H 36 -44.98 -19.45 13.97
N GLU H 37 -44.69 -18.15 14.05
CA GLU H 37 -45.34 -17.17 13.19
C GLU H 37 -44.96 -17.38 11.73
N ILE H 38 -43.67 -17.53 11.44
CA ILE H 38 -43.24 -17.76 10.07
C ILE H 38 -43.83 -19.06 9.54
N ALA H 39 -43.73 -20.13 10.33
CA ALA H 39 -44.24 -21.44 9.90
C ALA H 39 -45.73 -21.38 9.63
N GLN H 40 -46.50 -20.85 10.58
CA GLN H 40 -47.95 -20.83 10.40
C GLN H 40 -48.36 -19.89 9.27
N ASP H 41 -47.53 -18.87 8.98
CA ASP H 41 -47.80 -18.05 7.80
C ASP H 41 -47.63 -18.86 6.51
N PHE H 42 -46.72 -19.84 6.48
CA PHE H 42 -46.61 -20.73 5.31
C PHE H 42 -47.84 -21.62 5.20
N LYS H 43 -48.02 -22.52 6.17
CA LYS H 43 -49.17 -23.41 6.21
C LYS H 43 -49.81 -23.28 7.59
N THR H 44 -51.12 -23.05 7.60
CA THR H 44 -51.80 -22.66 8.83
C THR H 44 -51.78 -23.76 9.87
N ASP H 45 -51.88 -25.03 9.44
CA ASP H 45 -52.01 -26.15 10.36
C ASP H 45 -50.70 -26.89 10.58
N LEU H 46 -49.57 -26.26 10.22
CA LEU H 46 -48.29 -26.90 10.35
C LEU H 46 -47.81 -26.91 11.80
N ARG H 47 -47.15 -28.00 12.17
CA ARG H 47 -46.54 -28.09 13.49
C ARG H 47 -45.07 -28.46 13.39
N PHE H 48 -44.37 -28.29 14.51
CA PHE H 48 -42.96 -28.59 14.63
C PHE H 48 -42.73 -29.52 15.80
N GLN H 49 -41.74 -30.40 15.67
CA GLN H 49 -41.16 -31.02 16.85
C GLN H 49 -40.27 -30.00 17.55
N SER H 50 -40.12 -30.15 18.85
CA SER H 50 -39.28 -29.22 19.60
C SER H 50 -37.82 -29.35 19.17
N SER H 51 -37.36 -30.59 18.95
CA SER H 51 -36.02 -30.77 18.41
C SER H 51 -35.86 -30.06 17.06
N ALA H 52 -36.94 -29.91 16.30
CA ALA H 52 -36.81 -29.22 15.03
C ALA H 52 -36.67 -27.72 15.24
N VAL H 53 -37.37 -27.17 16.24
CA VAL H 53 -37.19 -25.77 16.60
C VAL H 53 -35.77 -25.55 17.11
N MET H 54 -35.24 -26.48 17.90
CA MET H 54 -33.87 -26.30 18.41
C MET H 54 -32.82 -26.48 17.31
N ALA H 55 -33.03 -27.38 16.36
CA ALA H 55 -32.15 -27.43 15.20
C ALA H 55 -32.12 -26.09 14.49
N LEU H 56 -33.29 -25.47 14.28
CA LEU H 56 -33.33 -24.17 13.63
C LEU H 56 -32.63 -23.10 14.46
N GLN H 57 -32.66 -23.25 15.79
CA GLN H 57 -32.07 -22.20 16.61
C GLN H 57 -30.56 -22.31 16.64
N GLU H 58 -30.03 -23.54 16.75
CA GLU H 58 -28.59 -23.75 16.56
C GLU H 58 -28.14 -23.22 15.20
N ALA H 59 -28.83 -23.61 14.12
CA ALA H 59 -28.44 -23.16 12.79
C ALA H 59 -28.51 -21.65 12.66
N SER H 60 -29.51 -21.01 13.29
CA SER H 60 -29.74 -19.57 13.09
C SER H 60 -28.72 -18.75 13.85
N GLU H 61 -28.46 -19.13 15.10
CA GLU H 61 -27.47 -18.42 15.88
C GLU H 61 -26.08 -18.58 15.27
N ALA H 62 -25.72 -19.80 14.84
CA ALA H 62 -24.43 -19.99 14.18
C ALA H 62 -24.33 -19.13 12.94
N TYR H 63 -25.43 -19.00 12.20
CA TYR H 63 -25.39 -18.15 11.01
C TYR H 63 -25.14 -16.70 11.41
N LEU H 64 -25.80 -16.25 12.49
CA LEU H 64 -25.69 -14.85 12.90
C LEU H 64 -24.29 -14.54 13.39
N VAL H 65 -23.74 -15.39 14.27
CA VAL H 65 -22.39 -15.21 14.80
C VAL H 65 -21.39 -15.12 13.66
N ALA H 66 -21.43 -16.07 12.74
CA ALA H 66 -20.53 -16.04 11.61
C ALA H 66 -20.72 -14.77 10.79
N LEU H 67 -21.98 -14.34 10.64
CA LEU H 67 -22.22 -13.08 9.94
C LEU H 67 -21.60 -11.91 10.68
N PHE H 68 -21.68 -11.92 12.02
CA PHE H 68 -21.11 -10.82 12.79
C PHE H 68 -19.60 -10.81 12.71
N GLU H 69 -18.97 -11.98 12.56
CA GLU H 69 -17.53 -12.02 12.38
C GLU H 69 -17.14 -11.26 11.12
N ASP H 70 -17.78 -11.62 10.00
CA ASP H 70 -17.55 -10.92 8.74
C ASP H 70 -17.92 -9.44 8.84
N THR H 71 -19.01 -9.14 9.54
CA THR H 71 -19.44 -7.75 9.70
C THR H 71 -18.41 -6.95 10.46
N ASN H 72 -17.88 -7.53 11.54
CA ASN H 72 -16.79 -6.92 12.29
C ASN H 72 -15.62 -6.55 11.37
N LEU H 73 -15.22 -7.47 10.48
CA LEU H 73 -14.06 -7.22 9.61
C LEU H 73 -14.34 -6.12 8.62
N CYS H 74 -15.60 -5.98 8.19
CA CYS H 74 -15.95 -4.90 7.30
C CYS H 74 -15.82 -3.56 8.01
N ALA H 75 -16.21 -3.50 9.28
CA ALA H 75 -16.11 -2.23 9.99
C ALA H 75 -14.65 -1.90 10.26
N ILE H 76 -13.87 -2.90 10.63
CA ILE H 76 -12.44 -2.68 10.85
C ILE H 76 -11.78 -2.21 9.56
N HIS H 77 -12.18 -2.80 8.42
CA HIS H 77 -11.69 -2.38 7.12
C HIS H 77 -11.85 -0.88 6.93
N ALA H 78 -13.02 -0.36 7.30
CA ALA H 78 -13.30 1.06 7.24
C ALA H 78 -12.75 1.80 8.46
N LYS H 79 -11.82 1.18 9.18
CA LYS H 79 -11.12 1.80 10.32
C LYS H 79 -12.08 2.16 11.46
N ARG H 80 -13.14 1.38 11.63
CA ARG H 80 -14.11 1.60 12.69
C ARG H 80 -14.10 0.43 13.66
N VAL H 81 -14.42 0.70 14.92
CA VAL H 81 -14.67 -0.38 15.89
C VAL H 81 -16.16 -0.63 16.07
N THR H 82 -17.02 0.30 15.63
CA THR H 82 -18.47 0.15 15.74
C THR H 82 -19.03 -0.48 14.46
N ILE H 83 -19.69 -1.63 14.56
CA ILE H 83 -20.33 -2.18 13.37
C ILE H 83 -21.63 -1.42 13.09
N MET H 84 -22.00 -1.39 11.81
CA MET H 84 -23.07 -0.56 11.27
C MET H 84 -23.79 -1.35 10.20
N PRO H 85 -25.05 -0.97 9.88
CA PRO H 85 -25.82 -1.77 8.91
C PRO H 85 -25.08 -1.99 7.61
N LYS H 86 -24.38 -0.97 7.10
CA LYS H 86 -23.65 -1.12 5.85
C LYS H 86 -22.55 -2.17 5.95
N ASP H 87 -22.05 -2.46 7.15
CA ASP H 87 -21.10 -3.56 7.29
C ASP H 87 -21.80 -4.89 7.14
N ILE H 88 -22.96 -5.05 7.77
CA ILE H 88 -23.74 -6.27 7.56
C ILE H 88 -24.05 -6.44 6.08
N GLN H 89 -24.54 -5.37 5.45
CA GLN H 89 -24.88 -5.37 4.03
C GLN H 89 -23.69 -5.74 3.15
N LEU H 90 -22.50 -5.19 3.43
CA LEU H 90 -21.34 -5.56 2.63
C LEU H 90 -21.03 -7.05 2.80
N ALA H 91 -20.90 -7.52 4.04
CA ALA H 91 -20.63 -8.93 4.28
C ALA H 91 -21.60 -9.82 3.52
N ARG H 92 -22.90 -9.51 3.61
CA ARG H 92 -23.90 -10.32 2.92
C ARG H 92 -23.74 -10.26 1.41
N ARG H 93 -23.48 -9.06 0.90
CA ARG H 93 -23.31 -8.83 -0.57
C ARG H 93 -22.17 -9.70 -1.09
N ILE H 94 -21.01 -9.66 -0.42
CA ILE H 94 -19.85 -10.44 -0.85
C ILE H 94 -20.06 -11.93 -0.55
N ARG H 95 -20.78 -12.26 0.53
CA ARG H 95 -21.08 -13.66 0.81
C ARG H 95 -21.97 -14.31 -0.24
N GLY H 96 -22.77 -13.53 -0.96
CA GLY H 96 -23.65 -14.04 -1.98
C GLY H 96 -25.15 -14.05 -1.64
N GLU H 97 -25.58 -13.26 -0.66
CA GLU H 97 -26.96 -13.32 -0.16
C GLU H 97 -27.76 -12.12 -0.65
N ILE I 8 -41.00 -10.76 15.82
CA ILE I 8 -39.62 -10.46 15.47
C ILE I 8 -38.97 -9.49 16.47
N GLN I 9 -39.80 -8.61 17.07
CA GLN I 9 -39.30 -7.79 18.17
C GLN I 9 -39.00 -8.63 19.41
N GLY I 10 -39.47 -9.88 19.45
CA GLY I 10 -39.10 -10.75 20.57
C GLY I 10 -37.61 -11.03 20.64
N ILE I 11 -36.92 -11.00 19.50
CA ILE I 11 -35.47 -11.13 19.48
C ILE I 11 -34.90 -9.83 20.03
N THR I 12 -34.51 -9.85 21.30
CA THR I 12 -34.21 -8.64 22.03
C THR I 12 -32.84 -8.08 21.70
N LYS I 13 -32.66 -6.82 22.07
CA LYS I 13 -31.36 -6.17 21.92
C LYS I 13 -30.26 -6.88 22.72
N PRO I 14 -30.44 -7.23 24.00
CA PRO I 14 -29.40 -8.01 24.68
C PRO I 14 -29.03 -9.27 23.94
N ALA I 15 -30.03 -10.00 23.44
CA ALA I 15 -29.76 -11.25 22.72
C ALA I 15 -28.89 -11.00 21.49
N ILE I 16 -29.23 -10.00 20.69
CA ILE I 16 -28.45 -9.69 19.51
C ILE I 16 -27.06 -9.23 19.88
N ARG I 17 -26.95 -8.43 20.94
CA ARG I 17 -25.64 -7.97 21.40
C ARG I 17 -24.75 -9.15 21.79
N ARG I 18 -25.33 -10.15 22.48
CA ARG I 18 -24.57 -11.32 22.90
C ARG I 18 -24.05 -12.10 21.70
N LEU I 19 -24.91 -12.33 20.72
CA LEU I 19 -24.48 -12.92 19.47
C LEU I 19 -23.32 -12.16 18.85
N ALA I 20 -23.41 -10.82 18.82
CA ALA I 20 -22.29 -10.05 18.26
C ALA I 20 -21.04 -10.17 19.12
N ARG I 21 -21.19 -10.27 20.45
CA ARG I 21 -20.05 -10.52 21.32
C ARG I 21 -19.32 -11.81 20.91
N ARG I 22 -20.06 -12.91 20.81
CA ARG I 22 -19.44 -14.17 20.43
C ARG I 22 -18.77 -14.06 19.07
N GLY I 23 -19.33 -13.22 18.18
CA GLY I 23 -18.67 -12.89 16.93
C GLY I 23 -17.50 -11.93 17.06
N GLY I 24 -17.13 -11.54 18.27
CA GLY I 24 -15.97 -10.67 18.47
C GLY I 24 -16.20 -9.19 18.29
N VAL I 25 -17.45 -8.72 18.32
CA VAL I 25 -17.74 -7.33 18.04
C VAL I 25 -17.57 -6.51 19.31
N LYS I 26 -16.76 -5.46 19.25
CA LYS I 26 -16.47 -4.60 20.40
C LYS I 26 -17.46 -3.47 20.60
N ARG I 27 -18.01 -2.89 19.53
CA ARG I 27 -19.03 -1.85 19.67
C ARG I 27 -20.06 -1.96 18.56
N ILE I 28 -21.30 -1.63 18.91
CA ILE I 28 -22.49 -1.95 18.12
C ILE I 28 -23.31 -0.67 17.98
N SER I 29 -23.60 -0.28 16.74
CA SER I 29 -24.51 0.85 16.51
C SER I 29 -25.96 0.48 16.81
N GLY I 30 -26.72 1.46 17.31
CA GLY I 30 -28.13 1.23 17.59
C GLY I 30 -28.94 0.74 16.40
N LEU I 31 -28.51 1.04 15.18
CA LEU I 31 -29.22 0.60 14.00
C LEU I 31 -29.03 -0.87 13.70
N ILE I 32 -28.10 -1.53 14.40
CA ILE I 32 -27.77 -2.93 14.10
C ILE I 32 -28.93 -3.86 14.43
N TYR I 33 -29.69 -3.54 15.48
CA TYR I 33 -30.68 -4.49 16.01
C TYR I 33 -31.82 -4.73 15.03
N GLU I 34 -32.36 -3.66 14.46
CA GLU I 34 -33.41 -3.85 13.46
C GLU I 34 -32.87 -4.57 12.23
N GLU I 35 -31.69 -4.15 11.76
CA GLU I 35 -31.05 -4.84 10.64
C GLU I 35 -30.90 -6.33 10.92
N THR I 36 -30.44 -6.68 12.12
CA THR I 36 -30.22 -8.09 12.43
C THR I 36 -31.55 -8.84 12.41
N ARG I 37 -32.60 -8.21 12.93
CA ARG I 37 -33.91 -8.84 12.92
C ARG I 37 -34.40 -9.13 11.50
N GLY I 38 -34.16 -8.20 10.57
CA GLY I 38 -34.52 -8.48 9.18
C GLY I 38 -33.75 -9.66 8.61
N VAL I 39 -32.45 -9.70 8.89
CA VAL I 39 -31.60 -10.76 8.36
C VAL I 39 -32.00 -12.12 8.94
N LEU I 40 -32.25 -12.17 10.25
CA LEU I 40 -32.70 -13.42 10.84
C LEU I 40 -34.04 -13.88 10.27
N LYS I 41 -34.95 -12.93 10.00
CA LYS I 41 -36.25 -13.31 9.43
C LYS I 41 -36.09 -13.95 8.06
N VAL I 42 -35.23 -13.37 7.21
CA VAL I 42 -35.00 -13.90 5.86
C VAL I 42 -34.41 -15.30 5.93
N PHE I 43 -33.37 -15.46 6.74
CA PHE I 43 -32.78 -16.77 6.99
C PHE I 43 -33.84 -17.80 7.40
N LEU I 44 -34.68 -17.47 8.37
CA LEU I 44 -35.63 -18.49 8.86
C LEU I 44 -36.71 -18.76 7.83
N GLU I 45 -37.23 -17.72 7.15
CA GLU I 45 -38.17 -17.96 6.07
C GLU I 45 -37.58 -18.92 5.03
N ASN I 46 -36.31 -18.70 4.64
CA ASN I 46 -35.73 -19.53 3.60
C ASN I 46 -35.60 -20.99 4.04
N VAL I 47 -35.11 -21.22 5.27
CA VAL I 47 -34.97 -22.59 5.75
C VAL I 47 -36.33 -23.24 6.00
N ILE I 48 -37.25 -22.51 6.62
CA ILE I 48 -38.54 -23.11 6.96
C ILE I 48 -39.30 -23.47 5.69
N ARG I 49 -39.16 -22.67 4.63
CA ARG I 49 -39.88 -22.96 3.39
C ARG I 49 -39.45 -24.29 2.81
N ASP I 50 -38.14 -24.57 2.80
CA ASP I 50 -37.65 -25.83 2.26
C ASP I 50 -37.99 -26.98 3.19
N ALA I 51 -37.88 -26.75 4.50
CA ALA I 51 -38.29 -27.76 5.48
C ALA I 51 -39.73 -28.19 5.26
N VAL I 52 -40.65 -27.21 5.15
CA VAL I 52 -42.05 -27.53 4.90
C VAL I 52 -42.20 -28.34 3.61
N THR I 53 -41.41 -27.99 2.58
CA THR I 53 -41.47 -28.73 1.33
C THR I 53 -41.13 -30.20 1.53
N TYR I 54 -40.07 -30.48 2.31
CA TYR I 54 -39.73 -31.86 2.63
C TYR I 54 -40.86 -32.51 3.41
N THR I 55 -41.36 -31.84 4.45
CA THR I 55 -42.45 -32.38 5.25
C THR I 55 -43.66 -32.69 4.39
N GLU I 56 -43.99 -31.80 3.45
CA GLU I 56 -45.19 -31.99 2.64
C GLU I 56 -44.98 -33.09 1.62
N HIS I 57 -43.78 -33.15 1.04
CA HIS I 57 -43.48 -34.23 0.12
C HIS I 57 -43.79 -35.57 0.76
N ALA I 58 -43.40 -35.74 2.03
CA ALA I 58 -43.64 -36.96 2.79
C ALA I 58 -45.09 -37.10 3.27
N LYS I 59 -45.97 -36.19 2.89
CA LYS I 59 -47.37 -36.19 3.31
C LYS I 59 -47.50 -36.18 4.84
N ARG I 60 -46.55 -35.56 5.53
CA ARG I 60 -46.68 -35.32 6.95
C ARG I 60 -47.09 -33.87 7.18
N LYS I 61 -47.55 -33.57 8.39
CA LYS I 61 -47.89 -32.20 8.72
C LYS I 61 -47.11 -31.68 9.91
N THR I 62 -46.15 -32.46 10.41
CA THR I 62 -45.24 -32.02 11.47
C THR I 62 -43.83 -32.00 10.90
N VAL I 63 -43.17 -30.85 10.98
CA VAL I 63 -41.78 -30.75 10.55
C VAL I 63 -40.90 -31.37 11.61
N THR I 64 -39.98 -32.24 11.19
CA THR I 64 -39.03 -32.90 12.07
C THR I 64 -37.66 -32.23 11.99
N ALA I 65 -36.83 -32.51 12.99
CA ALA I 65 -35.44 -32.07 12.94
C ALA I 65 -34.75 -32.53 11.66
N MET I 66 -35.08 -33.73 11.19
CA MET I 66 -34.51 -34.24 9.94
C MET I 66 -34.91 -33.37 8.74
N ASP I 67 -36.19 -32.98 8.67
CA ASP I 67 -36.61 -32.05 7.64
C ASP I 67 -35.79 -30.76 7.68
N VAL I 68 -35.56 -30.23 8.89
CA VAL I 68 -34.78 -29.01 9.00
C VAL I 68 -33.32 -29.27 8.62
N VAL I 69 -32.78 -30.41 9.05
CA VAL I 69 -31.43 -30.79 8.67
C VAL I 69 -31.31 -30.87 7.14
N TYR I 70 -32.35 -31.39 6.47
CA TYR I 70 -32.30 -31.45 5.01
C TYR I 70 -32.43 -30.07 4.40
N ALA I 71 -33.33 -29.25 4.93
CA ALA I 71 -33.46 -27.90 4.39
C ALA I 71 -32.13 -27.17 4.46
N LEU I 72 -31.43 -27.30 5.60
CA LEU I 72 -30.16 -26.59 5.76
C LEU I 72 -29.12 -27.11 4.76
N LYS I 73 -29.10 -28.43 4.54
CA LYS I 73 -28.16 -28.99 3.57
C LYS I 73 -28.44 -28.46 2.16
N ARG I 74 -29.71 -28.39 1.75
CA ARG I 74 -30.03 -27.88 0.43
C ARG I 74 -29.56 -26.44 0.25
N GLN I 75 -29.36 -25.71 1.34
CA GLN I 75 -28.85 -24.34 1.28
C GLN I 75 -27.38 -24.24 1.61
N GLY I 76 -26.67 -25.37 1.62
CA GLY I 76 -25.24 -25.37 1.86
C GLY I 76 -24.80 -25.10 3.27
N ARG I 77 -25.66 -25.37 4.26
CA ARG I 77 -25.34 -25.11 5.66
C ARG I 77 -25.51 -26.39 6.47
N THR I 78 -24.68 -27.40 6.18
CA THR I 78 -24.73 -28.67 6.92
C THR I 78 -24.65 -28.49 8.44
N LEU I 79 -25.62 -29.08 9.14
CA LEU I 79 -25.71 -28.99 10.60
C LEU I 79 -25.48 -30.38 11.20
N TYR I 80 -24.55 -30.48 12.15
CA TYR I 80 -24.24 -31.71 12.87
C TYR I 80 -24.90 -31.69 14.24
N GLY I 81 -25.46 -32.83 14.64
CA GLY I 81 -25.97 -33.02 15.99
C GLY I 81 -27.44 -33.39 16.07
N PHE I 82 -28.13 -33.49 14.93
CA PHE I 82 -29.59 -33.76 14.98
C PHE I 82 -29.99 -34.92 14.06
N GLY I 83 -29.07 -35.86 13.79
CA GLY I 83 -29.40 -37.01 12.93
C GLY I 83 -29.23 -38.32 13.71
N PRO J 12 -37.51 -18.88 33.62
CA PRO J 12 -37.11 -20.17 33.06
C PRO J 12 -36.97 -20.13 31.54
N ASN J 13 -35.80 -20.49 31.03
CA ASN J 13 -35.47 -20.32 29.61
C ASN J 13 -35.60 -21.66 28.91
N GLU J 14 -36.84 -22.03 28.62
CA GLU J 14 -37.14 -23.28 27.95
C GLU J 14 -38.15 -23.02 26.86
N TYR J 15 -38.30 -23.99 25.96
CA TYR J 15 -39.42 -23.96 25.04
C TYR J 15 -40.71 -24.25 25.79
N ASP J 16 -41.81 -23.77 25.25
CA ASP J 16 -43.12 -23.99 25.85
C ASP J 16 -43.74 -25.21 25.16
N LEU J 17 -43.61 -26.38 25.80
CA LEU J 17 -44.11 -27.60 25.17
C LEU J 17 -45.62 -27.71 25.19
N ASN J 18 -46.31 -26.85 25.94
CA ASN J 18 -47.77 -26.81 25.88
C ASN J 18 -48.29 -26.07 24.66
N ASP J 19 -47.42 -25.38 23.94
CA ASP J 19 -47.78 -24.78 22.66
C ASP J 19 -48.36 -25.83 21.74
N SER J 20 -49.59 -25.59 21.27
CA SER J 20 -50.23 -26.48 20.32
C SER J 20 -49.45 -26.55 19.02
N PHE J 21 -48.52 -25.62 18.80
CA PHE J 21 -47.71 -25.64 17.59
C PHE J 21 -46.64 -26.72 17.64
N LEU J 22 -46.31 -27.21 18.83
CA LEU J 22 -45.32 -28.27 18.99
C LEU J 22 -46.01 -29.63 19.04
N ASP J 23 -45.58 -30.53 18.20
CA ASP J 23 -46.09 -31.88 18.18
C ASP J 23 -44.95 -32.83 18.33
N ASP J 24 -44.59 -33.17 19.55
CA ASP J 24 -43.50 -34.11 19.76
C ASP J 24 -43.87 -35.59 19.54
N GLU J 25 -42.95 -36.31 18.91
CA GLU J 25 -43.16 -37.72 18.58
C GLU J 25 -43.30 -38.59 19.81
N GLU J 26 -42.42 -38.41 20.77
CA GLU J 26 -42.54 -39.14 21.98
C GLU J 26 -43.79 -38.64 22.59
N GLU J 27 -43.79 -37.38 22.96
CA GLU J 27 -44.94 -36.72 23.59
C GLU J 27 -45.51 -37.45 24.81
N ASP J 28 -44.66 -38.02 25.63
CA ASP J 28 -44.98 -38.46 26.95
C ASP J 28 -43.99 -37.72 27.82
N TYR J 29 -42.72 -37.96 27.54
CA TYR J 29 -41.60 -37.35 28.22
C TYR J 29 -41.31 -35.93 27.81
N GLU J 30 -40.86 -35.12 28.75
CA GLU J 30 -40.24 -33.86 28.43
C GLU J 30 -38.78 -33.99 28.06
N PRO J 31 -38.37 -33.32 26.98
CA PRO J 31 -36.97 -33.19 26.62
C PRO J 31 -36.24 -32.43 27.66
N THR J 32 -35.04 -32.87 28.01
CA THR J 32 -34.15 -32.07 28.83
C THR J 32 -32.90 -31.74 28.02
N ASP J 33 -32.24 -30.65 28.42
CA ASP J 33 -31.13 -30.08 27.68
C ASP J 33 -29.79 -30.69 28.06
N GLU J 34 -29.78 -31.58 29.05
CA GLU J 34 -28.52 -32.02 29.63
C GLU J 34 -27.83 -33.03 28.73
N ASP J 35 -26.53 -32.88 28.62
CA ASP J 35 -25.67 -33.89 28.04
C ASP J 35 -25.52 -35.04 29.03
N SER J 36 -25.07 -36.18 28.52
CA SER J 36 -24.81 -37.31 29.38
C SER J 36 -23.73 -38.17 28.75
N ASP J 37 -23.07 -38.96 29.59
CA ASP J 37 -22.04 -39.86 29.10
C ASP J 37 -22.63 -40.85 28.11
N TRP J 38 -21.98 -40.99 26.96
CA TRP J 38 -22.34 -42.03 26.01
C TRP J 38 -21.54 -43.27 26.39
N GLU J 39 -22.22 -44.36 26.67
CA GLU J 39 -21.57 -45.63 26.98
C GLU J 39 -22.20 -46.76 26.19
N PRO J 40 -21.46 -47.86 25.97
CA PRO J 40 -22.01 -49.05 25.31
C PRO J 40 -22.74 -49.98 26.28
N THR K 5 40.89 27.84 46.92
CA THR K 5 39.49 27.42 47.03
C THR K 5 39.34 25.90 47.15
N ARG K 6 38.11 25.43 47.35
CA ARG K 6 37.86 24.00 47.50
C ARG K 6 38.20 23.25 46.22
N SER K 7 37.94 23.85 45.06
CA SER K 7 38.27 23.19 43.80
C SER K 7 39.77 23.06 43.62
N SER K 8 40.51 24.15 43.82
CA SER K 8 41.96 24.06 43.73
C SER K 8 42.49 22.95 44.63
N ARG K 9 41.91 22.81 45.83
CA ARG K 9 42.38 21.81 46.78
C ARG K 9 42.19 20.39 46.26
N ALA K 10 41.20 20.17 45.40
CA ALA K 10 40.95 18.88 44.80
C ALA K 10 41.61 18.71 43.43
N GLY K 11 42.30 19.74 42.94
CA GLY K 11 42.92 19.67 41.63
C GLY K 11 41.94 19.80 40.47
N LEU K 12 40.87 20.58 40.64
CA LEU K 12 39.78 20.64 39.69
C LEU K 12 39.61 22.05 39.11
N GLN K 13 39.13 22.11 37.88
CA GLN K 13 38.57 23.35 37.36
C GLN K 13 37.08 23.49 37.67
N PHE K 14 36.35 22.38 37.85
CA PHE K 14 34.92 22.49 38.09
C PHE K 14 34.64 22.95 39.52
N PRO K 15 33.49 23.62 39.75
CA PRO K 15 33.26 24.29 41.03
C PRO K 15 32.77 23.38 42.14
N VAL K 16 33.67 22.93 43.02
CA VAL K 16 33.30 22.04 44.11
C VAL K 16 32.25 22.69 44.99
N GLY K 17 32.40 24.00 45.23
CA GLY K 17 31.43 24.72 46.03
C GLY K 17 30.03 24.70 45.44
N ARG K 18 29.89 25.05 44.17
CA ARG K 18 28.53 25.10 43.62
C ARG K 18 27.92 23.70 43.55
N VAL K 19 28.70 22.70 43.12
CA VAL K 19 28.20 21.34 43.11
C VAL K 19 27.70 20.95 44.50
N HIS K 20 28.39 21.41 45.55
CA HIS K 20 27.94 21.08 46.90
C HIS K 20 26.59 21.74 47.22
N ARG K 21 26.46 23.04 46.95
CA ARG K 21 25.19 23.72 47.21
C ARG K 21 24.06 23.14 46.38
N LEU K 22 24.37 22.75 45.15
CA LEU K 22 23.37 22.13 44.29
C LEU K 22 22.99 20.74 44.79
N LEU K 23 23.96 20.00 45.34
CA LEU K 23 23.62 18.72 45.95
C LEU K 23 22.72 18.92 47.16
N ARG K 24 22.98 19.95 47.95
CA ARG K 24 22.10 20.21 49.08
C ARG K 24 20.77 20.82 48.65
N LYS K 25 20.77 21.66 47.61
CA LYS K 25 19.50 22.27 47.18
C LYS K 25 18.59 21.22 46.55
N GLY K 26 19.17 20.17 45.96
CA GLY K 26 18.37 19.16 45.30
C GLY K 26 17.57 18.22 46.18
N ASN K 27 17.77 18.23 47.50
CA ASN K 27 17.05 17.31 48.41
C ASN K 27 17.26 15.86 47.98
N TYR K 28 18.52 15.48 47.86
CA TYR K 28 18.88 14.12 47.54
C TYR K 28 19.07 13.25 48.78
N ALA K 29 19.53 13.86 49.88
CA ALA K 29 19.54 13.20 51.18
C ALA K 29 19.56 14.29 52.24
N GLU K 30 19.35 13.90 53.50
CA GLU K 30 19.39 14.89 54.57
C GLU K 30 20.73 15.61 54.63
N ARG K 31 21.82 14.91 54.32
CA ARG K 31 23.15 15.44 54.46
C ARG K 31 23.98 15.02 53.27
N VAL K 32 24.81 15.93 52.79
CA VAL K 32 25.78 15.65 51.76
C VAL K 32 27.15 15.77 52.39
N GLY K 33 27.90 14.68 52.42
CA GLY K 33 29.26 14.73 52.92
C GLY K 33 30.20 15.48 51.98
N ALA K 34 31.26 16.05 52.56
CA ALA K 34 32.13 16.96 51.83
C ALA K 34 32.89 16.27 50.71
N GLY K 35 33.10 14.96 50.80
CA GLY K 35 33.75 14.26 49.70
C GLY K 35 32.87 14.04 48.50
N ALA K 36 31.54 14.13 48.68
CA ALA K 36 30.64 13.85 47.58
C ALA K 36 30.71 14.93 46.48
N PRO K 37 30.72 16.23 46.81
CA PRO K 37 30.84 17.22 45.72
C PRO K 37 32.19 17.21 45.06
N VAL K 38 33.26 16.87 45.80
CA VAL K 38 34.58 16.75 45.20
C VAL K 38 34.59 15.64 44.15
N TYR K 39 34.08 14.47 44.52
CA TYR K 39 34.05 13.34 43.60
C TYR K 39 33.17 13.67 42.39
N LEU K 40 31.96 14.15 42.63
CA LEU K 40 31.03 14.45 41.54
C LEU K 40 31.59 15.53 40.62
N ALA K 41 32.14 16.60 41.22
CA ALA K 41 32.73 17.67 40.42
C ALA K 41 33.84 17.13 39.50
N ALA K 42 34.68 16.24 40.03
CA ALA K 42 35.71 15.63 39.21
C ALA K 42 35.10 14.80 38.08
N VAL K 43 34.06 14.02 38.38
CA VAL K 43 33.48 13.20 37.32
C VAL K 43 32.89 14.08 36.23
N LEU K 44 32.23 15.17 36.62
CA LEU K 44 31.67 16.08 35.62
C LEU K 44 32.78 16.71 34.78
N GLU K 45 33.88 17.13 35.43
CA GLU K 45 35.01 17.64 34.66
C GLU K 45 35.56 16.60 33.70
N TYR K 46 35.65 15.35 34.15
CA TYR K 46 36.19 14.29 33.30
C TYR K 46 35.35 14.09 32.05
N LEU K 47 34.04 14.02 32.19
CA LEU K 47 33.20 13.74 31.07
C LEU K 47 33.15 14.92 30.12
N THR K 48 33.12 16.11 30.68
CA THR K 48 33.21 17.32 29.88
C THR K 48 34.46 17.32 29.02
N ALA K 49 35.59 16.89 29.57
CA ALA K 49 36.84 16.89 28.81
C ALA K 49 36.80 15.83 27.71
N GLU K 50 36.22 14.67 28.00
CA GLU K 50 36.03 13.64 26.99
C GLU K 50 35.29 14.20 25.78
N ILE K 51 34.08 14.74 26.02
CA ILE K 51 33.28 15.28 24.93
C ILE K 51 34.04 16.40 24.22
N LEU K 52 34.61 17.33 24.98
CA LEU K 52 35.30 18.45 24.34
C LEU K 52 36.48 17.95 23.52
N GLU K 53 37.19 16.92 24.04
CA GLU K 53 38.32 16.38 23.30
C GLU K 53 37.88 15.82 21.96
N LEU K 54 36.84 14.99 21.97
CA LEU K 54 36.38 14.35 20.74
C LEU K 54 35.70 15.36 19.80
N ALA K 55 34.92 16.29 20.34
CA ALA K 55 34.33 17.32 19.49
C ALA K 55 35.39 18.25 18.89
N GLY K 56 36.45 18.54 19.66
CA GLY K 56 37.59 19.26 19.08
C GLY K 56 38.24 18.49 17.94
N ASN K 57 38.33 17.16 18.07
CA ASN K 57 38.83 16.36 16.96
C ASN K 57 37.95 16.50 15.73
N ALA K 58 36.63 16.45 15.92
CA ALA K 58 35.74 16.55 14.76
C ALA K 58 35.84 17.92 14.10
N ALA K 59 35.91 18.98 14.91
CA ALA K 59 36.08 20.32 14.36
C ALA K 59 37.36 20.42 13.53
N ARG K 60 38.48 19.93 14.06
CA ARG K 60 39.71 20.04 13.28
C ARG K 60 39.72 19.09 12.08
N ASP K 61 39.11 17.91 12.20
CA ASP K 61 39.00 17.02 11.04
C ASP K 61 38.25 17.68 9.91
N ASN K 62 37.32 18.58 10.22
CA ASN K 62 36.60 19.36 9.24
C ASN K 62 37.28 20.70 8.93
N LYS K 63 38.52 20.89 9.41
CA LYS K 63 39.23 22.17 9.30
C LYS K 63 38.37 23.34 9.81
N LYS K 64 37.89 23.22 11.04
CA LYS K 64 37.13 24.28 11.68
C LYS K 64 37.90 24.79 12.90
N THR K 65 37.74 26.08 13.19
CA THR K 65 38.35 26.69 14.36
C THR K 65 37.47 26.59 15.60
N ARG K 66 36.19 26.29 15.44
CA ARG K 66 35.19 26.49 16.46
C ARG K 66 34.37 25.21 16.59
N ILE K 67 34.05 24.82 17.82
CA ILE K 67 33.15 23.70 18.08
C ILE K 67 31.70 24.19 17.99
N ILE K 68 30.93 23.60 17.09
CA ILE K 68 29.50 23.92 16.97
C ILE K 68 28.71 22.64 17.29
N PRO K 69 27.36 22.71 17.44
CA PRO K 69 26.62 21.50 17.84
C PRO K 69 26.91 20.28 16.99
N ARG K 70 27.05 20.45 15.67
CA ARG K 70 27.39 19.36 14.77
C ARG K 70 28.62 18.56 15.26
N HIS K 71 29.66 19.26 15.71
CA HIS K 71 30.85 18.54 16.18
C HIS K 71 30.57 17.78 17.48
N LEU K 72 29.79 18.38 18.38
CA LEU K 72 29.42 17.65 19.59
C LEU K 72 28.67 16.37 19.24
N GLN K 73 27.75 16.47 18.30
CA GLN K 73 27.00 15.31 17.87
C GLN K 73 27.90 14.27 17.19
N LEU K 74 28.81 14.71 16.33
CA LEU K 74 29.67 13.75 15.65
C LEU K 74 30.55 13.01 16.66
N ALA K 75 31.00 13.70 17.71
CA ALA K 75 31.87 13.05 18.68
C ALA K 75 31.09 12.04 19.49
N VAL K 76 29.88 12.38 19.88
CA VAL K 76 29.10 11.45 20.69
C VAL K 76 28.74 10.21 19.88
N ARG K 77 28.26 10.39 18.65
CA ARG K 77 27.82 9.23 17.87
C ARG K 77 28.99 8.39 17.32
N ASN K 78 30.23 8.87 17.37
CA ASN K 78 31.34 8.05 16.90
C ASN K 78 32.06 7.35 18.04
N ASP K 79 31.84 7.77 19.29
CA ASP K 79 32.42 7.08 20.43
C ASP K 79 31.39 6.12 20.99
N GLU K 80 31.75 4.84 21.01
CA GLU K 80 30.87 3.79 21.54
C GLU K 80 30.31 4.13 22.91
N GLU K 81 31.14 4.63 23.81
CA GLU K 81 30.67 4.77 25.19
C GLU K 81 29.85 6.04 25.37
N LEU K 82 30.32 7.15 24.80
CA LEU K 82 29.51 8.36 24.83
C LEU K 82 28.17 8.13 24.14
N ASN K 83 28.17 7.30 23.08
CA ASN K 83 26.92 7.02 22.38
C ASN K 83 25.92 6.32 23.29
N LYS K 84 26.38 5.38 24.11
CA LYS K 84 25.42 4.72 24.98
C LYS K 84 25.05 5.62 26.16
N LEU K 85 26.01 6.41 26.64
CA LEU K 85 25.75 7.35 27.77
C LEU K 85 24.68 8.38 27.36
N LEU K 86 24.75 8.89 26.13
CA LEU K 86 23.81 9.89 25.62
C LEU K 86 22.80 9.30 24.64
N GLY K 87 22.30 8.10 24.92
CA GLY K 87 21.51 7.38 23.92
C GLY K 87 20.11 7.94 23.72
N ARG K 88 19.49 8.45 24.79
CA ARG K 88 18.16 9.04 24.68
C ARG K 88 18.20 10.56 24.60
N VAL K 89 19.32 11.12 24.13
CA VAL K 89 19.55 12.57 24.11
C VAL K 89 19.45 13.10 22.70
N THR K 90 18.72 14.21 22.55
CA THR K 90 18.68 14.98 21.31
C THR K 90 19.55 16.23 21.46
N ILE K 91 20.56 16.35 20.59
CA ILE K 91 21.44 17.51 20.51
C ILE K 91 20.91 18.41 19.40
N ALA K 92 20.25 19.51 19.78
CA ALA K 92 19.70 20.44 18.81
C ALA K 92 20.76 20.90 17.82
N GLN K 93 20.38 21.03 16.55
CA GLN K 93 21.30 21.41 15.49
C GLN K 93 22.49 20.43 15.37
N GLY K 94 22.30 19.18 15.76
CA GLY K 94 23.36 18.20 15.63
C GLY K 94 23.31 17.35 14.38
N GLY K 95 22.12 17.21 13.76
CA GLY K 95 21.99 16.34 12.60
C GLY K 95 22.29 14.89 12.97
N VAL K 96 22.41 14.06 11.94
CA VAL K 96 22.74 12.66 12.13
C VAL K 96 24.16 12.42 11.64
N LEU K 97 24.70 11.28 12.05
CA LEU K 97 25.97 10.79 11.56
C LEU K 97 25.75 10.25 10.15
N PRO K 98 26.47 10.75 9.14
CA PRO K 98 26.24 10.28 7.77
C PRO K 98 26.49 8.78 7.66
N ASN K 99 25.47 8.05 7.20
CA ASN K 99 25.57 6.61 7.04
C ASN K 99 24.41 6.12 6.16
N ILE K 100 24.74 5.38 5.12
CA ILE K 100 23.75 4.80 4.22
C ILE K 100 23.88 3.29 4.31
N GLN K 101 22.76 2.61 4.59
CA GLN K 101 22.72 1.16 4.55
C GLN K 101 23.32 0.64 3.25
N SER K 102 24.24 -0.32 3.37
CA SER K 102 25.08 -0.72 2.24
C SER K 102 24.28 -1.41 1.13
N VAL K 103 23.14 -2.00 1.45
CA VAL K 103 22.31 -2.61 0.41
C VAL K 103 21.70 -1.54 -0.49
N LEU K 104 21.69 -0.29 -0.05
CA LEU K 104 21.19 0.81 -0.86
C LEU K 104 22.25 1.41 -1.80
N LEU K 105 23.50 0.96 -1.67
CA LEU K 105 24.61 1.52 -2.48
C LEU K 105 24.89 0.65 -3.71
N PRO K 106 25.36 1.23 -4.83
CA PRO K 106 25.67 0.46 -6.02
C PRO K 106 26.85 -0.48 -5.71
N LYS K 107 26.67 -1.78 -5.95
CA LYS K 107 27.74 -2.76 -5.67
C LYS K 107 28.43 -3.16 -6.99
N SER L 11 24.97 28.38 35.74
CA SER L 11 25.57 27.80 34.52
C SER L 11 27.05 27.39 34.72
N TYR L 12 27.49 26.41 33.92
CA TYR L 12 28.83 25.83 34.03
C TYR L 12 29.77 26.31 32.91
N ALA L 13 29.34 27.32 32.15
CA ALA L 13 30.01 27.65 30.89
C ALA L 13 31.46 28.05 31.10
N ILE L 14 31.76 28.82 32.15
CA ILE L 14 33.13 29.29 32.32
C ILE L 14 34.07 28.12 32.64
N TYR L 15 33.58 27.09 33.34
CA TYR L 15 34.40 25.92 33.62
C TYR L 15 34.52 25.02 32.41
N VAL L 16 33.43 24.90 31.63
CA VAL L 16 33.51 24.22 30.34
C VAL L 16 34.61 24.86 29.49
N TYR L 17 34.61 26.19 29.44
CA TYR L 17 35.60 26.91 28.66
C TYR L 17 37.01 26.65 29.18
N LYS L 18 37.16 26.54 30.51
CA LYS L 18 38.48 26.27 31.07
C LYS L 18 38.98 24.90 30.63
N VAL L 19 38.10 23.90 30.66
CA VAL L 19 38.49 22.56 30.21
C VAL L 19 38.82 22.59 28.71
N LEU L 20 37.98 23.25 27.92
CA LEU L 20 38.24 23.32 26.48
C LEU L 20 39.64 23.83 26.20
N LYS L 21 40.09 24.87 26.93
CA LYS L 21 41.43 25.41 26.72
C LYS L 21 42.52 24.44 27.14
N GLN L 22 42.24 23.50 28.05
CA GLN L 22 43.25 22.49 28.37
C GLN L 22 43.34 21.42 27.30
N VAL L 23 42.20 20.98 26.75
CA VAL L 23 42.24 19.93 25.75
C VAL L 23 42.55 20.47 24.36
N HIS L 24 42.04 21.65 24.01
CA HIS L 24 42.22 22.21 22.67
C HIS L 24 42.48 23.70 22.80
N PRO L 25 43.71 24.08 23.14
CA PRO L 25 44.00 25.51 23.42
C PRO L 25 43.64 26.45 22.29
N ASP L 26 43.72 26.01 21.03
CA ASP L 26 43.46 26.90 19.91
C ASP L 26 42.03 26.77 19.37
N THR L 27 41.15 26.10 20.08
CA THR L 27 39.81 25.79 19.59
C THR L 27 38.77 26.60 20.36
N GLY L 28 37.92 27.33 19.61
CA GLY L 28 36.80 28.02 20.22
C GLY L 28 35.57 27.13 20.34
N ILE L 29 34.53 27.71 20.93
CA ILE L 29 33.23 27.04 21.03
C ILE L 29 32.14 28.07 20.79
N SER L 30 31.12 27.70 20.01
CA SER L 30 30.02 28.61 19.75
C SER L 30 29.11 28.71 20.97
N SER L 31 28.15 29.65 20.91
CA SER L 31 27.21 29.80 22.01
C SER L 31 26.14 28.73 21.99
N LYS L 32 25.74 28.27 20.81
CA LYS L 32 24.81 27.16 20.76
C LYS L 32 25.47 25.90 21.32
N ALA L 33 26.77 25.71 21.05
CA ALA L 33 27.46 24.53 21.56
C ALA L 33 27.72 24.65 23.05
N MET L 34 27.98 25.86 23.53
CA MET L 34 28.10 26.05 24.97
C MET L 34 26.81 25.69 25.67
N SER L 35 25.67 25.99 25.04
CA SER L 35 24.37 25.64 25.60
C SER L 35 24.19 24.14 25.71
N ILE L 36 24.52 23.41 24.64
CA ILE L 36 24.48 21.94 24.69
C ILE L 36 25.33 21.44 25.84
N MET L 37 26.52 22.04 26.02
CA MET L 37 27.45 21.55 27.02
C MET L 37 26.93 21.79 28.43
N ASN L 38 26.33 22.95 28.65
CA ASN L 38 25.68 23.20 29.93
C ASN L 38 24.55 22.22 30.17
N SER L 39 23.73 21.98 29.13
CA SER L 39 22.69 20.96 29.23
C SER L 39 23.31 19.61 29.60
N PHE L 40 24.50 19.31 29.06
CA PHE L 40 25.12 18.01 29.28
C PHE L 40 25.52 17.85 30.74
N VAL L 41 26.18 18.87 31.29
CA VAL L 41 26.61 18.83 32.69
C VAL L 41 25.43 18.69 33.62
N ASN L 42 24.37 19.47 33.39
CA ASN L 42 23.19 19.36 34.24
C ASN L 42 22.58 17.96 34.16
N ASP L 43 22.53 17.37 32.96
CA ASP L 43 21.95 16.04 32.79
C ASP L 43 22.75 15.00 33.55
N VAL L 44 24.08 15.04 33.40
CA VAL L 44 24.92 14.04 34.07
C VAL L 44 24.86 14.25 35.58
N PHE L 45 24.98 15.50 36.03
CA PHE L 45 24.75 15.81 37.43
C PHE L 45 23.46 15.17 37.93
N GLU L 46 22.36 15.37 37.20
CA GLU L 46 21.06 14.92 37.70
C GLU L 46 20.97 13.41 37.73
N ARG L 47 21.52 12.75 36.72
CA ARG L 47 21.51 11.29 36.72
C ARG L 47 22.31 10.73 37.87
N ILE L 48 23.51 11.29 38.11
CA ILE L 48 24.40 10.73 39.14
C ILE L 48 23.83 10.96 40.52
N ALA L 49 23.50 12.21 40.84
CA ALA L 49 22.93 12.56 42.14
C ALA L 49 21.62 11.83 42.36
N GLY L 50 20.85 11.64 41.29
CA GLY L 50 19.60 10.91 41.43
C GLY L 50 19.82 9.47 41.86
N GLU L 51 20.76 8.78 41.19
CA GLU L 51 21.01 7.37 41.55
C GLU L 51 21.69 7.25 42.91
N ALA L 52 22.61 8.17 43.22
CA ALA L 52 23.23 8.19 44.54
C ALA L 52 22.17 8.36 45.64
N SER L 53 21.22 9.27 45.44
CA SER L 53 20.09 9.40 46.36
C SER L 53 19.31 8.09 46.52
N ARG L 54 19.10 7.39 45.41
CA ARG L 54 18.39 6.09 45.46
C ARG L 54 19.23 5.11 46.30
N LEU L 55 20.52 5.03 46.03
CA LEU L 55 21.44 4.17 46.76
C LEU L 55 21.35 4.41 48.26
N ALA L 56 21.43 5.67 48.67
CA ALA L 56 21.35 5.96 50.11
C ALA L 56 20.02 5.52 50.69
N HIS L 57 18.92 5.76 49.96
CA HIS L 57 17.60 5.35 50.46
C HIS L 57 17.47 3.83 50.50
N TYR L 58 17.90 3.14 49.44
CA TYR L 58 17.94 1.69 49.47
C TYR L 58 18.74 1.19 50.68
N ASN L 59 19.82 1.88 51.03
CA ASN L 59 20.65 1.44 52.14
C ASN L 59 20.28 2.11 53.45
N LYS L 60 19.13 2.78 53.49
CA LYS L 60 18.61 3.39 54.71
C LYS L 60 19.64 4.30 55.36
N ARG L 61 20.40 4.99 54.52
CA ARG L 61 21.29 6.06 54.93
C ARG L 61 20.66 7.42 54.70
N SER L 62 21.07 8.38 55.52
CA SER L 62 20.64 9.76 55.39
C SER L 62 21.76 10.69 54.94
N THR L 63 22.90 10.14 54.51
CA THR L 63 24.00 10.95 54.00
C THR L 63 24.48 10.40 52.68
N ILE L 64 24.64 11.28 51.71
CA ILE L 64 25.35 10.94 50.48
C ILE L 64 26.81 11.28 50.69
N THR L 65 27.67 10.29 50.50
CA THR L 65 29.12 10.43 50.52
C THR L 65 29.66 10.13 49.13
N SER L 66 30.98 10.20 49.00
CA SER L 66 31.60 9.85 47.73
C SER L 66 31.41 8.38 47.39
N ARG L 67 31.09 7.53 48.37
CA ARG L 67 30.82 6.14 48.03
C ARG L 67 29.56 6.02 47.19
N GLU L 68 28.52 6.81 47.52
CA GLU L 68 27.29 6.77 46.73
C GLU L 68 27.51 7.38 45.35
N ILE L 69 28.31 8.45 45.26
CA ILE L 69 28.62 8.97 43.94
C ILE L 69 29.37 7.93 43.13
N GLN L 70 30.34 7.25 43.75
CA GLN L 70 31.11 6.24 43.04
C GLN L 70 30.21 5.13 42.53
N THR L 71 29.42 4.51 43.41
CA THR L 71 28.54 3.42 42.99
C THR L 71 27.56 3.87 41.92
N ALA L 72 27.05 5.10 42.05
CA ALA L 72 26.18 5.65 41.01
C ALA L 72 26.92 5.77 39.70
N VAL L 73 28.15 6.23 39.73
CA VAL L 73 28.89 6.34 38.51
C VAL L 73 29.09 5.00 37.86
N ARG L 74 29.32 3.97 38.63
CA ARG L 74 29.46 2.64 38.09
C ARG L 74 28.21 2.13 37.41
N LEU L 75 27.07 2.38 38.02
CA LEU L 75 25.80 2.03 37.46
C LEU L 75 25.46 2.75 36.16
N LEU L 76 25.85 3.99 36.03
CA LEU L 76 25.33 4.84 34.99
C LEU L 76 26.24 4.93 33.80
N LEU L 77 27.53 4.92 34.05
CA LEU L 77 28.49 5.09 32.94
C LEU L 77 28.89 3.74 32.39
N PRO L 78 28.98 3.60 31.06
CA PRO L 78 29.47 2.37 30.46
C PRO L 78 30.96 2.11 30.73
N GLY L 79 31.32 0.84 30.63
CA GLY L 79 32.66 0.25 30.81
C GLY L 79 33.83 1.17 31.10
N GLU L 80 34.55 1.57 30.06
CA GLU L 80 35.79 2.38 30.22
C GLU L 80 35.54 3.76 30.82
N LEU L 81 34.46 4.42 30.46
CA LEU L 81 34.18 5.69 31.04
C LEU L 81 34.04 5.59 32.52
N ALA L 82 33.53 4.50 33.00
CA ALA L 82 33.27 4.40 34.40
C ALA L 82 34.55 4.20 35.17
N LYS L 83 35.46 3.41 34.63
CA LYS L 83 36.75 3.21 35.28
C LYS L 83 37.54 4.50 35.35
N HIS L 84 37.50 5.29 34.28
CA HIS L 84 38.27 6.52 34.31
C HIS L 84 37.60 7.57 35.19
N ALA L 85 36.27 7.58 35.15
CA ALA L 85 35.48 8.51 35.99
C ALA L 85 35.76 8.20 37.47
N VAL L 86 35.76 6.91 37.83
CA VAL L 86 36.06 6.49 39.20
C VAL L 86 37.49 6.86 39.56
N SER L 87 38.43 6.62 38.64
CA SER L 87 39.83 6.95 38.90
C SER L 87 40.00 8.45 39.09
N GLU L 88 39.32 9.26 38.27
CA GLU L 88 39.38 10.71 38.44
C GLU L 88 38.74 11.16 39.76
N GLY L 89 37.59 10.58 40.11
CA GLY L 89 36.93 10.98 41.35
C GLY L 89 37.72 10.59 42.58
N THR L 90 38.25 9.36 42.58
CA THR L 90 39.05 8.92 43.71
C THR L 90 40.26 9.82 43.91
N LYS L 91 40.97 10.15 42.82
CA LYS L 91 42.12 11.04 42.93
C LYS L 91 41.73 12.41 43.46
N ALA L 92 40.64 12.97 42.95
CA ALA L 92 40.21 14.28 43.43
C ALA L 92 39.99 14.27 44.94
N VAL L 93 39.44 13.18 45.48
CA VAL L 93 39.14 13.13 46.91
C VAL L 93 40.42 12.97 47.73
N THR L 94 41.34 12.09 47.30
CA THR L 94 42.60 11.94 48.03
C THR L 94 43.36 13.26 48.10
N LYS L 95 43.49 13.95 46.96
CA LYS L 95 44.16 15.25 46.94
C LYS L 95 43.47 16.25 47.86
N TYR L 96 42.13 16.25 47.86
CA TYR L 96 41.38 17.21 48.66
C TYR L 96 41.56 16.98 50.16
N THR L 97 41.59 15.72 50.57
CA THR L 97 41.73 15.39 51.99
C THR L 97 43.19 15.27 52.41
N SER L 98 44.07 16.10 51.85
CA SER L 98 45.44 16.24 52.33
C SER L 98 46.00 17.59 51.91
N HIS M 3 -0.74 -41.00 13.45
CA HIS M 3 0.60 -40.62 13.07
C HIS M 3 0.59 -39.81 11.76
N ARG M 4 0.14 -38.56 11.84
CA ARG M 4 0.01 -37.67 10.68
C ARG M 4 0.80 -36.39 10.95
N TYR M 5 1.42 -35.86 9.89
CA TYR M 5 2.33 -34.72 10.00
C TYR M 5 1.52 -33.43 10.02
N ARG M 6 1.27 -32.88 11.21
CA ARG M 6 0.39 -31.72 11.37
C ARG M 6 1.11 -30.62 12.13
N PRO M 7 2.23 -30.14 11.61
CA PRO M 7 3.09 -29.28 12.45
C PRO M 7 2.41 -28.00 12.89
N GLY M 8 1.58 -27.41 12.02
CA GLY M 8 0.85 -26.23 12.43
C GLY M 8 -0.10 -26.50 13.58
N THR M 9 -0.78 -27.67 13.54
CA THR M 9 -1.68 -28.07 14.60
C THR M 9 -0.92 -28.30 15.91
N VAL M 10 0.20 -28.99 15.87
CA VAL M 10 1.04 -29.11 17.06
C VAL M 10 1.42 -27.73 17.60
N ALA M 11 1.94 -26.86 16.73
CA ALA M 11 2.41 -25.55 17.17
C ALA M 11 1.30 -24.77 17.88
N LEU M 12 0.11 -24.71 17.26
CA LEU M 12 -0.99 -23.95 17.83
C LEU M 12 -1.44 -24.50 19.18
N ARG M 13 -1.49 -25.83 19.30
CA ARG M 13 -1.83 -26.41 20.60
C ARG M 13 -0.82 -26.00 21.67
N GLU M 14 0.47 -26.00 21.32
CA GLU M 14 1.46 -25.54 22.27
C GLU M 14 1.30 -24.05 22.59
N ILE M 15 0.94 -23.23 21.59
CA ILE M 15 0.80 -21.81 21.86
C ILE M 15 -0.33 -21.56 22.86
N ARG M 16 -1.46 -22.25 22.63
CA ARG M 16 -2.64 -22.13 23.52
C ARG M 16 -2.28 -22.66 24.91
N ARG M 17 -1.54 -23.77 24.97
CA ARG M 17 -1.13 -24.36 26.25
C ARG M 17 -0.23 -23.42 27.03
N TYR M 18 0.83 -22.89 26.40
CA TYR M 18 1.78 -22.11 27.16
C TYR M 18 1.33 -20.68 27.38
N GLN M 19 0.33 -20.23 26.63
CA GLN M 19 -0.21 -18.89 26.85
C GLN M 19 -1.28 -18.88 27.93
N LYS M 20 -1.87 -20.03 28.23
CA LYS M 20 -2.85 -20.15 29.29
C LYS M 20 -2.17 -20.33 30.63
N SER M 21 -0.97 -20.88 30.62
CA SER M 21 -0.25 -21.20 31.84
C SER M 21 0.70 -20.07 32.20
N THR M 22 1.11 -20.05 33.46
CA THR M 22 1.97 -19.00 33.99
C THR M 22 3.24 -19.56 34.58
N GLU M 23 3.47 -20.87 34.50
CA GLU M 23 4.63 -21.45 35.16
C GLU M 23 5.91 -21.08 34.42
N LEU M 24 7.03 -21.10 35.15
CA LEU M 24 8.33 -20.94 34.51
C LEU M 24 8.61 -22.09 33.53
N LEU M 25 9.12 -21.74 32.36
CA LEU M 25 9.28 -22.66 31.24
C LEU M 25 10.71 -23.19 31.10
N ILE M 26 11.71 -22.53 31.68
CA ILE M 26 13.05 -23.07 31.77
C ILE M 26 13.14 -23.85 33.08
N ARG M 27 13.61 -25.08 33.01
CA ARG M 27 13.77 -25.87 34.23
C ARG M 27 14.65 -25.15 35.25
N LYS M 28 14.28 -25.28 36.52
CA LYS M 28 14.87 -24.44 37.56
C LYS M 28 16.36 -24.74 37.77
N LEU M 29 16.76 -26.02 37.78
CA LEU M 29 18.16 -26.34 38.05
C LEU M 29 19.11 -25.80 36.98
N PRO M 30 18.93 -26.08 35.70
CA PRO M 30 19.82 -25.44 34.70
C PRO M 30 19.80 -23.92 34.77
N PHE M 31 18.67 -23.29 35.06
CA PHE M 31 18.71 -21.83 35.17
C PHE M 31 19.56 -21.39 36.35
N GLN M 32 19.39 -22.03 37.50
CA GLN M 32 20.26 -21.76 38.65
C GLN M 32 21.73 -21.91 38.29
N ARG M 33 22.08 -22.96 37.55
CA ARG M 33 23.47 -23.20 37.24
C ARG M 33 24.00 -22.19 36.23
N LEU M 34 23.15 -21.72 35.30
CA LEU M 34 23.55 -20.64 34.41
C LEU M 34 23.76 -19.34 35.17
N VAL M 35 22.85 -19.01 36.10
CA VAL M 35 23.06 -17.83 36.93
C VAL M 35 24.37 -17.95 37.72
N ARG M 36 24.66 -19.15 38.23
CA ARG M 36 25.84 -19.33 39.07
C ARG M 36 27.14 -19.19 38.26
N GLU M 37 27.18 -19.71 37.03
CA GLU M 37 28.36 -19.48 36.20
C GLU M 37 28.59 -17.99 36.00
N ILE M 38 27.53 -17.26 35.65
CA ILE M 38 27.69 -15.83 35.33
C ILE M 38 28.07 -15.04 36.57
N ALA M 39 27.37 -15.29 37.68
CA ALA M 39 27.67 -14.59 38.92
C ALA M 39 29.09 -14.87 39.39
N GLN M 40 29.48 -16.16 39.40
CA GLN M 40 30.78 -16.50 39.96
C GLN M 40 31.92 -15.99 39.07
N ASP M 41 31.65 -15.70 37.80
CA ASP M 41 32.68 -15.07 36.97
C ASP M 41 32.81 -13.57 37.27
N PHE M 42 31.74 -12.93 37.75
CA PHE M 42 31.89 -11.59 38.28
C PHE M 42 32.71 -11.61 39.56
N LYS M 43 32.26 -12.37 40.55
CA LYS M 43 32.90 -12.44 41.85
C LYS M 43 32.85 -13.87 42.34
N THR M 44 34.02 -14.42 42.67
CA THR M 44 34.14 -15.86 42.88
C THR M 44 33.38 -16.32 44.11
N ASP M 45 33.37 -15.52 45.17
CA ASP M 45 32.79 -15.91 46.46
C ASP M 45 31.40 -15.35 46.65
N LEU M 46 30.81 -14.84 45.59
CA LEU M 46 29.48 -14.28 45.71
C LEU M 46 28.44 -15.38 45.74
N ARG M 47 27.40 -15.16 46.52
CA ARG M 47 26.29 -16.10 46.65
C ARG M 47 24.97 -15.41 46.32
N PHE M 48 23.94 -16.22 46.08
CA PHE M 48 22.61 -15.73 45.74
C PHE M 48 21.59 -16.33 46.69
N GLN M 49 20.65 -15.51 47.14
CA GLN M 49 19.43 -16.08 47.70
C GLN M 49 18.66 -16.80 46.61
N SER M 50 17.99 -17.89 47.00
CA SER M 50 17.15 -18.61 46.03
C SER M 50 16.05 -17.72 45.47
N SER M 51 15.44 -16.86 46.29
CA SER M 51 14.43 -15.97 45.73
C SER M 51 15.06 -14.97 44.77
N ALA M 52 16.35 -14.69 44.92
CA ALA M 52 17.02 -13.82 43.97
C ALA M 52 17.12 -14.49 42.60
N VAL M 53 17.48 -15.79 42.57
CA VAL M 53 17.49 -16.55 41.32
C VAL M 53 16.11 -16.55 40.69
N MET M 54 15.07 -16.76 41.51
CA MET M 54 13.71 -16.83 40.96
C MET M 54 13.26 -15.47 40.42
N ALA M 55 13.57 -14.39 41.12
CA ALA M 55 13.36 -13.05 40.55
C ALA M 55 14.07 -12.91 39.20
N LEU M 56 15.35 -13.33 39.13
CA LEU M 56 16.06 -13.31 37.87
C LEU M 56 15.36 -14.17 36.82
N GLN M 57 14.85 -15.33 37.23
CA GLN M 57 14.26 -16.22 36.24
C GLN M 57 12.95 -15.66 35.70
N GLU M 58 12.13 -15.08 36.59
CA GLU M 58 10.87 -14.48 36.14
C GLU M 58 11.15 -13.34 35.17
N ALA M 59 12.08 -12.46 35.52
CA ALA M 59 12.45 -11.34 34.65
C ALA M 59 13.02 -11.86 33.33
N SER M 60 13.91 -12.85 33.39
CA SER M 60 14.52 -13.40 32.19
C SER M 60 13.48 -13.96 31.25
N GLU M 61 12.59 -14.82 31.78
CA GLU M 61 11.59 -15.44 30.92
C GLU M 61 10.64 -14.41 30.36
N ALA M 62 10.20 -13.46 31.19
CA ALA M 62 9.34 -12.39 30.68
C ALA M 62 10.03 -11.60 29.57
N TYR M 63 11.33 -11.36 29.72
CA TYR M 63 12.08 -10.68 28.67
C TYR M 63 12.10 -11.51 27.39
N LEU M 64 12.38 -12.82 27.51
CA LEU M 64 12.46 -13.64 26.31
C LEU M 64 11.11 -13.74 25.60
N VAL M 65 10.02 -13.89 26.37
CA VAL M 65 8.69 -14.04 25.78
C VAL M 65 8.32 -12.78 25.00
N ALA M 66 8.54 -11.62 25.60
CA ALA M 66 8.24 -10.37 24.91
C ALA M 66 9.16 -10.16 23.71
N LEU M 67 10.44 -10.57 23.80
CA LEU M 67 11.30 -10.52 22.63
C LEU M 67 10.77 -11.39 21.51
N PHE M 68 10.27 -12.59 21.85
CA PHE M 68 9.75 -13.48 20.82
C PHE M 68 8.46 -12.94 20.19
N GLU M 69 7.62 -12.27 20.97
CA GLU M 69 6.49 -11.55 20.38
C GLU M 69 6.97 -10.57 19.32
N ASP M 70 7.95 -9.73 19.67
CA ASP M 70 8.51 -8.79 18.72
C ASP M 70 9.20 -9.51 17.56
N THR M 71 9.88 -10.62 17.86
CA THR M 71 10.53 -11.38 16.81
C THR M 71 9.49 -11.93 15.83
N ASN M 72 8.33 -12.32 16.35
CA ASN M 72 7.27 -12.87 15.53
C ASN M 72 6.71 -11.83 14.55
N LEU M 73 6.44 -10.62 15.04
CA LEU M 73 5.98 -9.57 14.14
C LEU M 73 7.00 -9.30 13.03
N CYS M 74 8.29 -9.36 13.35
CA CYS M 74 9.33 -9.12 12.35
C CYS M 74 9.33 -10.19 11.28
N ALA M 75 9.06 -11.44 11.66
CA ALA M 75 9.01 -12.53 10.69
C ALA M 75 7.78 -12.40 9.80
N ILE M 76 6.64 -12.13 10.40
CA ILE M 76 5.39 -11.95 9.66
C ILE M 76 5.51 -10.75 8.73
N HIS M 77 6.22 -9.70 9.19
CA HIS M 77 6.47 -8.55 8.34
C HIS M 77 7.11 -8.97 7.03
N ALA M 78 8.01 -9.95 7.09
CA ALA M 78 8.71 -10.49 5.94
C ALA M 78 7.93 -11.60 5.26
N LYS M 79 6.66 -11.75 5.61
CA LYS M 79 5.77 -12.72 4.99
C LYS M 79 6.25 -14.15 5.22
N ARG M 80 6.72 -14.41 6.46
CA ARG M 80 7.16 -15.72 6.91
C ARG M 80 6.43 -16.07 8.20
N VAL M 81 6.25 -17.37 8.46
CA VAL M 81 5.81 -17.82 9.77
C VAL M 81 6.96 -18.36 10.62
N THR M 82 8.10 -18.66 10.02
CA THR M 82 9.27 -19.16 10.73
C THR M 82 10.10 -17.99 11.23
N ILE M 83 10.25 -17.87 12.55
CA ILE M 83 11.17 -16.86 13.05
C ILE M 83 12.61 -17.29 12.79
N MET M 84 13.49 -16.31 12.62
CA MET M 84 14.86 -16.50 12.19
C MET M 84 15.75 -15.53 12.96
N PRO M 85 17.06 -15.82 13.03
CA PRO M 85 17.97 -14.92 13.77
C PRO M 85 17.86 -13.46 13.36
N LYS M 86 17.76 -13.18 12.06
CA LYS M 86 17.61 -11.79 11.64
C LYS M 86 16.33 -11.16 12.17
N ASP M 87 15.32 -11.96 12.53
CA ASP M 87 14.13 -11.38 13.16
C ASP M 87 14.44 -10.93 14.58
N ILE M 88 15.06 -11.82 15.37
CA ILE M 88 15.53 -11.44 16.70
C ILE M 88 16.41 -10.21 16.60
N GLN M 89 17.27 -10.16 15.59
CA GLN M 89 18.23 -9.06 15.47
C GLN M 89 17.53 -7.74 15.19
N LEU M 90 16.55 -7.74 14.28
CA LEU M 90 15.80 -6.52 13.98
C LEU M 90 15.03 -6.02 15.21
N ALA M 91 14.30 -6.93 15.89
CA ALA M 91 13.60 -6.58 17.12
C ALA M 91 14.54 -5.90 18.12
N ARG M 92 15.71 -6.50 18.35
CA ARG M 92 16.63 -5.91 19.31
C ARG M 92 17.12 -4.55 18.84
N ARG M 93 17.38 -4.39 17.54
CA ARG M 93 17.88 -3.12 17.02
C ARG M 93 16.86 -2.01 17.23
N ILE M 94 15.61 -2.24 16.86
CA ILE M 94 14.62 -1.18 17.03
C ILE M 94 14.26 -0.99 18.50
N ARG M 95 14.34 -2.05 19.31
CA ARG M 95 14.18 -1.91 20.76
C ARG M 95 15.30 -1.10 21.40
N GLY M 96 16.47 -1.01 20.79
CA GLY M 96 17.58 -0.28 21.35
C GLY M 96 18.63 -1.10 22.08
N GLU M 97 18.71 -2.40 21.84
CA GLU M 97 19.67 -3.26 22.53
C GLU M 97 20.88 -3.56 21.63
N ILE N 8 25.55 -22.57 29.29
CA ILE N 8 24.53 -21.83 28.54
C ILE N 8 23.72 -22.79 27.67
N GLN N 9 24.34 -23.92 27.28
CA GLN N 9 23.62 -24.96 26.55
C GLN N 9 22.66 -25.72 27.44
N GLY N 10 22.69 -25.47 28.76
CA GLY N 10 21.69 -26.01 29.67
C GLY N 10 20.30 -25.47 29.45
N ILE N 11 20.18 -24.30 28.83
CA ILE N 11 18.91 -23.80 28.33
C ILE N 11 18.61 -24.62 27.07
N THR N 12 17.75 -25.61 27.22
CA THR N 12 17.48 -26.61 26.18
C THR N 12 16.62 -26.02 25.05
N LYS N 13 16.67 -26.70 23.90
CA LYS N 13 15.75 -26.39 22.81
C LYS N 13 14.30 -26.43 23.25
N PRO N 14 13.83 -27.50 23.93
CA PRO N 14 12.42 -27.50 24.40
C PRO N 14 12.05 -26.28 25.22
N ALA N 15 12.93 -25.86 26.14
CA ALA N 15 12.64 -24.68 26.95
C ALA N 15 12.55 -23.44 26.09
N ILE N 16 13.52 -23.25 25.20
CA ILE N 16 13.47 -22.10 24.29
C ILE N 16 12.20 -22.16 23.45
N ARG N 17 11.88 -23.35 22.96
CA ARG N 17 10.68 -23.50 22.14
C ARG N 17 9.43 -23.17 22.95
N ARG N 18 9.40 -23.56 24.23
CA ARG N 18 8.23 -23.27 25.06
C ARG N 18 8.08 -21.78 25.28
N LEU N 19 9.21 -21.09 25.50
CA LEU N 19 9.14 -19.64 25.62
C LEU N 19 8.66 -19.04 24.31
N ALA N 20 9.12 -19.57 23.18
CA ALA N 20 8.69 -19.00 21.92
C ALA N 20 7.19 -19.23 21.72
N ARG N 21 6.71 -20.42 22.12
CA ARG N 21 5.27 -20.70 22.00
C ARG N 21 4.45 -19.75 22.85
N ARG N 22 4.90 -19.48 24.09
CA ARG N 22 4.18 -18.50 24.88
C ARG N 22 4.20 -17.13 24.21
N GLY N 23 5.27 -16.82 23.46
CA GLY N 23 5.36 -15.60 22.69
C GLY N 23 4.52 -15.59 21.43
N GLY N 24 3.83 -16.67 21.15
CA GLY N 24 2.96 -16.75 20.00
C GLY N 24 3.63 -17.22 18.73
N VAL N 25 4.83 -17.76 18.81
CA VAL N 25 5.58 -18.18 17.62
C VAL N 25 5.11 -19.55 17.15
N LYS N 26 4.76 -19.64 15.87
CA LYS N 26 4.27 -20.87 15.27
C LYS N 26 5.40 -21.77 14.76
N ARG N 27 6.46 -21.20 14.18
CA ARG N 27 7.52 -22.01 13.60
C ARG N 27 8.87 -21.39 13.94
N ILE N 28 9.86 -22.24 14.13
CA ILE N 28 11.15 -21.82 14.66
C ILE N 28 12.26 -22.42 13.80
N SER N 29 13.05 -21.56 13.17
CA SER N 29 14.22 -22.03 12.45
C SER N 29 15.22 -22.62 13.42
N GLY N 30 15.98 -23.61 12.95
CA GLY N 30 16.97 -24.25 13.81
C GLY N 30 17.98 -23.29 14.42
N LEU N 31 18.27 -22.19 13.74
CA LEU N 31 19.30 -21.26 14.19
C LEU N 31 18.89 -20.44 15.41
N ILE N 32 17.61 -20.46 15.77
CA ILE N 32 17.07 -19.55 16.80
C ILE N 32 17.64 -19.89 18.18
N TYR N 33 17.87 -21.17 18.47
CA TYR N 33 18.24 -21.56 19.83
C TYR N 33 19.59 -20.99 20.23
N GLU N 34 20.59 -21.09 19.34
CA GLU N 34 21.89 -20.49 19.62
C GLU N 34 21.77 -18.97 19.77
N GLU N 35 21.03 -18.31 18.87
CA GLU N 35 20.83 -16.87 18.99
C GLU N 35 20.14 -16.52 20.31
N THR N 36 19.13 -17.27 20.69
CA THR N 36 18.42 -17.02 21.94
C THR N 36 19.34 -17.18 23.15
N ARG N 37 20.17 -18.22 23.15
CA ARG N 37 21.13 -18.40 24.23
C ARG N 37 22.08 -17.21 24.36
N GLY N 38 22.53 -16.64 23.25
CA GLY N 38 23.41 -15.47 23.34
C GLY N 38 22.68 -14.26 23.90
N VAL N 39 21.45 -14.03 23.44
CA VAL N 39 20.63 -12.94 23.95
C VAL N 39 20.39 -13.12 25.44
N LEU N 40 20.01 -14.33 25.86
CA LEU N 40 19.72 -14.53 27.28
C LEU N 40 20.97 -14.28 28.12
N LYS N 41 22.14 -14.71 27.64
CA LYS N 41 23.38 -14.53 28.38
C LYS N 41 23.70 -13.06 28.60
N VAL N 42 23.56 -12.25 27.54
CA VAL N 42 23.76 -10.81 27.66
C VAL N 42 22.75 -10.20 28.62
N PHE N 43 21.49 -10.61 28.54
CA PHE N 43 20.51 -10.09 29.48
C PHE N 43 20.91 -10.39 30.91
N LEU N 44 21.32 -11.64 31.19
CA LEU N 44 21.66 -12.00 32.56
C LEU N 44 22.95 -11.33 33.01
N GLU N 45 23.94 -11.20 32.11
CA GLU N 45 25.17 -10.48 32.45
C GLU N 45 24.88 -9.05 32.87
N ASN N 46 23.98 -8.36 32.17
CA ASN N 46 23.68 -6.98 32.50
C ASN N 46 22.95 -6.86 33.84
N VAL N 47 21.93 -7.71 34.08
CA VAL N 47 21.18 -7.60 35.33
C VAL N 47 22.04 -8.03 36.50
N ILE N 48 22.80 -9.12 36.33
CA ILE N 48 23.63 -9.61 37.43
C ILE N 48 24.70 -8.60 37.79
N ARG N 49 25.26 -7.92 36.79
CA ARG N 49 26.30 -6.94 37.06
C ARG N 49 25.79 -5.84 37.98
N ASP N 50 24.62 -5.28 37.65
CA ASP N 50 24.09 -4.20 38.49
C ASP N 50 23.68 -4.73 39.85
N ALA N 51 23.06 -5.92 39.88
CA ALA N 51 22.69 -6.56 41.15
C ALA N 51 23.89 -6.69 42.07
N VAL N 52 24.97 -7.28 41.55
CA VAL N 52 26.22 -7.40 42.32
C VAL N 52 26.70 -6.02 42.75
N THR N 53 26.64 -5.03 41.84
CA THR N 53 27.06 -3.68 42.19
C THR N 53 26.26 -3.12 43.36
N TYR N 54 24.96 -3.36 43.39
CA TYR N 54 24.14 -2.98 44.55
C TYR N 54 24.59 -3.74 45.80
N THR N 55 24.77 -5.06 45.66
CA THR N 55 25.20 -5.90 46.79
C THR N 55 26.52 -5.42 47.36
N GLU N 56 27.48 -5.09 46.50
CA GLU N 56 28.79 -4.72 47.05
C GLU N 56 28.78 -3.31 47.60
N HIS N 57 27.97 -2.42 47.03
CA HIS N 57 27.81 -1.11 47.65
C HIS N 57 27.37 -1.28 49.10
N ALA N 58 26.49 -2.24 49.37
CA ALA N 58 25.97 -2.55 50.69
C ALA N 58 26.92 -3.35 51.57
N LYS N 59 28.14 -3.63 51.08
CA LYS N 59 29.12 -4.42 51.82
C LYS N 59 28.62 -5.83 52.15
N ARG N 60 27.75 -6.38 51.32
CA ARG N 60 27.28 -7.75 51.50
C ARG N 60 27.91 -8.66 50.46
N LYS N 61 27.84 -9.97 50.73
CA LYS N 61 28.38 -10.95 49.80
C LYS N 61 27.31 -11.89 49.28
N THR N 62 26.05 -11.65 49.61
CA THR N 62 24.92 -12.46 49.15
C THR N 62 23.93 -11.55 48.45
N VAL N 63 23.65 -11.85 47.19
CA VAL N 63 22.68 -11.08 46.41
C VAL N 63 21.28 -11.50 46.82
N THR N 64 20.41 -10.53 47.05
CA THR N 64 19.05 -10.79 47.51
C THR N 64 18.08 -10.56 46.36
N ALA N 65 16.84 -11.03 46.56
CA ALA N 65 15.78 -10.69 45.60
C ALA N 65 15.69 -9.18 45.41
N MET N 66 15.77 -8.42 46.51
CA MET N 66 15.71 -6.97 46.45
C MET N 66 16.77 -6.40 45.52
N ASP N 67 18.02 -6.89 45.64
CA ASP N 67 19.10 -6.39 44.79
C ASP N 67 18.78 -6.62 43.32
N VAL N 68 18.23 -7.79 43.00
CA VAL N 68 17.86 -8.05 41.62
C VAL N 68 16.75 -7.09 41.19
N VAL N 69 15.81 -6.83 42.09
CA VAL N 69 14.71 -5.92 41.77
C VAL N 69 15.24 -4.52 41.46
N TYR N 70 16.17 -4.03 42.28
CA TYR N 70 16.75 -2.71 42.01
C TYR N 70 17.54 -2.71 40.70
N ALA N 71 18.26 -3.78 40.42
CA ALA N 71 19.01 -3.88 39.18
C ALA N 71 18.07 -3.84 37.98
N LEU N 72 16.94 -4.55 38.05
CA LEU N 72 15.98 -4.54 36.97
C LEU N 72 15.40 -3.15 36.77
N LYS N 73 14.94 -2.52 37.85
CA LYS N 73 14.38 -1.16 37.79
C LYS N 73 15.39 -0.19 37.19
N ARG N 74 16.68 -0.34 37.52
CA ARG N 74 17.70 0.51 36.94
C ARG N 74 17.71 0.40 35.43
N GLN N 75 17.35 -0.78 34.91
CA GLN N 75 17.34 -1.02 33.48
C GLN N 75 15.97 -0.82 32.86
N GLY N 76 15.01 -0.25 33.59
CA GLY N 76 13.70 -0.01 33.03
C GLY N 76 12.80 -1.23 32.98
N ARG N 77 12.98 -2.18 33.89
CA ARG N 77 12.28 -3.47 33.86
C ARG N 77 11.71 -3.79 35.25
N THR N 78 10.93 -2.86 35.77
CA THR N 78 10.17 -3.02 37.01
C THR N 78 9.55 -4.41 37.11
N LEU N 79 9.95 -5.16 38.14
CA LEU N 79 9.40 -6.46 38.47
C LEU N 79 8.55 -6.35 39.73
N TYR N 80 7.33 -6.86 39.68
CA TYR N 80 6.43 -6.90 40.83
C TYR N 80 6.44 -8.28 41.45
N GLY N 81 6.36 -8.35 42.78
CA GLY N 81 6.19 -9.60 43.45
C GLY N 81 7.32 -10.08 44.33
N PHE N 82 8.34 -9.26 44.55
CA PHE N 82 9.47 -9.71 45.35
C PHE N 82 9.86 -8.68 46.39
N PRO O 12 12.68 -34.06 39.46
CA PRO O 12 11.88 -32.95 40.01
C PRO O 12 12.46 -31.57 39.65
N ASN O 13 11.57 -30.65 39.30
CA ASN O 13 11.98 -29.33 38.81
C ASN O 13 11.96 -28.34 39.97
N GLU O 14 13.07 -28.29 40.68
CA GLU O 14 13.24 -27.40 41.82
C GLU O 14 14.66 -26.87 41.77
N TYR O 15 14.89 -25.75 42.45
CA TYR O 15 16.26 -25.32 42.69
C TYR O 15 16.93 -26.27 43.69
N ASP O 16 18.24 -26.46 43.51
CA ASP O 16 19.04 -27.24 44.47
C ASP O 16 19.51 -26.30 45.57
N LEU O 17 18.91 -26.44 46.74
CA LEU O 17 19.25 -25.62 47.89
C LEU O 17 20.58 -26.03 48.53
N ASN O 18 21.06 -27.24 48.23
CA ASN O 18 22.36 -27.69 48.70
C ASN O 18 23.51 -27.01 47.99
N ASP O 19 23.24 -26.26 46.93
CA ASP O 19 24.30 -25.59 46.20
C ASP O 19 25.02 -24.60 47.11
N SER O 20 26.35 -24.73 47.17
CA SER O 20 27.17 -23.75 47.88
C SER O 20 27.00 -22.35 47.28
N PHE O 21 26.43 -22.24 46.08
CA PHE O 21 26.18 -20.92 45.52
C PHE O 21 25.02 -20.22 46.20
N LEU O 22 24.09 -20.96 46.82
CA LEU O 22 22.89 -20.38 47.43
C LEU O 22 23.11 -20.14 48.91
N ASP O 23 22.54 -19.06 49.42
CA ASP O 23 22.70 -18.63 50.81
C ASP O 23 21.32 -18.17 51.29
N ASP O 24 20.55 -19.10 51.86
CA ASP O 24 19.14 -18.85 52.18
C ASP O 24 18.88 -18.74 53.67
N GLU O 25 19.62 -17.90 54.37
CA GLU O 25 19.40 -17.70 55.79
C GLU O 25 18.30 -16.67 56.05
N GLU O 26 17.59 -16.24 55.01
CA GLU O 26 16.49 -15.28 55.12
C GLU O 26 15.32 -15.69 54.23
N ASP O 35 1.12 -21.54 47.10
CA ASP O 35 0.54 -20.19 47.19
C ASP O 35 -0.67 -20.21 48.12
N SER O 36 -0.51 -19.68 49.32
CA SER O 36 -1.55 -19.74 50.34
C SER O 36 -2.52 -18.56 50.23
N ASP O 37 -3.65 -18.67 50.94
CA ASP O 37 -4.60 -17.57 51.06
C ASP O 37 -4.08 -16.50 52.01
N TRP O 38 -4.07 -15.24 51.55
CA TRP O 38 -3.67 -14.15 52.42
C TRP O 38 -4.80 -13.79 53.36
N GLU O 39 -4.48 -13.67 54.65
CA GLU O 39 -5.45 -13.30 55.66
C GLU O 39 -4.80 -12.38 56.68
N PRO O 40 -5.59 -11.53 57.35
CA PRO O 40 -5.10 -10.68 58.43
C PRO O 40 -5.13 -11.36 59.79
N LYS P 4 -11.06 9.23 65.91
CA LYS P 4 -10.82 9.66 64.54
C LYS P 4 -9.35 9.61 64.20
N THR P 5 -8.97 8.70 63.30
CA THR P 5 -7.65 8.75 62.69
C THR P 5 -7.70 9.62 61.44
N ARG P 6 -6.51 9.97 60.95
CA ARG P 6 -6.44 10.84 59.79
C ARG P 6 -7.08 10.18 58.58
N SER P 7 -7.00 8.85 58.45
CA SER P 7 -7.64 8.17 57.34
C SER P 7 -9.16 8.17 57.48
N SER P 8 -9.68 7.98 58.70
CA SER P 8 -11.12 8.07 58.88
C SER P 8 -11.61 9.49 58.57
N ARG P 9 -10.86 10.52 58.99
CA ARG P 9 -11.25 11.89 58.71
C ARG P 9 -11.20 12.20 57.22
N ALA P 10 -10.38 11.49 56.45
CA ALA P 10 -10.40 11.62 55.00
C ALA P 10 -11.40 10.69 54.34
N GLY P 11 -12.05 9.80 55.09
CA GLY P 11 -12.88 8.78 54.49
C GLY P 11 -12.12 7.72 53.72
N LEU P 12 -10.88 7.43 54.12
CA LEU P 12 -9.97 6.53 53.41
C LEU P 12 -9.71 5.26 54.20
N GLN P 13 -9.53 4.15 53.47
CA GLN P 13 -8.96 2.95 54.05
C GLN P 13 -7.44 2.99 54.07
N PHE P 14 -6.81 3.67 53.11
CA PHE P 14 -5.37 3.68 53.05
C PHE P 14 -4.79 4.57 54.16
N PRO P 15 -3.59 4.23 54.66
CA PRO P 15 -3.06 4.89 55.85
C PRO P 15 -2.44 6.25 55.54
N VAL P 16 -3.17 7.32 55.85
CA VAL P 16 -2.66 8.67 55.62
C VAL P 16 -1.38 8.92 56.42
N GLY P 17 -1.34 8.46 57.68
CA GLY P 17 -0.19 8.71 58.53
C GLY P 17 1.07 8.07 58.00
N ARG P 18 0.97 6.87 57.45
CA ARG P 18 2.15 6.21 56.91
C ARG P 18 2.59 6.86 55.62
N VAL P 19 1.64 7.26 54.76
CA VAL P 19 2.01 8.02 53.57
C VAL P 19 2.74 9.30 53.98
N HIS P 20 2.33 9.92 55.10
CA HIS P 20 2.99 11.15 55.52
C HIS P 20 4.44 10.89 55.87
N ARG P 21 4.72 9.83 56.63
CA ARG P 21 6.10 9.49 57.00
C ARG P 21 6.92 9.17 55.76
N LEU P 22 6.37 8.34 54.85
CA LEU P 22 7.13 8.01 53.66
C LEU P 22 7.51 9.26 52.87
N LEU P 23 6.58 10.22 52.73
CA LEU P 23 6.88 11.47 52.01
C LEU P 23 7.97 12.28 52.70
N ARG P 24 7.96 12.34 54.04
CA ARG P 24 9.03 13.06 54.73
C ARG P 24 10.34 12.29 54.63
N LYS P 25 10.27 10.98 54.84
CA LYS P 25 11.44 10.12 54.83
C LYS P 25 12.07 10.03 53.44
N GLY P 26 11.30 10.27 52.39
CA GLY P 26 11.77 10.01 51.05
C GLY P 26 12.64 11.07 50.40
N ASN P 27 12.89 12.20 51.04
CA ASN P 27 13.70 13.26 50.44
C ASN P 27 13.11 13.71 49.10
N TYR P 28 11.85 14.10 49.17
CA TYR P 28 11.18 14.69 48.03
C TYR P 28 11.13 16.21 48.13
N ALA P 29 11.05 16.74 49.35
CA ALA P 29 11.07 18.17 49.57
C ALA P 29 11.49 18.43 51.00
N GLU P 30 11.70 19.70 51.32
CA GLU P 30 12.05 20.08 52.68
C GLU P 30 10.85 19.99 53.62
N ARG P 31 9.72 20.52 53.14
CA ARG P 31 8.49 20.48 53.95
C ARG P 31 7.42 19.75 53.16
N VAL P 32 6.50 19.11 53.87
CA VAL P 32 5.38 18.38 53.23
C VAL P 32 4.04 18.89 53.74
N GLY P 33 3.15 19.29 52.82
CA GLY P 33 1.85 19.81 53.24
C GLY P 33 0.96 18.77 53.91
N ALA P 34 0.14 19.24 54.87
CA ALA P 34 -0.86 18.38 55.50
C ALA P 34 -1.79 17.74 54.49
N GLY P 35 -2.15 18.48 53.43
CA GLY P 35 -2.98 17.93 52.38
C GLY P 35 -2.29 16.91 51.48
N ALA P 36 -0.95 16.95 51.38
CA ALA P 36 -0.28 16.07 50.42
C ALA P 36 -0.48 14.58 50.72
N PRO P 37 -0.26 14.10 51.95
CA PRO P 37 -0.50 12.66 52.18
C PRO P 37 -1.94 12.27 51.96
N VAL P 38 -2.89 13.13 52.31
CA VAL P 38 -4.30 12.77 52.17
C VAL P 38 -4.64 12.52 50.71
N TYR P 39 -4.26 13.48 49.86
CA TYR P 39 -4.43 13.33 48.42
C TYR P 39 -3.78 12.06 47.91
N LEU P 40 -2.49 11.85 48.23
CA LEU P 40 -1.76 10.71 47.68
C LEU P 40 -2.37 9.38 48.13
N ALA P 41 -2.69 9.27 49.43
CA ALA P 41 -3.35 8.07 49.96
C ALA P 41 -4.67 7.79 49.23
N ALA P 42 -5.47 8.83 49.01
CA ALA P 42 -6.69 8.67 48.24
C ALA P 42 -6.42 8.16 46.83
N VAL P 43 -5.32 8.61 46.23
CA VAL P 43 -5.01 8.19 44.86
C VAL P 43 -4.56 6.74 44.84
N LEU P 44 -3.69 6.35 45.77
CA LEU P 44 -3.26 4.96 45.85
C LEU P 44 -4.45 4.03 46.11
N GLU P 45 -5.35 4.42 47.02
CA GLU P 45 -6.51 3.57 47.31
C GLU P 45 -7.40 3.43 46.08
N TYR P 46 -7.61 4.53 45.35
CA TYR P 46 -8.43 4.47 44.14
C TYR P 46 -7.78 3.56 43.09
N LEU P 47 -6.47 3.66 42.90
CA LEU P 47 -5.85 2.79 41.91
C LEU P 47 -5.88 1.34 42.38
N THR P 48 -5.83 1.12 43.69
CA THR P 48 -5.89 -0.23 44.23
C THR P 48 -7.26 -0.85 43.97
N ALA P 49 -8.32 -0.05 44.15
CA ALA P 49 -9.66 -0.52 43.89
C ALA P 49 -9.87 -0.81 42.41
N GLU P 50 -9.28 -0.01 41.52
CA GLU P 50 -9.40 -0.26 40.09
C GLU P 50 -8.88 -1.65 39.74
N ILE P 51 -7.61 -1.91 40.09
CA ILE P 51 -7.00 -3.22 39.83
C ILE P 51 -7.79 -4.34 40.48
N LEU P 52 -8.12 -4.17 41.77
CA LEU P 52 -8.80 -5.24 42.49
C LEU P 52 -10.15 -5.53 41.86
N GLU P 53 -10.89 -4.50 41.48
CA GLU P 53 -12.20 -4.72 40.86
C GLU P 53 -12.05 -5.56 39.61
N LEU P 54 -11.08 -5.21 38.77
CA LEU P 54 -10.98 -5.88 37.49
C LEU P 54 -10.38 -7.27 37.66
N ALA P 55 -9.37 -7.41 38.54
CA ALA P 55 -8.82 -8.74 38.83
C ALA P 55 -9.87 -9.65 39.45
N GLY P 56 -10.69 -9.09 40.34
CA GLY P 56 -11.81 -9.86 40.90
C GLY P 56 -12.79 -10.31 39.83
N ASN P 57 -13.09 -9.43 38.87
CA ASN P 57 -13.93 -9.84 37.74
C ASN P 57 -13.30 -10.99 36.97
N ALA P 58 -11.98 -10.92 36.74
CA ALA P 58 -11.32 -11.98 35.98
C ALA P 58 -11.38 -13.29 36.74
N ALA P 59 -11.26 -13.24 38.07
CA ALA P 59 -11.35 -14.45 38.87
C ALA P 59 -12.74 -15.06 38.80
N ARG P 60 -13.79 -14.24 38.98
CA ARG P 60 -15.14 -14.78 38.92
C ARG P 60 -15.43 -15.37 37.54
N ASP P 61 -14.92 -14.72 36.49
CA ASP P 61 -15.10 -15.25 35.13
C ASP P 61 -14.43 -16.60 34.96
N ASN P 62 -13.36 -16.86 35.72
CA ASN P 62 -12.71 -18.16 35.73
C ASN P 62 -13.27 -19.07 36.83
N LYS P 63 -14.45 -18.73 37.36
CA LYS P 63 -15.08 -19.42 38.49
C LYS P 63 -14.07 -19.69 39.60
N LYS P 64 -13.26 -18.67 39.89
CA LYS P 64 -12.35 -18.69 41.03
C LYS P 64 -12.91 -17.85 42.17
N THR P 65 -12.57 -18.23 43.40
CA THR P 65 -12.92 -17.41 44.56
C THR P 65 -11.73 -16.63 45.11
N ARG P 66 -10.56 -16.73 44.47
CA ARG P 66 -9.35 -16.11 44.99
C ARG P 66 -8.56 -15.46 43.85
N ILE P 67 -8.12 -14.23 44.09
CA ILE P 67 -7.30 -13.53 43.11
C ILE P 67 -5.87 -14.06 43.20
N ILE P 68 -5.31 -14.43 42.05
CA ILE P 68 -3.94 -14.91 41.97
C ILE P 68 -3.21 -14.03 40.97
N PRO P 69 -1.87 -14.06 40.89
CA PRO P 69 -1.16 -13.16 39.96
C PRO P 69 -1.70 -13.17 38.54
N ARG P 70 -2.13 -14.34 38.05
CA ARG P 70 -2.75 -14.42 36.72
C ARG P 70 -3.92 -13.43 36.56
N HIS P 71 -4.78 -13.33 37.58
CA HIS P 71 -5.93 -12.44 37.48
C HIS P 71 -5.49 -10.98 37.49
N LEU P 72 -4.50 -10.63 38.32
CA LEU P 72 -3.98 -9.26 38.27
C LEU P 72 -3.47 -8.93 36.88
N GLN P 73 -2.79 -9.89 36.25
CA GLN P 73 -2.24 -9.62 34.93
C GLN P 73 -3.34 -9.49 33.89
N LEU P 74 -4.33 -10.38 33.92
CA LEU P 74 -5.41 -10.29 32.96
C LEU P 74 -6.16 -8.96 33.09
N ALA P 75 -6.42 -8.53 34.33
CA ALA P 75 -7.08 -7.24 34.53
C ALA P 75 -6.29 -6.12 33.87
N VAL P 76 -4.98 -6.10 34.09
CA VAL P 76 -4.16 -5.01 33.59
C VAL P 76 -4.10 -5.03 32.07
N ARG P 77 -3.72 -6.17 31.49
CA ARG P 77 -3.53 -6.21 30.05
C ARG P 77 -4.83 -6.06 29.25
N ASN P 78 -6.00 -6.14 29.91
CA ASN P 78 -7.26 -5.95 29.22
C ASN P 78 -7.88 -4.57 29.43
N ASP P 79 -7.36 -3.76 30.33
CA ASP P 79 -7.85 -2.41 30.54
C ASP P 79 -6.89 -1.45 29.86
N GLU P 80 -7.38 -0.69 28.88
CA GLU P 80 -6.50 0.16 28.09
C GLU P 80 -5.67 1.09 28.97
N GLU P 81 -6.27 1.67 30.00
CA GLU P 81 -5.55 2.65 30.79
C GLU P 81 -4.61 1.99 31.81
N LEU P 82 -5.05 0.96 32.52
CA LEU P 82 -4.12 0.23 33.38
C LEU P 82 -2.97 -0.31 32.57
N ASN P 83 -3.25 -0.81 31.37
CA ASN P 83 -2.19 -1.37 30.53
C ASN P 83 -1.15 -0.31 30.18
N LYS P 84 -1.56 0.92 29.93
CA LYS P 84 -0.56 1.96 29.70
C LYS P 84 0.20 2.30 30.98
N LEU P 85 -0.48 2.35 32.13
CA LEU P 85 0.18 2.76 33.36
C LEU P 85 1.25 1.75 33.77
N LEU P 86 0.97 0.46 33.57
CA LEU P 86 1.88 -0.63 33.91
C LEU P 86 2.57 -1.19 32.67
N GLY P 87 2.82 -0.33 31.69
CA GLY P 87 3.31 -0.79 30.40
C GLY P 87 4.68 -1.43 30.47
N ARG P 88 5.54 -0.96 31.36
CA ARG P 88 6.87 -1.53 31.54
C ARG P 88 7.02 -2.19 32.90
N VAL P 89 5.97 -2.89 33.33
CA VAL P 89 5.97 -3.64 34.57
C VAL P 89 5.86 -5.13 34.24
N THR P 90 6.62 -5.95 34.95
CA THR P 90 6.51 -7.40 34.85
C THR P 90 5.86 -7.92 36.12
N ILE P 91 4.76 -8.65 35.97
CA ILE P 91 4.04 -9.24 37.08
C ILE P 91 4.45 -10.70 37.15
N ALA P 92 5.18 -11.07 38.21
CA ALA P 92 5.64 -12.44 38.37
C ALA P 92 4.46 -13.41 38.43
N GLN P 93 4.59 -14.52 37.69
CA GLN P 93 3.56 -15.56 37.60
C GLN P 93 2.27 -15.03 36.99
N GLY P 94 2.39 -14.02 36.15
CA GLY P 94 1.24 -13.40 35.54
C GLY P 94 0.88 -14.01 34.19
N GLY P 95 1.88 -14.57 33.50
CA GLY P 95 1.65 -15.04 32.16
C GLY P 95 1.47 -13.88 31.17
N VAL P 96 1.08 -14.28 29.96
CA VAL P 96 0.75 -13.32 28.92
C VAL P 96 -0.74 -13.42 28.61
N LEU P 97 -1.25 -12.38 27.97
CA LEU P 97 -2.59 -12.36 27.47
C LEU P 97 -2.69 -13.36 26.32
N PRO P 98 -3.57 -14.36 26.40
CA PRO P 98 -3.78 -15.26 25.24
C PRO P 98 -4.19 -14.43 24.03
N ASN P 99 -3.37 -14.51 22.99
CA ASN P 99 -3.63 -13.80 21.74
C ASN P 99 -2.72 -14.35 20.66
N ILE P 100 -3.29 -14.81 19.55
CA ILE P 100 -2.52 -15.35 18.44
C ILE P 100 -2.73 -14.46 17.22
N GLN P 101 -1.64 -14.16 16.52
CA GLN P 101 -1.69 -13.37 15.31
C GLN P 101 -2.59 -14.05 14.28
N SER P 102 -3.50 -13.28 13.69
CA SER P 102 -4.45 -13.75 12.70
C SER P 102 -3.81 -14.64 11.64
N VAL P 103 -2.65 -14.23 11.12
CA VAL P 103 -2.06 -14.90 9.97
C VAL P 103 -1.66 -16.33 10.28
N LEU P 104 -1.45 -16.67 11.56
CA LEU P 104 -1.09 -18.02 11.97
C LEU P 104 -2.30 -18.91 12.25
N LEU P 105 -3.51 -18.35 12.12
CA LEU P 105 -4.74 -19.11 12.41
C LEU P 105 -5.38 -19.60 11.10
N PRO P 106 -5.93 -20.83 11.07
CA PRO P 106 -6.60 -21.33 9.87
C PRO P 106 -7.72 -20.34 9.54
N LYS P 107 -7.78 -19.85 8.30
CA LYS P 107 -8.82 -18.86 7.93
C LYS P 107 -10.21 -19.50 8.08
N SER Q 11 4.34 -2.15 55.17
CA SER Q 11 3.67 -2.78 54.04
C SER Q 11 2.25 -2.30 53.95
N TYR Q 12 1.63 -2.49 52.80
CA TYR Q 12 0.31 -1.96 52.60
C TYR Q 12 -0.71 -3.04 52.57
N ALA Q 13 -0.31 -4.26 52.83
CA ALA Q 13 -1.16 -5.40 52.59
C ALA Q 13 -2.52 -5.33 53.27
N ILE Q 14 -2.55 -4.92 54.52
CA ILE Q 14 -3.79 -4.90 55.29
C ILE Q 14 -4.78 -3.90 54.72
N TYR Q 15 -4.28 -2.82 54.12
CA TYR Q 15 -5.18 -1.84 53.51
C TYR Q 15 -5.65 -2.30 52.13
N VAL Q 16 -4.78 -2.99 51.40
CA VAL Q 16 -5.21 -3.65 50.16
C VAL Q 16 -6.38 -4.60 50.45
N TYR Q 17 -6.24 -5.41 51.49
CA TYR Q 17 -7.31 -6.35 51.85
C TYR Q 17 -8.61 -5.62 52.17
N LYS Q 18 -8.53 -4.53 52.94
CA LYS Q 18 -9.74 -3.76 53.22
C LYS Q 18 -10.40 -3.27 51.94
N VAL Q 19 -9.61 -2.77 51.01
CA VAL Q 19 -10.20 -2.31 49.75
C VAL Q 19 -10.82 -3.48 49.00
N LEU Q 20 -10.16 -4.64 49.03
CA LEU Q 20 -10.67 -5.81 48.33
C LEU Q 20 -12.07 -6.21 48.82
N LYS Q 21 -12.28 -6.14 50.13
CA LYS Q 21 -13.56 -6.52 50.71
C LYS Q 21 -14.65 -5.51 50.42
N GLN Q 22 -14.30 -4.32 49.96
CA GLN Q 22 -15.32 -3.38 49.52
C GLN Q 22 -15.70 -3.56 48.06
N VAL Q 23 -14.76 -3.95 47.20
CA VAL Q 23 -15.14 -4.14 45.80
C VAL Q 23 -15.58 -5.58 45.52
N HIS Q 24 -15.11 -6.54 46.30
CA HIS Q 24 -15.41 -7.96 46.08
C HIS Q 24 -15.50 -8.63 47.44
N PRO Q 25 -16.60 -8.41 48.17
CA PRO Q 25 -16.73 -8.94 49.54
C PRO Q 25 -16.46 -10.42 49.68
N ASP Q 26 -16.80 -11.24 48.68
CA ASP Q 26 -16.66 -12.69 48.80
C ASP Q 26 -15.44 -13.23 48.07
N THR Q 27 -14.50 -12.36 47.69
CA THR Q 27 -13.33 -12.78 46.93
C THR Q 27 -12.10 -12.70 47.84
N GLY Q 28 -11.29 -13.76 47.83
CA GLY Q 28 -10.00 -13.74 48.50
C GLY Q 28 -8.88 -13.29 47.57
N ILE Q 29 -7.67 -13.28 48.12
CA ILE Q 29 -6.48 -12.93 47.37
C ILE Q 29 -5.34 -13.82 47.87
N SER Q 30 -4.54 -14.34 46.93
CA SER Q 30 -3.42 -15.19 47.32
C SER Q 30 -2.28 -14.38 47.91
N SER Q 31 -1.41 -15.08 48.65
CA SER Q 31 -0.24 -14.43 49.23
C SER Q 31 0.64 -13.79 48.17
N LYS Q 32 0.87 -14.48 47.05
CA LYS Q 32 1.74 -13.93 46.02
C LYS Q 32 1.06 -12.79 45.27
N ALA Q 33 -0.25 -12.91 45.03
CA ALA Q 33 -0.96 -11.76 44.48
C ALA Q 33 -0.92 -10.58 45.45
N MET Q 34 -0.94 -10.84 46.76
CA MET Q 34 -0.84 -9.72 47.71
C MET Q 34 0.52 -9.03 47.58
N SER Q 35 1.60 -9.80 47.42
CA SER Q 35 2.90 -9.17 47.24
C SER Q 35 2.96 -8.35 45.94
N ILE Q 36 2.27 -8.80 44.90
CA ILE Q 36 2.24 -7.99 43.68
C ILE Q 36 1.51 -6.68 43.93
N MET Q 37 0.39 -6.71 44.66
CA MET Q 37 -0.29 -5.46 44.96
C MET Q 37 0.58 -4.56 45.80
N ASN Q 38 1.38 -5.13 46.68
CA ASN Q 38 2.23 -4.28 47.51
C ASN Q 38 3.31 -3.60 46.67
N SER Q 39 3.90 -4.31 45.70
CA SER Q 39 4.85 -3.65 44.80
C SER Q 39 4.18 -2.56 43.98
N PHE Q 40 2.96 -2.82 43.51
CA PHE Q 40 2.21 -1.83 42.75
C PHE Q 40 2.02 -0.53 43.53
N VAL Q 41 1.55 -0.62 44.79
CA VAL Q 41 1.34 0.59 45.59
C VAL Q 41 2.65 1.34 45.78
N ASN Q 42 3.74 0.62 45.99
CA ASN Q 42 5.00 1.31 46.22
C ASN Q 42 5.53 1.95 44.94
N ASP Q 43 5.41 1.25 43.80
CA ASP Q 43 5.74 1.81 42.50
C ASP Q 43 5.00 3.12 42.27
N VAL Q 44 3.68 3.10 42.39
CA VAL Q 44 2.88 4.27 42.07
C VAL Q 44 3.26 5.42 43.01
N PHE Q 45 3.27 5.14 44.32
CA PHE Q 45 3.75 6.10 45.29
C PHE Q 45 5.05 6.76 44.82
N GLU Q 46 6.04 5.94 44.46
CA GLU Q 46 7.35 6.49 44.08
C GLU Q 46 7.25 7.32 42.82
N ARG Q 47 6.50 6.85 41.82
CA ARG Q 47 6.30 7.65 40.63
C ARG Q 47 5.72 9.02 40.96
N ILE Q 48 4.65 9.03 41.76
CA ILE Q 48 3.92 10.28 41.99
C ILE Q 48 4.73 11.22 42.86
N ALA Q 49 5.25 10.71 43.98
CA ALA Q 49 6.12 11.50 44.84
C ALA Q 49 7.34 12.01 44.08
N GLY Q 50 7.90 11.17 43.21
CA GLY Q 50 9.05 11.60 42.43
C GLY Q 50 8.74 12.79 41.54
N GLU Q 51 7.62 12.71 40.82
CA GLU Q 51 7.24 13.83 39.95
C GLU Q 51 6.88 15.07 40.76
N ALA Q 52 6.26 14.87 41.93
CA ALA Q 52 5.90 16.01 42.75
C ALA Q 52 7.15 16.70 43.28
N SER Q 53 8.19 15.92 43.55
CA SER Q 53 9.46 16.50 43.97
C SER Q 53 10.07 17.32 42.83
N ARG Q 54 10.02 16.79 41.60
CA ARG Q 54 10.42 17.53 40.41
C ARG Q 54 9.64 18.85 40.30
N LEU Q 55 8.31 18.76 40.39
CA LEU Q 55 7.48 19.95 40.24
C LEU Q 55 7.83 21.00 41.27
N ALA Q 56 8.12 20.59 42.50
CA ALA Q 56 8.45 21.58 43.50
C ALA Q 56 9.78 22.24 43.18
N HIS Q 57 10.75 21.45 42.72
CA HIS Q 57 12.07 22.00 42.45
C HIS Q 57 12.03 22.93 41.23
N TYR Q 58 11.38 22.47 40.14
CA TYR Q 58 11.19 23.33 38.97
C TYR Q 58 10.68 24.70 39.38
N ASN Q 59 9.74 24.74 40.31
CA ASN Q 59 9.09 25.97 40.70
C ASN Q 59 9.69 26.59 41.97
N LYS Q 60 10.88 26.14 42.37
CA LYS Q 60 11.63 26.75 43.46
C LYS Q 60 10.81 26.81 44.74
N ARG Q 61 10.02 25.76 44.99
CA ARG Q 61 9.15 25.69 46.16
C ARG Q 61 9.70 24.70 47.17
N SER Q 62 9.65 25.07 48.44
CA SER Q 62 10.20 24.22 49.48
C SER Q 62 9.29 23.05 49.82
N THR Q 63 8.02 23.12 49.45
CA THR Q 63 7.00 22.25 50.04
C THR Q 63 6.24 21.48 48.97
N ILE Q 64 6.03 20.20 49.22
CA ILE Q 64 5.10 19.40 48.43
C ILE Q 64 3.73 19.51 49.05
N THR Q 65 2.80 20.10 48.31
CA THR Q 65 1.42 20.27 48.72
C THR Q 65 0.54 19.34 47.87
N SER Q 66 -0.74 19.30 48.21
CA SER Q 66 -1.67 18.54 47.38
C SER Q 66 -1.67 19.04 45.94
N ARG Q 67 -1.24 20.28 45.70
CA ARG Q 67 -1.17 20.78 44.33
C ARG Q 67 -0.11 20.03 43.52
N GLU Q 68 1.05 19.76 44.11
CA GLU Q 68 2.07 18.97 43.42
C GLU Q 68 1.62 17.53 43.21
N ILE Q 69 0.97 16.93 44.20
CA ILE Q 69 0.45 15.56 44.01
C ILE Q 69 -0.51 15.53 42.84
N GLN Q 70 -1.42 16.52 42.78
CA GLN Q 70 -2.43 16.56 41.72
C GLN Q 70 -1.80 16.71 40.33
N THR Q 71 -0.92 17.71 40.15
CA THR Q 71 -0.26 17.87 38.85
C THR Q 71 0.52 16.62 38.48
N ALA Q 72 1.20 15.99 39.44
CA ALA Q 72 1.94 14.77 39.15
C ALA Q 72 0.99 13.68 38.67
N VAL Q 73 -0.18 13.58 39.30
CA VAL Q 73 -1.16 12.58 38.89
C VAL Q 73 -1.62 12.83 37.46
N ARG Q 74 -1.91 14.10 37.14
CA ARG Q 74 -2.22 14.46 35.76
C ARG Q 74 -1.07 14.10 34.82
N LEU Q 75 0.18 14.23 35.27
CA LEU Q 75 1.30 13.94 34.39
C LEU Q 75 1.50 12.46 34.16
N LEU Q 76 1.24 11.64 35.18
CA LEU Q 76 1.60 10.22 35.15
C LEU Q 76 0.42 9.31 34.85
N LEU Q 77 -0.79 9.71 35.13
CA LEU Q 77 -1.88 8.81 34.86
C LEU Q 77 -2.49 9.10 33.51
N PRO Q 78 -2.79 8.05 32.77
CA PRO Q 78 -3.54 8.15 31.53
C PRO Q 78 -4.92 8.73 31.74
N GLY Q 79 -5.37 9.52 30.79
CA GLY Q 79 -6.77 9.72 30.51
C GLY Q 79 -7.77 9.77 31.62
N GLU Q 80 -8.61 8.75 31.68
CA GLU Q 80 -9.70 8.75 32.61
C GLU Q 80 -9.25 8.41 34.01
N LEU Q 81 -8.25 7.56 34.13
CA LEU Q 81 -7.71 7.25 35.45
C LEU Q 81 -7.30 8.52 36.18
N ALA Q 82 -6.63 9.44 35.48
CA ALA Q 82 -6.19 10.69 36.11
C ALA Q 82 -7.39 11.50 36.56
N LYS Q 83 -8.42 11.56 35.71
CA LYS Q 83 -9.62 12.34 36.02
C LYS Q 83 -10.27 11.85 37.31
N HIS Q 84 -10.43 10.54 37.46
CA HIS Q 84 -11.06 9.99 38.64
C HIS Q 84 -10.14 10.09 39.85
N ALA Q 85 -8.83 9.88 39.64
CA ALA Q 85 -7.89 10.01 40.73
C ALA Q 85 -7.82 11.44 41.25
N VAL Q 86 -7.86 12.42 40.35
CA VAL Q 86 -7.88 13.82 40.78
C VAL Q 86 -9.15 14.10 41.57
N SER Q 87 -10.28 13.57 41.11
CA SER Q 87 -11.53 13.74 41.83
C SER Q 87 -11.44 13.12 43.22
N GLU Q 88 -10.98 11.87 43.31
CA GLU Q 88 -10.85 11.21 44.60
C GLU Q 88 -9.92 11.94 45.53
N GLY Q 89 -8.77 12.40 45.03
CA GLY Q 89 -7.84 13.14 45.87
C GLY Q 89 -8.48 14.40 46.41
N THR Q 90 -9.17 15.14 45.54
CA THR Q 90 -9.76 16.42 45.94
C THR Q 90 -10.85 16.24 46.99
N LYS Q 91 -11.66 15.18 46.87
CA LYS Q 91 -12.71 14.96 47.88
C LYS Q 91 -12.13 14.47 49.21
N ALA Q 92 -11.05 13.69 49.20
CA ALA Q 92 -10.41 13.30 50.46
C ALA Q 92 -9.87 14.51 51.20
N VAL Q 93 -9.24 15.44 50.47
CA VAL Q 93 -8.65 16.64 51.07
C VAL Q 93 -9.75 17.54 51.64
N THR Q 94 -10.82 17.76 50.87
CA THR Q 94 -11.89 18.63 51.34
C THR Q 94 -12.62 18.02 52.53
N LYS Q 95 -12.97 16.74 52.45
CA LYS Q 95 -13.51 16.03 53.61
C LYS Q 95 -12.57 16.17 54.81
N TYR Q 96 -11.29 15.98 54.59
CA TYR Q 96 -10.33 16.08 55.67
C TYR Q 96 -10.32 17.45 56.29
N THR Q 97 -10.26 18.47 55.46
CA THR Q 97 -10.12 19.82 55.96
C THR Q 97 -11.31 20.25 56.79
N SER Q 98 -12.50 19.86 56.38
CA SER Q 98 -13.62 19.77 57.32
C SER Q 98 -13.21 19.01 58.54
N ARG R 4 18.23 11.39 -18.85
CA ARG R 4 18.06 10.03 -18.34
C ARG R 4 17.58 10.07 -16.89
N TYR R 5 16.64 9.16 -16.61
CA TYR R 5 15.97 9.05 -15.31
C TYR R 5 16.77 8.04 -14.48
N ARG R 6 17.49 8.54 -13.48
CA ARG R 6 18.31 7.72 -12.60
C ARG R 6 17.75 7.90 -11.19
N PRO R 7 16.58 7.35 -10.90
CA PRO R 7 15.93 7.65 -9.62
C PRO R 7 16.77 7.23 -8.44
N GLY R 8 17.54 6.16 -8.57
CA GLY R 8 18.44 5.77 -7.50
C GLY R 8 19.52 6.80 -7.26
N THR R 9 20.15 7.27 -8.34
CA THR R 9 21.21 8.28 -8.22
C THR R 9 20.67 9.55 -7.57
N VAL R 10 19.45 9.96 -7.94
CA VAL R 10 18.93 11.20 -7.37
C VAL R 10 18.65 11.05 -5.88
N ALA R 11 18.08 9.90 -5.48
CA ALA R 11 17.79 9.66 -4.05
C ALA R 11 19.06 9.62 -3.21
N LEU R 12 20.10 8.93 -3.68
CA LEU R 12 21.33 8.85 -2.89
C LEU R 12 21.97 10.22 -2.74
N ARG R 13 21.86 11.06 -3.78
CA ARG R 13 22.38 12.42 -3.66
C ARG R 13 21.65 13.17 -2.57
N GLU R 14 20.32 13.03 -2.55
CA GLU R 14 19.49 13.71 -1.55
C GLU R 14 19.78 13.21 -0.14
N ILE R 15 19.98 11.90 0.02
CA ILE R 15 20.40 11.37 1.30
C ILE R 15 21.70 12.03 1.75
N ARG R 16 22.71 12.03 0.87
CA ARG R 16 24.02 12.59 1.25
C ARG R 16 23.87 14.06 1.66
N ARG R 17 23.00 14.80 0.96
CA ARG R 17 22.83 16.22 1.23
C ARG R 17 22.18 16.47 2.59
N TYR R 18 21.08 15.78 2.89
CA TYR R 18 20.42 16.05 4.16
C TYR R 18 21.10 15.36 5.33
N GLN R 19 21.92 14.33 5.10
CA GLN R 19 22.69 13.82 6.21
C GLN R 19 23.89 14.70 6.50
N LYS R 20 24.23 15.60 5.57
CA LYS R 20 25.30 16.56 5.76
C LYS R 20 24.82 17.79 6.53
N SER R 21 23.56 18.17 6.39
CA SER R 21 23.05 19.39 6.98
C SER R 21 22.49 19.13 8.37
N THR R 22 22.36 20.21 9.14
CA THR R 22 21.68 20.19 10.43
C THR R 22 20.47 21.10 10.47
N GLU R 23 20.15 21.80 9.39
CA GLU R 23 19.06 22.76 9.41
C GLU R 23 17.73 22.05 9.65
N LEU R 24 16.82 22.73 10.32
CA LEU R 24 15.45 22.26 10.43
C LEU R 24 14.87 22.06 9.03
N LEU R 25 14.17 20.94 8.84
CA LEU R 25 13.71 20.57 7.51
C LEU R 25 12.22 20.81 7.26
N ILE R 26 11.41 21.03 8.30
CA ILE R 26 10.05 21.50 8.08
C ILE R 26 10.08 23.02 8.06
N ARG R 27 9.35 23.63 7.13
CA ARG R 27 9.34 25.09 7.10
C ARG R 27 8.81 25.62 8.43
N LYS R 28 9.42 26.72 8.90
CA LYS R 28 9.18 27.17 10.26
C LYS R 28 7.76 27.65 10.47
N LEU R 29 7.18 28.36 9.48
CA LEU R 29 5.84 28.91 9.64
C LEU R 29 4.76 27.82 9.64
N PRO R 30 4.74 26.89 8.70
CA PRO R 30 3.78 25.78 8.83
C PRO R 30 3.89 25.05 10.15
N PHE R 31 5.12 24.84 10.66
CA PHE R 31 5.24 24.13 11.92
C PHE R 31 4.67 24.97 13.06
N GLN R 32 4.90 26.28 13.02
CA GLN R 32 4.37 27.15 14.06
C GLN R 32 2.85 27.07 14.10
N ARG R 33 2.23 27.00 12.93
CA ARG R 33 0.77 26.95 12.89
C ARG R 33 0.23 25.58 13.34
N LEU R 34 0.94 24.50 13.03
CA LEU R 34 0.55 23.19 13.55
C LEU R 34 0.61 23.15 15.07
N VAL R 35 1.65 23.73 15.66
CA VAL R 35 1.72 23.77 17.13
C VAL R 35 0.59 24.62 17.70
N ARG R 36 0.26 25.72 17.01
CA ARG R 36 -0.73 26.68 17.53
C ARG R 36 -2.10 26.04 17.61
N GLU R 37 -2.49 25.31 16.57
CA GLU R 37 -3.80 24.66 16.59
C GLU R 37 -3.86 23.58 17.65
N ILE R 38 -2.78 22.83 17.83
CA ILE R 38 -2.80 21.79 18.87
C ILE R 38 -2.86 22.43 20.25
N ALA R 39 -1.98 23.40 20.51
CA ALA R 39 -1.97 24.08 21.81
C ALA R 39 -3.28 24.82 22.07
N GLN R 40 -3.83 25.48 21.06
CA GLN R 40 -5.08 26.22 21.27
C GLN R 40 -6.25 25.28 21.45
N ASP R 41 -6.18 24.09 20.87
CA ASP R 41 -7.16 23.05 21.18
C ASP R 41 -7.06 22.59 22.64
N PHE R 42 -5.87 22.61 23.23
CA PHE R 42 -5.79 22.26 24.65
C PHE R 42 -6.35 23.37 25.51
N LYS R 43 -5.82 24.57 25.32
CA LYS R 43 -6.26 25.80 26.04
C LYS R 43 -6.51 26.86 24.96
N THR R 44 -7.55 27.68 25.09
CA THR R 44 -7.77 28.59 23.97
C THR R 44 -6.87 29.83 24.04
N ASP R 45 -6.51 30.30 25.24
CA ASP R 45 -5.69 31.50 25.42
C ASP R 45 -4.25 31.18 25.79
N LEU R 46 -3.76 29.99 25.47
CA LEU R 46 -2.37 29.66 25.71
C LEU R 46 -1.44 30.30 24.68
N ARG R 47 -0.33 30.84 25.14
CA ARG R 47 0.68 31.35 24.22
C ARG R 47 1.99 30.57 24.35
N PHE R 48 2.81 30.64 23.31
CA PHE R 48 4.11 29.98 23.27
C PHE R 48 5.20 31.02 23.08
N GLN R 49 6.34 30.81 23.75
CA GLN R 49 7.55 31.49 23.33
C GLN R 49 8.01 30.91 21.99
N SER R 50 8.56 31.76 21.13
CA SER R 50 9.08 31.22 19.87
C SER R 50 10.21 30.22 20.12
N SER R 51 10.98 30.39 21.21
CA SER R 51 12.01 29.41 21.52
C SER R 51 11.43 28.06 21.96
N ALA R 52 10.25 28.06 22.58
CA ALA R 52 9.59 26.80 22.88
C ALA R 52 9.04 26.13 21.62
N VAL R 53 8.64 26.91 20.61
CA VAL R 53 8.24 26.30 19.35
C VAL R 53 9.44 25.64 18.67
N MET R 54 10.61 26.30 18.72
CA MET R 54 11.82 25.70 18.16
C MET R 54 12.21 24.46 18.93
N ALA R 55 12.16 24.53 20.27
CA ALA R 55 12.43 23.33 21.07
C ALA R 55 11.56 22.18 20.58
N LEU R 56 10.25 22.43 20.44
CA LEU R 56 9.34 21.45 19.86
C LEU R 56 9.78 21.02 18.47
N GLN R 57 10.18 21.98 17.62
CA GLN R 57 10.53 21.58 16.26
C GLN R 57 11.81 20.76 16.24
N GLU R 58 12.79 21.09 17.08
CA GLU R 58 14.00 20.28 17.11
C GLU R 58 13.68 18.86 17.57
N ALA R 59 12.88 18.72 18.62
CA ALA R 59 12.54 17.39 19.12
C ALA R 59 11.69 16.62 18.11
N SER R 60 10.77 17.30 17.43
CA SER R 60 9.87 16.58 16.54
C SER R 60 10.61 16.04 15.32
N GLU R 61 11.48 16.86 14.72
CA GLU R 61 12.27 16.43 13.56
C GLU R 61 13.24 15.33 13.93
N ALA R 62 13.91 15.47 15.07
CA ALA R 62 14.82 14.40 15.49
C ALA R 62 14.07 13.09 15.70
N TYR R 63 12.83 13.18 16.20
CA TYR R 63 12.01 11.99 16.40
C TYR R 63 11.62 11.36 15.06
N LEU R 64 11.19 12.18 14.11
CA LEU R 64 10.82 11.64 12.80
C LEU R 64 12.01 11.02 12.08
N VAL R 65 13.16 11.69 12.12
CA VAL R 65 14.35 11.17 11.43
C VAL R 65 14.74 9.80 11.99
N ALA R 66 14.80 9.69 13.32
CA ALA R 66 15.10 8.40 13.95
C ALA R 66 14.04 7.36 13.62
N LEU R 67 12.75 7.74 13.67
CA LEU R 67 11.70 6.81 13.26
C LEU R 67 11.90 6.34 11.81
N PHE R 68 12.32 7.25 10.93
CA PHE R 68 12.53 6.83 9.55
C PHE R 68 13.70 5.85 9.44
N GLU R 69 14.73 6.06 10.26
CA GLU R 69 15.84 5.11 10.29
C GLU R 69 15.33 3.70 10.58
N ASP R 70 14.61 3.55 11.70
CA ASP R 70 13.99 2.28 12.05
C ASP R 70 13.07 1.78 10.94
N THR R 71 12.27 2.69 10.37
CA THR R 71 11.36 2.31 9.30
C THR R 71 12.13 1.76 8.12
N ASN R 72 13.20 2.45 7.71
CA ASN R 72 14.06 1.97 6.63
C ASN R 72 14.56 0.55 6.90
N LEU R 73 15.02 0.27 8.13
CA LEU R 73 15.47 -1.08 8.45
C LEU R 73 14.33 -2.10 8.30
N CYS R 74 13.09 -1.70 8.62
CA CYS R 74 11.95 -2.60 8.45
C CYS R 74 11.70 -2.90 6.97
N ALA R 75 11.70 -1.86 6.13
CA ALA R 75 11.54 -2.10 4.71
C ALA R 75 12.65 -2.99 4.16
N ILE R 76 13.89 -2.77 4.60
CA ILE R 76 15.00 -3.57 4.10
C ILE R 76 14.85 -5.01 4.55
N HIS R 77 14.33 -5.20 5.77
CA HIS R 77 14.06 -6.55 6.28
C HIS R 77 13.18 -7.34 5.33
N ALA R 78 12.13 -6.71 4.83
CA ALA R 78 11.22 -7.30 3.87
C ALA R 78 11.76 -7.29 2.45
N LYS R 79 13.06 -7.05 2.26
CA LYS R 79 13.66 -7.08 0.93
C LYS R 79 13.07 -6.02 0.01
N ARG R 80 12.75 -4.87 0.59
CA ARG R 80 12.23 -3.71 -0.12
C ARG R 80 13.14 -2.52 0.11
N VAL R 81 13.27 -1.67 -0.91
CA VAL R 81 13.91 -0.38 -0.73
C VAL R 81 12.88 0.71 -0.49
N THR R 82 11.60 0.44 -0.79
CA THR R 82 10.54 1.44 -0.65
C THR R 82 9.87 1.33 0.72
N ILE R 83 10.00 2.36 1.54
CA ILE R 83 9.32 2.33 2.84
C ILE R 83 7.83 2.54 2.64
N MET R 84 7.05 2.04 3.60
CA MET R 84 5.61 1.90 3.47
C MET R 84 4.99 2.08 4.86
N PRO R 85 3.70 2.38 4.94
CA PRO R 85 3.07 2.56 6.27
C PRO R 85 3.32 1.39 7.21
N LYS R 86 3.18 0.15 6.70
CA LYS R 86 3.43 -1.03 7.52
C LYS R 86 4.84 -1.03 8.11
N ASP R 87 5.81 -0.39 7.43
CA ASP R 87 7.15 -0.29 8.02
C ASP R 87 7.17 0.71 9.18
N ILE R 88 6.45 1.83 9.03
CA ILE R 88 6.34 2.77 10.15
C ILE R 88 5.64 2.11 11.32
N GLN R 89 4.56 1.38 11.04
CA GLN R 89 3.74 0.83 12.11
C GLN R 89 4.51 -0.24 12.87
N LEU R 90 5.21 -1.12 12.15
CA LEU R 90 6.07 -2.10 12.80
C LEU R 90 7.13 -1.43 13.67
N ALA R 91 7.80 -0.41 13.13
CA ALA R 91 8.81 0.32 13.91
C ALA R 91 8.21 0.87 15.19
N ARG R 92 7.09 1.59 15.07
CA ARG R 92 6.44 2.13 16.26
C ARG R 92 5.98 1.02 17.21
N ARG R 93 5.51 -0.12 16.69
CA ARG R 93 5.05 -1.17 17.60
C ARG R 93 6.20 -1.74 18.43
N ILE R 94 7.32 -2.05 17.77
CA ILE R 94 8.47 -2.59 18.49
C ILE R 94 9.09 -1.54 19.41
N ARG R 95 9.10 -0.26 18.99
CA ARG R 95 9.62 0.81 19.82
C ARG R 95 8.81 1.01 21.11
N GLY R 96 7.58 0.51 21.17
CA GLY R 96 6.71 0.72 22.32
C GLY R 96 5.74 1.88 22.22
N GLU R 97 5.34 2.30 21.01
CA GLU R 97 4.43 3.43 20.84
C GLU R 97 3.04 2.97 20.40
N ASN S 7 -6.21 20.71 10.22
CA ASN S 7 -5.44 20.00 9.20
C ASN S 7 -3.94 20.00 9.46
N ILE S 8 -3.33 18.84 9.24
CA ILE S 8 -1.85 18.68 9.43
C ILE S 8 -1.22 18.59 8.05
N GLN S 9 -1.88 19.18 7.04
CA GLN S 9 -1.40 19.17 5.64
C GLN S 9 -0.23 20.14 5.47
N GLY S 10 -0.16 21.19 6.31
CA GLY S 10 0.92 22.15 6.16
C GLY S 10 2.31 21.52 6.17
N ILE S 11 2.43 20.30 6.70
CA ILE S 11 3.69 19.54 6.62
C ILE S 11 3.71 18.93 5.22
N THR S 12 4.36 19.62 4.29
CA THR S 12 4.34 19.22 2.90
C THR S 12 5.07 17.91 2.67
N LYS S 13 4.75 17.27 1.56
CA LYS S 13 5.50 16.09 1.13
C LYS S 13 6.98 16.37 0.93
N PRO S 14 7.41 17.49 0.34
CA PRO S 14 8.86 17.75 0.28
C PRO S 14 9.50 17.74 1.66
N ALA S 15 8.89 18.40 2.64
CA ALA S 15 9.46 18.37 3.99
C ALA S 15 9.57 16.94 4.51
N ILE S 16 8.50 16.15 4.34
CA ILE S 16 8.55 14.77 4.83
C ILE S 16 9.65 13.99 4.10
N ARG S 17 9.73 14.13 2.78
CA ARG S 17 10.78 13.45 2.02
C ARG S 17 12.17 13.82 2.54
N ARG S 18 12.43 15.10 2.81
CA ARG S 18 13.72 15.53 3.33
C ARG S 18 14.05 14.84 4.66
N LEU S 19 13.09 14.83 5.59
CA LEU S 19 13.28 14.10 6.83
C LEU S 19 13.60 12.63 6.55
N ALA S 20 12.91 12.02 5.59
CA ALA S 20 13.23 10.62 5.30
C ALA S 20 14.62 10.50 4.70
N ARG S 21 15.04 11.48 3.89
CA ARG S 21 16.38 11.46 3.32
C ARG S 21 17.43 11.50 4.42
N ARG S 22 17.27 12.40 5.39
CA ARG S 22 18.19 12.47 6.52
C ARG S 22 18.22 11.16 7.28
N GLY S 23 17.09 10.44 7.30
CA GLY S 23 16.96 9.12 7.85
C GLY S 23 17.47 7.98 7.00
N GLY S 24 18.07 8.27 5.84
CA GLY S 24 18.68 7.24 5.02
C GLY S 24 17.76 6.57 4.02
N VAL S 25 16.54 7.08 3.84
CA VAL S 25 15.54 6.40 3.02
C VAL S 25 15.75 6.69 1.54
N LYS S 26 15.83 5.62 0.74
CA LYS S 26 16.11 5.74 -0.68
C LYS S 26 14.87 5.85 -1.55
N ARG S 27 13.76 5.23 -1.15
CA ARG S 27 12.52 5.31 -1.91
C ARG S 27 11.33 5.35 -0.95
N ILE S 28 10.29 6.06 -1.34
CA ILE S 28 9.21 6.43 -0.42
C ILE S 28 7.87 6.15 -1.09
N SER S 29 7.04 5.33 -0.45
CA SER S 29 5.69 5.08 -0.96
C SER S 29 4.82 6.32 -0.84
N GLY S 30 3.89 6.47 -1.77
CA GLY S 30 2.98 7.60 -1.73
C GLY S 30 2.20 7.70 -0.42
N LEU S 31 1.90 6.56 0.20
CA LEU S 31 1.06 6.58 1.40
C LEU S 31 1.81 7.03 2.64
N ILE S 32 3.13 7.19 2.55
CA ILE S 32 3.93 7.53 3.72
C ILE S 32 3.56 8.91 4.26
N TYR S 33 3.15 9.84 3.38
CA TYR S 33 3.01 11.23 3.80
C TYR S 33 1.88 11.40 4.81
N GLU S 34 0.72 10.84 4.54
CA GLU S 34 -0.37 10.94 5.49
C GLU S 34 -0.04 10.18 6.78
N GLU S 35 0.56 8.99 6.64
CA GLU S 35 0.94 8.23 7.83
C GLU S 35 1.90 9.02 8.70
N THR S 36 2.91 9.63 8.09
CA THR S 36 3.84 10.47 8.85
C THR S 36 3.12 11.62 9.53
N ARG S 37 2.15 12.25 8.84
CA ARG S 37 1.41 13.35 9.47
C ARG S 37 0.68 12.88 10.71
N GLY S 38 0.14 11.67 10.66
CA GLY S 38 -0.55 11.16 11.84
C GLY S 38 0.39 10.99 13.01
N VAL S 39 1.60 10.46 12.73
CA VAL S 39 2.58 10.19 13.77
C VAL S 39 3.06 11.49 14.40
N LEU S 40 3.39 12.48 13.56
CA LEU S 40 3.83 13.77 14.07
C LEU S 40 2.80 14.40 15.00
N LYS S 41 1.52 14.35 14.60
CA LYS S 41 0.46 14.98 15.39
C LYS S 41 0.31 14.33 16.76
N VAL S 42 0.27 13.00 16.79
CA VAL S 42 0.25 12.27 18.05
C VAL S 42 1.45 12.66 18.90
N PHE S 43 2.63 12.72 18.29
CA PHE S 43 3.82 13.10 19.03
C PHE S 43 3.65 14.48 19.65
N LEU S 44 3.27 15.46 18.83
CA LEU S 44 3.16 16.83 19.32
C LEU S 44 2.04 16.97 20.34
N GLU S 45 0.90 16.29 20.11
CA GLU S 45 -0.16 16.24 21.11
C GLU S 45 0.39 15.84 22.47
N ASN S 46 1.16 14.74 22.50
CA ASN S 46 1.61 14.20 23.77
C ASN S 46 2.58 15.14 24.48
N VAL S 47 3.50 15.75 23.72
CA VAL S 47 4.46 16.67 24.34
C VAL S 47 3.79 17.97 24.75
N ILE S 48 3.00 18.57 23.85
CA ILE S 48 2.35 19.83 24.18
C ILE S 48 1.45 19.66 25.39
N ARG S 49 0.70 18.56 25.44
CA ARG S 49 -0.15 18.30 26.60
C ARG S 49 0.66 18.40 27.89
N ASP S 50 1.80 17.72 27.94
CA ASP S 50 2.58 17.74 29.18
C ASP S 50 3.19 19.11 29.42
N ALA S 51 3.56 19.83 28.34
CA ALA S 51 4.13 21.17 28.52
C ALA S 51 3.10 22.14 29.10
N VAL S 52 1.85 22.07 28.64
CA VAL S 52 0.80 22.91 29.20
C VAL S 52 0.61 22.61 30.68
N THR S 53 0.60 21.32 31.05
CA THR S 53 0.44 20.95 32.46
C THR S 53 1.49 21.61 33.35
N TYR S 54 2.75 21.58 32.91
CA TYR S 54 3.80 22.27 33.66
C TYR S 54 3.54 23.77 33.71
N THR S 55 3.19 24.36 32.57
CA THR S 55 2.93 25.79 32.51
C THR S 55 1.77 26.17 33.43
N GLU S 56 0.65 25.44 33.34
CA GLU S 56 -0.51 25.73 34.18
C GLU S 56 -0.20 25.50 35.66
N HIS S 57 0.58 24.47 35.97
CA HIS S 57 0.89 24.22 37.38
C HIS S 57 1.57 25.43 38.00
N ALA S 58 2.50 26.03 37.26
CA ALA S 58 3.19 27.27 37.58
C ALA S 58 2.27 28.54 37.46
N LYS S 59 0.96 28.39 37.22
CA LYS S 59 0.03 29.50 37.07
C LYS S 59 0.51 30.50 36.02
N ARG S 60 1.17 30.00 34.97
CA ARG S 60 1.56 30.82 33.83
C ARG S 60 0.63 30.53 32.65
N LYS S 61 0.61 31.46 31.69
CA LYS S 61 -0.20 31.26 30.49
C LYS S 61 0.63 31.20 29.23
N THR S 62 1.95 31.23 29.34
CA THR S 62 2.84 31.17 28.18
C THR S 62 3.81 30.01 28.36
N VAL S 63 3.72 29.05 27.45
CA VAL S 63 4.63 27.92 27.47
C VAL S 63 6.03 28.39 27.09
N THR S 64 7.00 28.12 27.98
CA THR S 64 8.40 28.44 27.78
C THR S 64 9.15 27.26 27.18
N ALA S 65 10.34 27.53 26.62
CA ALA S 65 11.22 26.45 26.19
C ALA S 65 11.48 25.46 27.30
N MET S 66 11.68 25.97 28.52
CA MET S 66 11.92 25.09 29.67
C MET S 66 10.76 24.12 29.85
N ASP S 67 9.52 24.61 29.74
CA ASP S 67 8.35 23.75 29.88
C ASP S 67 8.39 22.61 28.87
N VAL S 68 8.76 22.91 27.63
CA VAL S 68 8.89 21.88 26.61
C VAL S 68 9.98 20.89 26.99
N VAL S 69 11.11 21.42 27.45
CA VAL S 69 12.22 20.54 27.84
C VAL S 69 11.78 19.62 28.97
N TYR S 70 11.09 20.16 29.97
CA TYR S 70 10.55 19.32 31.04
C TYR S 70 9.56 18.30 30.51
N ALA S 71 8.76 18.68 29.52
CA ALA S 71 7.78 17.74 29.00
C ALA S 71 8.47 16.64 28.20
N LEU S 72 9.49 17.01 27.43
CA LEU S 72 10.26 16.01 26.69
C LEU S 72 10.95 15.02 27.62
N LYS S 73 11.59 15.53 28.68
CA LYS S 73 12.28 14.63 29.61
C LYS S 73 11.31 13.68 30.30
N ARG S 74 10.08 14.16 30.56
CA ARG S 74 9.04 13.33 31.21
C ARG S 74 8.74 12.10 30.35
N GLN S 75 8.91 12.24 29.03
CA GLN S 75 8.66 11.16 28.09
C GLN S 75 9.94 10.48 27.62
N GLY S 76 11.03 10.64 28.38
CA GLY S 76 12.29 10.01 28.04
C GLY S 76 12.93 10.50 26.76
N ARG S 77 12.78 11.79 26.43
CA ARG S 77 13.38 12.37 25.22
C ARG S 77 14.12 13.65 25.60
N THR S 78 15.14 13.49 26.43
CA THR S 78 16.05 14.58 26.80
C THR S 78 16.51 15.39 25.59
N LEU S 79 16.38 16.70 25.69
CA LEU S 79 16.73 17.66 24.65
C LEU S 79 17.82 18.57 25.17
N TYR S 80 18.92 18.71 24.42
CA TYR S 80 20.04 19.56 24.82
C TYR S 80 19.96 20.88 24.06
N GLY S 81 20.15 21.99 24.76
CA GLY S 81 20.26 23.23 24.03
C GLY S 81 19.27 24.31 24.35
N PHE S 82 18.36 24.05 25.29
CA PHE S 82 17.33 25.06 25.65
C PHE S 82 17.29 25.21 27.18
N GLY S 83 18.05 24.37 27.89
CA GLY S 83 18.08 24.40 29.36
C GLY S 83 17.70 23.05 29.95
N PRO T 12 10.52 33.69 2.91
CA PRO T 12 11.30 33.79 4.15
C PRO T 12 10.98 32.68 5.13
N ASN T 13 11.95 31.81 5.45
CA ASN T 13 11.68 30.64 6.31
C ASN T 13 12.07 30.93 7.76
N GLU T 14 11.14 31.56 8.47
CA GLU T 14 11.29 31.80 9.89
C GLU T 14 9.92 31.87 10.53
N TYR T 15 9.89 31.76 11.85
CA TYR T 15 8.62 31.93 12.55
C TYR T 15 8.09 33.35 12.36
N ASP T 16 6.76 33.47 12.36
CA ASP T 16 6.09 34.77 12.33
C ASP T 16 5.92 35.23 13.77
N LEU T 17 6.72 36.22 14.20
CA LEU T 17 6.67 36.67 15.59
C LEU T 17 5.60 37.71 15.84
N ASN T 18 4.92 38.19 14.79
CA ASN T 18 3.74 39.02 14.98
C ASN T 18 2.49 38.20 15.26
N ASP T 19 2.58 36.88 15.14
CA ASP T 19 1.50 36.00 15.56
C ASP T 19 1.21 36.21 17.04
N SER T 20 -0.05 36.53 17.32
CA SER T 20 -0.49 36.77 18.70
C SER T 20 -0.35 35.53 19.58
N PHE T 21 -0.32 34.33 18.97
CA PHE T 21 -0.08 33.11 19.70
C PHE T 21 1.31 33.08 20.33
N LEU T 22 2.23 33.86 19.80
CA LEU T 22 3.55 33.94 20.36
C LEU T 22 3.68 35.06 21.34
N ASP T 23 4.39 34.80 22.43
CA ASP T 23 4.65 35.80 23.43
C ASP T 23 6.11 35.73 23.76
N ASP T 24 6.90 36.67 23.32
CA ASP T 24 8.33 36.53 23.53
C ASP T 24 8.86 37.61 24.45
N GLU T 25 8.08 37.98 25.45
CA GLU T 25 8.42 39.16 26.22
C GLU T 25 9.65 38.93 27.12
N GLU T 26 10.14 37.68 27.22
CA GLU T 26 11.33 37.40 28.01
C GLU T 26 12.55 37.14 27.13
N GLU T 34 23.81 34.59 13.84
CA GLU T 34 22.88 33.63 14.41
C GLU T 34 23.53 32.72 15.46
N ASP T 35 24.83 32.45 15.33
CA ASP T 35 25.57 31.66 16.33
C ASP T 35 26.88 32.38 16.59
N SER T 36 26.95 33.11 17.70
CA SER T 36 28.14 33.87 18.04
C SER T 36 29.17 33.00 18.76
N ASP T 37 30.42 33.46 18.75
CA ASP T 37 31.48 32.77 19.48
C ASP T 37 31.39 33.07 20.97
N TRP T 38 31.36 32.01 21.78
CA TRP T 38 31.27 32.17 23.22
C TRP T 38 32.65 32.49 23.81
N GLU T 39 32.72 33.53 24.64
CA GLU T 39 33.95 33.92 25.29
C GLU T 39 33.62 34.60 26.61
N PRO T 40 34.51 34.52 27.62
CA PRO T 40 34.26 35.16 28.92
C PRO T 40 34.60 36.64 28.95
N LYS U 4 -39.68 71.03 -8.19
CA LYS U 4 -38.46 71.63 -8.83
C LYS U 4 -37.46 70.52 -9.16
N THR U 5 -37.14 69.65 -8.19
CA THR U 5 -36.21 68.56 -8.45
C THR U 5 -36.86 67.48 -9.31
N ARG U 6 -36.01 66.64 -9.91
CA ARG U 6 -36.52 65.57 -10.75
C ARG U 6 -37.35 64.58 -9.95
N SER U 7 -36.91 64.22 -8.73
CA SER U 7 -37.71 63.32 -7.89
C SER U 7 -39.08 63.91 -7.61
N SER U 8 -39.14 65.19 -7.23
CA SER U 8 -40.42 65.81 -6.90
C SER U 8 -41.34 65.91 -8.12
N ARG U 9 -40.78 66.10 -9.31
CA ARG U 9 -41.62 66.17 -10.50
C ARG U 9 -42.16 64.80 -10.89
N ALA U 10 -41.61 63.73 -10.31
CA ALA U 10 -42.11 62.38 -10.52
C ALA U 10 -43.02 61.91 -9.41
N GLY U 11 -43.19 62.72 -8.35
CA GLY U 11 -43.89 62.28 -7.16
C GLY U 11 -43.16 61.22 -6.35
N LEU U 12 -41.82 61.25 -6.36
CA LEU U 12 -41.01 60.22 -5.72
C LEU U 12 -40.18 60.83 -4.59
N GLN U 13 -39.83 59.99 -3.63
CA GLN U 13 -38.76 60.32 -2.69
C GLN U 13 -37.41 59.79 -3.16
N PHE U 14 -37.39 58.67 -3.86
CA PHE U 14 -36.12 58.05 -4.24
C PHE U 14 -35.40 58.94 -5.27
N PRO U 15 -34.06 58.93 -5.26
CA PRO U 15 -33.31 59.94 -6.01
C PRO U 15 -33.18 59.62 -7.50
N VAL U 16 -34.02 60.27 -8.31
CA VAL U 16 -33.96 60.09 -9.75
C VAL U 16 -32.57 60.45 -10.28
N GLY U 17 -31.97 61.49 -9.72
CA GLY U 17 -30.65 61.93 -10.12
C GLY U 17 -29.59 60.85 -10.09
N ARG U 18 -29.31 60.29 -8.90
CA ARG U 18 -28.24 59.31 -8.80
C ARG U 18 -28.61 58.00 -9.48
N VAL U 19 -29.89 57.65 -9.53
CA VAL U 19 -30.27 56.45 -10.27
C VAL U 19 -29.85 56.59 -11.72
N HIS U 20 -30.01 57.80 -12.28
CA HIS U 20 -29.55 58.06 -13.64
C HIS U 20 -28.03 57.95 -13.75
N ARG U 21 -27.29 58.52 -12.79
CA ARG U 21 -25.83 58.40 -12.80
C ARG U 21 -25.39 56.95 -12.75
N LEU U 22 -26.00 56.14 -11.87
CA LEU U 22 -25.56 54.76 -11.72
C LEU U 22 -25.89 53.94 -12.96
N LEU U 23 -26.95 54.28 -13.68
CA LEU U 23 -27.27 53.59 -14.92
C LEU U 23 -26.23 53.86 -16.00
N ARG U 24 -25.71 55.09 -16.06
CA ARG U 24 -24.68 55.38 -17.06
C ARG U 24 -23.34 54.80 -16.66
N LYS U 25 -23.03 54.78 -15.37
CA LYS U 25 -21.74 54.28 -14.90
C LYS U 25 -21.71 52.76 -14.74
N GLY U 26 -22.84 52.09 -14.89
CA GLY U 26 -22.89 50.66 -14.70
C GLY U 26 -22.64 49.82 -15.94
N ASN U 27 -22.46 50.45 -17.11
CA ASN U 27 -22.16 49.74 -18.34
C ASN U 27 -23.32 48.85 -18.76
N TYR U 28 -24.52 49.43 -18.74
CA TYR U 28 -25.75 48.74 -19.11
C TYR U 28 -26.13 48.95 -20.57
N ALA U 29 -25.82 50.12 -21.13
CA ALA U 29 -26.02 50.44 -22.54
C ALA U 29 -25.11 51.61 -22.86
N GLU U 30 -25.03 51.96 -24.15
CA GLU U 30 -24.27 53.15 -24.51
C GLU U 30 -24.97 54.43 -24.04
N ARG U 31 -26.31 54.39 -23.96
CA ARG U 31 -27.07 55.58 -23.55
C ARG U 31 -28.20 55.18 -22.62
N VAL U 32 -28.61 56.12 -21.79
CA VAL U 32 -29.69 55.93 -20.84
C VAL U 32 -30.70 57.05 -21.08
N GLY U 33 -31.89 56.70 -21.57
CA GLY U 33 -32.92 57.69 -21.80
C GLY U 33 -33.39 58.36 -20.52
N ALA U 34 -34.01 59.52 -20.71
CA ALA U 34 -34.46 60.36 -19.60
C ALA U 34 -35.56 59.69 -18.78
N GLY U 35 -36.39 58.85 -19.41
CA GLY U 35 -37.45 58.16 -18.68
C GLY U 35 -37.00 56.94 -17.89
N ALA U 36 -35.87 56.34 -18.26
CA ALA U 36 -35.44 55.12 -17.57
C ALA U 36 -35.18 55.32 -16.08
N PRO U 37 -34.42 56.32 -15.63
CA PRO U 37 -34.25 56.49 -14.17
C PRO U 37 -35.53 56.83 -13.42
N VAL U 38 -36.46 57.57 -14.03
CA VAL U 38 -37.70 57.90 -13.33
C VAL U 38 -38.47 56.63 -13.03
N TYR U 39 -38.69 55.81 -14.07
CA TYR U 39 -39.34 54.51 -13.92
C TYR U 39 -38.62 53.64 -12.90
N LEU U 40 -37.30 53.48 -13.03
CA LEU U 40 -36.57 52.58 -12.13
C LEU U 40 -36.68 53.07 -10.69
N ALA U 41 -36.48 54.38 -10.46
CA ALA U 41 -36.59 54.92 -9.12
C ALA U 41 -37.99 54.69 -8.54
N ALA U 42 -39.03 54.84 -9.37
CA ALA U 42 -40.38 54.62 -8.87
C ALA U 42 -40.55 53.18 -8.37
N VAL U 43 -40.05 52.19 -9.12
CA VAL U 43 -40.21 50.80 -8.74
C VAL U 43 -39.40 50.50 -7.47
N LEU U 44 -38.18 51.03 -7.38
CA LEU U 44 -37.39 50.84 -6.17
C LEU U 44 -38.08 51.45 -4.96
N GLU U 45 -38.70 52.60 -5.13
CA GLU U 45 -39.45 53.20 -4.03
C GLU U 45 -40.66 52.35 -3.68
N TYR U 46 -41.37 51.86 -4.70
CA TYR U 46 -42.51 50.99 -4.47
C TYR U 46 -42.11 49.74 -3.68
N LEU U 47 -41.05 49.04 -4.12
CA LEU U 47 -40.63 47.82 -3.43
C LEU U 47 -40.16 48.14 -2.01
N THR U 48 -39.45 49.26 -1.83
CA THR U 48 -39.01 49.68 -0.50
C THR U 48 -40.21 49.92 0.41
N ALA U 49 -41.26 50.58 -0.10
CA ALA U 49 -42.45 50.79 0.73
C ALA U 49 -43.17 49.48 1.02
N GLU U 50 -43.11 48.52 0.12
CA GLU U 50 -43.75 47.21 0.36
C GLU U 50 -43.08 46.52 1.55
N ILE U 51 -41.76 46.43 1.56
CA ILE U 51 -41.05 45.78 2.64
C ILE U 51 -41.29 46.53 3.94
N LEU U 52 -41.23 47.86 3.90
CA LEU U 52 -41.29 48.65 5.13
C LEU U 52 -42.70 48.67 5.71
N GLU U 53 -43.73 48.59 4.86
CA GLU U 53 -45.07 48.47 5.41
C GLU U 53 -45.26 47.15 6.13
N LEU U 54 -44.82 46.06 5.53
CA LEU U 54 -45.05 44.77 6.14
C LEU U 54 -44.12 44.57 7.34
N ALA U 55 -42.87 45.02 7.23
CA ALA U 55 -41.94 44.96 8.38
C ALA U 55 -42.45 45.79 9.54
N GLY U 56 -42.91 47.01 9.27
CA GLY U 56 -43.52 47.80 10.33
C GLY U 56 -44.74 47.14 10.94
N ASN U 57 -45.53 46.41 10.15
CA ASN U 57 -46.61 45.63 10.72
C ASN U 57 -46.07 44.58 11.68
N ALA U 58 -44.95 43.94 11.31
CA ALA U 58 -44.34 42.94 12.18
C ALA U 58 -43.83 43.56 13.48
N ALA U 59 -43.09 44.66 13.37
CA ALA U 59 -42.68 45.40 14.57
C ALA U 59 -43.87 45.76 15.44
N ARG U 60 -44.94 46.28 14.82
CA ARG U 60 -46.12 46.65 15.58
C ARG U 60 -46.70 45.44 16.30
N ASP U 61 -46.75 44.28 15.65
CA ASP U 61 -47.49 43.15 16.20
C ASP U 61 -46.77 42.51 17.39
N ASN U 62 -45.46 42.73 17.53
CA ASN U 62 -44.76 42.43 18.77
C ASN U 62 -44.44 43.70 19.56
N LYS U 63 -45.31 44.73 19.45
CA LYS U 63 -45.29 45.88 20.34
C LYS U 63 -43.93 46.59 20.33
N LYS U 64 -43.28 46.59 19.17
CA LYS U 64 -41.98 47.22 18.98
C LYS U 64 -42.14 48.54 18.25
N THR U 65 -41.30 49.52 18.60
CA THR U 65 -41.34 50.83 17.96
C THR U 65 -40.32 50.98 16.86
N ARG U 66 -39.47 49.98 16.64
CA ARG U 66 -38.30 50.10 15.78
C ARG U 66 -38.19 48.86 14.93
N ILE U 67 -38.03 49.05 13.62
CA ILE U 67 -37.80 47.93 12.72
C ILE U 67 -36.36 47.47 12.88
N ILE U 68 -36.18 46.18 13.19
CA ILE U 68 -34.85 45.58 13.24
C ILE U 68 -34.83 44.48 12.19
N PRO U 69 -33.65 43.93 11.84
CA PRO U 69 -33.60 42.94 10.74
C PRO U 69 -34.62 41.83 10.86
N ARG U 70 -34.85 41.31 12.08
CA ARG U 70 -35.85 40.28 12.30
C ARG U 70 -37.19 40.62 11.66
N HIS U 71 -37.62 41.87 11.78
CA HIS U 71 -38.91 42.28 11.23
C HIS U 71 -38.90 42.28 9.71
N LEU U 72 -37.76 42.58 9.07
CA LEU U 72 -37.71 42.53 7.62
C LEU U 72 -37.83 41.09 7.12
N GLN U 73 -37.15 40.16 7.79
CA GLN U 73 -37.26 38.75 7.46
C GLN U 73 -38.69 38.24 7.69
N LEU U 74 -39.31 38.59 8.81
CA LEU U 74 -40.70 38.17 9.02
C LEU U 74 -41.61 38.71 7.92
N ALA U 75 -41.46 40.00 7.56
CA ALA U 75 -42.27 40.55 6.48
C ALA U 75 -42.05 39.78 5.18
N VAL U 76 -40.80 39.48 4.85
CA VAL U 76 -40.51 38.85 3.56
C VAL U 76 -41.07 37.43 3.50
N ARG U 77 -40.73 36.59 4.49
CA ARG U 77 -41.13 35.19 4.48
C ARG U 77 -42.61 34.97 4.80
N ASN U 78 -43.33 35.99 5.25
CA ASN U 78 -44.78 35.90 5.41
C ASN U 78 -45.57 36.42 4.22
N ASP U 79 -44.93 37.02 3.23
CA ASP U 79 -45.61 37.54 2.05
C ASP U 79 -45.19 36.69 0.86
N GLU U 80 -46.17 36.03 0.24
CA GLU U 80 -45.91 35.12 -0.87
C GLU U 80 -45.06 35.76 -1.98
N GLU U 81 -45.34 37.00 -2.35
CA GLU U 81 -44.64 37.58 -3.50
C GLU U 81 -43.21 38.00 -3.14
N LEU U 82 -43.05 38.75 -2.05
CA LEU U 82 -41.72 39.11 -1.57
C LEU U 82 -40.89 37.88 -1.24
N ASN U 83 -41.54 36.84 -0.69
CA ASN U 83 -40.78 35.62 -0.42
C ASN U 83 -40.25 35.04 -1.72
N LYS U 84 -41.04 35.07 -2.79
CA LYS U 84 -40.56 34.62 -4.09
C LYS U 84 -39.46 35.53 -4.65
N LEU U 85 -39.59 36.85 -4.49
CA LEU U 85 -38.59 37.79 -4.99
C LEU U 85 -37.26 37.64 -4.25
N LEU U 86 -37.30 37.40 -2.94
CA LEU U 86 -36.12 37.34 -2.09
C LEU U 86 -35.78 35.92 -1.65
N GLY U 87 -36.06 34.93 -2.51
CA GLY U 87 -35.93 33.53 -2.11
C GLY U 87 -34.51 32.99 -2.07
N ARG U 88 -33.56 33.70 -2.66
CA ARG U 88 -32.15 33.34 -2.60
C ARG U 88 -31.35 34.31 -1.73
N VAL U 89 -32.01 35.03 -0.81
CA VAL U 89 -31.39 36.13 -0.08
C VAL U 89 -31.33 35.78 1.40
N THR U 90 -30.16 36.00 1.99
CA THR U 90 -29.94 35.84 3.41
C THR U 90 -29.97 37.21 4.07
N ILE U 91 -30.90 37.41 4.99
CA ILE U 91 -31.01 38.64 5.75
C ILE U 91 -30.24 38.42 7.04
N ALA U 92 -29.08 39.06 7.17
CA ALA U 92 -28.27 38.87 8.37
C ALA U 92 -29.10 39.20 9.61
N GLN U 93 -28.90 38.41 10.67
CA GLN U 93 -29.65 38.56 11.92
C GLN U 93 -31.16 38.45 11.68
N GLY U 94 -31.56 37.73 10.63
CA GLY U 94 -32.97 37.64 10.29
C GLY U 94 -33.71 36.54 11.05
N GLY U 95 -33.04 35.42 11.29
CA GLY U 95 -33.68 34.25 11.85
C GLY U 95 -34.55 33.55 10.83
N VAL U 96 -35.44 32.69 11.31
CA VAL U 96 -36.35 31.96 10.45
C VAL U 96 -37.76 32.22 10.93
N LEU U 97 -38.70 32.02 10.02
CA LEU U 97 -40.12 32.02 10.37
C LEU U 97 -40.38 30.87 11.34
N PRO U 98 -40.88 31.13 12.56
CA PRO U 98 -41.15 30.02 13.49
C PRO U 98 -42.15 29.05 12.89
N ASN U 99 -41.73 27.78 12.76
CA ASN U 99 -42.55 26.80 12.06
C ASN U 99 -42.06 25.37 12.27
N ILE U 100 -42.90 24.56 12.90
CA ILE U 100 -42.60 23.18 13.23
C ILE U 100 -43.49 22.28 12.38
N GLN U 101 -42.89 21.31 11.71
CA GLN U 101 -43.66 20.36 10.92
C GLN U 101 -44.75 19.74 11.78
N SER U 102 -45.95 19.67 11.23
CA SER U 102 -47.11 19.26 12.03
C SER U 102 -46.92 17.85 12.59
N VAL U 103 -46.20 16.98 11.86
CA VAL U 103 -46.03 15.62 12.34
C VAL U 103 -45.25 15.54 13.66
N LEU U 104 -44.44 16.56 13.98
CA LEU U 104 -43.62 16.57 15.19
C LEU U 104 -44.36 17.09 16.42
N LEU U 105 -45.55 17.61 16.26
CA LEU U 105 -46.31 18.15 17.36
C LEU U 105 -47.27 17.10 17.94
N PRO U 106 -47.59 17.16 19.24
CA PRO U 106 -48.50 16.23 19.92
C PRO U 106 -49.83 15.98 19.22
N GLU V 10 -24.05 53.81 -3.28
CA GLU V 10 -24.43 52.58 -2.58
C GLU V 10 -25.50 52.87 -1.54
N SER V 11 -25.54 54.08 -0.99
CA SER V 11 -26.42 54.37 0.14
C SER V 11 -27.71 55.06 -0.29
N TYR V 12 -28.83 54.39 -0.07
CA TYR V 12 -30.16 54.98 -0.22
C TYR V 12 -30.79 55.29 1.12
N ALA V 13 -29.98 55.27 2.20
CA ALA V 13 -30.52 55.25 3.54
C ALA V 13 -31.51 56.39 3.79
N ILE V 14 -31.14 57.62 3.44
CA ILE V 14 -32.01 58.77 3.74
C ILE V 14 -33.33 58.64 2.98
N TYR V 15 -33.33 57.95 1.84
CA TYR V 15 -34.56 57.81 1.07
C TYR V 15 -35.44 56.68 1.59
N VAL V 16 -34.82 55.56 1.97
CA VAL V 16 -35.52 54.53 2.75
C VAL V 16 -36.18 55.16 3.98
N TYR V 17 -35.44 56.00 4.70
CA TYR V 17 -35.98 56.65 5.90
C TYR V 17 -37.24 57.44 5.58
N LYS V 18 -37.18 58.26 4.53
CA LYS V 18 -38.35 59.08 4.18
C LYS V 18 -39.52 58.23 3.73
N VAL V 19 -39.27 57.11 3.08
CA VAL V 19 -40.40 56.24 2.73
C VAL V 19 -40.98 55.62 4.00
N LEU V 20 -40.10 55.19 4.93
CA LEU V 20 -40.57 54.66 6.21
C LEU V 20 -41.48 55.65 6.93
N LYS V 21 -41.13 56.94 6.92
CA LYS V 21 -41.96 57.91 7.61
C LYS V 21 -43.30 58.13 6.92
N GLN V 22 -43.43 57.75 5.64
CA GLN V 22 -44.74 57.79 5.00
C GLN V 22 -45.60 56.58 5.37
N VAL V 23 -45.01 55.40 5.47
CA VAL V 23 -45.82 54.20 5.71
C VAL V 23 -46.06 53.95 7.20
N HIS V 24 -45.15 54.39 8.06
CA HIS V 24 -45.20 54.11 9.49
C HIS V 24 -44.59 55.30 10.20
N PRO V 25 -45.31 56.42 10.24
CA PRO V 25 -44.72 57.68 10.69
C PRO V 25 -44.06 57.62 12.06
N ASP V 26 -44.61 56.85 12.99
CA ASP V 26 -44.03 56.80 14.33
C ASP V 26 -43.26 55.52 14.58
N THR V 27 -42.78 54.89 13.52
CA THR V 27 -41.92 53.72 13.60
C THR V 27 -40.51 54.11 13.18
N GLY V 28 -39.52 53.66 13.96
CA GLY V 28 -38.13 53.84 13.61
C GLY V 28 -37.52 52.61 12.98
N ILE V 29 -36.20 52.64 12.81
CA ILE V 29 -35.50 51.54 12.16
C ILE V 29 -34.07 51.53 12.67
N SER V 30 -33.55 50.33 12.91
CA SER V 30 -32.21 50.22 13.43
C SER V 30 -31.21 50.39 12.30
N SER V 31 -29.94 50.58 12.69
CA SER V 31 -28.88 50.77 11.70
C SER V 31 -28.67 49.53 10.86
N LYS V 32 -28.73 48.34 11.47
CA LYS V 32 -28.54 47.13 10.69
C LYS V 32 -29.72 46.85 9.77
N ALA V 33 -30.95 47.16 10.20
CA ALA V 33 -32.08 47.04 9.27
C ALA V 33 -31.92 48.03 8.12
N MET V 34 -31.34 49.20 8.41
CA MET V 34 -31.03 50.15 7.34
C MET V 34 -29.99 49.58 6.37
N SER V 35 -28.95 48.89 6.89
CA SER V 35 -28.01 48.22 5.99
C SER V 35 -28.71 47.16 5.15
N ILE V 36 -29.61 46.39 5.77
CA ILE V 36 -30.40 45.41 5.02
C ILE V 36 -31.16 46.11 3.89
N MET V 37 -31.80 47.23 4.19
CA MET V 37 -32.60 47.92 3.16
C MET V 37 -31.72 48.49 2.06
N ASN V 38 -30.52 48.92 2.41
CA ASN V 38 -29.56 49.38 1.42
C ASN V 38 -29.13 48.26 0.48
N SER V 39 -28.78 47.09 1.06
CA SER V 39 -28.43 45.96 0.20
C SER V 39 -29.61 45.60 -0.70
N PHE V 40 -30.83 45.74 -0.19
CA PHE V 40 -32.01 45.35 -0.94
C PHE V 40 -32.20 46.25 -2.17
N VAL V 41 -32.11 47.57 -1.98
CA VAL V 41 -32.26 48.49 -3.10
C VAL V 41 -31.17 48.24 -4.15
N ASN V 42 -29.92 48.14 -3.71
CA ASN V 42 -28.84 47.87 -4.65
C ASN V 42 -29.08 46.58 -5.41
N ASP V 43 -29.50 45.52 -4.69
CA ASP V 43 -29.78 44.23 -5.32
C ASP V 43 -30.86 44.36 -6.40
N VAL V 44 -31.98 44.99 -6.07
CA VAL V 44 -33.05 45.10 -7.07
C VAL V 44 -32.62 46.01 -8.23
N PHE V 45 -31.95 47.12 -7.94
CA PHE V 45 -31.37 47.95 -9.00
C PHE V 45 -30.56 47.08 -9.97
N GLU V 46 -29.66 46.26 -9.41
CA GLU V 46 -28.74 45.49 -10.24
C GLU V 46 -29.49 44.48 -11.10
N ARG V 47 -30.45 43.76 -10.50
CA ARG V 47 -31.27 42.80 -11.24
C ARG V 47 -31.96 43.48 -12.42
N ILE V 48 -32.65 44.58 -12.17
CA ILE V 48 -33.47 45.19 -13.24
C ILE V 48 -32.58 45.77 -14.32
N ALA V 49 -31.57 46.56 -13.93
CA ALA V 49 -30.66 47.15 -14.91
C ALA V 49 -29.97 46.06 -15.73
N GLY V 50 -29.57 44.97 -15.07
CA GLY V 50 -28.98 43.85 -15.78
C GLY V 50 -29.89 43.31 -16.87
N GLU V 51 -31.15 43.04 -16.54
CA GLU V 51 -32.04 42.48 -17.54
C GLU V 51 -32.34 43.51 -18.63
N ALA V 52 -32.57 44.77 -18.23
CA ALA V 52 -32.79 45.84 -19.20
C ALA V 52 -31.60 45.97 -20.14
N SER V 53 -30.39 45.76 -19.65
CA SER V 53 -29.23 45.78 -20.53
C SER V 53 -29.28 44.61 -21.50
N ARG V 54 -29.62 43.41 -21.00
CA ARG V 54 -29.82 42.24 -21.85
C ARG V 54 -30.84 42.50 -22.94
N LEU V 55 -31.97 43.13 -22.58
CA LEU V 55 -33.05 43.33 -23.56
C LEU V 55 -32.61 44.28 -24.66
N ALA V 56 -31.98 45.40 -24.27
CA ALA V 56 -31.48 46.32 -25.27
C ALA V 56 -30.47 45.62 -26.18
N HIS V 57 -29.59 44.80 -25.60
CA HIS V 57 -28.61 44.10 -26.43
C HIS V 57 -29.30 43.12 -27.36
N TYR V 58 -30.25 42.31 -26.84
CA TYR V 58 -30.98 41.38 -27.68
C TYR V 58 -31.60 42.09 -28.88
N ASN V 59 -32.19 43.25 -28.65
CA ASN V 59 -32.94 43.96 -29.66
C ASN V 59 -32.08 44.98 -30.41
N LYS V 60 -30.76 44.92 -30.23
CA LYS V 60 -29.80 45.81 -30.89
C LYS V 60 -30.25 47.27 -30.81
N ARG V 61 -30.62 47.68 -29.59
CA ARG V 61 -30.88 49.04 -29.21
C ARG V 61 -29.68 49.57 -28.43
N SER V 62 -29.31 50.81 -28.70
CA SER V 62 -28.17 51.38 -28.01
C SER V 62 -28.54 52.09 -26.71
N THR V 63 -29.83 52.21 -26.41
CA THR V 63 -30.31 53.03 -25.32
C THR V 63 -31.29 52.23 -24.46
N ILE V 64 -31.14 52.38 -23.15
CA ILE V 64 -32.08 51.80 -22.20
C ILE V 64 -33.15 52.83 -21.92
N THR V 65 -34.39 52.50 -22.24
CA THR V 65 -35.50 53.40 -21.98
C THR V 65 -36.39 52.80 -20.91
N SER V 66 -37.37 53.60 -20.52
CA SER V 66 -38.42 53.11 -19.65
C SER V 66 -39.04 51.81 -20.18
N ARG V 67 -39.01 51.59 -21.50
CA ARG V 67 -39.53 50.34 -22.04
C ARG V 67 -38.70 49.15 -21.57
N GLU V 68 -37.37 49.28 -21.54
CA GLU V 68 -36.56 48.16 -21.08
C GLU V 68 -36.70 47.97 -19.57
N ILE V 69 -36.85 49.06 -18.81
CA ILE V 69 -37.03 48.92 -17.36
C ILE V 69 -38.33 48.19 -17.07
N GLN V 70 -39.39 48.53 -17.81
CA GLN V 70 -40.71 47.94 -17.57
C GLN V 70 -40.71 46.44 -17.88
N THR V 71 -40.23 46.06 -19.07
CA THR V 71 -40.15 44.64 -19.41
C THR V 71 -39.27 43.89 -18.43
N ALA V 72 -38.15 44.47 -18.02
CA ALA V 72 -37.31 43.80 -17.03
C ALA V 72 -38.07 43.61 -15.73
N VAL V 73 -38.88 44.60 -15.33
CA VAL V 73 -39.71 44.44 -14.14
C VAL V 73 -40.70 43.31 -14.34
N ARG V 74 -41.32 43.24 -15.52
CA ARG V 74 -42.25 42.13 -15.80
C ARG V 74 -41.55 40.77 -15.67
N LEU V 75 -40.28 40.70 -16.07
CA LEU V 75 -39.56 39.43 -16.06
C LEU V 75 -39.10 39.02 -14.67
N LEU V 76 -38.71 39.99 -13.84
CA LEU V 76 -38.07 39.72 -12.56
C LEU V 76 -39.02 39.73 -11.37
N LEU V 77 -40.14 40.41 -11.45
CA LEU V 77 -41.02 40.45 -10.32
C LEU V 77 -42.10 39.42 -10.49
N PRO V 78 -42.47 38.77 -9.42
CA PRO V 78 -43.59 37.86 -9.38
C PRO V 78 -44.87 38.62 -9.55
N GLY V 79 -45.75 38.14 -10.40
CA GLY V 79 -47.17 38.36 -10.31
C GLY V 79 -47.65 39.74 -9.99
N GLU V 80 -48.07 39.92 -8.76
CA GLU V 80 -48.77 41.11 -8.36
C GLU V 80 -47.84 42.23 -8.04
N LEU V 81 -46.68 41.92 -7.47
CA LEU V 81 -45.65 42.94 -7.34
C LEU V 81 -45.32 43.56 -8.70
N ALA V 82 -45.34 42.75 -9.76
CA ALA V 82 -45.06 43.26 -11.10
C ALA V 82 -46.12 44.26 -11.53
N LYS V 83 -47.39 43.84 -11.47
CA LYS V 83 -48.49 44.72 -11.88
C LYS V 83 -48.35 46.09 -11.21
N HIS V 84 -48.16 46.08 -9.88
CA HIS V 84 -48.15 47.34 -9.14
C HIS V 84 -46.87 48.13 -9.42
N ALA V 85 -45.72 47.46 -9.50
CA ALA V 85 -44.50 48.16 -9.85
C ALA V 85 -44.62 48.83 -11.22
N VAL V 86 -45.18 48.12 -12.20
CA VAL V 86 -45.35 48.71 -13.53
C VAL V 86 -46.31 49.91 -13.46
N SER V 87 -47.39 49.79 -12.69
CA SER V 87 -48.31 50.92 -12.56
C SER V 87 -47.65 52.10 -11.86
N GLU V 88 -46.89 51.84 -10.80
CA GLU V 88 -46.15 52.92 -10.15
C GLU V 88 -45.14 53.53 -11.11
N GLY V 89 -44.54 52.71 -11.97
CA GLY V 89 -43.50 53.15 -12.88
C GLY V 89 -44.07 54.07 -13.94
N THR V 90 -45.12 53.61 -14.62
CA THR V 90 -45.74 54.44 -15.64
C THR V 90 -46.32 55.71 -15.03
N LYS V 91 -46.95 55.59 -13.85
CA LYS V 91 -47.56 56.74 -13.20
C LYS V 91 -46.53 57.84 -12.91
N ALA V 92 -45.28 57.46 -12.63
CA ALA V 92 -44.26 58.44 -12.27
C ALA V 92 -43.64 59.08 -13.51
N VAL V 93 -43.51 58.33 -14.60
CA VAL V 93 -43.00 58.90 -15.84
C VAL V 93 -44.06 59.79 -16.49
N THR V 94 -45.34 59.45 -16.31
CA THR V 94 -46.40 60.35 -16.74
C THR V 94 -46.36 61.66 -15.96
N LYS V 95 -46.29 61.56 -14.63
CA LYS V 95 -46.28 62.75 -13.79
C LYS V 95 -45.04 63.57 -14.08
N TYR V 96 -43.92 62.89 -14.31
CA TYR V 96 -42.64 63.54 -14.58
C TYR V 96 -42.70 64.36 -15.86
N THR V 97 -43.35 63.83 -16.89
CA THR V 97 -43.41 64.49 -18.19
C THR V 97 -44.66 65.40 -18.29
N SER V 98 -44.84 66.25 -17.28
CA SER V 98 -46.00 67.16 -17.24
C SER V 98 -45.80 68.39 -16.35
N ARG W 4 -45.32 -15.97 -18.50
CA ARG W 4 -44.93 -15.60 -17.14
C ARG W 4 -44.86 -14.08 -17.02
N TYR W 5 -45.18 -13.57 -15.83
CA TYR W 5 -45.23 -12.14 -15.55
C TYR W 5 -43.92 -11.75 -14.89
N ARG W 6 -43.02 -11.16 -15.68
CA ARG W 6 -41.76 -10.64 -15.15
C ARG W 6 -41.78 -9.11 -15.16
N PRO W 7 -42.53 -8.47 -14.26
CA PRO W 7 -42.64 -7.00 -14.31
C PRO W 7 -41.32 -6.31 -14.08
N GLY W 8 -40.45 -6.86 -13.21
CA GLY W 8 -39.14 -6.26 -13.01
C GLY W 8 -38.26 -6.34 -14.24
N THR W 9 -38.31 -7.47 -14.94
CA THR W 9 -37.51 -7.64 -16.15
C THR W 9 -37.95 -6.67 -17.25
N VAL W 10 -39.26 -6.48 -17.41
CA VAL W 10 -39.79 -5.60 -18.45
C VAL W 10 -39.43 -4.15 -18.16
N ALA W 11 -39.53 -3.75 -16.89
CA ALA W 11 -39.15 -2.39 -16.50
C ALA W 11 -37.69 -2.10 -16.83
N LEU W 12 -36.81 -3.04 -16.51
CA LEU W 12 -35.38 -2.83 -16.73
C LEU W 12 -35.05 -2.79 -18.21
N ARG W 13 -35.66 -3.67 -18.99
CA ARG W 13 -35.48 -3.61 -20.44
C ARG W 13 -35.91 -2.24 -20.99
N GLU W 14 -37.02 -1.70 -20.47
CA GLU W 14 -37.45 -0.37 -20.88
C GLU W 14 -36.49 0.70 -20.41
N ILE W 15 -36.01 0.64 -19.16
CA ILE W 15 -35.04 1.64 -18.71
C ILE W 15 -33.84 1.64 -19.64
N ARG W 16 -33.28 0.46 -19.92
CA ARG W 16 -32.12 0.39 -20.78
C ARG W 16 -32.41 0.96 -22.16
N ARG W 17 -33.63 0.72 -22.65
CA ARG W 17 -33.97 1.15 -24.00
C ARG W 17 -34.07 2.67 -24.10
N TYR W 18 -34.81 3.32 -23.18
CA TYR W 18 -34.97 4.77 -23.24
C TYR W 18 -33.74 5.53 -22.74
N GLN W 19 -32.89 4.90 -21.93
CA GLN W 19 -31.62 5.52 -21.58
C GLN W 19 -30.60 5.46 -22.70
N LYS W 20 -30.75 4.51 -23.63
CA LYS W 20 -29.85 4.39 -24.78
C LYS W 20 -30.26 5.33 -25.90
N SER W 21 -31.46 5.89 -25.84
CA SER W 21 -32.01 6.63 -26.95
C SER W 21 -32.07 8.11 -26.61
N THR W 22 -32.19 8.96 -27.65
CA THR W 22 -32.25 10.40 -27.46
C THR W 22 -33.50 11.06 -28.03
N GLU W 23 -34.32 10.35 -28.79
CA GLU W 23 -35.50 10.94 -29.41
C GLU W 23 -36.47 11.48 -28.36
N LEU W 24 -37.21 12.50 -28.74
CA LEU W 24 -38.23 13.01 -27.84
C LEU W 24 -39.28 11.93 -27.58
N LEU W 25 -39.75 11.89 -26.34
CA LEU W 25 -40.59 10.78 -25.89
C LEU W 25 -42.07 11.13 -25.82
N ILE W 26 -42.42 12.41 -25.77
CA ILE W 26 -43.81 12.80 -25.99
C ILE W 26 -44.03 12.92 -27.48
N ARG W 27 -45.18 12.44 -27.96
CA ARG W 27 -45.47 12.56 -29.38
C ARG W 27 -45.60 14.02 -29.76
N LYS W 28 -45.14 14.36 -30.97
CA LYS W 28 -44.90 15.75 -31.33
C LYS W 28 -46.20 16.54 -31.47
N LEU W 29 -47.19 15.98 -32.17
CA LEU W 29 -48.46 16.69 -32.34
C LEU W 29 -49.17 16.95 -31.01
N PRO W 30 -49.34 15.97 -30.11
CA PRO W 30 -49.94 16.29 -28.80
C PRO W 30 -49.22 17.40 -28.05
N PHE W 31 -47.88 17.41 -28.09
CA PHE W 31 -47.14 18.45 -27.39
C PHE W 31 -47.39 19.82 -28.02
N GLN W 32 -47.41 19.89 -29.34
CA GLN W 32 -47.72 21.13 -30.05
C GLN W 32 -49.08 21.67 -29.63
N ARG W 33 -50.09 20.80 -29.58
CA ARG W 33 -51.40 21.23 -29.12
C ARG W 33 -51.37 21.66 -27.66
N LEU W 34 -50.55 21.02 -26.83
CA LEU W 34 -50.43 21.48 -25.45
C LEU W 34 -49.82 22.86 -25.40
N VAL W 35 -48.75 23.09 -26.15
CA VAL W 35 -48.15 24.41 -26.21
C VAL W 35 -49.17 25.42 -26.75
N ARG W 36 -49.91 25.05 -27.80
CA ARG W 36 -50.85 25.96 -28.45
C ARG W 36 -51.93 26.43 -27.49
N GLU W 37 -52.49 25.52 -26.69
CA GLU W 37 -53.52 25.91 -25.74
C GLU W 37 -52.97 26.88 -24.71
N ILE W 38 -51.81 26.57 -24.14
CA ILE W 38 -51.26 27.45 -23.12
C ILE W 38 -50.93 28.80 -23.72
N ALA W 39 -50.27 28.80 -24.88
CA ALA W 39 -49.90 30.05 -25.51
C ALA W 39 -51.13 30.89 -25.83
N GLN W 40 -52.16 30.26 -26.40
CA GLN W 40 -53.29 31.04 -26.89
C GLN W 40 -54.12 31.61 -25.75
N ASP W 41 -53.96 31.00 -24.57
CA ASP W 41 -54.63 31.47 -23.33
C ASP W 41 -53.97 32.80 -22.94
N PHE W 42 -52.64 32.88 -23.08
CA PHE W 42 -51.94 34.13 -22.82
C PHE W 42 -52.39 35.20 -23.80
N LYS W 43 -52.38 34.87 -25.09
CA LYS W 43 -52.75 35.82 -26.15
C LYS W 43 -53.40 35.03 -27.27
N THR W 44 -54.66 35.35 -27.58
CA THR W 44 -55.40 34.54 -28.56
C THR W 44 -54.70 34.50 -29.91
N ASP W 45 -54.06 35.58 -30.33
CA ASP W 45 -53.49 35.68 -31.68
C ASP W 45 -51.98 35.37 -31.72
N LEU W 46 -51.41 34.93 -30.63
CA LEU W 46 -49.99 34.60 -30.64
C LEU W 46 -49.72 33.38 -31.50
N ARG W 47 -48.70 33.46 -32.35
CA ARG W 47 -48.21 32.31 -33.09
C ARG W 47 -46.82 31.90 -32.60
N PHE W 48 -46.44 30.67 -32.90
CA PHE W 48 -45.12 30.12 -32.59
C PHE W 48 -44.46 29.67 -33.88
N GLN W 49 -43.14 29.82 -33.95
CA GLN W 49 -42.37 29.07 -34.92
C GLN W 49 -42.29 27.63 -34.47
N SER W 50 -42.27 26.71 -35.43
CA SER W 50 -42.19 25.29 -35.06
C SER W 50 -40.89 24.96 -34.30
N SER W 51 -39.77 25.59 -34.66
CA SER W 51 -38.54 25.40 -33.89
C SER W 51 -38.65 25.96 -32.48
N ALA W 52 -39.51 26.95 -32.26
CA ALA W 52 -39.77 27.40 -30.88
C ALA W 52 -40.54 26.34 -30.10
N VAL W 53 -41.44 25.62 -30.77
CA VAL W 53 -42.11 24.50 -30.12
C VAL W 53 -41.10 23.39 -29.83
N MET W 54 -40.16 23.14 -30.76
CA MET W 54 -39.21 22.07 -30.52
C MET W 54 -38.24 22.44 -29.41
N ALA W 55 -37.77 23.68 -29.37
CA ALA W 55 -36.99 24.13 -28.22
C ALA W 55 -37.74 23.88 -26.92
N LEU W 56 -39.04 24.18 -26.91
CA LEU W 56 -39.87 23.93 -25.73
C LEU W 56 -39.90 22.46 -25.37
N GLN W 57 -40.04 21.58 -26.37
CA GLN W 57 -40.19 20.16 -26.05
C GLN W 57 -38.90 19.58 -25.48
N GLU W 58 -37.75 19.91 -26.09
CA GLU W 58 -36.46 19.47 -25.58
C GLU W 58 -36.27 19.91 -24.13
N ALA W 59 -36.54 21.18 -23.84
CA ALA W 59 -36.35 21.66 -22.46
C ALA W 59 -37.34 20.97 -21.52
N SER W 60 -38.57 20.75 -21.98
CA SER W 60 -39.63 20.13 -21.17
C SER W 60 -39.28 18.70 -20.80
N GLU W 61 -39.03 17.85 -21.80
CA GLU W 61 -38.67 16.47 -21.49
C GLU W 61 -37.40 16.40 -20.65
N ALA W 62 -36.41 17.26 -20.94
CA ALA W 62 -35.18 17.23 -20.14
C ALA W 62 -35.49 17.59 -18.69
N TYR W 63 -36.37 18.57 -18.48
CA TYR W 63 -36.79 18.91 -17.12
C TYR W 63 -37.50 17.73 -16.45
N LEU W 64 -38.40 17.06 -17.18
CA LEU W 64 -39.18 15.97 -16.57
C LEU W 64 -38.31 14.74 -16.32
N VAL W 65 -37.47 14.36 -17.26
CA VAL W 65 -36.53 13.26 -17.03
C VAL W 65 -35.69 13.53 -15.78
N ALA W 66 -35.13 14.73 -15.67
CA ALA W 66 -34.29 15.01 -14.50
C ALA W 66 -35.12 15.00 -13.23
N LEU W 67 -36.36 15.50 -13.31
CA LEU W 67 -37.24 15.46 -12.15
C LEU W 67 -37.52 14.03 -11.72
N PHE W 68 -37.72 13.13 -12.69
CA PHE W 68 -37.97 11.74 -12.37
C PHE W 68 -36.75 11.11 -11.72
N GLU W 69 -35.55 11.53 -12.12
CA GLU W 69 -34.34 11.05 -11.45
C GLU W 69 -34.39 11.37 -9.97
N ASP W 70 -34.58 12.65 -9.64
CA ASP W 70 -34.72 13.05 -8.24
C ASP W 70 -35.88 12.33 -7.57
N THR W 71 -37.00 12.16 -8.27
CA THR W 71 -38.13 11.45 -7.70
C THR W 71 -37.74 10.03 -7.31
N ASN W 72 -37.08 9.33 -8.23
CA ASN W 72 -36.59 7.98 -7.96
C ASN W 72 -35.78 7.93 -6.68
N LEU W 73 -34.88 8.89 -6.50
CA LEU W 73 -34.05 8.94 -5.29
C LEU W 73 -34.90 9.07 -4.03
N CYS W 74 -35.95 9.89 -4.10
CA CYS W 74 -36.81 10.11 -2.94
C CYS W 74 -37.59 8.85 -2.60
N ALA W 75 -38.07 8.15 -3.62
CA ALA W 75 -38.77 6.90 -3.36
C ALA W 75 -37.80 5.87 -2.79
N ILE W 76 -36.60 5.77 -3.37
CA ILE W 76 -35.61 4.84 -2.86
C ILE W 76 -35.28 5.17 -1.41
N HIS W 77 -35.06 6.45 -1.11
CA HIS W 77 -34.86 6.91 0.26
C HIS W 77 -35.89 6.31 1.21
N ALA W 78 -37.15 6.29 0.81
CA ALA W 78 -38.22 5.74 1.63
C ALA W 78 -38.34 4.22 1.51
N LYS W 79 -37.33 3.56 0.95
CA LYS W 79 -37.26 2.10 0.87
C LYS W 79 -38.38 1.54 -0.01
N ARG W 80 -38.66 2.24 -1.12
CA ARG W 80 -39.63 1.86 -2.13
C ARG W 80 -38.95 1.91 -3.49
N VAL W 81 -39.45 1.09 -4.41
CA VAL W 81 -39.09 1.23 -5.82
C VAL W 81 -40.21 1.85 -6.63
N THR W 82 -41.40 1.97 -6.08
CA THR W 82 -42.52 2.61 -6.77
C THR W 82 -42.49 4.09 -6.45
N ILE W 83 -42.35 4.92 -7.46
CA ILE W 83 -42.41 6.36 -7.22
C ILE W 83 -43.87 6.77 -7.05
N MET W 84 -44.08 7.77 -6.19
CA MET W 84 -45.39 8.25 -5.80
C MET W 84 -45.42 9.76 -5.89
N PRO W 85 -46.62 10.37 -5.85
CA PRO W 85 -46.68 11.85 -5.87
C PRO W 85 -45.86 12.54 -4.80
N LYS W 86 -45.86 11.98 -3.57
CA LYS W 86 -45.09 12.55 -2.47
C LYS W 86 -43.60 12.63 -2.81
N ASP W 87 -43.10 11.68 -3.63
CA ASP W 87 -41.72 11.74 -4.08
C ASP W 87 -41.49 12.92 -5.02
N ILE W 88 -42.39 13.11 -5.98
CA ILE W 88 -42.30 14.27 -6.85
C ILE W 88 -42.38 15.55 -6.01
N GLN W 89 -43.30 15.60 -5.04
CA GLN W 89 -43.44 16.80 -4.23
C GLN W 89 -42.17 17.09 -3.43
N LEU W 90 -41.56 16.04 -2.85
CA LEU W 90 -40.37 16.26 -2.04
C LEU W 90 -39.22 16.77 -2.90
N ALA W 91 -39.02 16.15 -4.07
CA ALA W 91 -38.01 16.62 -5.00
C ALA W 91 -38.24 18.09 -5.39
N ARG W 92 -39.45 18.39 -5.88
CA ARG W 92 -39.73 19.77 -6.26
C ARG W 92 -39.51 20.74 -5.11
N ARG W 93 -39.91 20.34 -3.89
CA ARG W 93 -39.74 21.20 -2.72
C ARG W 93 -38.27 21.49 -2.44
N ILE W 94 -37.44 20.44 -2.44
CA ILE W 94 -36.04 20.68 -2.14
C ILE W 94 -35.34 21.37 -3.29
N ARG W 95 -35.77 21.10 -4.54
CA ARG W 95 -35.29 21.86 -5.68
C ARG W 95 -35.64 23.34 -5.58
N GLY W 96 -36.69 23.68 -4.83
CA GLY W 96 -37.14 25.05 -4.73
C GLY W 96 -38.28 25.48 -5.66
N GLU W 97 -39.13 24.56 -6.12
CA GLU W 97 -40.17 24.89 -7.10
C GLU W 97 -41.55 25.01 -6.45
N ASP X 6 -57.12 20.92 -20.00
CA ASP X 6 -57.77 19.66 -20.45
C ASP X 6 -56.94 19.03 -21.57
N ASN X 7 -56.22 19.85 -22.35
CA ASN X 7 -55.36 19.32 -23.44
C ASN X 7 -54.19 18.57 -22.80
N ILE X 8 -53.88 18.91 -21.55
CA ILE X 8 -52.77 18.24 -20.80
C ILE X 8 -53.08 16.75 -20.74
N GLN X 9 -54.33 16.35 -21.01
CA GLN X 9 -54.61 14.90 -20.94
C GLN X 9 -54.02 14.26 -22.19
N GLY X 10 -53.64 15.08 -23.17
CA GLY X 10 -53.04 14.54 -24.37
C GLY X 10 -51.64 14.01 -24.14
N ILE X 11 -51.03 14.37 -23.01
CA ILE X 11 -49.76 13.80 -22.58
C ILE X 11 -50.10 12.42 -22.01
N THR X 12 -49.86 11.37 -22.78
CA THR X 12 -50.38 10.05 -22.50
C THR X 12 -49.60 9.36 -21.38
N LYS X 13 -50.23 8.31 -20.83
CA LYS X 13 -49.55 7.51 -19.81
C LYS X 13 -48.31 6.83 -20.37
N PRO X 14 -48.34 6.21 -21.56
CA PRO X 14 -47.09 5.71 -22.15
C PRO X 14 -45.99 6.75 -22.25
N ALA X 15 -46.29 7.96 -22.73
CA ALA X 15 -45.22 8.95 -22.87
C ALA X 15 -44.65 9.31 -21.51
N ILE X 16 -45.48 9.33 -20.48
CA ILE X 16 -44.97 9.71 -19.17
C ILE X 16 -44.11 8.58 -18.59
N ARG X 17 -44.58 7.33 -18.77
CA ARG X 17 -43.78 6.15 -18.42
C ARG X 17 -42.41 6.19 -19.09
N ARG X 18 -42.39 6.46 -20.40
CA ARG X 18 -41.12 6.48 -21.14
C ARG X 18 -40.17 7.51 -20.56
N LEU X 19 -40.64 8.73 -20.35
CA LEU X 19 -39.82 9.75 -19.69
C LEU X 19 -39.30 9.22 -18.35
N ALA X 20 -40.17 8.58 -17.57
CA ALA X 20 -39.76 8.06 -16.28
C ALA X 20 -38.75 6.93 -16.42
N ARG X 21 -38.91 6.09 -17.45
CA ARG X 21 -37.93 5.05 -17.74
C ARG X 21 -36.56 5.65 -18.06
N ARG X 22 -36.52 6.65 -18.95
CA ARG X 22 -35.27 7.34 -19.23
C ARG X 22 -34.70 7.95 -17.97
N GLY X 23 -35.57 8.35 -17.04
CA GLY X 23 -35.15 8.81 -15.72
C GLY X 23 -34.70 7.72 -14.77
N GLY X 24 -34.70 6.46 -15.19
CA GLY X 24 -34.23 5.37 -14.35
C GLY X 24 -35.25 4.79 -13.40
N VAL X 25 -36.55 4.98 -13.66
CA VAL X 25 -37.58 4.59 -12.72
C VAL X 25 -38.08 3.19 -13.07
N LYS X 26 -38.11 2.32 -12.05
CA LYS X 26 -38.47 0.92 -12.26
C LYS X 26 -39.96 0.66 -12.09
N ARG X 27 -40.61 1.26 -11.10
CA ARG X 27 -42.04 1.11 -10.93
C ARG X 27 -42.69 2.44 -10.64
N ILE X 28 -43.87 2.64 -11.22
CA ILE X 28 -44.56 3.92 -11.26
C ILE X 28 -45.96 3.71 -10.71
N SER X 29 -46.30 4.42 -9.63
CA SER X 29 -47.69 4.40 -9.16
C SER X 29 -48.62 5.04 -10.19
N GLY X 30 -49.86 4.56 -10.19
CA GLY X 30 -50.86 5.10 -11.11
C GLY X 30 -51.17 6.57 -10.86
N LEU X 31 -51.03 7.03 -9.62
CA LEU X 31 -51.26 8.45 -9.34
C LEU X 31 -50.22 9.37 -9.95
N ILE X 32 -49.13 8.82 -10.50
CA ILE X 32 -48.02 9.66 -10.97
C ILE X 32 -48.44 10.47 -12.20
N TYR X 33 -49.29 9.89 -13.05
CA TYR X 33 -49.55 10.47 -14.37
C TYR X 33 -50.25 11.82 -14.26
N GLU X 34 -51.26 11.93 -13.39
CA GLU X 34 -51.95 13.20 -13.19
C GLU X 34 -51.02 14.23 -12.56
N GLU X 35 -50.20 13.79 -11.61
CA GLU X 35 -49.24 14.69 -10.97
C GLU X 35 -48.23 15.24 -11.98
N THR X 36 -47.79 14.41 -12.92
CA THR X 36 -46.81 14.87 -13.90
C THR X 36 -47.42 15.89 -14.84
N ARG X 37 -48.66 15.64 -15.30
CA ARG X 37 -49.34 16.61 -16.13
C ARG X 37 -49.39 17.97 -15.45
N GLY X 38 -49.75 17.97 -14.16
CA GLY X 38 -49.74 19.21 -13.42
C GLY X 38 -48.39 19.91 -13.47
N VAL X 39 -47.32 19.15 -13.21
CA VAL X 39 -45.97 19.73 -13.16
C VAL X 39 -45.52 20.21 -14.54
N LEU X 40 -45.86 19.46 -15.59
CA LEU X 40 -45.53 19.90 -16.93
C LEU X 40 -46.25 21.21 -17.28
N LYS X 41 -47.55 21.26 -16.98
CA LYS X 41 -48.39 22.46 -17.27
C LYS X 41 -47.75 23.71 -16.65
N VAL X 42 -47.33 23.62 -15.38
CA VAL X 42 -46.73 24.75 -14.67
C VAL X 42 -45.41 25.14 -15.32
N PHE X 43 -44.56 24.14 -15.59
CA PHE X 43 -43.29 24.42 -16.27
C PHE X 43 -43.53 25.18 -17.57
N LEU X 44 -44.48 24.71 -18.39
CA LEU X 44 -44.70 25.30 -19.71
C LEU X 44 -45.28 26.70 -19.59
N GLU X 45 -46.19 26.89 -18.63
CA GLU X 45 -46.74 28.22 -18.43
C GLU X 45 -45.63 29.21 -18.12
N ASN X 46 -44.77 28.87 -17.17
CA ASN X 46 -43.70 29.77 -16.75
C ASN X 46 -42.76 30.10 -17.91
N VAL X 47 -42.37 29.10 -18.70
CA VAL X 47 -41.45 29.39 -19.79
C VAL X 47 -42.14 30.21 -20.86
N ILE X 48 -43.38 29.84 -21.19
CA ILE X 48 -44.07 30.52 -22.29
C ILE X 48 -44.38 31.96 -21.91
N ARG X 49 -44.82 32.19 -20.66
CA ARG X 49 -45.09 33.55 -20.20
C ARG X 49 -43.87 34.44 -20.38
N ASP X 50 -42.69 33.96 -19.98
CA ASP X 50 -41.48 34.73 -20.15
C ASP X 50 -41.11 34.87 -21.63
N ALA X 51 -41.31 33.82 -22.43
CA ALA X 51 -41.01 33.91 -23.85
C ALA X 51 -41.91 34.93 -24.54
N VAL X 52 -43.20 34.95 -24.20
CA VAL X 52 -44.11 35.94 -24.76
C VAL X 52 -43.66 37.35 -24.39
N THR X 53 -43.17 37.52 -23.16
CA THR X 53 -42.72 38.84 -22.72
C THR X 53 -41.58 39.35 -23.59
N TYR X 54 -40.60 38.47 -23.90
CA TYR X 54 -39.55 38.81 -24.86
C TYR X 54 -40.14 39.11 -26.25
N THR X 55 -41.10 38.30 -26.70
CA THR X 55 -41.71 38.52 -28.01
C THR X 55 -42.44 39.85 -28.06
N GLU X 56 -43.29 40.11 -27.08
CA GLU X 56 -44.02 41.37 -27.04
C GLU X 56 -43.07 42.54 -26.87
N HIS X 57 -41.99 42.35 -26.10
CA HIS X 57 -41.05 43.46 -25.94
C HIS X 57 -40.51 43.92 -27.28
N ALA X 58 -40.17 42.98 -28.16
CA ALA X 58 -39.68 43.29 -29.49
C ALA X 58 -40.79 43.66 -30.45
N LYS X 59 -42.00 43.90 -29.94
CA LYS X 59 -43.17 44.18 -30.77
C LYS X 59 -43.28 43.20 -31.94
N ARG X 60 -43.03 41.92 -31.66
CA ARG X 60 -43.36 40.80 -32.53
C ARG X 60 -44.58 40.08 -31.99
N LYS X 61 -45.16 39.20 -32.81
CA LYS X 61 -46.28 38.37 -32.33
C LYS X 61 -46.09 36.90 -32.65
N THR X 62 -44.93 36.51 -33.18
CA THR X 62 -44.55 35.11 -33.32
C THR X 62 -43.38 34.85 -32.39
N VAL X 63 -43.61 34.04 -31.35
CA VAL X 63 -42.51 33.56 -30.52
C VAL X 63 -41.55 32.74 -31.37
N THR X 64 -40.27 33.11 -31.33
CA THR X 64 -39.21 32.39 -32.03
C THR X 64 -38.48 31.45 -31.08
N ALA X 65 -37.70 30.56 -31.68
CA ALA X 65 -36.77 29.72 -30.92
C ALA X 65 -35.89 30.54 -29.98
N MET X 66 -35.39 31.69 -30.44
CA MET X 66 -34.52 32.50 -29.59
C MET X 66 -35.28 33.05 -28.39
N ASP X 67 -36.55 33.44 -28.59
CA ASP X 67 -37.39 33.87 -27.46
C ASP X 67 -37.51 32.77 -26.41
N VAL X 68 -37.71 31.51 -26.81
CA VAL X 68 -37.75 30.42 -25.85
C VAL X 68 -36.41 30.27 -25.14
N VAL X 69 -35.31 30.30 -25.92
CA VAL X 69 -33.98 30.16 -25.35
C VAL X 69 -33.75 31.25 -24.29
N TYR X 70 -34.13 32.49 -24.60
CA TYR X 70 -33.97 33.57 -23.64
C TYR X 70 -34.82 33.34 -22.39
N ALA X 71 -36.04 32.83 -22.58
CA ALA X 71 -36.92 32.61 -21.45
C ALA X 71 -36.37 31.50 -20.57
N LEU X 72 -35.90 30.41 -21.18
CA LEU X 72 -35.25 29.35 -20.41
C LEU X 72 -34.06 29.91 -19.64
N LYS X 73 -33.25 30.76 -20.29
CA LYS X 73 -32.05 31.28 -19.63
C LYS X 73 -32.41 32.17 -18.45
N ARG X 74 -33.50 32.93 -18.59
CA ARG X 74 -33.98 33.82 -17.51
C ARG X 74 -34.44 32.96 -16.32
N GLN X 75 -34.78 31.69 -16.58
CA GLN X 75 -35.23 30.78 -15.54
C GLN X 75 -34.13 29.82 -15.10
N GLY X 76 -32.87 30.08 -15.46
CA GLY X 76 -31.76 29.25 -15.03
C GLY X 76 -31.58 27.95 -15.77
N ARG X 77 -32.19 27.78 -16.94
CA ARG X 77 -32.21 26.50 -17.62
C ARG X 77 -31.66 26.58 -19.02
N THR X 78 -30.40 26.97 -19.13
CA THR X 78 -29.75 27.16 -20.43
C THR X 78 -29.93 25.97 -21.36
N LEU X 79 -30.40 26.26 -22.57
CA LEU X 79 -30.61 25.24 -23.59
C LEU X 79 -29.63 25.49 -24.76
N TYR X 80 -28.92 24.44 -25.17
CA TYR X 80 -27.99 24.47 -26.29
C TYR X 80 -28.64 23.88 -27.53
N GLY X 81 -28.44 24.51 -28.67
CA GLY X 81 -28.88 23.91 -29.91
C GLY X 81 -29.91 24.72 -30.70
N PHE X 82 -30.20 25.96 -30.30
CA PHE X 82 -31.24 26.77 -30.97
C PHE X 82 -30.90 28.26 -31.14
N PRO Y 12 -47.09 8.62 -38.19
CA PRO Y 12 -46.52 9.91 -38.63
C PRO Y 12 -46.30 10.85 -37.46
N ASN Y 13 -45.11 10.83 -36.85
CA ASN Y 13 -44.87 11.58 -35.61
C ASN Y 13 -44.17 12.90 -35.91
N GLU Y 14 -44.95 13.89 -36.32
CA GLU Y 14 -44.39 15.18 -36.66
C GLU Y 14 -45.29 16.29 -36.12
N TYR Y 15 -44.76 17.50 -36.18
CA TYR Y 15 -45.60 18.66 -35.93
C TYR Y 15 -46.50 18.92 -37.13
N ASP Y 16 -47.67 19.51 -36.87
CA ASP Y 16 -48.60 19.88 -37.92
C ASP Y 16 -48.29 21.30 -38.37
N LEU Y 17 -47.60 21.43 -39.51
CA LEU Y 17 -47.24 22.75 -39.99
C LEU Y 17 -48.43 23.49 -40.62
N ASN Y 18 -49.53 22.79 -40.89
CA ASN Y 18 -50.74 23.50 -41.30
C ASN Y 18 -51.45 24.18 -40.15
N ASP Y 19 -51.08 23.88 -38.91
CA ASP Y 19 -51.63 24.59 -37.77
C ASP Y 19 -51.46 26.10 -37.93
N SER Y 20 -52.58 26.83 -37.94
CA SER Y 20 -52.51 28.28 -38.03
C SER Y 20 -51.76 28.88 -36.84
N PHE Y 21 -51.57 28.11 -35.78
CA PHE Y 21 -50.77 28.56 -34.64
C PHE Y 21 -49.29 28.62 -34.98
N LEU Y 22 -48.83 27.86 -35.97
CA LEU Y 22 -47.44 27.88 -36.37
C LEU Y 22 -47.22 28.92 -37.47
N ASP Y 23 -46.10 29.62 -37.36
CA ASP Y 23 -45.73 30.68 -38.30
C ASP Y 23 -44.27 30.45 -38.66
N ASP Y 24 -44.01 29.79 -39.79
CA ASP Y 24 -42.66 29.42 -40.18
C ASP Y 24 -42.13 30.20 -41.38
N GLU Y 25 -42.54 31.47 -41.52
CA GLU Y 25 -42.10 32.24 -42.68
C GLU Y 25 -40.65 32.69 -42.54
N GLU Y 26 -40.14 32.80 -41.31
CA GLU Y 26 -38.81 33.36 -41.05
C GLU Y 26 -37.73 32.31 -40.81
N GLU Y 27 -38.10 31.04 -40.63
CA GLU Y 27 -37.18 29.90 -40.78
C GLU Y 27 -37.93 28.60 -40.60
N ASP Y 35 -30.46 15.49 -39.71
CA ASP Y 35 -29.19 15.98 -39.18
C ASP Y 35 -28.01 15.52 -40.03
N SER Y 36 -27.62 16.34 -40.99
CA SER Y 36 -26.58 15.96 -41.93
C SER Y 36 -25.23 16.61 -41.56
N ASP Y 37 -24.18 16.12 -42.22
CA ASP Y 37 -22.83 16.51 -41.86
C ASP Y 37 -22.63 18.00 -42.03
N TRP Y 38 -21.94 18.61 -41.08
CA TRP Y 38 -21.61 20.02 -41.17
C TRP Y 38 -20.34 20.19 -41.98
N GLU Y 39 -20.34 21.11 -42.93
CA GLU Y 39 -19.09 21.36 -43.62
C GLU Y 39 -18.97 22.80 -44.10
N PRO Y 40 -17.74 23.36 -44.15
CA PRO Y 40 -17.43 24.73 -44.59
C PRO Y 40 -17.48 24.92 -46.10
N LYS Z 4 -1.44 36.72 -42.68
CA LYS Z 4 -1.11 36.75 -41.26
C LYS Z 4 -2.08 37.59 -40.43
N THR Z 5 -2.55 36.99 -39.35
CA THR Z 5 -3.73 37.46 -38.62
C THR Z 5 -3.40 37.70 -37.16
N ARG Z 6 -4.34 38.33 -36.45
CA ARG Z 6 -4.21 38.46 -35.00
C ARG Z 6 -4.29 37.10 -34.32
N SER Z 7 -5.09 36.18 -34.86
CA SER Z 7 -5.15 34.83 -34.33
C SER Z 7 -3.83 34.08 -34.55
N SER Z 8 -3.29 34.16 -35.78
CA SER Z 8 -2.00 33.52 -36.04
C SER Z 8 -0.93 34.05 -35.10
N ARG Z 9 -1.01 35.34 -34.75
CA ARG Z 9 -0.04 35.97 -33.88
C ARG Z 9 -0.10 35.42 -32.46
N ALA Z 10 -1.26 34.91 -32.05
CA ALA Z 10 -1.46 34.33 -30.72
C ALA Z 10 -1.35 32.81 -30.72
N GLY Z 11 -1.07 32.22 -31.88
CA GLY Z 11 -1.05 30.77 -32.01
C GLY Z 11 -2.43 30.13 -31.93
N LEU Z 12 -3.49 30.88 -32.27
CA LEU Z 12 -4.86 30.45 -32.04
C LEU Z 12 -5.59 30.23 -33.35
N GLN Z 13 -6.59 29.33 -33.31
CA GLN Z 13 -7.59 29.23 -34.38
C GLN Z 13 -8.80 30.12 -34.14
N PHE Z 14 -9.17 30.32 -32.88
CA PHE Z 14 -10.34 31.13 -32.61
C PHE Z 14 -10.06 32.58 -32.95
N PRO Z 15 -11.08 33.33 -33.37
CA PRO Z 15 -10.84 34.63 -34.03
C PRO Z 15 -10.61 35.78 -33.06
N VAL Z 16 -9.33 36.14 -32.85
CA VAL Z 16 -9.01 37.18 -31.88
C VAL Z 16 -9.74 38.47 -32.21
N GLY Z 17 -9.70 38.88 -33.49
CA GLY Z 17 -10.33 40.12 -33.90
C GLY Z 17 -11.83 40.14 -33.68
N ARG Z 18 -12.52 39.06 -34.08
CA ARG Z 18 -13.96 38.95 -33.80
C ARG Z 18 -14.24 39.10 -32.32
N VAL Z 19 -13.53 38.31 -31.49
CA VAL Z 19 -13.73 38.34 -30.05
C VAL Z 19 -13.51 39.74 -29.51
N HIS Z 20 -12.56 40.47 -30.10
CA HIS Z 20 -12.28 41.81 -29.64
C HIS Z 20 -13.45 42.76 -29.90
N ARG Z 21 -14.05 42.72 -31.11
CA ARG Z 21 -15.18 43.62 -31.35
C ARG Z 21 -16.44 43.15 -30.64
N LEU Z 22 -16.59 41.85 -30.36
CA LEU Z 22 -17.72 41.43 -29.54
C LEU Z 22 -17.59 41.96 -28.12
N LEU Z 23 -16.39 41.90 -27.55
CA LEU Z 23 -16.14 42.50 -26.24
C LEU Z 23 -16.42 44.01 -26.25
N ARG Z 24 -16.08 44.70 -27.34
CA ARG Z 24 -16.36 46.13 -27.46
C ARG Z 24 -17.86 46.39 -27.58
N LYS Z 25 -18.54 45.64 -28.43
CA LYS Z 25 -19.96 45.85 -28.63
C LYS Z 25 -20.80 45.33 -27.48
N GLY Z 26 -20.21 44.64 -26.51
CA GLY Z 26 -21.01 43.92 -25.55
C GLY Z 26 -21.38 44.63 -24.26
N ASN Z 27 -21.04 45.91 -24.10
CA ASN Z 27 -21.42 46.68 -22.92
C ASN Z 27 -20.64 46.26 -21.67
N TYR Z 28 -19.40 45.83 -21.83
CA TYR Z 28 -18.68 45.26 -20.70
C TYR Z 28 -17.86 46.27 -19.94
N ALA Z 29 -17.28 47.25 -20.64
CA ALA Z 29 -16.44 48.26 -20.00
C ALA Z 29 -16.23 49.38 -21.01
N GLU Z 30 -15.74 50.52 -20.53
CA GLU Z 30 -15.54 51.63 -21.45
C GLU Z 30 -14.53 51.26 -22.55
N ARG Z 31 -13.49 50.50 -22.19
CA ARG Z 31 -12.50 50.07 -23.16
C ARG Z 31 -12.10 48.64 -22.91
N VAL Z 32 -11.54 48.02 -23.96
CA VAL Z 32 -11.11 46.64 -23.93
C VAL Z 32 -9.68 46.62 -24.43
N GLY Z 33 -8.74 46.31 -23.54
CA GLY Z 33 -7.35 46.23 -23.94
C GLY Z 33 -7.05 45.05 -24.85
N ALA Z 34 -5.89 45.13 -25.48
CA ALA Z 34 -5.49 44.18 -26.50
C ALA Z 34 -5.28 42.78 -25.96
N GLY Z 35 -4.77 42.65 -24.72
CA GLY Z 35 -4.55 41.33 -24.15
C GLY Z 35 -5.84 40.58 -23.88
N ALA Z 36 -6.95 41.30 -23.70
CA ALA Z 36 -8.19 40.65 -23.26
C ALA Z 36 -8.75 39.70 -24.32
N PRO Z 37 -8.95 40.10 -25.57
CA PRO Z 37 -9.54 39.15 -26.53
C PRO Z 37 -8.62 38.02 -26.88
N VAL Z 38 -7.30 38.24 -26.82
CA VAL Z 38 -6.37 37.14 -27.02
C VAL Z 38 -6.55 36.10 -25.91
N TYR Z 39 -6.55 36.56 -24.66
CA TYR Z 39 -6.73 35.66 -23.52
C TYR Z 39 -8.06 34.90 -23.63
N LEU Z 40 -9.16 35.61 -23.90
CA LEU Z 40 -10.46 34.97 -23.96
C LEU Z 40 -10.58 34.02 -25.15
N ALA Z 41 -10.01 34.40 -26.31
CA ALA Z 41 -10.07 33.51 -27.47
C ALA Z 41 -9.28 32.22 -27.23
N ALA Z 42 -8.14 32.33 -26.55
CA ALA Z 42 -7.41 31.14 -26.15
C ALA Z 42 -8.24 30.26 -25.22
N VAL Z 43 -8.89 30.87 -24.23
CA VAL Z 43 -9.67 30.07 -23.28
C VAL Z 43 -10.84 29.38 -23.97
N LEU Z 44 -11.56 30.10 -24.83
CA LEU Z 44 -12.66 29.50 -25.58
C LEU Z 44 -12.17 28.38 -26.49
N GLU Z 45 -11.07 28.62 -27.21
CA GLU Z 45 -10.48 27.56 -28.03
C GLU Z 45 -10.15 26.32 -27.19
N TYR Z 46 -9.55 26.50 -26.02
CA TYR Z 46 -9.15 25.35 -25.22
C TYR Z 46 -10.36 24.54 -24.76
N LEU Z 47 -11.35 25.22 -24.17
CA LEU Z 47 -12.56 24.54 -23.74
C LEU Z 47 -13.22 23.80 -24.90
N THR Z 48 -13.11 24.35 -26.11
CA THR Z 48 -13.68 23.69 -27.27
C THR Z 48 -12.91 22.43 -27.62
N ALA Z 49 -11.58 22.54 -27.62
CA ALA Z 49 -10.73 21.37 -27.81
C ALA Z 49 -11.02 20.29 -26.78
N GLU Z 50 -11.24 20.69 -25.53
CA GLU Z 50 -11.54 19.73 -24.46
C GLU Z 50 -12.79 18.92 -24.79
N ILE Z 51 -13.89 19.60 -25.12
CA ILE Z 51 -15.15 18.92 -25.38
C ILE Z 51 -15.05 18.10 -26.67
N LEU Z 52 -14.43 18.67 -27.71
CA LEU Z 52 -14.36 17.99 -28.99
C LEU Z 52 -13.52 16.72 -28.92
N GLU Z 53 -12.47 16.73 -28.10
CA GLU Z 53 -11.64 15.54 -27.95
C GLU Z 53 -12.42 14.42 -27.26
N LEU Z 54 -13.09 14.74 -26.15
CA LEU Z 54 -13.85 13.71 -25.45
C LEU Z 54 -15.02 13.25 -26.28
N ALA Z 55 -15.71 14.19 -26.94
CA ALA Z 55 -16.82 13.81 -27.80
C ALA Z 55 -16.36 12.92 -28.95
N GLY Z 56 -15.20 13.24 -29.55
CA GLY Z 56 -14.65 12.36 -30.56
C GLY Z 56 -14.33 10.98 -30.02
N ASN Z 57 -13.85 10.90 -28.78
CA ASN Z 57 -13.57 9.61 -28.17
C ASN Z 57 -14.85 8.80 -28.02
N ALA Z 58 -15.94 9.44 -27.62
CA ALA Z 58 -17.21 8.73 -27.53
C ALA Z 58 -17.67 8.25 -28.90
N ALA Z 59 -17.51 9.09 -29.92
CA ALA Z 59 -17.96 8.70 -31.25
C ALA Z 59 -17.21 7.47 -31.76
N ARG Z 60 -15.88 7.43 -31.53
CA ARG Z 60 -15.11 6.29 -32.01
C ARG Z 60 -15.40 5.03 -31.21
N ASP Z 61 -15.59 5.16 -29.88
CA ASP Z 61 -16.01 4.03 -29.06
C ASP Z 61 -17.33 3.44 -29.55
N ASN Z 62 -18.19 4.27 -30.13
CA ASN Z 62 -19.44 3.83 -30.73
C ASN Z 62 -19.27 3.46 -32.21
N LYS Z 63 -18.04 3.30 -32.66
CA LYS Z 63 -17.70 3.05 -34.06
C LYS Z 63 -18.45 4.00 -35.00
N LYS Z 64 -18.39 5.29 -34.66
CA LYS Z 64 -18.97 6.34 -35.48
C LYS Z 64 -17.87 7.24 -36.03
N THR Z 65 -18.11 7.80 -37.21
CA THR Z 65 -17.16 8.70 -37.86
C THR Z 65 -17.55 10.16 -37.69
N ARG Z 66 -18.69 10.42 -37.05
CA ARG Z 66 -19.31 11.73 -37.02
C ARG Z 66 -19.79 12.00 -35.60
N ILE Z 67 -19.34 13.10 -35.02
CA ILE Z 67 -19.84 13.49 -33.70
C ILE Z 67 -21.27 13.99 -33.83
N ILE Z 68 -22.16 13.46 -33.00
CA ILE Z 68 -23.56 13.91 -32.95
C ILE Z 68 -23.86 14.38 -31.52
N PRO Z 69 -24.98 15.08 -31.28
CA PRO Z 69 -25.22 15.63 -29.93
C PRO Z 69 -25.10 14.60 -28.81
N ARG Z 70 -25.50 13.36 -29.04
CA ARG Z 70 -25.31 12.31 -28.03
C ARG Z 70 -23.87 12.23 -27.57
N HIS Z 71 -22.91 12.38 -28.49
CA HIS Z 71 -21.49 12.28 -28.12
C HIS Z 71 -21.05 13.48 -27.29
N LEU Z 72 -21.59 14.66 -27.58
CA LEU Z 72 -21.25 15.80 -26.74
C LEU Z 72 -21.76 15.60 -25.32
N GLN Z 73 -22.97 15.06 -25.18
CA GLN Z 73 -23.56 14.80 -23.87
C GLN Z 73 -22.79 13.72 -23.10
N LEU Z 74 -22.40 12.64 -23.78
CA LEU Z 74 -21.59 11.61 -23.13
C LEU Z 74 -20.22 12.15 -22.74
N ALA Z 75 -19.62 12.99 -23.60
CA ALA Z 75 -18.35 13.61 -23.25
C ALA Z 75 -18.47 14.43 -21.97
N VAL Z 76 -19.50 15.29 -21.89
CA VAL Z 76 -19.64 16.21 -20.77
C VAL Z 76 -19.98 15.47 -19.48
N ARG Z 77 -20.91 14.51 -19.53
CA ARG Z 77 -21.40 13.88 -18.32
C ARG Z 77 -20.45 12.84 -17.75
N ASN Z 78 -19.46 12.38 -18.52
CA ASN Z 78 -18.44 11.48 -18.01
C ASN Z 78 -17.17 12.18 -17.57
N ASP Z 79 -17.11 13.51 -17.66
CA ASP Z 79 -15.93 14.24 -17.26
C ASP Z 79 -16.27 15.11 -16.06
N GLU Z 80 -15.57 14.90 -14.95
CA GLU Z 80 -15.93 15.56 -13.70
C GLU Z 80 -15.96 17.08 -13.86
N GLU Z 81 -14.99 17.63 -14.60
CA GLU Z 81 -14.86 19.09 -14.66
C GLU Z 81 -15.87 19.70 -15.62
N LEU Z 82 -15.97 19.17 -16.84
CA LEU Z 82 -16.97 19.69 -17.78
C LEU Z 82 -18.37 19.52 -17.24
N ASN Z 83 -18.63 18.38 -16.58
CA ASN Z 83 -19.95 18.15 -16.02
C ASN Z 83 -20.35 19.25 -15.06
N LYS Z 84 -19.41 19.71 -14.22
CA LYS Z 84 -19.70 20.81 -13.32
C LYS Z 84 -19.80 22.14 -14.06
N LEU Z 85 -18.96 22.35 -15.08
CA LEU Z 85 -19.03 23.58 -15.86
C LEU Z 85 -20.39 23.72 -16.53
N LEU Z 86 -20.91 22.64 -17.12
CA LEU Z 86 -22.19 22.60 -17.81
C LEU Z 86 -23.29 22.02 -16.92
N GLY Z 87 -23.31 22.41 -15.64
CA GLY Z 87 -24.21 21.80 -14.69
C GLY Z 87 -25.66 22.11 -14.94
N ARG Z 88 -26.00 23.39 -15.11
CA ARG Z 88 -27.36 23.82 -15.43
C ARG Z 88 -27.58 23.97 -16.94
N VAL Z 89 -27.09 23.04 -17.76
CA VAL Z 89 -27.13 23.16 -19.22
C VAL Z 89 -27.79 21.93 -19.82
N THR Z 90 -28.74 22.15 -20.72
CA THR Z 90 -29.47 21.11 -21.44
C THR Z 90 -28.95 21.01 -22.86
N ILE Z 91 -28.38 19.85 -23.22
CA ILE Z 91 -27.89 19.61 -24.57
C ILE Z 91 -29.01 18.97 -25.38
N ALA Z 92 -29.58 19.72 -26.33
CA ALA Z 92 -30.70 19.20 -27.12
C ALA Z 92 -30.27 17.93 -27.84
N GLN Z 93 -31.17 16.94 -27.83
CA GLN Z 93 -30.96 15.62 -28.40
C GLN Z 93 -29.79 14.88 -27.76
N GLY Z 94 -29.41 15.26 -26.53
CA GLY Z 94 -28.27 14.61 -25.88
C GLY Z 94 -28.61 13.34 -25.13
N GLY Z 95 -29.87 13.19 -24.67
CA GLY Z 95 -30.23 12.04 -23.86
C GLY Z 95 -29.57 12.10 -22.48
N VAL Z 96 -29.60 10.96 -21.80
CA VAL Z 96 -28.99 10.89 -20.48
C VAL Z 96 -27.88 9.84 -20.53
N LEU Z 97 -27.08 9.85 -19.50
CA LEU Z 97 -26.02 8.88 -19.41
C LEU Z 97 -26.57 7.60 -18.80
N PRO Z 98 -26.44 6.44 -19.47
CA PRO Z 98 -27.06 5.21 -18.94
C PRO Z 98 -26.58 4.93 -17.54
N ASN Z 99 -27.55 4.84 -16.60
CA ASN Z 99 -27.24 4.59 -15.20
C ASN Z 99 -28.48 4.21 -14.41
N ILE Z 100 -28.51 3.00 -13.89
CA ILE Z 100 -29.61 2.49 -13.09
C ILE Z 100 -29.13 2.40 -11.65
N GLN Z 101 -29.96 2.87 -10.72
CA GLN Z 101 -29.62 2.73 -9.30
C GLN Z 101 -29.43 1.27 -8.94
N SER Z 102 -28.39 0.98 -8.15
CA SER Z 102 -27.98 -0.41 -7.96
C SER Z 102 -29.03 -1.22 -7.21
N VAL Z 103 -29.86 -0.59 -6.37
CA VAL Z 103 -30.91 -1.32 -5.66
C VAL Z 103 -31.98 -1.85 -6.60
N LEU Z 104 -32.09 -1.33 -7.82
CA LEU Z 104 -33.10 -1.77 -8.77
C LEU Z 104 -32.62 -2.96 -9.61
N LEU Z 105 -31.38 -3.37 -9.47
CA LEU Z 105 -30.84 -4.47 -10.26
C LEU Z 105 -30.88 -5.76 -9.48
N PRO Z 106 -31.11 -6.90 -10.18
CA PRO Z 106 -31.25 -8.23 -9.57
C PRO Z 106 -30.21 -8.56 -8.50
N GLU AA 10 -21.65 35.55 -33.75
CA GLU AA 10 -22.54 34.59 -33.11
C GLU AA 10 -22.39 33.21 -33.68
N SER AA 11 -21.77 33.07 -34.85
CA SER AA 11 -21.31 31.74 -35.23
C SER AA 11 -19.82 31.58 -35.20
N TYR AA 12 -19.40 30.49 -34.58
CA TYR AA 12 -18.02 30.16 -34.46
C TYR AA 12 -17.81 28.84 -35.10
N ALA AA 13 -18.76 28.40 -35.92
CA ALA AA 13 -18.72 27.05 -36.47
C ALA AA 13 -17.37 26.75 -37.14
N ILE AA 14 -16.85 27.69 -37.91
CA ILE AA 14 -15.64 27.42 -38.69
C ILE AA 14 -14.44 27.20 -37.76
N TYR AA 15 -14.38 27.94 -36.66
CA TYR AA 15 -13.28 27.79 -35.72
C TYR AA 15 -13.44 26.51 -34.92
N VAL AA 16 -14.68 26.13 -34.61
CA VAL AA 16 -14.94 24.84 -33.99
C VAL AA 16 -14.44 23.71 -34.89
N TYR AA 17 -14.65 23.86 -36.21
CA TYR AA 17 -14.26 22.81 -37.16
C TYR AA 17 -12.75 22.71 -37.29
N LYS AA 18 -12.06 23.85 -37.33
CA LYS AA 18 -10.61 23.81 -37.33
C LYS AA 18 -10.10 23.09 -36.10
N VAL AA 19 -10.71 23.35 -34.95
CA VAL AA 19 -10.21 22.75 -33.71
C VAL AA 19 -10.50 21.25 -33.71
N LEU AA 20 -11.68 20.85 -34.20
CA LEU AA 20 -11.99 19.43 -34.34
C LEU AA 20 -10.96 18.71 -35.20
N LYS AA 21 -10.56 19.32 -36.32
CA LYS AA 21 -9.65 18.64 -37.23
C LYS AA 21 -8.25 18.47 -36.63
N GLN AA 22 -7.90 19.27 -35.63
CA GLN AA 22 -6.64 19.08 -34.90
C GLN AA 22 -6.70 17.93 -33.89
N VAL AA 23 -7.82 17.76 -33.20
CA VAL AA 23 -7.89 16.72 -32.18
C VAL AA 23 -8.36 15.38 -32.76
N HIS AA 24 -9.14 15.40 -33.84
CA HIS AA 24 -9.64 14.18 -34.46
C HIS AA 24 -9.73 14.43 -35.96
N PRO AA 25 -8.58 14.40 -36.67
CA PRO AA 25 -8.57 14.80 -38.08
C PRO AA 25 -9.55 14.04 -38.96
N ASP AA 26 -9.97 12.82 -38.58
CA ASP AA 26 -10.81 11.99 -39.42
C ASP AA 26 -12.26 11.92 -38.97
N THR AA 27 -12.64 12.74 -38.00
CA THR AA 27 -13.97 12.74 -37.42
C THR AA 27 -14.74 13.97 -37.92
N GLY AA 28 -15.99 13.76 -38.35
CA GLY AA 28 -16.86 14.86 -38.68
C GLY AA 28 -17.68 15.31 -37.48
N ILE AA 29 -18.61 16.20 -37.77
CA ILE AA 29 -19.53 16.70 -36.75
C ILE AA 29 -20.84 17.03 -37.43
N SER AA 30 -21.94 16.63 -36.82
CA SER AA 30 -23.23 16.85 -37.42
C SER AA 30 -23.62 18.33 -37.33
N SER AA 31 -24.64 18.69 -38.11
CA SER AA 31 -25.14 20.06 -38.07
C SER AA 31 -25.72 20.42 -36.70
N LYS AA 32 -26.51 19.54 -36.10
CA LYS AA 32 -27.06 19.89 -34.80
C LYS AA 32 -25.98 19.88 -33.72
N ALA AA 33 -24.96 19.03 -33.88
CA ALA AA 33 -23.87 19.06 -32.91
C ALA AA 33 -23.02 20.32 -33.08
N MET AA 34 -22.87 20.81 -34.31
CA MET AA 34 -22.23 22.11 -34.49
C MET AA 34 -23.00 23.21 -33.78
N SER AA 35 -24.34 23.21 -33.92
CA SER AA 35 -25.17 24.24 -33.28
C SER AA 35 -24.99 24.24 -31.77
N ILE AA 36 -24.92 23.06 -31.15
CA ILE AA 36 -24.66 22.97 -29.72
C ILE AA 36 -23.29 23.55 -29.38
N MET AA 37 -22.29 23.30 -30.24
CA MET AA 37 -20.96 23.86 -29.97
C MET AA 37 -21.00 25.38 -30.01
N ASN AA 38 -21.71 25.92 -31.00
CA ASN AA 38 -21.94 27.36 -31.05
C ASN AA 38 -22.56 27.89 -29.77
N SER AA 39 -23.55 27.19 -29.25
CA SER AA 39 -24.19 27.63 -28.02
C SER AA 39 -23.22 27.62 -26.86
N PHE AA 40 -22.41 26.56 -26.74
CA PHE AA 40 -21.35 26.48 -25.73
C PHE AA 40 -20.41 27.69 -25.79
N VAL AA 41 -19.78 27.92 -26.95
CA VAL AA 41 -18.83 29.03 -27.05
C VAL AA 41 -19.50 30.35 -26.67
N ASN AA 42 -20.73 30.58 -27.14
CA ASN AA 42 -21.40 31.83 -26.80
C ASN AA 42 -21.67 31.94 -25.32
N ASP AA 43 -22.13 30.84 -24.71
CA ASP AA 43 -22.41 30.79 -23.28
C ASP AA 43 -21.15 31.08 -22.46
N VAL AA 44 -20.05 30.36 -22.73
CA VAL AA 44 -18.82 30.57 -21.98
C VAL AA 44 -18.35 32.00 -22.15
N PHE AA 45 -18.39 32.49 -23.38
CA PHE AA 45 -18.03 33.88 -23.65
C PHE AA 45 -18.81 34.81 -22.74
N GLU AA 46 -20.13 34.63 -22.68
CA GLU AA 46 -20.95 35.57 -21.93
C GLU AA 46 -20.66 35.51 -20.43
N ARG AA 47 -20.40 34.31 -19.91
CA ARG AA 47 -20.06 34.19 -18.49
C ARG AA 47 -18.74 34.89 -18.17
N ILE AA 48 -17.71 34.66 -18.99
CA ILE AA 48 -16.41 35.24 -18.68
C ILE AA 48 -16.45 36.76 -18.85
N ALA AA 49 -17.07 37.24 -19.94
CA ALA AA 49 -17.13 38.68 -20.17
C ALA AA 49 -17.92 39.38 -19.08
N GLY AA 50 -19.03 38.78 -18.66
CA GLY AA 50 -19.84 39.38 -17.60
C GLY AA 50 -19.10 39.45 -16.27
N GLU AA 51 -18.41 38.37 -15.88
CA GLU AA 51 -17.65 38.43 -14.63
C GLU AA 51 -16.50 39.42 -14.74
N ALA AA 52 -15.81 39.43 -15.88
CA ALA AA 52 -14.75 40.40 -16.13
C ALA AA 52 -15.27 41.83 -16.01
N SER AA 53 -16.47 42.10 -16.55
CA SER AA 53 -17.06 43.42 -16.42
C SER AA 53 -17.37 43.73 -14.96
N ARG AA 54 -17.94 42.76 -14.25
CA ARG AA 54 -18.17 42.89 -12.80
C ARG AA 54 -16.89 43.26 -12.07
N LEU AA 55 -15.79 42.55 -12.39
CA LEU AA 55 -14.51 42.79 -11.74
C LEU AA 55 -14.00 44.21 -11.99
N ALA AA 56 -14.08 44.70 -13.23
CA ALA AA 56 -13.58 46.03 -13.52
C ALA AA 56 -14.43 47.10 -12.86
N HIS AA 57 -15.75 46.88 -12.81
CA HIS AA 57 -16.64 47.79 -12.09
C HIS AA 57 -16.30 47.80 -10.60
N TYR AA 58 -16.13 46.60 -10.00
CA TYR AA 58 -15.76 46.52 -8.60
CA TYR AA 58 -15.76 46.52 -8.59
C TYR AA 58 -14.52 47.36 -8.30
N ASN AA 59 -13.46 47.20 -9.08
CA ASN AA 59 -12.20 47.89 -8.81
C ASN AA 59 -12.08 49.23 -9.53
N LYS AA 60 -13.20 49.80 -9.98
CA LYS AA 60 -13.23 51.13 -10.59
C LYS AA 60 -12.24 51.22 -11.74
N ARG AA 61 -12.22 50.17 -12.57
CA ARG AA 61 -11.32 50.10 -13.75
C ARG AA 61 -12.14 50.31 -15.02
N SER AA 62 -11.72 51.25 -15.88
CA SER AA 62 -12.45 51.54 -17.10
C SER AA 62 -12.13 50.54 -18.21
N THR AA 63 -11.07 49.74 -18.06
CA THR AA 63 -10.56 48.88 -19.11
C THR AA 63 -10.59 47.42 -18.66
N ILE AA 64 -11.11 46.56 -19.53
CA ILE AA 64 -11.00 45.12 -19.33
C ILE AA 64 -9.69 44.66 -19.98
N THR AA 65 -8.76 44.19 -19.16
CA THR AA 65 -7.49 43.68 -19.63
C THR AA 65 -7.47 42.17 -19.45
N SER AA 66 -6.31 41.58 -19.75
CA SER AA 66 -6.17 40.14 -19.57
C SER AA 66 -6.33 39.75 -18.11
N ARG AA 67 -6.07 40.68 -17.18
CA ARG AA 67 -6.18 40.35 -15.77
C ARG AA 67 -7.60 40.00 -15.40
N GLU AA 68 -8.56 40.77 -15.90
CA GLU AA 68 -9.96 40.50 -15.58
C GLU AA 68 -10.46 39.23 -16.24
N ILE AA 69 -9.99 38.92 -17.45
CA ILE AA 69 -10.36 37.65 -18.07
C ILE AA 69 -9.81 36.50 -17.25
N GLN AA 70 -8.55 36.63 -16.81
CA GLN AA 70 -7.93 35.59 -16.00
C GLN AA 70 -8.70 35.35 -14.71
N THR AA 71 -8.94 36.41 -13.94
CA THR AA 71 -9.66 36.23 -12.68
C THR AA 71 -11.04 35.61 -12.91
N ALA AA 72 -11.77 36.11 -13.92
CA ALA AA 72 -13.08 35.53 -14.23
C ALA AA 72 -12.95 34.04 -14.53
N VAL AA 73 -11.89 33.64 -15.23
CA VAL AA 73 -11.66 32.23 -15.52
C VAL AA 73 -11.49 31.44 -14.23
N ARG AA 74 -10.79 32.01 -13.26
CA ARG AA 74 -10.59 31.32 -11.99
C ARG AA 74 -11.89 31.20 -11.20
N LEU AA 75 -12.80 32.16 -11.40
CA LEU AA 75 -14.05 32.15 -10.66
C LEU AA 75 -15.09 31.27 -11.31
N LEU AA 76 -14.97 31.01 -12.61
CA LEU AA 76 -15.99 30.31 -13.36
C LEU AA 76 -15.63 28.87 -13.72
N LEU AA 77 -14.37 28.56 -13.89
CA LEU AA 77 -14.02 27.22 -14.26
C LEU AA 77 -13.67 26.40 -13.03
N PRO AA 78 -14.02 25.14 -13.04
CA PRO AA 78 -13.60 24.20 -12.02
C PRO AA 78 -12.14 23.89 -12.12
N GLY AA 79 -11.43 24.01 -11.01
CA GLY AA 79 -10.22 23.28 -10.76
C GLY AA 79 -9.19 23.18 -11.85
N GLU AA 80 -9.17 22.05 -12.52
CA GLU AA 80 -8.09 21.74 -13.43
C GLU AA 80 -8.35 22.32 -14.80
N LEU AA 81 -9.59 22.64 -15.10
CA LEU AA 81 -9.87 23.34 -16.32
C LEU AA 81 -9.42 24.74 -16.16
N ALA AA 82 -9.62 25.29 -14.98
CA ALA AA 82 -9.17 26.61 -14.72
C ALA AA 82 -7.69 26.72 -14.91
N LYS AA 83 -6.93 25.81 -14.34
CA LYS AA 83 -5.48 25.90 -14.41
C LYS AA 83 -5.01 25.87 -15.86
N HIS AA 84 -5.51 24.92 -16.65
CA HIS AA 84 -5.08 24.80 -18.04
C HIS AA 84 -5.58 25.97 -18.88
N ALA AA 85 -6.76 26.48 -18.59
CA ALA AA 85 -7.23 27.60 -19.38
C ALA AA 85 -6.43 28.85 -19.06
N VAL AA 86 -6.11 29.05 -17.78
CA VAL AA 86 -5.23 30.14 -17.39
C VAL AA 86 -3.87 29.98 -18.07
N SER AA 87 -3.37 28.75 -18.16
CA SER AA 87 -2.06 28.55 -18.79
C SER AA 87 -2.13 28.81 -20.28
N GLU AA 88 -3.22 28.39 -20.95
CA GLU AA 88 -3.35 28.65 -22.38
C GLU AA 88 -3.59 30.12 -22.68
N GLY AA 89 -4.25 30.84 -21.77
CA GLY AA 89 -4.51 32.24 -22.00
C GLY AA 89 -3.26 33.08 -21.82
N THR AA 90 -2.53 32.84 -20.72
CA THR AA 90 -1.31 33.59 -20.49
C THR AA 90 -0.28 33.35 -21.59
N LYS AA 91 -0.21 32.11 -22.07
CA LYS AA 91 0.77 31.77 -23.10
C LYS AA 91 0.41 32.41 -24.45
N ALA AA 92 -0.88 32.44 -24.81
CA ALA AA 92 -1.27 33.14 -26.04
C ALA AA 92 -0.94 34.62 -25.95
N VAL AA 93 -1.23 35.25 -24.80
CA VAL AA 93 -0.93 36.67 -24.65
C VAL AA 93 0.57 36.90 -24.70
N THR AA 94 1.35 35.99 -24.11
CA THR AA 94 2.81 36.12 -24.16
C THR AA 94 3.30 36.03 -25.60
N LYS AA 95 2.77 35.07 -26.37
CA LYS AA 95 3.20 34.92 -27.76
C LYS AA 95 2.80 36.12 -28.60
N TYR AA 96 1.62 36.70 -28.33
CA TYR AA 96 1.14 37.85 -29.09
C TYR AA 96 2.00 39.08 -28.83
N THR AA 97 2.33 39.31 -27.56
CA THR AA 97 3.15 40.48 -27.17
C THR AA 97 4.56 40.32 -27.74
N SER AA 98 4.91 39.12 -28.18
CA SER AA 98 6.25 38.85 -28.75
C SER AA 98 6.11 38.12 -30.09
N ARG BA 4 -39.22 13.36 35.68
CA ARG BA 4 -39.54 12.62 34.46
C ARG BA 4 -38.78 13.22 33.28
N TYR BA 5 -38.34 12.34 32.38
CA TYR BA 5 -37.58 12.73 31.20
C TYR BA 5 -38.54 12.79 30.02
N ARG BA 6 -38.65 13.98 29.41
CA ARG BA 6 -39.63 14.25 28.35
C ARG BA 6 -38.90 14.64 27.08
N PRO BA 7 -38.25 13.69 26.41
CA PRO BA 7 -37.35 14.06 25.30
C PRO BA 7 -38.04 14.86 24.21
N GLY BA 8 -39.24 14.45 23.82
CA GLY BA 8 -39.99 15.23 22.84
C GLY BA 8 -40.28 16.63 23.32
N THR BA 9 -40.73 16.76 24.57
CA THR BA 9 -41.07 18.07 25.13
C THR BA 9 -39.85 18.98 25.20
N VAL BA 10 -38.70 18.44 25.63
CA VAL BA 10 -37.47 19.21 25.67
C VAL BA 10 -37.04 19.61 24.26
N ALA BA 11 -37.21 18.69 23.30
CA ALA BA 11 -36.82 18.98 21.93
C ALA BA 11 -37.69 20.06 21.31
N LEU BA 12 -39.01 19.99 21.52
CA LEU BA 12 -39.92 21.00 21.00
C LEU BA 12 -39.65 22.35 21.65
N ARG BA 13 -39.26 22.36 22.93
CA ARG BA 13 -38.97 23.62 23.61
C ARG BA 13 -37.72 24.27 23.04
N GLU BA 14 -36.69 23.46 22.79
CA GLU BA 14 -35.50 24.00 22.15
C GLU BA 14 -35.79 24.49 20.74
N ILE BA 15 -36.71 23.85 20.02
CA ILE BA 15 -37.03 24.29 18.68
C ILE BA 15 -37.63 25.69 18.71
N ARG BA 16 -38.60 25.91 19.62
CA ARG BA 16 -39.24 27.22 19.69
C ARG BA 16 -38.26 28.29 20.14
N ARG BA 17 -37.34 27.95 21.06
CA ARG BA 17 -36.37 28.93 21.56
C ARG BA 17 -35.44 29.42 20.44
N TYR BA 18 -34.90 28.49 19.64
CA TYR BA 18 -33.95 28.90 18.61
C TYR BA 18 -34.64 29.40 17.35
N GLN BA 19 -35.92 29.08 17.15
CA GLN BA 19 -36.63 29.69 16.04
C GLN BA 19 -37.12 31.08 16.39
N LYS BA 20 -37.14 31.41 17.68
CA LYS BA 20 -37.55 32.73 18.12
C LYS BA 20 -36.39 33.72 18.09
N SER BA 21 -35.17 33.23 18.23
CA SER BA 21 -33.99 34.08 18.30
C SER BA 21 -33.26 34.19 16.95
N THR BA 22 -32.37 35.16 16.86
CA THR BA 22 -31.57 35.35 15.66
C THR BA 22 -30.07 35.36 15.92
N GLU BA 23 -29.62 35.23 17.16
CA GLU BA 23 -28.19 35.25 17.44
C GLU BA 23 -27.48 34.16 16.66
N LEU BA 24 -26.20 34.38 16.39
CA LEU BA 24 -25.37 33.33 15.83
C LEU BA 24 -25.20 32.21 16.85
N LEU BA 25 -25.38 30.96 16.39
CA LEU BA 25 -25.38 29.79 17.27
C LEU BA 25 -24.03 29.09 17.37
N ILE BA 26 -23.12 29.26 16.40
CA ILE BA 26 -21.76 28.76 16.59
C ILE BA 26 -20.97 29.82 17.35
N ARG BA 27 -20.13 29.39 18.28
CA ARG BA 27 -19.37 30.35 19.05
C ARG BA 27 -18.38 31.08 18.15
N LYS BA 28 -18.16 32.37 18.45
CA LYS BA 28 -17.43 33.23 17.52
C LYS BA 28 -15.96 32.87 17.44
N LEU BA 29 -15.32 32.59 18.59
CA LEU BA 29 -13.88 32.30 18.56
C LEU BA 29 -13.59 30.98 17.82
N PRO BA 30 -14.29 29.87 18.10
CA PRO BA 30 -14.12 28.68 17.24
C PRO BA 30 -14.32 28.97 15.75
N PHE BA 31 -15.39 29.67 15.38
CA PHE BA 31 -15.65 29.91 13.97
C PHE BA 31 -14.53 30.76 13.35
N GLN BA 32 -13.97 31.69 14.13
CA GLN BA 32 -12.88 32.52 13.64
C GLN BA 32 -11.62 31.69 13.36
N ARG BA 33 -11.31 30.75 14.24
CA ARG BA 33 -10.14 29.92 14.05
C ARG BA 33 -10.34 28.94 12.90
N LEU BA 34 -11.56 28.45 12.70
CA LEU BA 34 -11.86 27.63 11.54
C LEU BA 34 -11.63 28.40 10.24
N VAL BA 35 -12.23 29.59 10.09
CA VAL BA 35 -11.97 30.43 8.92
C VAL BA 35 -10.48 30.66 8.74
N ARG BA 36 -9.79 30.97 9.83
CA ARG BA 36 -8.36 31.28 9.76
C ARG BA 36 -7.58 30.11 9.18
N GLU BA 37 -7.85 28.91 9.71
CA GLU BA 37 -7.16 27.73 9.18
C GLU BA 37 -7.38 27.61 7.68
N ILE BA 38 -8.65 27.63 7.24
CA ILE BA 38 -8.94 27.47 5.81
C ILE BA 38 -8.26 28.55 4.99
N ALA BA 39 -8.40 29.80 5.41
CA ALA BA 39 -7.84 30.92 4.64
C ALA BA 39 -6.33 30.82 4.53
N GLN BA 40 -5.65 30.56 5.65
CA GLN BA 40 -4.20 30.51 5.61
C GLN BA 40 -3.70 29.30 4.85
N ASP BA 41 -4.55 28.30 4.65
CA ASP BA 41 -4.20 27.19 3.77
C ASP BA 41 -4.18 27.62 2.30
N PHE BA 42 -5.13 28.47 1.89
CA PHE BA 42 -5.09 28.99 0.52
C PHE BA 42 -3.85 29.85 0.32
N LYS BA 43 -3.73 30.93 1.10
CA LYS BA 43 -2.62 31.87 1.01
C LYS BA 43 -2.14 32.21 2.41
N THR BA 44 -0.84 31.99 2.69
CA THR BA 44 -0.38 31.99 4.07
C THR BA 44 -0.44 33.37 4.72
N ASP BA 45 -0.23 34.46 3.95
CA ASP BA 45 -0.10 35.81 4.50
C ASP BA 45 -1.42 36.59 4.47
N LEU BA 46 -2.51 35.91 4.20
CA LEU BA 46 -3.81 36.55 4.04
C LEU BA 46 -4.41 36.94 5.38
N ARG BA 47 -5.04 38.11 5.43
CA ARG BA 47 -5.75 38.52 6.62
C ARG BA 47 -7.22 38.79 6.31
N PHE BA 48 -8.02 38.86 7.36
CA PHE BA 48 -9.45 39.07 7.24
C PHE BA 48 -9.87 40.25 8.10
N GLN BA 49 -10.84 41.00 7.62
CA GLN BA 49 -11.57 41.91 8.48
C GLN BA 49 -12.50 41.11 9.38
N SER BA 50 -12.70 41.60 10.60
CA SER BA 50 -13.57 40.86 11.51
C SER BA 50 -14.99 40.82 10.97
N SER BA 51 -15.46 41.91 10.34
CA SER BA 51 -16.77 41.90 9.71
C SER BA 51 -16.84 40.95 8.52
N ALA BA 52 -15.71 40.64 7.88
CA ALA BA 52 -15.68 39.62 6.84
C ALA BA 52 -15.87 38.24 7.43
N VAL BA 53 -15.27 37.97 8.59
CA VAL BA 53 -15.55 36.72 9.28
C VAL BA 53 -17.03 36.68 9.67
N MET BA 54 -17.56 37.82 10.14
CA MET BA 54 -18.94 37.83 10.57
C MET BA 54 -19.91 37.62 9.41
N ALA BA 55 -19.61 38.21 8.25
CA ALA BA 55 -20.41 37.92 7.07
C ALA BA 55 -20.35 36.42 6.72
N LEU BA 56 -19.17 35.81 6.85
CA LEU BA 56 -19.04 34.39 6.59
C LEU BA 56 -19.90 33.58 7.56
N GLN BA 57 -19.91 33.99 8.82
CA GLN BA 57 -20.69 33.23 9.80
C GLN BA 57 -22.17 33.37 9.55
N GLU BA 58 -22.65 34.60 9.28
CA GLU BA 58 -24.06 34.78 8.93
C GLU BA 58 -24.47 33.85 7.79
N ALA BA 59 -23.67 33.81 6.72
CA ALA BA 59 -24.06 33.04 5.55
C ALA BA 59 -23.94 31.54 5.79
N SER BA 60 -22.92 31.14 6.57
CA SER BA 60 -22.71 29.72 6.90
C SER BA 60 -23.83 29.16 7.75
N GLU BA 61 -24.19 29.88 8.81
CA GLU BA 61 -25.26 29.42 9.67
C GLU BA 61 -26.61 29.43 8.95
N ALA BA 62 -26.86 30.44 8.08
CA ALA BA 62 -28.10 30.43 7.32
C ALA BA 62 -28.15 29.24 6.38
N TYR BA 63 -27.02 28.96 5.73
CA TYR BA 63 -26.92 27.78 4.87
C TYR BA 63 -27.21 26.49 5.65
N LEU BA 64 -26.65 26.35 6.84
CA LEU BA 64 -26.83 25.08 7.54
C LEU BA 64 -28.25 24.94 8.08
N VAL BA 65 -28.81 26.04 8.58
CA VAL BA 65 -30.20 26.02 9.05
C VAL BA 65 -31.11 25.58 7.92
N ALA BA 66 -31.03 26.25 6.77
CA ALA BA 66 -31.89 25.88 5.65
C ALA BA 66 -31.64 24.44 5.22
N LEU BA 67 -30.37 24.01 5.24
CA LEU BA 67 -30.05 22.62 4.90
C LEU BA 67 -30.69 21.66 5.89
N PHE BA 68 -30.66 22.01 7.18
CA PHE BA 68 -31.34 21.19 8.19
C PHE BA 68 -32.85 21.15 7.94
N GLU BA 69 -33.44 22.28 7.49
CA GLU BA 69 -34.85 22.28 7.14
C GLU BA 69 -35.14 21.24 6.07
N ASP BA 70 -34.34 21.22 5.00
CA ASP BA 70 -34.51 20.20 3.97
C ASP BA 70 -34.26 18.80 4.52
N THR BA 71 -33.21 18.67 5.33
CA THR BA 71 -32.86 17.39 5.92
C THR BA 71 -34.03 16.84 6.73
N ASN BA 72 -34.69 17.71 7.48
CA ASN BA 72 -35.84 17.29 8.27
C ASN BA 72 -36.89 16.68 7.38
N LEU BA 73 -37.19 17.35 6.26
CA LEU BA 73 -38.22 16.90 5.33
C LEU BA 73 -37.90 15.53 4.75
N CYS BA 74 -36.62 15.30 4.44
CA CYS BA 74 -36.17 14.01 3.97
C CYS BA 74 -36.37 12.94 5.05
N ALA BA 75 -36.15 13.30 6.31
CA ALA BA 75 -36.31 12.33 7.38
C ALA BA 75 -37.78 12.00 7.57
N ILE BA 76 -38.63 13.02 7.54
CA ILE BA 76 -40.07 12.82 7.65
C ILE BA 76 -40.57 11.99 6.48
N HIS BA 77 -40.06 12.27 5.29
CA HIS BA 77 -40.43 11.48 4.12
C HIS BA 77 -40.23 9.99 4.36
N ALA BA 78 -39.17 9.65 5.11
CA ALA BA 78 -38.85 8.27 5.44
C ALA BA 78 -39.57 7.80 6.70
N LYS BA 79 -40.59 8.55 7.15
CA LYS BA 79 -41.36 8.22 8.34
C LYS BA 79 -40.49 8.15 9.60
N ARG BA 80 -39.49 9.01 9.67
CA ARG BA 80 -38.63 9.14 10.83
C ARG BA 80 -38.69 10.57 11.40
N VAL BA 81 -38.48 10.68 12.70
CA VAL BA 81 -38.30 11.97 13.35
C VAL BA 81 -36.83 12.30 13.54
N THR BA 82 -35.95 11.31 13.38
CA THR BA 82 -34.52 11.44 13.64
C THR BA 82 -33.77 11.65 12.31
N ILE BA 83 -33.12 12.77 12.18
CA ILE BA 83 -32.37 13.01 10.96
C ILE BA 83 -31.09 12.19 11.01
N MET BA 84 -30.61 11.81 9.85
CA MET BA 84 -29.48 10.91 9.69
C MET BA 84 -28.63 11.45 8.53
N PRO BA 85 -27.37 11.00 8.43
CA PRO BA 85 -26.53 11.52 7.33
C PRO BA 85 -27.16 11.29 5.96
N LYS BA 86 -27.92 10.20 5.77
CA LYS BA 86 -28.53 9.97 4.46
C LYS BA 86 -29.58 11.02 4.14
N ASP BA 87 -30.20 11.62 5.15
CA ASP BA 87 -31.12 12.72 4.88
C ASP BA 87 -30.38 13.95 4.37
N ILE BA 88 -29.22 14.25 4.96
CA ILE BA 88 -28.42 15.38 4.49
C ILE BA 88 -27.94 15.13 3.07
N GLN BA 89 -27.52 13.90 2.78
CA GLN BA 89 -26.97 13.59 1.48
C GLN BA 89 -28.03 13.67 0.40
N LEU BA 90 -29.23 13.15 0.67
CA LEU BA 90 -30.34 13.33 -0.27
C LEU BA 90 -30.63 14.82 -0.50
N ALA BA 91 -30.80 15.58 0.58
CA ALA BA 91 -31.07 17.01 0.44
C ALA BA 91 -30.02 17.68 -0.42
N ARG BA 92 -28.73 17.43 -0.13
CA ARG BA 92 -27.66 18.05 -0.92
C ARG BA 92 -27.71 17.59 -2.36
N ARG BA 93 -28.05 16.32 -2.57
CA ARG BA 93 -28.09 15.76 -3.94
C ARG BA 93 -29.19 16.42 -4.75
N ILE BA 94 -30.39 16.50 -4.20
CA ILE BA 94 -31.49 17.14 -4.91
C ILE BA 94 -31.20 18.62 -5.09
N ARG BA 95 -30.62 19.27 -4.07
CA ARG BA 95 -30.29 20.68 -4.15
C ARG BA 95 -29.31 20.96 -5.27
N GLY BA 96 -28.53 19.94 -5.65
CA GLY BA 96 -27.58 20.08 -6.76
C GLY BA 96 -26.17 20.41 -6.33
N GLU BA 97 -25.88 20.34 -5.04
CA GLU BA 97 -24.49 20.56 -4.61
C GLU BA 97 -23.82 19.19 -4.48
N ARG BA 98 -22.95 18.80 -5.39
CA ARG BA 98 -22.23 17.50 -5.30
C ARG BA 98 -23.20 16.33 -5.01
N ALA BA 99 -22.92 15.58 -3.94
CA ALA BA 99 -23.78 14.42 -3.59
C ALA BA 99 -23.90 14.30 -2.07
N ASN CA 7 -9.25 22.39 13.37
CA ASN CA 7 -10.17 23.34 14.05
C ASN CA 7 -11.61 23.01 13.66
N ILE CA 8 -11.78 22.17 12.65
CA ILE CA 8 -13.15 21.77 12.19
C ILE CA 8 -13.90 21.13 13.35
N GLN CA 9 -13.17 20.50 14.29
CA GLN CA 9 -13.87 19.88 15.42
C GLN CA 9 -14.15 20.87 16.54
N GLY CA 10 -13.72 22.12 16.39
CA GLY CA 10 -14.16 23.19 17.28
C GLY CA 10 -15.60 23.62 17.07
N ILE CA 11 -16.24 23.17 15.99
CA ILE CA 11 -17.66 23.39 15.76
C ILE CA 11 -18.35 22.30 16.59
N THR CA 12 -18.80 22.67 17.79
CA THR CA 12 -19.15 21.71 18.82
C THR CA 12 -20.50 21.06 18.55
N LYS CA 13 -20.68 19.88 19.12
CA LYS CA 13 -21.98 19.21 19.07
C LYS CA 13 -23.12 20.11 19.52
N PRO CA 14 -23.03 20.85 20.64
CA PRO CA 14 -24.17 21.73 20.99
C PRO CA 14 -24.47 22.77 19.93
N ALA CA 15 -23.45 23.33 19.28
CA ALA CA 15 -23.69 24.37 18.27
C ALA CA 15 -24.39 23.79 17.06
N ILE CA 16 -23.95 22.63 16.60
CA ILE CA 16 -24.64 21.96 15.48
C ILE CA 16 -26.08 21.66 15.87
N ARG CA 17 -26.30 21.22 17.11
CA ARG CA 17 -27.64 20.85 17.53
C ARG CA 17 -28.55 22.07 17.54
N ARG CA 18 -28.09 23.18 18.13
CA ARG CA 18 -28.88 24.41 18.10
C ARG CA 18 -29.24 24.79 16.66
N LEU CA 19 -28.28 24.73 15.73
CA LEU CA 19 -28.57 25.00 14.32
C LEU CA 19 -29.67 24.08 13.80
N ALA CA 20 -29.61 22.81 14.16
CA ALA CA 20 -30.67 21.90 13.73
C ALA CA 20 -32.02 22.31 14.34
N ARG CA 21 -32.03 22.80 15.59
CA ARG CA 21 -33.28 23.21 16.23
C ARG CA 21 -33.90 24.41 15.52
N ARG CA 22 -33.09 25.43 15.20
CA ARG CA 22 -33.57 26.54 14.40
C ARG CA 22 -34.16 26.03 13.09
N GLY CA 23 -33.55 24.99 12.52
CA GLY CA 23 -34.12 24.34 11.35
C GLY CA 23 -35.27 23.40 11.60
N GLY CA 24 -35.82 23.37 12.82
CA GLY CA 24 -36.99 22.57 13.10
C GLY CA 24 -36.77 21.11 13.41
N VAL CA 25 -35.52 20.67 13.56
CA VAL CA 25 -35.22 19.26 13.76
C VAL CA 25 -35.53 18.85 15.19
N LYS CA 26 -36.32 17.79 15.35
CA LYS CA 26 -36.72 17.34 16.67
C LYS CA 26 -35.77 16.31 17.28
N ARG CA 27 -35.19 15.43 16.46
CA ARG CA 27 -34.29 14.39 16.99
C ARG CA 27 -33.13 14.20 16.02
N ILE CA 28 -31.94 14.00 16.60
CA ILE CA 28 -30.69 14.07 15.85
C ILE CA 28 -29.90 12.80 16.10
N SER CA 29 -29.55 12.10 15.04
CA SER CA 29 -28.64 10.98 15.19
C SER CA 29 -27.23 11.46 15.54
N GLY CA 30 -26.53 10.64 16.33
CA GLY CA 30 -25.16 10.98 16.68
C GLY CA 30 -24.24 11.11 15.48
N LEU CA 31 -24.59 10.49 14.36
CA LEU CA 31 -23.73 10.59 13.19
C LEU CA 31 -23.85 11.94 12.48
N ILE CA 32 -24.79 12.78 12.90
CA ILE CA 32 -25.03 14.01 12.13
C ILE CA 32 -23.89 14.99 12.34
N TYR CA 33 -23.25 14.97 13.51
CA TYR CA 33 -22.30 16.03 13.84
C TYR CA 33 -21.07 15.99 12.94
N GLU CA 34 -20.53 14.80 12.69
CA GLU CA 34 -19.41 14.68 11.76
C GLU CA 34 -19.84 15.07 10.36
N GLU CA 35 -20.99 14.58 9.92
CA GLU CA 35 -21.48 14.91 8.59
C GLU CA 35 -21.62 16.42 8.42
N THR CA 36 -22.18 17.09 9.42
CA THR CA 36 -22.39 18.55 9.34
C THR CA 36 -21.06 19.30 9.27
N ARG CA 37 -20.03 18.79 9.96
CA ARG CA 37 -18.72 19.44 9.93
C ARG CA 37 -18.10 19.39 8.54
N GLY CA 38 -18.21 18.25 7.85
CA GLY CA 38 -17.69 18.15 6.50
C GLY CA 38 -18.44 19.06 5.53
N VAL CA 39 -19.75 19.19 5.72
CA VAL CA 39 -20.55 20.04 4.83
C VAL CA 39 -20.19 21.50 5.03
N LEU CA 40 -20.04 21.93 6.29
CA LEU CA 40 -19.63 23.29 6.60
C LEU CA 40 -18.24 23.58 6.04
N LYS CA 41 -17.32 22.63 6.13
CA LYS CA 41 -15.96 22.85 5.62
C LYS CA 41 -15.95 23.07 4.11
N VAL CA 42 -16.70 22.24 3.36
CA VAL CA 42 -16.83 22.47 1.93
C VAL CA 42 -17.43 23.84 1.64
N PHE CA 43 -18.46 24.24 2.38
CA PHE CA 43 -19.07 25.56 2.15
C PHE CA 43 -18.06 26.67 2.40
N LEU CA 44 -17.42 26.69 3.57
CA LEU CA 44 -16.40 27.70 3.84
C LEU CA 44 -15.31 27.70 2.78
N GLU CA 45 -14.82 26.51 2.39
CA GLU CA 45 -13.72 26.45 1.44
C GLU CA 45 -14.11 27.10 0.12
N ASN CA 46 -15.32 26.82 -0.37
CA ASN CA 46 -15.75 27.36 -1.65
C ASN CA 46 -15.96 28.87 -1.60
N VAL CA 47 -16.59 29.38 -0.54
CA VAL CA 47 -16.78 30.82 -0.43
C VAL CA 47 -15.42 31.51 -0.27
N ILE CA 48 -14.60 31.01 0.66
CA ILE CA 48 -13.32 31.66 0.96
C ILE CA 48 -12.42 31.67 -0.26
N ARG CA 49 -12.38 30.56 -1.01
CA ARG CA 49 -11.58 30.52 -2.24
C ARG CA 49 -12.00 31.62 -3.20
N ASP CA 50 -13.31 31.81 -3.40
CA ASP CA 50 -13.72 32.87 -4.32
C ASP CA 50 -13.39 34.24 -3.72
N ALA CA 51 -13.57 34.41 -2.40
CA ALA CA 51 -13.28 35.71 -1.80
C ALA CA 51 -11.79 36.04 -1.93
N VAL CA 52 -10.92 35.06 -1.71
CA VAL CA 52 -9.47 35.30 -1.85
C VAL CA 52 -9.14 35.74 -3.27
N THR CA 53 -9.77 35.10 -4.26
CA THR CA 53 -9.59 35.47 -5.64
C THR CA 53 -9.94 36.94 -5.86
N TYR CA 54 -11.04 37.42 -5.28
CA TYR CA 54 -11.38 38.84 -5.44
C TYR CA 54 -10.35 39.72 -4.74
N THR CA 55 -9.89 39.30 -3.56
CA THR CA 55 -8.92 40.09 -2.81
C THR CA 55 -7.61 40.19 -3.57
N GLU CA 56 -7.15 39.08 -4.13
CA GLU CA 56 -5.86 39.10 -4.82
C GLU CA 56 -6.00 39.70 -6.21
N HIS CA 57 -7.17 39.57 -6.82
CA HIS CA 57 -7.36 40.33 -8.05
C HIS CA 57 -7.14 41.81 -7.81
N ALA CA 58 -7.68 42.34 -6.72
CA ALA CA 58 -7.51 43.74 -6.33
C ALA CA 58 -6.10 44.03 -5.81
N LYS CA 59 -5.19 43.06 -5.87
CA LYS CA 59 -3.84 43.21 -5.33
C LYS CA 59 -3.87 43.66 -3.86
N ARG CA 60 -4.87 43.18 -3.13
CA ARG CA 60 -4.96 43.34 -1.69
C ARG CA 60 -4.61 42.02 -1.01
N LYS CA 61 -4.36 42.09 0.28
CA LYS CA 61 -4.09 40.87 1.03
C LYS CA 61 -4.94 40.77 2.29
N THR CA 62 -5.91 41.67 2.46
CA THR CA 62 -6.92 41.56 3.51
C THR CA 62 -8.28 41.37 2.84
N VAL CA 63 -8.91 40.22 3.10
CA VAL CA 63 -10.27 39.97 2.63
C VAL CA 63 -11.23 40.88 3.37
N THR CA 64 -12.08 41.58 2.63
CA THR CA 64 -13.04 42.50 3.23
C THR CA 64 -14.41 41.88 3.29
N ALA CA 65 -15.27 42.45 4.14
CA ALA CA 65 -16.69 42.11 4.13
C ALA CA 65 -17.23 42.09 2.70
N MET CA 66 -16.88 43.10 1.90
CA MET CA 66 -17.40 43.17 0.53
C MET CA 66 -16.84 42.06 -0.35
N ASP CA 67 -15.56 41.70 -0.18
CA ASP CA 67 -15.03 40.55 -0.91
C ASP CA 67 -15.86 39.29 -0.62
N VAL CA 68 -16.30 39.13 0.64
CA VAL CA 68 -17.12 37.96 0.99
C VAL CA 68 -18.49 38.05 0.32
N VAL CA 69 -19.09 39.24 0.30
CA VAL CA 69 -20.39 39.41 -0.35
C VAL CA 69 -20.31 39.03 -1.82
N TYR CA 70 -19.28 39.50 -2.52
CA TYR CA 70 -19.14 39.14 -3.93
C TYR CA 70 -18.94 37.65 -4.12
N ALA CA 71 -18.15 37.03 -3.24
CA ALA CA 71 -17.94 35.60 -3.36
C ALA CA 71 -19.25 34.86 -3.19
N LEU CA 72 -20.08 35.31 -2.24
CA LEU CA 72 -21.37 34.68 -1.99
C LEU CA 72 -22.29 34.83 -3.19
N LYS CA 73 -22.40 36.05 -3.74
CA LYS CA 73 -23.23 36.26 -4.91
C LYS CA 73 -22.74 35.40 -6.08
N ARG CA 74 -21.42 35.34 -6.29
CA ARG CA 74 -20.84 34.51 -7.35
C ARG CA 74 -21.30 33.05 -7.25
N GLN CA 75 -21.66 32.59 -6.06
CA GLN CA 75 -22.18 31.25 -5.86
C GLN CA 75 -23.68 31.22 -5.70
N GLY CA 76 -24.37 32.31 -6.00
CA GLY CA 76 -25.82 32.31 -5.94
C GLY CA 76 -26.42 32.45 -4.57
N ARG CA 77 -25.70 33.05 -3.62
CA ARG CA 77 -26.14 33.16 -2.23
C ARG CA 77 -26.03 34.61 -1.80
N THR CA 78 -26.96 35.44 -2.26
CA THR CA 78 -26.94 36.85 -1.93
C THR CA 78 -27.13 37.09 -0.43
N LEU CA 79 -26.23 37.87 0.15
CA LEU CA 79 -26.24 38.19 1.57
C LEU CA 79 -26.49 39.68 1.74
N TYR CA 80 -27.47 40.04 2.57
CA TYR CA 80 -27.80 41.43 2.82
C TYR CA 80 -27.23 41.88 4.15
N GLY CA 81 -26.64 43.08 4.15
CA GLY CA 81 -26.19 43.71 5.38
C GLY CA 81 -24.70 43.97 5.52
N PHE CA 82 -23.86 43.73 4.51
CA PHE CA 82 -22.44 44.05 4.66
C PHE CA 82 -21.86 44.92 3.53
N PRO DA 12 -17.17 34.82 27.54
CA PRO DA 12 -17.07 35.92 26.57
C PRO DA 12 -17.15 35.44 25.12
N ASN DA 13 -18.34 35.47 24.52
CA ASN DA 13 -18.55 34.93 23.18
C ASN DA 13 -18.38 36.06 22.16
N GLU DA 14 -17.13 36.30 21.77
CA GLU DA 14 -16.83 37.38 20.86
C GLU DA 14 -15.63 37.00 20.01
N TYR DA 15 -15.52 37.62 18.85
CA TYR DA 15 -14.31 37.47 18.05
C TYR DA 15 -13.12 38.04 18.80
N ASP DA 16 -11.96 37.40 18.64
CA ASP DA 16 -10.73 37.84 19.29
C ASP DA 16 -9.99 38.76 18.33
N LEU DA 17 -10.05 40.06 18.62
CA LEU DA 17 -9.50 41.06 17.71
C LEU DA 17 -7.99 41.22 17.82
N ASN DA 18 -7.39 40.63 18.85
CA ASN DA 18 -5.93 40.63 18.94
C ASN DA 18 -5.29 39.60 18.03
N ASP DA 19 -6.07 38.69 17.45
CA ASP DA 19 -5.54 37.75 16.50
C ASP DA 19 -4.91 38.49 15.32
N SER DA 20 -3.66 38.17 15.04
CA SER DA 20 -2.90 38.80 13.96
C SER DA 20 -3.50 38.51 12.60
N PHE DA 21 -4.34 37.48 12.49
CA PHE DA 21 -5.02 37.18 11.24
C PHE DA 21 -6.09 38.22 10.89
N LEU DA 22 -6.56 38.96 11.87
CA LEU DA 22 -7.57 39.96 11.67
C LEU DA 22 -6.96 41.32 11.45
N ASP DA 23 -7.33 41.96 10.37
CA ASP DA 23 -6.80 43.25 10.07
C ASP DA 23 -7.91 44.24 9.93
N ASP DA 24 -8.07 45.16 10.87
CA ASP DA 24 -9.30 45.92 10.93
C ASP DA 24 -9.12 47.41 10.67
N GLU DA 25 -8.75 47.81 9.47
CA GLU DA 25 -8.42 49.23 9.24
C GLU DA 25 -8.82 49.68 7.84
N ASP DA 35 -26.93 47.71 18.37
CA ASP DA 35 -27.71 48.16 17.21
C ASP DA 35 -28.34 49.53 17.46
N SER DA 36 -27.81 50.53 16.77
CA SER DA 36 -28.24 51.92 16.95
C SER DA 36 -29.54 52.22 16.20
N ASP DA 37 -30.25 53.21 16.69
CA ASP DA 37 -31.29 53.85 15.89
C ASP DA 37 -30.64 54.62 14.75
N TRP DA 38 -31.09 54.37 13.54
CA TRP DA 38 -30.61 55.14 12.40
C TRP DA 38 -31.37 56.45 12.33
N GLU DA 39 -30.65 57.56 12.16
CA GLU DA 39 -31.28 58.87 12.00
C GLU DA 39 -30.52 59.72 10.98
N PRO DA 40 -31.21 60.63 10.29
CA PRO DA 40 -30.52 61.58 9.41
C PRO DA 40 -29.84 62.69 10.20
N THR EA 5 56.98 -27.85 -48.52
CA THR EA 5 55.94 -26.82 -48.29
C THR EA 5 56.42 -25.85 -47.20
N ARG EA 6 55.68 -24.76 -46.99
CA ARG EA 6 56.04 -23.76 -45.94
C ARG EA 6 56.19 -24.51 -44.62
N SER EA 7 55.20 -25.33 -44.26
CA SER EA 7 55.28 -26.11 -43.04
C SER EA 7 56.54 -26.98 -43.01
N SER EA 8 56.85 -27.66 -44.13
CA SER EA 8 58.07 -28.43 -44.22
C SER EA 8 59.30 -27.54 -44.11
N ARG EA 9 59.26 -26.37 -44.74
CA ARG EA 9 60.38 -25.43 -44.67
C ARG EA 9 60.72 -25.08 -43.22
N ALA EA 10 59.74 -25.11 -42.33
CA ALA EA 10 59.94 -24.72 -40.94
C ALA EA 10 60.00 -25.90 -39.98
N GLY EA 11 59.93 -27.13 -40.48
CA GLY EA 11 59.98 -28.30 -39.64
C GLY EA 11 58.75 -28.50 -38.81
N LEU EA 12 57.59 -28.09 -39.33
CA LEU EA 12 56.35 -28.01 -38.57
C LEU EA 12 55.32 -28.99 -39.13
N GLN EA 13 54.42 -29.42 -38.25
CA GLN EA 13 53.23 -30.14 -38.68
C GLN EA 13 52.00 -29.24 -38.79
N PHE EA 14 51.98 -28.08 -38.13
CA PHE EA 14 50.84 -27.18 -38.17
C PHE EA 14 50.91 -26.29 -39.41
N PRO EA 15 49.75 -25.89 -39.95
CA PRO EA 15 49.73 -25.33 -41.33
C PRO EA 15 50.19 -23.88 -41.42
N VAL EA 16 51.43 -23.64 -41.84
CA VAL EA 16 51.91 -22.26 -41.92
C VAL EA 16 51.09 -21.46 -42.93
N GLY EA 17 50.71 -22.07 -44.05
CA GLY EA 17 49.84 -21.39 -45.00
C GLY EA 17 48.54 -20.93 -44.37
N ARG EA 18 47.80 -21.85 -43.75
CA ARG EA 18 46.49 -21.48 -43.20
C ARG EA 18 46.62 -20.42 -42.11
N VAL EA 19 47.66 -20.52 -41.26
CA VAL EA 19 47.86 -19.49 -40.24
C VAL EA 19 48.09 -18.13 -40.91
N HIS EA 20 48.77 -18.12 -42.05
CA HIS EA 20 48.98 -16.86 -42.75
C HIS EA 20 47.67 -16.25 -43.22
N ARG EA 21 46.76 -17.06 -43.78
CA ARG EA 21 45.47 -16.52 -44.22
C ARG EA 21 44.74 -15.86 -43.05
N LEU EA 22 44.61 -16.59 -41.94
CA LEU EA 22 43.87 -16.08 -40.80
C LEU EA 22 44.45 -14.77 -40.30
N LEU EA 23 45.78 -14.63 -40.30
CA LEU EA 23 46.39 -13.39 -39.86
C LEU EA 23 46.07 -12.22 -40.80
N ARG EA 24 46.00 -12.49 -42.11
CA ARG EA 24 45.67 -11.40 -43.04
C ARG EA 24 44.18 -11.13 -43.08
N LYS EA 25 43.37 -12.19 -43.03
CA LYS EA 25 41.92 -12.05 -43.02
C LYS EA 25 41.38 -11.56 -41.68
N GLY EA 26 42.12 -11.70 -40.59
CA GLY EA 26 41.60 -11.38 -39.28
C GLY EA 26 41.64 -9.91 -38.89
N ASN EA 27 42.11 -9.03 -39.78
CA ASN EA 27 42.19 -7.61 -39.46
C ASN EA 27 43.04 -7.37 -38.23
N TYR EA 28 44.25 -7.90 -38.25
CA TYR EA 28 45.19 -7.71 -37.15
C TYR EA 28 46.20 -6.63 -37.46
N ALA EA 29 46.58 -6.50 -38.73
CA ALA EA 29 47.50 -5.47 -39.17
C ALA EA 29 47.22 -5.23 -40.64
N GLU EA 30 47.75 -4.13 -41.16
CA GLU EA 30 47.63 -3.93 -42.61
C GLU EA 30 48.34 -5.03 -43.38
N ARG EA 31 49.42 -5.57 -42.83
CA ARG EA 31 50.21 -6.61 -43.48
C ARG EA 31 50.77 -7.56 -42.42
N VAL EA 32 51.13 -8.77 -42.86
CA VAL EA 32 51.65 -9.82 -41.99
C VAL EA 32 52.96 -10.33 -42.58
N GLY EA 33 54.07 -10.10 -41.89
CA GLY EA 33 55.36 -10.58 -42.36
C GLY EA 33 55.41 -12.10 -42.45
N ALA EA 34 56.40 -12.59 -43.21
CA ALA EA 34 56.46 -14.01 -43.54
C ALA EA 34 56.88 -14.87 -42.35
N GLY EA 35 57.70 -14.32 -41.45
CA GLY EA 35 58.05 -15.05 -40.25
C GLY EA 35 56.88 -15.22 -39.29
N ALA EA 36 55.96 -14.25 -39.28
CA ALA EA 36 54.88 -14.28 -38.29
C ALA EA 36 54.06 -15.57 -38.33
N PRO EA 37 53.50 -16.01 -39.46
CA PRO EA 37 52.76 -17.29 -39.43
C PRO EA 37 53.64 -18.48 -39.10
N VAL EA 38 54.93 -18.43 -39.45
CA VAL EA 38 55.82 -19.52 -39.08
C VAL EA 38 55.96 -19.57 -37.56
N TYR EA 39 56.24 -18.42 -36.95
CA TYR EA 39 56.44 -18.37 -35.51
C TYR EA 39 55.17 -18.82 -34.77
N LEU EA 40 54.03 -18.27 -35.18
CA LEU EA 40 52.75 -18.60 -34.56
C LEU EA 40 52.43 -20.08 -34.73
N ALA EA 41 52.58 -20.61 -35.94
CA ALA EA 41 52.35 -22.04 -36.16
C ALA EA 41 53.22 -22.89 -35.24
N ALA EA 42 54.48 -22.50 -35.06
CA ALA EA 42 55.33 -23.26 -34.16
C ALA EA 42 54.82 -23.19 -32.73
N VAL EA 43 54.30 -22.03 -32.31
CA VAL EA 43 53.82 -21.88 -30.95
C VAL EA 43 52.57 -22.72 -30.71
N LEU EA 44 51.61 -22.67 -31.65
CA LEU EA 44 50.41 -23.48 -31.52
C LEU EA 44 50.76 -24.96 -31.47
N GLU EA 45 51.61 -25.39 -32.39
CA GLU EA 45 52.05 -26.78 -32.39
C GLU EA 45 52.70 -27.14 -31.07
N TYR EA 46 53.49 -26.24 -30.51
CA TYR EA 46 54.14 -26.52 -29.24
C TYR EA 46 53.12 -26.69 -28.10
N LEU EA 47 52.14 -25.81 -28.03
CA LEU EA 47 51.19 -25.90 -26.94
C LEU EA 47 50.29 -27.09 -27.09
N THR EA 48 49.94 -27.42 -28.31
CA THR EA 48 49.17 -28.61 -28.58
C THR EA 48 49.89 -29.86 -28.09
N ALA EA 49 51.20 -29.95 -28.38
CA ALA EA 49 51.98 -31.09 -27.94
C ALA EA 49 52.04 -31.17 -26.42
N GLU EA 50 52.12 -30.03 -25.74
CA GLU EA 50 52.07 -30.05 -24.29
C GLU EA 50 50.78 -30.71 -23.78
N ILE EA 51 49.63 -30.14 -24.16
CA ILE EA 51 48.33 -30.71 -23.78
C ILE EA 51 48.29 -32.19 -24.12
N LEU EA 52 48.59 -32.53 -25.36
CA LEU EA 52 48.39 -33.92 -25.79
C LEU EA 52 49.35 -34.86 -25.08
N GLU EA 53 50.53 -34.39 -24.70
CA GLU EA 53 51.41 -35.27 -23.96
C GLU EA 53 50.86 -35.53 -22.56
N LEU EA 54 50.50 -34.46 -21.85
CA LEU EA 54 50.05 -34.62 -20.47
C LEU EA 54 48.72 -35.37 -20.43
N ALA EA 55 47.81 -35.01 -21.34
CA ALA EA 55 46.54 -35.72 -21.48
C ALA EA 55 46.75 -37.20 -21.79
N GLY EA 56 47.75 -37.51 -22.61
CA GLY EA 56 48.04 -38.90 -22.89
C GLY EA 56 48.51 -39.63 -21.66
N ASN EA 57 49.29 -38.96 -20.81
CA ASN EA 57 49.70 -39.56 -19.55
C ASN EA 57 48.49 -39.86 -18.68
N ALA EA 58 47.54 -38.94 -18.64
CA ALA EA 58 46.35 -39.13 -17.81
C ALA EA 58 45.53 -40.31 -18.31
N ALA EA 59 45.36 -40.40 -19.63
CA ALA EA 59 44.57 -41.50 -20.19
C ALA EA 59 45.23 -42.83 -19.88
N ARG EA 60 46.56 -42.86 -19.92
CA ARG EA 60 47.30 -44.10 -19.74
C ARG EA 60 47.36 -44.50 -18.28
N ASP EA 61 47.37 -43.53 -17.38
CA ASP EA 61 47.38 -43.84 -15.96
C ASP EA 61 46.05 -44.45 -15.51
N ASN EA 62 44.96 -44.11 -16.19
CA ASN EA 62 43.66 -44.75 -16.00
C ASN EA 62 43.48 -45.93 -16.95
N LYS EA 63 44.55 -46.35 -17.61
CA LYS EA 63 44.56 -47.52 -18.50
C LYS EA 63 43.45 -47.42 -19.56
N LYS EA 64 43.36 -46.25 -20.15
CA LYS EA 64 42.54 -46.01 -21.34
C LYS EA 64 43.48 -45.88 -22.53
N THR EA 65 43.00 -46.26 -23.70
CA THR EA 65 43.77 -46.12 -24.92
C THR EA 65 43.36 -44.91 -25.75
N ARG EA 66 42.43 -44.11 -25.26
CA ARG EA 66 41.85 -43.01 -26.03
C ARG EA 66 41.75 -41.80 -25.13
N ILE EA 67 42.25 -40.66 -25.58
CA ILE EA 67 42.05 -39.42 -24.82
C ILE EA 67 40.61 -38.97 -24.96
N ILE EA 68 39.96 -38.64 -23.83
CA ILE EA 68 38.63 -38.05 -23.84
C ILE EA 68 38.66 -36.72 -23.10
N PRO EA 69 37.61 -35.85 -23.23
CA PRO EA 69 37.61 -34.56 -22.52
C PRO EA 69 38.09 -34.58 -21.06
N ARG EA 70 37.74 -35.65 -20.32
CA ARG EA 70 38.20 -35.78 -18.94
C ARG EA 70 39.71 -35.71 -18.86
N HIS EA 71 40.41 -36.36 -19.79
CA HIS EA 71 41.86 -36.45 -19.73
C HIS EA 71 42.52 -35.11 -20.02
N LEU EA 72 41.98 -34.36 -20.98
CA LEU EA 72 42.46 -33.02 -21.22
C LEU EA 72 42.35 -32.17 -19.96
N GLN EA 73 41.19 -32.22 -19.31
CA GLN EA 73 40.97 -31.41 -18.11
C GLN EA 73 41.91 -31.81 -16.98
N LEU EA 74 42.13 -33.12 -16.78
CA LEU EA 74 43.08 -33.54 -15.75
C LEU EA 74 44.49 -33.05 -16.08
N ALA EA 75 44.90 -33.17 -17.35
CA ALA EA 75 46.18 -32.63 -17.77
C ALA EA 75 46.33 -31.18 -17.35
N VAL EA 76 45.33 -30.36 -17.67
CA VAL EA 76 45.43 -28.92 -17.47
C VAL EA 76 45.51 -28.57 -15.97
N ARG EA 77 44.64 -29.17 -15.16
CA ARG EA 77 44.59 -28.82 -13.74
C ARG EA 77 45.72 -29.44 -12.93
N ASN EA 78 46.46 -30.40 -13.46
CA ASN EA 78 47.60 -30.95 -12.74
C ASN EA 78 48.92 -30.36 -13.19
N ASP EA 79 48.93 -29.45 -14.17
CA ASP EA 79 50.15 -28.75 -14.60
C ASP EA 79 50.06 -27.29 -14.20
N GLU EA 80 51.01 -26.82 -13.39
CA GLU EA 80 50.98 -25.46 -12.88
C GLU EA 80 50.85 -24.44 -14.00
N GLU EA 81 51.59 -24.61 -15.10
CA GLU EA 81 51.59 -23.63 -16.19
C GLU EA 81 50.32 -23.72 -17.05
N LEU EA 82 49.94 -24.92 -17.49
CA LEU EA 82 48.71 -25.06 -18.28
C LEU EA 82 47.51 -24.58 -17.48
N ASN EA 83 47.54 -24.79 -16.17
CA ASN EA 83 46.42 -24.38 -15.34
C ASN EA 83 46.26 -22.87 -15.33
N LYS EA 84 47.36 -22.13 -15.32
CA LYS EA 84 47.21 -20.69 -15.37
C LYS EA 84 46.92 -20.22 -16.79
N LEU EA 85 47.40 -20.92 -17.79
CA LEU EA 85 47.03 -20.59 -19.15
C LEU EA 85 45.54 -20.73 -19.39
N LEU EA 86 44.96 -21.80 -18.88
CA LEU EA 86 43.57 -22.14 -19.18
C LEU EA 86 42.68 -21.98 -17.95
N GLY EA 87 42.91 -20.91 -17.19
CA GLY EA 87 42.21 -20.74 -15.93
C GLY EA 87 40.77 -20.30 -16.11
N ARG EA 88 40.53 -19.40 -17.06
CA ARG EA 88 39.18 -18.91 -17.35
C ARG EA 88 38.46 -19.78 -18.38
N VAL EA 89 38.74 -21.08 -18.44
CA VAL EA 89 38.26 -21.92 -19.53
C VAL EA 89 37.46 -23.08 -18.96
N THR EA 90 36.26 -23.29 -19.48
CA THR EA 90 35.47 -24.48 -19.19
C THR EA 90 35.66 -25.52 -20.27
N ILE EA 91 36.17 -26.68 -19.89
CA ILE EA 91 36.33 -27.80 -20.80
C ILE EA 91 35.07 -28.65 -20.68
N ALA EA 92 34.20 -28.57 -21.68
CA ALA EA 92 32.97 -29.36 -21.69
C ALA EA 92 33.27 -30.83 -21.39
N GLN EA 93 32.52 -31.38 -20.44
CA GLN EA 93 32.67 -32.77 -19.98
C GLN EA 93 34.04 -33.04 -19.35
N GLY EA 94 34.69 -32.01 -18.82
CA GLY EA 94 35.98 -32.20 -18.15
C GLY EA 94 35.85 -32.57 -16.69
N GLY EA 95 34.77 -32.15 -16.03
CA GLY EA 95 34.64 -32.36 -14.61
C GLY EA 95 35.66 -31.55 -13.82
N VAL EA 96 35.83 -31.96 -12.57
CA VAL EA 96 36.76 -31.30 -11.65
C VAL EA 96 37.83 -32.30 -11.28
N LEU EA 97 38.97 -31.75 -10.89
CA LEU EA 97 40.05 -32.53 -10.32
C LEU EA 97 39.59 -33.07 -8.97
N PRO EA 98 39.64 -34.38 -8.74
CA PRO EA 98 39.27 -34.93 -7.41
C PRO EA 98 40.13 -34.31 -6.32
N ASN EA 99 39.45 -33.69 -5.34
CA ASN EA 99 40.12 -32.99 -4.24
C ASN EA 99 39.11 -32.58 -3.17
N ILE EA 100 39.42 -32.93 -1.93
CA ILE EA 100 38.55 -32.70 -0.78
C ILE EA 100 39.34 -31.90 0.25
N GLN EA 101 38.77 -30.78 0.68
CA GLN EA 101 39.38 -29.95 1.69
C GLN EA 101 39.74 -30.80 2.92
N SER EA 102 41.00 -30.66 3.35
CA SER EA 102 41.55 -31.52 4.40
C SER EA 102 40.64 -31.60 5.62
N VAL EA 103 40.06 -30.48 6.05
CA VAL EA 103 39.27 -30.44 7.28
C VAL EA 103 38.01 -31.32 7.21
N LEU EA 104 37.57 -31.69 6.00
CA LEU EA 104 36.35 -32.48 5.84
C LEU EA 104 36.60 -33.98 5.92
N LEU EA 105 37.85 -34.40 6.04
CA LEU EA 105 38.33 -35.79 6.08
C LEU EA 105 38.61 -36.22 7.50
N PRO EA 106 38.31 -37.49 7.83
CA PRO EA 106 38.39 -38.00 9.21
C PRO EA 106 39.79 -37.99 9.78
N SER FA 11 39.16 -25.51 -39.17
CA SER FA 11 39.55 -26.56 -38.24
C SER FA 11 41.07 -26.84 -38.22
N TYR FA 12 41.54 -27.44 -37.13
CA TYR FA 12 42.93 -27.85 -36.97
C TYR FA 12 43.06 -29.34 -36.65
N ALA FA 13 41.94 -30.07 -36.68
CA ALA FA 13 41.91 -31.44 -36.19
C ALA FA 13 42.99 -32.31 -36.82
N ILE FA 14 43.16 -32.20 -38.14
CA ILE FA 14 44.13 -33.03 -38.84
C ILE FA 14 45.53 -32.85 -38.26
N TYR FA 15 45.84 -31.64 -37.79
CA TYR FA 15 47.19 -31.34 -37.32
C TYR FA 15 47.35 -31.66 -35.85
N VAL FA 16 46.28 -31.49 -35.07
CA VAL FA 16 46.25 -32.02 -33.72
C VAL FA 16 46.52 -33.52 -33.73
N TYR FA 17 45.89 -34.24 -34.67
CA TYR FA 17 46.01 -35.68 -34.70
C TYR FA 17 47.44 -36.09 -35.03
N LYS FA 18 48.07 -35.39 -35.96
CA LYS FA 18 49.45 -35.71 -36.30
C LYS FA 18 50.41 -35.40 -35.17
N VAL FA 19 50.11 -34.39 -34.35
CA VAL FA 19 50.96 -34.16 -33.18
C VAL FA 19 50.74 -35.26 -32.15
N LEU FA 20 49.49 -35.70 -31.98
CA LEU FA 20 49.20 -36.77 -31.03
C LEU FA 20 50.01 -38.04 -31.35
N LYS FA 21 50.16 -38.37 -32.64
CA LYS FA 21 50.89 -39.58 -33.00
C LYS FA 21 52.38 -39.46 -32.74
N GLN FA 22 52.90 -38.23 -32.64
CA GLN FA 22 54.29 -38.04 -32.27
C GLN FA 22 54.49 -38.22 -30.77
N VAL FA 23 53.57 -37.68 -29.97
CA VAL FA 23 53.76 -37.69 -28.52
C VAL FA 23 53.30 -39.02 -27.92
N HIS FA 24 52.25 -39.62 -28.48
CA HIS FA 24 51.67 -40.85 -27.96
C HIS FA 24 51.18 -41.68 -29.14
N PRO FA 25 52.07 -42.44 -29.77
CA PRO FA 25 51.73 -43.10 -31.03
C PRO FA 25 50.64 -44.14 -30.91
N ASP FA 26 50.46 -44.74 -29.73
CA ASP FA 26 49.50 -45.82 -29.56
C ASP FA 26 48.21 -45.36 -28.90
N THR FA 27 47.97 -44.07 -28.85
CA THR FA 27 46.78 -43.54 -28.20
C THR FA 27 45.96 -42.74 -29.21
N GLY FA 28 44.64 -42.93 -29.14
CA GLY FA 28 43.71 -42.17 -29.93
C GLY FA 28 43.08 -41.03 -29.15
N ILE FA 29 42.21 -40.30 -29.84
CA ILE FA 29 41.52 -39.16 -29.27
C ILE FA 29 40.05 -39.21 -29.69
N SER FA 30 39.16 -38.94 -28.74
CA SER FA 30 37.73 -38.95 -29.07
C SER FA 30 37.33 -37.66 -29.77
N SER FA 31 36.20 -37.72 -30.47
CA SER FA 31 35.77 -36.59 -31.27
C SER FA 31 35.45 -35.40 -30.38
N LYS FA 32 34.79 -35.64 -29.24
CA LYS FA 32 34.56 -34.53 -28.32
C LYS FA 32 35.87 -33.97 -27.80
N ALA FA 33 36.89 -34.83 -27.62
CA ALA FA 33 38.19 -34.33 -27.21
C ALA FA 33 38.86 -33.59 -28.36
N MET FA 34 38.71 -34.09 -29.59
CA MET FA 34 39.25 -33.34 -30.71
C MET FA 34 38.62 -31.96 -30.83
N SER FA 35 37.30 -31.86 -30.64
CA SER FA 35 36.64 -30.55 -30.71
C SER FA 35 37.18 -29.59 -29.65
N ILE FA 36 37.39 -30.09 -28.43
CA ILE FA 36 38.03 -29.27 -27.40
C ILE FA 36 39.43 -28.83 -27.83
N MET FA 37 40.19 -29.72 -28.45
CA MET FA 37 41.52 -29.32 -28.92
C MET FA 37 41.41 -28.21 -29.94
N ASN FA 38 40.36 -28.25 -30.77
CA ASN FA 38 40.18 -27.23 -31.79
C ASN FA 38 39.86 -25.87 -31.16
N SER FA 39 38.92 -25.85 -30.22
CA SER FA 39 38.66 -24.60 -29.50
C SER FA 39 39.93 -24.08 -28.86
N PHE FA 40 40.73 -24.97 -28.29
CA PHE FA 40 41.97 -24.55 -27.65
C PHE FA 40 42.93 -23.85 -28.62
N VAL FA 41 43.07 -24.40 -29.83
CA VAL FA 41 43.99 -23.80 -30.79
C VAL FA 41 43.49 -22.44 -31.23
N ASN FA 42 42.20 -22.35 -31.59
CA ASN FA 42 41.64 -21.07 -32.01
C ASN FA 42 41.69 -20.05 -30.89
N ASP FA 43 41.40 -20.49 -29.67
CA ASP FA 43 41.51 -19.61 -28.52
C ASP FA 43 42.91 -18.99 -28.45
N VAL FA 44 43.94 -19.82 -28.49
CA VAL FA 44 45.31 -19.32 -28.33
C VAL FA 44 45.73 -18.47 -29.52
N PHE FA 45 45.35 -18.90 -30.74
CA PHE FA 45 45.58 -18.07 -31.92
C PHE FA 45 45.01 -16.67 -31.72
N GLU FA 46 43.76 -16.59 -31.27
CA GLU FA 46 43.14 -15.28 -31.12
C GLU FA 46 43.84 -14.46 -30.05
N ARG FA 47 44.29 -15.10 -28.96
CA ARG FA 47 45.01 -14.36 -27.92
C ARG FA 47 46.35 -13.82 -28.44
N ILE FA 48 47.15 -14.68 -29.08
CA ILE FA 48 48.47 -14.24 -29.53
C ILE FA 48 48.34 -13.19 -30.64
N ALA FA 49 47.50 -13.46 -31.65
CA ALA FA 49 47.34 -12.50 -32.73
C ALA FA 49 46.69 -11.23 -32.23
N GLY FA 50 45.82 -11.33 -31.21
CA GLY FA 50 45.20 -10.14 -30.67
C GLY FA 50 46.19 -9.21 -30.03
N GLU FA 51 47.06 -9.74 -29.14
CA GLU FA 51 48.09 -8.91 -28.51
C GLU FA 51 49.14 -8.48 -29.51
N ALA FA 52 49.44 -9.32 -30.51
CA ALA FA 52 50.40 -8.94 -31.54
C ALA FA 52 49.92 -7.73 -32.34
N SER FA 53 48.59 -7.59 -32.51
CA SER FA 53 48.04 -6.44 -33.21
C SER FA 53 48.15 -5.18 -32.36
N ARG FA 54 47.89 -5.33 -31.08
CA ARG FA 54 47.99 -4.21 -30.13
C ARG FA 54 49.43 -3.71 -30.11
N LEU FA 55 50.39 -4.64 -30.10
CA LEU FA 55 51.79 -4.25 -30.07
C LEU FA 55 52.17 -3.45 -31.30
N ALA FA 56 51.82 -3.96 -32.48
CA ALA FA 56 52.07 -3.22 -33.70
C ALA FA 56 51.35 -1.88 -33.68
N HIS FA 57 50.12 -1.83 -33.15
CA HIS FA 57 49.42 -0.55 -33.09
C HIS FA 57 50.09 0.41 -32.11
N TYR FA 58 50.54 -0.11 -30.96
CA TYR FA 58 51.18 0.73 -29.95
C TYR FA 58 52.47 1.34 -30.48
N ASN FA 59 53.22 0.60 -31.29
CA ASN FA 59 54.49 1.06 -31.81
C ASN FA 59 54.36 1.60 -33.23
N LYS FA 60 53.12 1.89 -33.66
CA LYS FA 60 52.85 2.52 -34.94
C LYS FA 60 53.56 1.80 -36.07
N ARG FA 61 53.50 0.46 -36.02
CA ARG FA 61 54.09 -0.42 -37.05
C ARG FA 61 52.95 -0.94 -37.95
N SER FA 62 53.14 -0.86 -39.26
CA SER FA 62 52.11 -1.28 -40.21
C SER FA 62 51.96 -2.80 -40.24
N THR FA 63 52.99 -3.53 -39.79
CA THR FA 63 53.14 -4.92 -40.13
C THR FA 63 53.34 -5.76 -38.87
N ILE FA 64 52.80 -6.96 -38.89
CA ILE FA 64 52.99 -7.93 -37.83
C ILE FA 64 54.07 -8.90 -38.29
N THR FA 65 55.19 -8.91 -37.55
CA THR FA 65 56.31 -9.82 -37.79
C THR FA 65 56.44 -10.80 -36.63
N SER FA 66 57.39 -11.72 -36.76
CA SER FA 66 57.62 -12.68 -35.70
C SER FA 66 57.99 -12.00 -34.39
N ARG FA 67 58.55 -10.79 -34.45
CA ARG FA 67 58.83 -10.06 -33.21
C ARG FA 67 57.54 -9.77 -32.43
N GLU FA 68 56.50 -9.31 -33.12
CA GLU FA 68 55.23 -9.05 -32.44
C GLU FA 68 54.66 -10.34 -31.85
N ILE FA 69 54.73 -11.44 -32.60
CA ILE FA 69 54.29 -12.73 -32.09
C ILE FA 69 55.06 -13.09 -30.83
N GLN FA 70 56.38 -12.96 -30.88
CA GLN FA 70 57.23 -13.37 -29.77
C GLN FA 70 56.91 -12.59 -28.51
N THR FA 71 56.81 -11.26 -28.63
CA THR FA 71 56.46 -10.45 -27.47
C THR FA 71 55.07 -10.79 -26.95
N ALA FA 72 54.12 -11.05 -27.86
CA ALA FA 72 52.79 -11.48 -27.41
C ALA FA 72 52.87 -12.76 -26.60
N VAL FA 73 53.66 -13.70 -27.05
CA VAL FA 73 53.85 -14.92 -26.33
C VAL FA 73 54.43 -14.68 -24.95
N ARG FA 74 55.37 -13.75 -24.85
CA ARG FA 74 55.92 -13.46 -23.56
C ARG FA 74 54.91 -12.89 -22.61
N LEU FA 75 54.06 -12.02 -23.12
CA LEU FA 75 52.97 -11.51 -22.34
C LEU FA 75 51.89 -12.49 -21.97
N LEU FA 76 51.50 -13.35 -22.91
CA LEU FA 76 50.33 -14.27 -22.69
C LEU FA 76 50.66 -15.61 -22.03
N LEU FA 77 51.90 -16.12 -22.14
CA LEU FA 77 52.18 -17.42 -21.59
C LEU FA 77 52.85 -17.25 -20.27
N PRO FA 78 52.59 -18.18 -19.37
CA PRO FA 78 53.28 -18.25 -18.10
C PRO FA 78 54.69 -18.71 -18.30
N GLY FA 79 55.61 -18.11 -17.59
CA GLY FA 79 56.89 -18.69 -17.25
C GLY FA 79 57.59 -19.62 -18.20
N GLU FA 80 57.46 -20.90 -17.95
CA GLU FA 80 58.28 -21.86 -18.62
C GLU FA 80 57.70 -22.22 -19.94
N LEU FA 81 56.39 -22.12 -20.07
CA LEU FA 81 55.78 -22.40 -21.34
C LEU FA 81 56.19 -21.33 -22.30
N ALA FA 82 56.44 -20.15 -21.79
CA ALA FA 82 56.76 -19.05 -22.66
C ALA FA 82 58.16 -19.19 -23.21
N LYS FA 83 59.09 -19.56 -22.35
CA LYS FA 83 60.47 -19.71 -22.78
C LYS FA 83 60.63 -20.84 -23.77
N HIS FA 84 59.96 -21.97 -23.55
CA HIS FA 84 60.05 -23.05 -24.52
C HIS FA 84 59.37 -22.69 -25.84
N ALA FA 85 58.24 -22.03 -25.76
CA ALA FA 85 57.56 -21.68 -26.96
C ALA FA 85 58.34 -20.64 -27.73
N VAL FA 86 59.01 -19.76 -27.03
CA VAL FA 86 59.83 -18.76 -27.72
C VAL FA 86 61.00 -19.43 -28.41
N SER FA 87 61.60 -20.46 -27.79
CA SER FA 87 62.65 -21.15 -28.50
C SER FA 87 62.09 -22.01 -29.63
N GLU FA 88 60.85 -22.51 -29.48
CA GLU FA 88 60.27 -23.28 -30.57
C GLU FA 88 59.90 -22.38 -31.75
N GLY FA 89 59.45 -21.16 -31.47
CA GLY FA 89 59.13 -20.23 -32.55
C GLY FA 89 60.37 -19.74 -33.27
N THR FA 90 61.35 -19.23 -32.51
CA THR FA 90 62.59 -18.78 -33.11
C THR FA 90 63.23 -19.88 -33.95
N LYS FA 91 63.23 -21.10 -33.43
CA LYS FA 91 63.90 -22.19 -34.12
C LYS FA 91 63.21 -22.51 -35.45
N ALA FA 92 61.87 -22.45 -35.47
CA ALA FA 92 61.14 -22.68 -36.72
C ALA FA 92 61.38 -21.55 -37.73
N VAL FA 93 61.54 -20.32 -37.26
CA VAL FA 93 61.80 -19.21 -38.17
C VAL FA 93 63.21 -19.30 -38.74
N THR FA 94 64.17 -19.71 -37.91
CA THR FA 94 65.54 -19.91 -38.38
C THR FA 94 65.56 -20.91 -39.54
N LYS FA 95 64.92 -22.07 -39.36
CA LYS FA 95 64.98 -23.10 -40.40
C LYS FA 95 64.19 -22.69 -41.63
N TYR FA 96 63.13 -21.90 -41.46
CA TYR FA 96 62.38 -21.41 -42.60
C TYR FA 96 63.26 -20.55 -43.50
N THR FA 97 64.00 -19.62 -42.91
CA THR FA 97 64.86 -18.69 -43.63
C THR FA 97 66.22 -19.29 -43.96
N SER FA 98 66.25 -20.53 -44.44
CA SER FA 98 67.50 -21.21 -44.75
C SER FA 98 67.53 -21.66 -46.20
N ARG GA 4 42.32 8.15 28.29
CA ARG GA 4 41.44 6.99 28.17
C ARG GA 4 41.67 6.30 26.84
N TYR GA 5 41.68 4.96 26.88
CA TYR GA 5 41.95 4.13 25.72
C TYR GA 5 40.64 3.85 24.99
N ARG GA 6 40.50 4.42 23.80
CA ARG GA 6 39.35 4.19 22.93
C ARG GA 6 39.83 3.80 21.54
N PRO GA 7 40.34 2.57 21.38
CA PRO GA 7 40.91 2.18 20.07
C PRO GA 7 39.87 2.16 18.96
N GLY GA 8 38.63 1.77 19.25
CA GLY GA 8 37.59 1.82 18.24
C GLY GA 8 37.30 3.23 17.76
N THR GA 9 37.23 4.19 18.68
CA THR GA 9 37.06 5.61 18.33
C THR GA 9 38.23 6.11 17.48
N VAL GA 10 39.46 5.78 17.87
CA VAL GA 10 40.63 6.16 17.09
C VAL GA 10 40.56 5.54 15.69
N ALA GA 11 40.23 4.25 15.63
CA ALA GA 11 40.17 3.56 14.35
C ALA GA 11 39.13 4.20 13.42
N LEU GA 12 37.94 4.49 13.95
CA LEU GA 12 36.89 5.08 13.12
C LEU GA 12 37.26 6.47 12.62
N ARG GA 13 37.91 7.28 13.46
CA ARG GA 13 38.38 8.58 13.01
C ARG GA 13 39.38 8.44 11.86
N GLU GA 14 40.22 7.41 11.91
CA GLU GA 14 41.19 7.21 10.82
C GLU GA 14 40.48 6.77 9.53
N ILE GA 15 39.47 5.90 9.66
CA ILE GA 15 38.73 5.44 8.48
C ILE GA 15 38.10 6.61 7.78
N ARG GA 16 37.41 7.47 8.54
CA ARG GA 16 36.81 8.64 7.92
C ARG GA 16 37.89 9.56 7.34
N ARG GA 17 39.03 9.71 8.02
CA ARG GA 17 40.05 10.62 7.51
C ARG GA 17 40.59 10.15 6.16
N TYR GA 18 40.93 8.86 6.06
CA TYR GA 18 41.55 8.37 4.83
C TYR GA 18 40.55 8.01 3.74
N GLN GA 19 39.27 7.78 4.08
CA GLN GA 19 38.28 7.58 3.04
C GLN GA 19 37.84 8.88 2.42
N LYS GA 20 38.02 10.00 3.13
CA LYS GA 20 37.71 11.31 2.62
C LYS GA 20 38.85 11.87 1.78
N SER GA 21 40.07 11.40 1.99
CA SER GA 21 41.22 11.88 1.27
C SER GA 21 41.48 11.03 0.04
N THR GA 22 42.22 11.60 -0.91
CA THR GA 22 42.63 10.90 -2.12
C THR GA 22 44.14 10.77 -2.26
N GLU GA 23 44.93 11.39 -1.38
CA GLU GA 23 46.38 11.39 -1.54
C GLU GA 23 46.93 9.97 -1.42
N LEU GA 24 48.11 9.74 -1.99
CA LEU GA 24 48.74 8.44 -1.88
C LEU GA 24 49.21 8.24 -0.45
N LEU GA 25 49.05 7.01 0.05
CA LEU GA 25 49.29 6.74 1.46
C LEU GA 25 50.64 6.12 1.77
N ILE GA 26 51.33 5.55 0.78
CA ILE GA 26 52.73 5.15 0.96
C ILE GA 26 53.61 6.33 0.63
N ARG GA 27 54.68 6.51 1.40
CA ARG GA 27 55.57 7.62 1.09
C ARG GA 27 56.21 7.42 -0.28
N LYS GA 28 56.42 8.52 -0.99
CA LYS GA 28 56.87 8.41 -2.38
C LYS GA 28 58.29 7.85 -2.49
N LEU GA 29 59.22 8.33 -1.65
CA LEU GA 29 60.60 7.86 -1.79
C LEU GA 29 60.74 6.36 -1.48
N PRO GA 30 60.18 5.84 -0.37
CA PRO GA 30 60.23 4.37 -0.19
C PRO GA 30 59.55 3.59 -1.30
N PHE GA 31 58.43 4.06 -1.84
CA PHE GA 31 57.81 3.30 -2.92
C PHE GA 31 58.69 3.32 -4.16
N GLN GA 32 59.30 4.47 -4.46
CA GLN GA 32 60.25 4.55 -5.57
C GLN GA 32 61.39 3.55 -5.40
N ARG GA 33 61.90 3.43 -4.17
CA ARG GA 33 63.04 2.53 -3.96
C ARG GA 33 62.62 1.07 -4.05
N LEU GA 34 61.35 0.77 -3.75
CA LEU GA 34 60.82 -0.56 -3.98
C LEU GA 34 60.70 -0.88 -5.46
N VAL GA 35 60.18 0.07 -6.26
CA VAL GA 35 60.10 -0.15 -7.69
C VAL GA 35 61.49 -0.34 -8.28
N ARG GA 36 62.45 0.49 -7.85
CA ARG GA 36 63.82 0.40 -8.34
C ARG GA 36 64.41 -0.99 -8.07
N GLU GA 37 64.32 -1.47 -6.83
CA GLU GA 37 64.83 -2.79 -6.50
C GLU GA 37 64.19 -3.87 -7.37
N ILE GA 38 62.87 -3.80 -7.59
CA ILE GA 38 62.20 -4.86 -8.36
C ILE GA 38 62.60 -4.76 -9.83
N ALA GA 39 62.57 -3.55 -10.38
CA ALA GA 39 62.87 -3.35 -11.80
C ALA GA 39 64.31 -3.73 -12.11
N GLN GA 40 65.24 -3.27 -11.28
CA GLN GA 40 66.64 -3.53 -11.59
C GLN GA 40 66.99 -5.01 -11.46
N ASP GA 41 66.17 -5.78 -10.74
CA ASP GA 41 66.38 -7.23 -10.69
C ASP GA 41 65.91 -7.89 -11.98
N PHE GA 42 64.86 -7.37 -12.61
CA PHE GA 42 64.55 -7.80 -13.97
C PHE GA 42 65.69 -7.44 -14.92
N LYS GA 43 66.06 -6.16 -14.96
CA LYS GA 43 67.00 -5.67 -15.94
C LYS GA 43 67.88 -4.59 -15.31
N THR GA 44 69.20 -4.83 -15.32
CA THR GA 44 70.13 -4.01 -14.55
C THR GA 44 70.08 -2.54 -14.97
N ASP GA 45 70.10 -2.29 -16.28
CA ASP GA 45 70.24 -0.97 -16.90
C ASP GA 45 68.93 -0.20 -16.99
N LEU GA 46 67.84 -0.77 -16.51
CA LEU GA 46 66.53 -0.20 -16.76
C LEU GA 46 66.31 1.10 -16.01
N ARG GA 47 65.65 2.05 -16.67
CA ARG GA 47 65.21 3.25 -15.98
C ARG GA 47 63.71 3.44 -16.10
N PHE GA 48 63.15 4.18 -15.15
CA PHE GA 48 61.74 4.57 -15.16
C PHE GA 48 61.60 6.07 -15.29
N GLN GA 49 60.51 6.52 -15.90
CA GLN GA 49 60.10 7.91 -15.74
C GLN GA 49 59.39 8.06 -14.39
N SER GA 50 59.51 9.23 -13.79
CA SER GA 50 58.89 9.44 -12.49
C SER GA 50 57.37 9.27 -12.58
N SER GA 51 56.78 9.72 -13.69
CA SER GA 51 55.35 9.50 -13.94
C SER GA 51 55.00 8.01 -14.00
N ALA GA 52 55.93 7.16 -14.43
CA ALA GA 52 55.62 5.73 -14.44
C ALA GA 52 55.66 5.14 -13.03
N VAL GA 53 56.52 5.69 -12.16
CA VAL GA 53 56.47 5.27 -10.77
C VAL GA 53 55.16 5.70 -10.14
N MET GA 54 54.69 6.92 -10.46
CA MET GA 54 53.41 7.35 -9.91
C MET GA 54 52.23 6.54 -10.43
N ALA GA 55 52.23 6.21 -11.73
CA ALA GA 55 51.20 5.32 -12.26
C ALA GA 55 51.21 3.98 -11.52
N LEU GA 56 52.40 3.44 -11.27
CA LEU GA 56 52.50 2.20 -10.50
C LEU GA 56 51.95 2.39 -9.10
N GLN GA 57 52.26 3.52 -8.46
CA GLN GA 57 51.82 3.69 -7.08
C GLN GA 57 50.31 3.92 -7.00
N GLU GA 58 49.75 4.72 -7.91
CA GLU GA 58 48.29 4.80 -7.98
C GLU GA 58 47.67 3.42 -8.14
N ALA GA 59 48.21 2.61 -9.04
CA ALA GA 59 47.64 1.29 -9.28
C ALA GA 59 47.84 0.36 -8.07
N SER GA 60 49.04 0.36 -7.46
CA SER GA 60 49.32 -0.55 -6.34
C SER GA 60 48.47 -0.20 -5.14
N GLU GA 61 48.34 1.09 -4.85
CA GLU GA 61 47.54 1.52 -3.72
C GLU GA 61 46.06 1.25 -3.95
N ALA GA 62 45.53 1.55 -5.16
CA ALA GA 62 44.13 1.19 -5.44
C ALA GA 62 43.91 -0.31 -5.29
N TYR GA 63 44.91 -1.11 -5.68
CA TYR GA 63 44.79 -2.56 -5.53
C TYR GA 63 44.72 -2.94 -4.06
N LEU GA 64 45.64 -2.43 -3.23
CA LEU GA 64 45.68 -2.84 -1.82
C LEU GA 64 44.43 -2.42 -1.08
N VAL GA 65 43.93 -1.21 -1.36
CA VAL GA 65 42.73 -0.73 -0.68
C VAL GA 65 41.55 -1.62 -1.01
N ALA GA 66 41.38 -2.00 -2.28
CA ALA GA 66 40.27 -2.87 -2.62
C ALA GA 66 40.43 -4.24 -1.98
N LEU GA 67 41.66 -4.79 -2.00
CA LEU GA 67 41.93 -6.05 -1.34
C LEU GA 67 41.61 -5.97 0.15
N PHE GA 68 41.96 -4.85 0.79
CA PHE GA 68 41.62 -4.69 2.20
C PHE GA 68 40.09 -4.72 2.40
N GLU GA 69 39.33 -4.11 1.49
CA GLU GA 69 37.86 -4.19 1.58
C GLU GA 69 37.38 -5.64 1.57
N ASP GA 70 37.87 -6.44 0.62
CA ASP GA 70 37.51 -7.87 0.60
C ASP GA 70 38.01 -8.60 1.85
N THR GA 71 39.24 -8.28 2.28
CA THR GA 71 39.77 -8.85 3.50
C THR GA 71 38.87 -8.53 4.68
N ASN GA 72 38.46 -7.25 4.78
CA ASN GA 72 37.55 -6.82 5.84
C ASN GA 72 36.28 -7.65 5.83
N LEU GA 73 35.71 -7.89 4.65
CA LEU GA 73 34.49 -8.68 4.55
C LEU GA 73 34.70 -10.13 5.03
N CYS GA 74 35.85 -10.72 4.72
CA CYS GA 74 36.15 -12.08 5.19
C CYS GA 74 36.29 -12.15 6.70
N ALA GA 75 36.94 -11.15 7.31
CA ALA GA 75 37.04 -11.12 8.76
C ALA GA 75 35.68 -10.95 9.41
N ILE GA 76 34.84 -10.10 8.83
CA ILE GA 76 33.49 -9.93 9.36
C ILE GA 76 32.70 -11.21 9.19
N HIS GA 77 32.94 -11.92 8.09
CA HIS GA 77 32.27 -13.20 7.87
C HIS GA 77 32.51 -14.17 9.01
N ALA GA 78 33.73 -14.18 9.56
CA ALA GA 78 34.10 -15.02 10.68
C ALA GA 78 33.86 -14.36 12.02
N LYS GA 79 32.94 -13.40 12.10
CA LYS GA 79 32.55 -12.76 13.36
C LYS GA 79 33.75 -12.13 14.05
N ARG GA 80 34.57 -11.42 13.27
CA ARG GA 80 35.75 -10.69 13.76
C ARG GA 80 35.77 -9.29 13.20
N VAL GA 81 36.28 -8.33 13.99
CA VAL GA 81 36.62 -7.02 13.44
C VAL GA 81 38.11 -6.86 13.20
N THR GA 82 38.92 -7.82 13.62
CA THR GA 82 40.36 -7.79 13.37
C THR GA 82 40.68 -8.61 12.13
N ILE GA 83 41.19 -7.95 11.09
CA ILE GA 83 41.63 -8.69 9.90
C ILE GA 83 42.92 -9.45 10.21
N MET GA 84 43.10 -10.56 9.51
CA MET GA 84 44.18 -11.49 9.76
C MET GA 84 44.67 -12.03 8.41
N PRO GA 85 45.91 -12.55 8.37
CA PRO GA 85 46.40 -13.16 7.12
C PRO GA 85 45.40 -14.09 6.46
N LYS GA 86 44.68 -14.91 7.23
CA LYS GA 86 43.78 -15.85 6.57
C LYS GA 86 42.65 -15.12 5.85
N ASP GA 87 42.37 -13.86 6.21
CA ASP GA 87 41.37 -13.08 5.47
C ASP GA 87 41.93 -12.59 4.13
N ILE GA 88 43.15 -12.05 4.13
CA ILE GA 88 43.80 -11.71 2.87
C ILE GA 88 43.86 -12.92 1.96
N GLN GA 89 44.32 -14.04 2.50
CA GLN GA 89 44.51 -15.24 1.69
C GLN GA 89 43.19 -15.75 1.11
N LEU GA 90 42.11 -15.73 1.91
CA LEU GA 90 40.83 -16.16 1.37
C LEU GA 90 40.34 -15.21 0.28
N ALA GA 91 40.37 -13.89 0.56
CA ALA GA 91 40.03 -12.91 -0.48
C ALA GA 91 40.82 -13.17 -1.76
N ARG GA 92 42.11 -13.45 -1.64
CA ARG GA 92 42.89 -13.59 -2.86
C ARG GA 92 42.58 -14.90 -3.56
N ARG GA 93 42.28 -15.94 -2.77
CA ARG GA 93 41.97 -17.24 -3.38
C ARG GA 93 40.67 -17.17 -4.18
N ILE GA 94 39.68 -16.42 -3.71
CA ILE GA 94 38.42 -16.29 -4.44
C ILE GA 94 38.51 -15.27 -5.56
N ARG GA 95 39.36 -14.24 -5.42
CA ARG GA 95 39.59 -13.31 -6.52
C ARG GA 95 40.32 -13.98 -7.69
N GLY GA 96 40.95 -15.13 -7.46
CA GLY GA 96 41.69 -15.79 -8.52
C GLY GA 96 43.15 -15.43 -8.60
N GLU GA 97 43.79 -15.08 -7.49
CA GLU GA 97 45.21 -14.77 -7.48
C GLU GA 97 46.01 -15.89 -6.79
N ILE HA 8 61.91 -4.11 0.94
CA ILE HA 8 60.44 -4.17 0.89
C ILE HA 8 59.84 -3.74 2.23
N GLN HA 9 60.64 -3.83 3.31
CA GLN HA 9 60.19 -3.32 4.60
C GLN HA 9 60.20 -1.80 4.68
N GLY HA 10 60.64 -1.12 3.61
CA GLY HA 10 60.44 0.32 3.52
C GLY HA 10 58.98 0.71 3.42
N ILE HA 11 58.11 -0.24 3.07
CA ILE HA 11 56.66 -0.07 3.18
C ILE HA 11 56.31 -0.26 4.65
N THR HA 12 56.17 0.84 5.38
CA THR HA 12 56.06 0.87 6.82
C THR HA 12 54.70 0.38 7.29
N LYS HA 13 54.66 0.12 8.59
CA LYS HA 13 53.40 -0.26 9.23
C LYS HA 13 52.36 0.85 9.18
N PRO HA 14 52.66 2.12 9.51
CA PRO HA 14 51.65 3.18 9.36
C PRO HA 14 51.09 3.31 7.95
N ALA HA 15 51.92 3.14 6.93
CA ALA HA 15 51.44 3.20 5.55
C ALA HA 15 50.46 2.06 5.24
N ILE HA 16 50.81 0.84 5.64
CA ILE HA 16 49.89 -0.28 5.47
C ILE HA 16 48.61 -0.06 6.29
N ARG HA 17 48.75 0.45 7.51
CA ARG HA 17 47.61 0.83 8.34
C ARG HA 17 46.70 1.83 7.62
N ARG HA 18 47.28 2.90 7.08
CA ARG HA 18 46.46 3.93 6.40
C ARG HA 18 45.71 3.36 5.22
N LEU HA 19 46.36 2.50 4.43
CA LEU HA 19 45.67 1.84 3.32
C LEU HA 19 44.51 0.99 3.83
N ALA HA 20 44.73 0.23 4.91
CA ALA HA 20 43.63 -0.56 5.43
C ALA HA 20 42.51 0.34 5.94
N ARG HA 21 42.85 1.48 6.56
CA ARG HA 21 41.79 2.41 6.95
C ARG HA 21 40.96 2.85 5.75
N ARG HA 22 41.62 3.25 4.64
CA ARG HA 22 40.88 3.66 3.45
C ARG HA 22 39.98 2.52 2.96
N GLY HA 23 40.39 1.28 3.20
CA GLY HA 23 39.57 0.12 2.97
C GLY HA 23 38.52 -0.16 4.03
N GLY HA 24 38.36 0.72 5.01
CA GLY HA 24 37.37 0.49 6.04
C GLY HA 24 37.75 -0.52 7.11
N VAL HA 25 39.03 -0.81 7.31
CA VAL HA 25 39.43 -1.81 8.29
C VAL HA 25 39.55 -1.17 9.67
N LYS HA 26 38.86 -1.75 10.65
CA LYS HA 26 38.81 -1.17 12.00
C LYS HA 26 39.92 -1.68 12.91
N ARG HA 27 40.27 -2.96 12.85
CA ARG HA 27 41.36 -3.46 13.67
C ARG HA 27 42.21 -4.44 12.86
N ILE HA 28 43.52 -4.38 13.07
CA ILE HA 28 44.53 -5.03 12.23
C ILE HA 28 45.44 -5.88 13.11
N SER HA 29 45.62 -7.15 12.74
CA SER HA 29 46.55 -8.00 13.46
C SER HA 29 47.97 -7.66 13.04
N GLY HA 30 48.90 -7.84 13.98
CA GLY HA 30 50.31 -7.57 13.70
C GLY HA 30 50.88 -8.40 12.58
N LEU HA 31 50.27 -9.56 12.29
CA LEU HA 31 50.77 -10.39 11.20
C LEU HA 31 50.42 -9.84 9.82
N ILE HA 32 49.45 -8.93 9.74
CA ILE HA 32 48.98 -8.38 8.46
C ILE HA 32 50.10 -7.66 7.71
N TYR HA 33 51.01 -7.01 8.43
CA TYR HA 33 51.99 -6.16 7.77
C TYR HA 33 52.93 -6.97 6.88
N GLU HA 34 53.51 -8.03 7.40
CA GLU HA 34 54.35 -8.86 6.58
C GLU HA 34 53.56 -9.53 5.46
N GLU HA 35 52.32 -9.89 5.71
CA GLU HA 35 51.48 -10.41 4.64
C GLU HA 35 51.22 -9.35 3.56
N THR HA 36 50.94 -8.11 3.96
CA THR HA 36 50.65 -7.09 2.97
C THR HA 36 51.86 -6.82 2.09
N ARG HA 37 53.05 -6.83 2.69
CA ARG HA 37 54.27 -6.60 1.93
C ARG HA 37 54.49 -7.67 0.88
N GLY HA 38 54.18 -8.93 1.19
CA GLY HA 38 54.36 -9.98 0.20
C GLY HA 38 53.40 -9.82 -0.97
N VAL HA 39 52.15 -9.44 -0.66
CA VAL HA 39 51.14 -9.29 -1.69
C VAL HA 39 51.50 -8.16 -2.63
N LEU HA 40 51.96 -7.03 -2.06
CA LEU HA 40 52.36 -5.87 -2.86
C LEU HA 40 53.56 -6.19 -3.75
N LYS HA 41 54.53 -6.97 -3.25
CA LYS HA 41 55.69 -7.29 -4.07
C LYS HA 41 55.31 -8.17 -5.25
N VAL HA 42 54.44 -9.15 -5.03
CA VAL HA 42 53.92 -9.97 -6.12
C VAL HA 42 53.19 -9.08 -7.13
N PHE HA 43 52.36 -8.17 -6.64
CA PHE HA 43 51.63 -7.31 -7.55
C PHE HA 43 52.58 -6.49 -8.41
N LEU HA 44 53.60 -5.89 -7.77
CA LEU HA 44 54.56 -5.05 -8.48
C LEU HA 44 55.39 -5.87 -9.45
N GLU HA 45 55.82 -7.07 -9.03
CA GLU HA 45 56.60 -7.90 -9.94
C GLU HA 45 55.82 -8.19 -11.20
N ASN HA 46 54.52 -8.47 -11.08
CA ASN HA 46 53.73 -8.85 -12.24
C ASN HA 46 53.53 -7.68 -13.20
N VAL HA 47 53.28 -6.48 -12.67
CA VAL HA 47 53.07 -5.33 -13.54
C VAL HA 47 54.40 -4.90 -14.17
N ILE HA 48 55.45 -4.78 -13.35
CA ILE HA 48 56.73 -4.33 -13.87
C ILE HA 48 57.25 -5.30 -14.93
N ARG HA 49 57.05 -6.61 -14.71
CA ARG HA 49 57.48 -7.58 -15.73
C ARG HA 49 56.83 -7.26 -17.08
N ASP HA 50 55.53 -7.01 -17.09
CA ASP HA 50 54.85 -6.80 -18.37
C ASP HA 50 55.22 -5.43 -18.95
N ALA HA 51 55.36 -4.40 -18.11
CA ALA HA 51 55.74 -3.09 -18.62
C ALA HA 51 57.13 -3.12 -19.26
N VAL HA 52 58.08 -3.81 -18.62
CA VAL HA 52 59.41 -3.96 -19.17
C VAL HA 52 59.35 -4.67 -20.52
N THR HA 53 58.47 -5.67 -20.63
CA THR HA 53 58.33 -6.36 -21.90
C THR HA 53 57.89 -5.39 -23.01
N TYR HA 54 56.94 -4.48 -22.70
CA TYR HA 54 56.54 -3.45 -23.65
C TYR HA 54 57.69 -2.53 -23.99
N THR HA 55 58.41 -2.05 -22.97
CA THR HA 55 59.54 -1.16 -23.19
C THR HA 55 60.59 -1.82 -24.07
N GLU HA 56 60.86 -3.11 -23.84
CA GLU HA 56 61.93 -3.80 -24.55
C GLU HA 56 61.52 -4.19 -25.96
N HIS HA 57 60.25 -4.56 -26.16
CA HIS HA 57 59.75 -4.78 -27.51
C HIS HA 57 59.95 -3.53 -28.37
N ALA HA 58 59.78 -2.36 -27.76
CA ALA HA 58 59.99 -1.10 -28.43
C ALA HA 58 61.47 -0.68 -28.46
N LYS HA 59 62.37 -1.56 -28.02
CA LYS HA 59 63.81 -1.28 -27.97
C LYS HA 59 64.11 0.04 -27.26
N ARG HA 60 63.25 0.42 -26.32
CA ARG HA 60 63.56 1.47 -25.37
C ARG HA 60 64.15 0.88 -24.09
N LYS HA 61 64.80 1.72 -23.29
CA LYS HA 61 65.27 1.26 -22.00
C LYS HA 61 64.83 2.16 -20.84
N THR HA 62 63.91 3.09 -21.07
CA THR HA 62 63.20 3.79 -20.00
C THR HA 62 61.74 3.39 -20.06
N VAL HA 63 61.22 2.86 -18.95
CA VAL HA 63 59.80 2.54 -18.84
C VAL HA 63 59.00 3.84 -18.67
N THR HA 64 58.03 4.05 -19.55
CA THR HA 64 57.13 5.20 -19.50
C THR HA 64 55.83 4.85 -18.78
N ALA HA 65 55.12 5.91 -18.35
CA ALA HA 65 53.78 5.75 -17.79
C ALA HA 65 52.88 4.92 -18.70
N MET HA 66 53.02 5.09 -20.03
CA MET HA 66 52.18 4.35 -20.96
C MET HA 66 52.45 2.86 -20.88
N ASP HA 67 53.73 2.45 -20.90
CA ASP HA 67 54.06 1.05 -20.71
C ASP HA 67 53.42 0.49 -19.43
N VAL HA 68 53.38 1.29 -18.37
CA VAL HA 68 52.71 0.81 -17.17
C VAL HA 68 51.21 0.72 -17.41
N VAL HA 69 50.64 1.72 -18.07
CA VAL HA 69 49.21 1.68 -18.37
C VAL HA 69 48.87 0.43 -19.18
N TYR HA 70 49.66 0.16 -20.24
CA TYR HA 70 49.47 -1.05 -21.02
C TYR HA 70 49.69 -2.30 -20.18
N ALA HA 71 50.65 -2.28 -19.27
CA ALA HA 71 50.87 -3.46 -18.44
C ALA HA 71 49.63 -3.77 -17.61
N LEU HA 72 49.09 -2.75 -16.93
CA LEU HA 72 47.89 -2.93 -16.11
C LEU HA 72 46.70 -3.37 -16.94
N LYS HA 73 46.51 -2.75 -18.10
CA LYS HA 73 45.35 -3.11 -18.91
C LYS HA 73 45.42 -4.57 -19.35
N ARG HA 74 46.63 -5.05 -19.67
CA ARG HA 74 46.72 -6.46 -20.03
C ARG HA 74 46.46 -7.37 -18.83
N GLN HA 75 46.52 -6.84 -17.61
CA GLN HA 75 46.18 -7.60 -16.43
C GLN HA 75 44.76 -7.32 -15.95
N GLY HA 76 43.96 -6.65 -16.74
CA GLY HA 76 42.58 -6.39 -16.36
C GLY HA 76 42.41 -5.29 -15.37
N ARG HA 77 43.39 -4.42 -15.19
CA ARG HA 77 43.33 -3.34 -14.20
C ARG HA 77 43.49 -1.99 -14.91
N THR HA 78 42.50 -1.61 -15.72
CA THR HA 78 42.56 -0.32 -16.44
C THR HA 78 42.75 0.86 -15.49
N LEU HA 79 43.76 1.68 -15.79
CA LEU HA 79 44.10 2.86 -15.00
C LEU HA 79 43.87 4.12 -15.85
N TYR HA 80 43.11 5.07 -15.30
CA TYR HA 80 42.79 6.32 -15.98
C TYR HA 80 43.69 7.40 -15.40
N GLY HA 81 44.24 8.26 -16.28
CA GLY HA 81 45.00 9.41 -15.83
C GLY HA 81 46.44 9.49 -16.32
N PHE HA 82 46.95 8.56 -17.12
CA PHE HA 82 48.34 8.66 -17.60
C PHE HA 82 48.47 8.40 -19.10
N PRO IA 12 60.38 15.83 3.52
CA PRO IA 12 59.49 16.15 2.39
C PRO IA 12 59.07 14.91 1.59
N ASN IA 13 57.77 14.75 1.33
CA ASN IA 13 57.24 13.52 0.72
C ASN IA 13 57.13 13.67 -0.78
N GLU IA 14 58.25 13.51 -1.47
CA GLU IA 14 58.29 13.54 -2.92
C GLU IA 14 59.14 12.37 -3.43
N TYR IA 15 59.12 12.17 -4.74
CA TYR IA 15 60.08 11.30 -5.38
C TYR IA 15 61.44 11.99 -5.46
N ASP IA 16 62.50 11.20 -5.43
CA ASP IA 16 63.87 11.70 -5.51
C ASP IA 16 64.27 11.73 -6.98
N LEU IA 17 64.18 12.90 -7.61
CA LEU IA 17 64.43 13.00 -9.04
C LEU IA 17 65.92 12.94 -9.39
N ASN IA 18 66.82 13.08 -8.41
CA ASN IA 18 68.23 12.86 -8.70
C ASN IA 18 68.62 11.40 -8.68
N ASP IA 19 67.69 10.48 -8.42
CA ASP IA 19 67.99 9.06 -8.48
C ASP IA 19 68.32 8.68 -9.91
N SER IA 20 69.49 8.06 -10.11
CA SER IA 20 69.89 7.69 -11.46
C SER IA 20 68.93 6.68 -12.07
N PHE IA 21 68.07 6.04 -11.27
CA PHE IA 21 67.07 5.11 -11.79
C PHE IA 21 65.95 5.84 -12.54
N LEU IA 22 65.66 7.06 -12.15
CA LEU IA 22 64.70 7.83 -12.86
C LEU IA 22 65.30 8.52 -14.06
N ASP IA 23 64.57 8.50 -15.15
CA ASP IA 23 64.96 9.26 -16.29
C ASP IA 23 63.77 10.06 -16.69
N ASP IA 24 63.79 11.36 -16.50
CA ASP IA 24 62.74 12.16 -17.10
C ASP IA 24 63.31 12.98 -18.25
N GLU IA 25 62.92 12.65 -19.46
CA GLU IA 25 63.10 13.54 -20.58
C GLU IA 25 61.76 14.17 -20.84
N GLU IA 26 60.68 13.41 -20.60
CA GLU IA 26 59.35 13.84 -21.05
C GLU IA 26 58.39 14.08 -19.88
N ASP IA 35 47.56 20.77 -9.43
CA ASP IA 35 46.49 20.54 -10.39
C ASP IA 35 45.91 21.85 -10.89
N SER IA 36 46.19 22.18 -12.16
CA SER IA 36 45.78 23.44 -12.74
C SER IA 36 44.43 23.30 -13.45
N ASP IA 37 43.76 24.44 -13.63
CA ASP IA 37 42.53 24.47 -14.39
C ASP IA 37 42.80 24.18 -15.85
N TRP IA 38 41.94 23.39 -16.49
CA TRP IA 38 42.11 23.09 -17.89
C TRP IA 38 41.42 24.13 -18.75
N GLU IA 39 42.16 24.71 -19.71
CA GLU IA 39 41.69 25.81 -20.55
C GLU IA 39 41.96 25.52 -22.03
N PRO IA 40 41.02 25.88 -22.91
CA PRO IA 40 41.25 25.80 -24.35
C PRO IA 40 41.99 27.02 -24.92
N LYS JA 4 30.43 22.94 -43.58
CA LYS JA 4 29.42 22.02 -43.01
C LYS JA 4 30.12 20.77 -42.47
N THR JA 5 30.75 20.88 -41.30
CA THR JA 5 31.47 19.73 -40.70
C THR JA 5 30.48 18.61 -40.38
N ARG JA 6 30.89 17.36 -40.59
CA ARG JA 6 30.08 16.18 -40.31
C ARG JA 6 29.53 16.20 -38.86
N SER JA 7 30.33 16.67 -37.90
CA SER JA 7 29.79 16.80 -36.55
C SER JA 7 28.61 17.75 -36.52
N SER JA 8 28.72 18.90 -37.20
CA SER JA 8 27.59 19.83 -37.31
C SER JA 8 26.39 19.15 -37.97
N ARG JA 9 26.64 18.38 -39.01
CA ARG JA 9 25.59 17.71 -39.77
C ARG JA 9 24.91 16.61 -38.97
N ALA JA 10 25.56 16.11 -37.92
CA ALA JA 10 24.98 15.08 -37.05
C ALA JA 10 24.46 15.66 -35.75
N GLY JA 11 24.56 16.98 -35.57
CA GLY JA 11 24.16 17.59 -34.32
C GLY JA 11 25.03 17.24 -33.14
N LEU JA 12 26.31 16.94 -33.37
CA LEU JA 12 27.20 16.48 -32.32
C LEU JA 12 28.26 17.53 -32.00
N GLN JA 13 28.72 17.53 -30.74
CA GLN JA 13 29.94 18.24 -30.42
C GLN JA 13 31.19 17.38 -30.61
N PHE JA 14 31.04 16.04 -30.59
CA PHE JA 14 32.18 15.16 -30.68
C PHE JA 14 32.62 14.99 -32.13
N PRO JA 15 33.92 14.74 -32.36
CA PRO JA 15 34.47 14.80 -33.72
C PRO JA 15 34.25 13.55 -34.56
N VAL JA 16 33.28 13.60 -35.46
CA VAL JA 16 33.04 12.49 -36.37
C VAL JA 16 34.28 12.20 -37.21
N GLY JA 17 34.94 13.25 -37.72
CA GLY JA 17 36.15 13.06 -38.53
C GLY JA 17 37.23 12.28 -37.80
N ARG JA 18 37.53 12.68 -36.59
CA ARG JA 18 38.52 11.98 -35.83
C ARG JA 18 38.10 10.56 -35.50
N VAL JA 19 36.86 10.39 -35.12
CA VAL JA 19 36.38 9.05 -34.78
C VAL JA 19 36.46 8.14 -35.99
N HIS JA 20 36.10 8.66 -37.16
CA HIS JA 20 36.22 7.87 -38.38
C HIS JA 20 37.67 7.50 -38.64
N ARG JA 21 38.59 8.45 -38.47
CA ARG JA 21 40.00 8.15 -38.70
C ARG JA 21 40.47 7.03 -37.80
N LEU JA 22 40.12 7.10 -36.51
CA LEU JA 22 40.60 6.10 -35.57
C LEU JA 22 40.02 4.73 -35.87
N LEU JA 23 38.79 4.66 -36.40
CA LEU JA 23 38.23 3.37 -36.81
C LEU JA 23 38.95 2.82 -38.03
N ARG JA 24 39.42 3.69 -38.93
CA ARG JA 24 40.21 3.22 -40.07
C ARG JA 24 41.55 2.67 -39.62
N LYS JA 25 42.23 3.36 -38.71
CA LYS JA 25 43.57 2.98 -38.29
C LYS JA 25 43.58 1.84 -37.27
N GLY JA 26 42.44 1.51 -36.70
CA GLY JA 26 42.46 0.50 -35.66
C GLY JA 26 42.47 -0.92 -36.15
N ASN JA 27 42.36 -1.12 -37.46
CA ASN JA 27 42.29 -2.47 -38.02
C ASN JA 27 41.15 -3.24 -37.37
N TYR JA 28 39.97 -2.67 -37.52
CA TYR JA 28 38.75 -3.28 -37.02
C TYR JA 28 38.01 -4.04 -38.11
N ALA JA 29 38.14 -3.59 -39.34
CA ALA JA 29 37.47 -4.19 -40.49
C ALA JA 29 38.17 -3.69 -41.75
N GLU JA 30 37.86 -4.30 -42.88
CA GLU JA 30 38.49 -3.81 -44.10
C GLU JA 30 37.90 -2.47 -44.54
N ARG JA 31 36.62 -2.23 -44.27
CA ARG JA 31 35.96 -0.96 -44.55
C ARG JA 31 35.20 -0.50 -43.32
N VAL JA 32 34.94 0.81 -43.27
CA VAL JA 32 34.14 1.42 -42.22
C VAL JA 32 33.05 2.23 -42.89
N GLY JA 33 31.80 1.88 -42.62
CA GLY JA 33 30.68 2.63 -43.17
C GLY JA 33 30.64 4.05 -42.67
N ALA JA 34 30.06 4.94 -43.48
CA ALA JA 34 29.97 6.35 -43.12
C ALA JA 34 29.08 6.58 -41.92
N GLY JA 35 28.18 5.66 -41.60
CA GLY JA 35 27.32 5.83 -40.45
C GLY JA 35 27.98 5.48 -39.13
N ALA JA 36 28.97 4.59 -39.15
CA ALA JA 36 29.58 4.09 -37.92
C ALA JA 36 30.28 5.20 -37.12
N PRO JA 37 31.09 6.08 -37.71
CA PRO JA 37 31.66 7.18 -36.90
C PRO JA 37 30.62 8.14 -36.34
N VAL JA 38 29.54 8.43 -37.08
CA VAL JA 38 28.51 9.32 -36.53
C VAL JA 38 27.82 8.66 -35.36
N TYR JA 39 27.45 7.38 -35.50
CA TYR JA 39 26.82 6.66 -34.40
C TYR JA 39 27.74 6.63 -33.19
N LEU JA 40 29.01 6.27 -33.40
CA LEU JA 40 29.96 6.06 -32.31
C LEU JA 40 30.29 7.37 -31.61
N ALA JA 41 30.60 8.41 -32.37
CA ALA JA 41 30.85 9.72 -31.77
C ALA JA 41 29.65 10.17 -30.94
N ALA JA 42 28.44 9.85 -31.40
CA ALA JA 42 27.25 10.20 -30.62
C ALA JA 42 27.25 9.49 -29.27
N VAL JA 43 27.55 8.19 -29.26
CA VAL JA 43 27.54 7.44 -28.00
C VAL JA 43 28.61 7.96 -27.05
N LEU JA 44 29.82 8.22 -27.56
CA LEU JA 44 30.87 8.76 -26.69
C LEU JA 44 30.48 10.13 -26.12
N GLU JA 45 29.85 10.99 -26.94
CA GLU JA 45 29.42 12.29 -26.45
C GLU JA 45 28.39 12.11 -25.34
N TYR JA 46 27.46 11.18 -25.54
CA TYR JA 46 26.43 10.95 -24.54
C TYR JA 46 27.04 10.43 -23.23
N LEU JA 47 27.97 9.48 -23.32
CA LEU JA 47 28.56 8.94 -22.08
C LEU JA 47 29.36 10.01 -21.37
N THR JA 48 30.12 10.80 -22.14
CA THR JA 48 30.82 11.95 -21.58
C THR JA 48 29.85 12.86 -20.84
N ALA JA 49 28.73 13.17 -21.47
CA ALA JA 49 27.77 14.08 -20.86
C ALA JA 49 27.26 13.51 -19.54
N GLU JA 50 27.03 12.20 -19.49
CA GLU JA 50 26.53 11.56 -18.28
C GLU JA 50 27.50 11.73 -17.11
N ILE JA 51 28.80 11.42 -17.32
CA ILE JA 51 29.76 11.54 -16.22
C ILE JA 51 29.94 13.00 -15.84
N LEU JA 52 30.01 13.89 -16.84
CA LEU JA 52 30.28 15.29 -16.51
C LEU JA 52 29.14 15.87 -15.67
N GLU JA 53 27.90 15.53 -16.01
CA GLU JA 53 26.75 16.00 -15.24
C GLU JA 53 26.83 15.57 -13.79
N LEU JA 54 27.02 14.27 -13.55
CA LEU JA 54 27.05 13.73 -12.19
C LEU JA 54 28.27 14.24 -11.42
N ALA JA 55 29.43 14.28 -12.08
CA ALA JA 55 30.62 14.86 -11.46
C ALA JA 55 30.40 16.32 -11.11
N GLY JA 56 29.81 17.08 -12.04
CA GLY JA 56 29.51 18.47 -11.74
C GLY JA 56 28.59 18.63 -10.56
N ASN JA 57 27.59 17.74 -10.45
CA ASN JA 57 26.74 17.71 -9.27
C ASN JA 57 27.56 17.49 -8.01
N ALA JA 58 28.44 16.50 -8.03
CA ALA JA 58 29.23 16.18 -6.83
C ALA JA 58 30.13 17.34 -6.45
N ALA JA 59 30.67 18.05 -7.45
CA ALA JA 59 31.46 19.23 -7.17
C ALA JA 59 30.60 20.31 -6.53
N ARG JA 60 29.42 20.58 -7.10
CA ARG JA 60 28.54 21.60 -6.53
C ARG JA 60 28.09 21.23 -5.11
N ASP JA 61 27.77 19.94 -4.88
CA ASP JA 61 27.39 19.52 -3.53
C ASP JA 61 28.48 19.81 -2.51
N ASN JA 62 29.74 19.80 -2.95
CA ASN JA 62 30.87 20.15 -2.11
C ASN JA 62 31.28 21.62 -2.26
N LYS JA 63 30.43 22.42 -2.90
CA LYS JA 63 30.63 23.87 -3.03
C LYS JA 63 31.94 24.19 -3.75
N LYS JA 64 32.26 23.42 -4.78
CA LYS JA 64 33.47 23.61 -5.56
C LYS JA 64 33.12 24.12 -6.95
N THR JA 65 33.99 24.95 -7.53
CA THR JA 65 33.73 25.53 -8.84
C THR JA 65 34.40 24.76 -9.98
N ARG JA 66 35.03 23.63 -9.70
CA ARG JA 66 35.93 22.92 -10.61
C ARG JA 66 35.79 21.42 -10.37
N ILE JA 67 35.72 20.64 -11.44
CA ILE JA 67 35.71 19.19 -11.30
C ILE JA 67 37.15 18.70 -11.14
N ILE JA 68 37.38 17.89 -10.12
CA ILE JA 68 38.65 17.21 -9.93
C ILE JA 68 38.45 15.70 -9.98
N PRO JA 69 39.51 14.90 -10.07
CA PRO JA 69 39.32 13.43 -10.10
C PRO JA 69 38.38 12.90 -9.03
N ARG JA 70 38.49 13.43 -7.80
CA ARG JA 70 37.57 13.01 -6.74
C ARG JA 70 36.10 13.08 -7.19
N HIS JA 71 35.72 14.14 -7.91
CA HIS JA 71 34.30 14.27 -8.30
C HIS JA 71 33.93 13.25 -9.37
N LEU JA 72 34.83 13.00 -10.32
CA LEU JA 72 34.56 11.95 -11.30
C LEU JA 72 34.34 10.61 -10.63
N GLN JA 73 35.16 10.32 -9.62
CA GLN JA 73 35.11 9.03 -8.95
C GLN JA 73 33.84 8.88 -8.12
N LEU JA 74 33.45 9.93 -7.39
CA LEU JA 74 32.19 9.84 -6.65
C LEU JA 74 31.00 9.76 -7.60
N ALA JA 75 31.07 10.46 -8.73
CA ALA JA 75 30.01 10.35 -9.71
C ALA JA 75 29.84 8.93 -10.20
N VAL JA 76 30.96 8.25 -10.49
CA VAL JA 76 30.89 6.89 -11.02
C VAL JA 76 30.38 5.92 -9.95
N ARG JA 77 30.93 6.01 -8.74
CA ARG JA 77 30.62 4.98 -7.77
C ARG JA 77 29.28 5.19 -7.09
N ASN JA 78 28.60 6.31 -7.34
CA ASN JA 78 27.27 6.56 -6.82
C ASN JA 78 26.17 6.34 -7.85
N ASP JA 79 26.52 6.01 -9.08
CA ASP JA 79 25.54 5.78 -10.14
C ASP JA 79 25.60 4.32 -10.54
N GLU JA 80 24.53 3.58 -10.27
CA GLU JA 80 24.50 2.14 -10.47
C GLU JA 80 25.05 1.76 -11.85
N GLU JA 81 24.66 2.52 -12.89
CA GLU JA 81 24.99 2.09 -14.25
C GLU JA 81 26.42 2.44 -14.62
N LEU JA 82 26.86 3.65 -14.32
CA LEU JA 82 28.27 3.99 -14.54
C LEU JA 82 29.17 3.12 -13.70
N ASN JA 83 28.73 2.77 -12.49
CA ASN JA 83 29.57 1.95 -11.63
C ASN JA 83 29.79 0.57 -12.23
N LYS JA 84 28.80 0.02 -12.92
CA LYS JA 84 29.02 -1.26 -13.57
C LYS JA 84 29.84 -1.11 -14.86
N LEU JA 85 29.70 0.03 -15.56
CA LEU JA 85 30.49 0.26 -16.77
C LEU JA 85 31.98 0.44 -16.45
N LEU JA 86 32.30 1.15 -15.38
CA LEU JA 86 33.67 1.41 -14.98
C LEU JA 86 34.14 0.51 -13.85
N GLY JA 87 33.65 -0.74 -13.83
CA GLY JA 87 33.84 -1.59 -12.67
C GLY JA 87 35.28 -2.00 -12.45
N ARG JA 88 36.02 -2.26 -13.51
CA ARG JA 88 37.41 -2.66 -13.40
C ARG JA 88 38.37 -1.49 -13.63
N VAL JA 89 37.93 -0.26 -13.42
CA VAL JA 89 38.69 0.93 -13.78
C VAL JA 89 39.17 1.61 -12.52
N THR JA 90 40.48 1.91 -12.47
CA THR JA 90 41.05 2.77 -11.44
C THR JA 90 41.14 4.20 -11.96
N ILE JA 91 40.52 5.13 -11.23
CA ILE JA 91 40.64 6.57 -11.47
C ILE JA 91 41.73 7.10 -10.56
N ALA JA 92 42.85 7.52 -11.13
CA ALA JA 92 43.91 8.15 -10.36
C ALA JA 92 43.37 9.31 -9.53
N GLN JA 93 43.79 9.36 -8.26
CA GLN JA 93 43.40 10.39 -7.31
C GLN JA 93 41.89 10.41 -7.07
N GLY JA 94 41.20 9.29 -7.36
CA GLY JA 94 39.76 9.25 -7.13
C GLY JA 94 39.37 8.97 -5.70
N GLY JA 95 40.18 8.18 -4.97
CA GLY JA 95 39.87 7.76 -3.63
C GLY JA 95 38.82 6.65 -3.67
N VAL JA 96 38.20 6.42 -2.52
CA VAL JA 96 37.05 5.50 -2.43
C VAL JA 96 35.81 6.27 -2.04
N LEU JA 97 34.69 5.64 -2.25
CA LEU JA 97 33.44 6.16 -1.74
C LEU JA 97 33.42 5.98 -0.22
N PRO JA 98 33.13 7.03 0.56
CA PRO JA 98 33.13 6.87 2.03
C PRO JA 98 32.00 5.95 2.46
N ASN JA 99 32.38 4.87 3.13
CA ASN JA 99 31.43 3.83 3.53
C ASN JA 99 32.02 2.90 4.56
N ILE JA 100 31.36 2.74 5.69
CA ILE JA 100 31.84 1.90 6.78
C ILE JA 100 30.82 0.79 7.04
N GLN JA 101 31.30 -0.45 7.08
CA GLN JA 101 30.42 -1.60 7.37
C GLN JA 101 29.70 -1.38 8.69
N SER JA 102 28.38 -1.54 8.66
CA SER JA 102 27.57 -1.07 9.79
C SER JA 102 27.92 -1.81 11.07
N VAL JA 103 28.45 -3.04 10.97
CA VAL JA 103 28.81 -3.79 12.17
C VAL JA 103 29.99 -3.15 12.90
N LEU JA 104 30.77 -2.31 12.23
CA LEU JA 104 31.89 -1.60 12.84
C LEU JA 104 31.48 -0.31 13.54
N LEU JA 105 30.23 0.10 13.37
CA LEU JA 105 29.71 1.34 13.99
C LEU JA 105 28.99 1.00 15.29
N PRO JA 106 28.92 1.91 16.30
CA PRO JA 106 28.25 1.64 17.56
C PRO JA 106 26.83 1.11 17.35
N SER KA 11 43.69 14.28 -29.04
CA SER KA 11 42.89 13.97 -27.88
C SER KA 11 41.51 14.60 -27.96
N TYR KA 12 40.65 14.26 -27.02
CA TYR KA 12 39.26 14.64 -27.05
C TYR KA 12 38.99 15.78 -26.12
N ALA KA 13 40.01 16.34 -25.53
CA ALA KA 13 39.84 17.25 -24.43
C ALA KA 13 38.98 18.46 -24.74
N ILE KA 14 39.22 19.10 -25.86
CA ILE KA 14 38.45 20.28 -26.25
C ILE KA 14 36.97 19.93 -26.40
N TYR KA 15 36.69 18.72 -26.89
CA TYR KA 15 35.30 18.32 -27.08
C TYR KA 15 34.66 17.92 -25.76
N VAL KA 16 35.43 17.29 -24.87
CA VAL KA 16 34.95 17.08 -23.51
C VAL KA 16 34.56 18.41 -22.89
N TYR KA 17 35.45 19.40 -23.02
CA TYR KA 17 35.19 20.72 -22.45
C TYR KA 17 33.92 21.34 -23.05
N LYS KA 18 33.72 21.19 -24.35
CA LYS KA 18 32.49 21.71 -24.92
C LYS KA 18 31.28 20.98 -24.37
N VAL KA 19 31.40 19.69 -24.11
CA VAL KA 19 30.25 18.99 -23.53
C VAL KA 19 30.01 19.47 -22.10
N LEU KA 20 31.10 19.69 -21.35
CA LEU KA 20 31.00 20.27 -20.01
C LEU KA 20 30.22 21.58 -20.01
N LYS KA 21 30.55 22.48 -20.93
CA LYS KA 21 29.97 23.82 -20.87
C LYS KA 21 28.48 23.82 -21.13
N GLN KA 22 27.93 22.76 -21.72
CA GLN KA 22 26.48 22.72 -21.83
C GLN KA 22 25.78 22.02 -20.66
N VAL KA 23 26.45 21.09 -19.95
CA VAL KA 23 25.77 20.51 -18.78
C VAL KA 23 25.97 21.39 -17.55
N HIS KA 24 27.16 21.97 -17.40
CA HIS KA 24 27.52 22.77 -16.22
C HIS KA 24 28.25 24.02 -16.67
N PRO KA 25 27.53 25.01 -17.21
CA PRO KA 25 28.20 26.18 -17.83
C PRO KA 25 29.13 26.95 -16.91
N ASP KA 26 28.91 26.94 -15.60
CA ASP KA 26 29.76 27.68 -14.68
C ASP KA 26 30.82 26.82 -14.02
N THR KA 27 31.02 25.60 -14.52
CA THR KA 27 31.92 24.65 -13.89
C THR KA 27 33.14 24.43 -14.78
N GLY KA 28 34.32 24.55 -14.18
CA GLY KA 28 35.55 24.16 -14.83
C GLY KA 28 35.93 22.71 -14.49
N ILE KA 29 37.00 22.26 -15.12
CA ILE KA 29 37.51 20.91 -14.89
C ILE KA 29 39.03 21.02 -14.75
N SER KA 30 39.60 20.30 -13.79
CA SER KA 30 41.05 20.36 -13.62
C SER KA 30 41.74 19.58 -14.73
N SER KA 31 43.03 19.81 -14.87
CA SER KA 31 43.79 19.13 -15.92
C SER KA 31 43.88 17.64 -15.66
N LYS KA 32 44.10 17.27 -14.40
CA LYS KA 32 44.13 15.85 -14.09
C LYS KA 32 42.75 15.23 -14.35
N ALA KA 33 41.69 15.93 -13.94
CA ALA KA 33 40.35 15.45 -14.25
C ALA KA 33 40.11 15.36 -15.77
N MET KA 34 40.72 16.26 -16.53
CA MET KA 34 40.58 16.19 -17.99
C MET KA 34 41.31 14.98 -18.56
N SER KA 35 42.51 14.67 -18.04
CA SER KA 35 43.23 13.46 -18.47
C SER KA 35 42.40 12.21 -18.27
N ILE KA 36 41.81 12.04 -17.08
CA ILE KA 36 40.90 10.94 -16.82
C ILE KA 36 39.81 10.87 -17.90
N MET KA 37 39.15 12.01 -18.16
CA MET KA 37 38.05 12.01 -19.14
C MET KA 37 38.53 11.52 -20.50
N ASN KA 38 39.74 11.93 -20.91
CA ASN KA 38 40.31 11.45 -22.15
C ASN KA 38 40.55 9.95 -22.11
N SER KA 39 41.13 9.47 -20.99
CA SER KA 39 41.30 8.03 -20.85
C SER KA 39 39.97 7.32 -20.98
N PHE KA 40 38.89 7.93 -20.47
CA PHE KA 40 37.57 7.32 -20.52
C PHE KA 40 37.06 7.19 -21.95
N VAL KA 41 37.06 8.31 -22.70
CA VAL KA 41 36.59 8.28 -24.08
C VAL KA 41 37.31 7.20 -24.86
N ASN KA 42 38.64 7.17 -24.77
CA ASN KA 42 39.46 6.18 -25.50
C ASN KA 42 39.14 4.75 -25.09
N ASP KA 43 38.96 4.52 -23.79
CA ASP KA 43 38.60 3.20 -23.29
C ASP KA 43 37.27 2.73 -23.86
N VAL KA 44 36.21 3.51 -23.69
CA VAL KA 44 34.92 3.17 -24.29
C VAL KA 44 35.05 3.01 -25.80
N PHE KA 45 35.85 3.87 -26.46
CA PHE KA 45 36.07 3.72 -27.89
C PHE KA 45 36.59 2.32 -28.22
N GLU KA 46 37.68 1.92 -27.56
CA GLU KA 46 38.29 0.63 -27.88
C GLU KA 46 37.32 -0.52 -27.65
N ARG KA 47 36.57 -0.48 -26.53
CA ARG KA 47 35.61 -1.55 -26.25
C ARG KA 47 34.55 -1.66 -27.35
N ILE KA 48 33.91 -0.54 -27.69
CA ILE KA 48 32.84 -0.59 -28.69
C ILE KA 48 33.39 -1.06 -30.02
N ALA KA 49 34.49 -0.44 -30.46
CA ALA KA 49 35.05 -0.78 -31.76
C ALA KA 49 35.55 -2.21 -31.78
N GLY KA 50 36.17 -2.66 -30.69
CA GLY KA 50 36.59 -4.04 -30.60
C GLY KA 50 35.45 -5.00 -30.79
N GLU KA 51 34.35 -4.78 -30.05
CA GLU KA 51 33.19 -5.65 -30.17
C GLU KA 51 32.56 -5.54 -31.56
N ALA KA 52 32.44 -4.31 -32.09
CA ALA KA 52 31.94 -4.14 -33.45
C ALA KA 52 32.76 -4.93 -34.44
N SER KA 53 34.08 -4.95 -34.24
CA SER KA 53 34.97 -5.67 -35.15
C SER KA 53 34.74 -7.18 -35.05
N ARG KA 54 34.56 -7.67 -33.82
CA ARG KA 54 34.19 -9.06 -33.59
C ARG KA 54 32.89 -9.43 -34.30
N LEU KA 55 31.84 -8.62 -34.13
CA LEU KA 55 30.56 -8.88 -34.80
C LEU KA 55 30.73 -8.99 -36.31
N ALA KA 56 31.26 -7.93 -36.95
CA ALA KA 56 31.50 -7.96 -38.39
C ALA KA 56 32.27 -9.22 -38.80
N HIS KA 57 33.20 -9.65 -37.98
CA HIS KA 57 33.98 -10.86 -38.34
C HIS KA 57 33.16 -12.12 -38.15
N TYR KA 58 32.26 -12.15 -37.16
CA TYR KA 58 31.49 -13.40 -36.97
C TYR KA 58 30.46 -13.52 -38.09
N ASN KA 59 29.98 -12.39 -38.58
CA ASN KA 59 28.94 -12.40 -39.62
C ASN KA 59 29.56 -12.30 -41.01
N LYS KA 60 30.86 -12.58 -41.13
CA LYS KA 60 31.48 -12.64 -42.45
C LYS KA 60 31.23 -11.35 -43.23
N ARG KA 61 31.27 -10.24 -42.52
CA ARG KA 61 31.04 -8.91 -43.12
C ARG KA 61 32.38 -8.20 -43.28
N SER KA 62 32.54 -7.50 -44.38
CA SER KA 62 33.77 -6.78 -44.66
C SER KA 62 33.81 -5.37 -44.07
N THR KA 63 32.66 -4.84 -43.59
CA THR KA 63 32.53 -3.43 -43.20
C THR KA 63 31.89 -3.31 -41.82
N ILE KA 64 32.39 -2.35 -41.04
CA ILE KA 64 31.72 -1.94 -39.81
C ILE KA 64 30.81 -0.78 -40.13
N THR KA 65 29.50 -0.99 -39.99
CA THR KA 65 28.49 0.04 -40.17
C THR KA 65 27.91 0.41 -38.80
N SER KA 66 26.95 1.33 -38.84
CA SER KA 66 26.29 1.73 -37.61
C SER KA 66 25.61 0.56 -36.89
N ARG KA 67 25.25 -0.49 -37.63
CA ARG KA 67 24.55 -1.62 -37.01
C ARG KA 67 25.47 -2.43 -36.09
N GLU KA 68 26.74 -2.58 -36.47
CA GLU KA 68 27.69 -3.28 -35.60
C GLU KA 68 27.98 -2.44 -34.35
N ILE KA 69 28.13 -1.12 -34.52
CA ILE KA 69 28.29 -0.24 -33.36
C ILE KA 69 27.11 -0.41 -32.41
N GLN KA 70 25.90 -0.45 -32.96
CA GLN KA 70 24.71 -0.49 -32.13
C GLN KA 70 24.65 -1.78 -31.33
N THR KA 71 24.84 -2.93 -31.98
CA THR KA 71 24.88 -4.20 -31.25
C THR KA 71 25.97 -4.19 -30.20
N ALA KA 72 27.16 -3.69 -30.57
CA ALA KA 72 28.23 -3.62 -29.58
C ALA KA 72 27.82 -2.77 -28.39
N VAL KA 73 27.14 -1.64 -28.63
CA VAL KA 73 26.68 -0.82 -27.51
C VAL KA 73 25.77 -1.62 -26.60
N ARG KA 74 24.86 -2.41 -27.19
CA ARG KA 74 23.89 -3.16 -26.40
C ARG KA 74 24.57 -4.28 -25.61
N LEU KA 75 25.70 -4.78 -26.10
CA LEU KA 75 26.43 -5.80 -25.40
C LEU KA 75 27.27 -5.21 -24.27
N LEU KA 76 27.79 -4.00 -24.46
CA LEU KA 76 28.74 -3.42 -23.51
C LEU KA 76 28.12 -2.48 -22.49
N LEU KA 77 27.10 -1.72 -22.83
CA LEU KA 77 26.55 -0.85 -21.83
C LEU KA 77 25.49 -1.55 -21.04
N PRO KA 78 25.38 -1.22 -19.76
CA PRO KA 78 24.33 -1.72 -18.91
C PRO KA 78 23.01 -1.10 -19.28
N GLY KA 79 21.96 -1.89 -19.26
CA GLY KA 79 20.60 -1.44 -19.08
C GLY KA 79 20.16 -0.13 -19.70
N GLU KA 80 19.98 0.86 -18.82
CA GLU KA 80 19.44 2.20 -19.18
C GLU KA 80 20.45 3.01 -20.00
N LEU KA 81 21.75 2.85 -19.74
CA LEU KA 81 22.75 3.61 -20.54
C LEU KA 81 22.65 3.12 -21.99
N ALA KA 82 22.53 1.80 -22.16
CA ALA KA 82 22.41 1.19 -23.50
C ALA KA 82 21.21 1.79 -24.26
N LYS KA 83 20.04 1.88 -23.63
CA LYS KA 83 18.87 2.39 -24.35
C LYS KA 83 19.09 3.83 -24.80
N HIS KA 84 19.55 4.69 -23.90
CA HIS KA 84 19.76 6.09 -24.25
C HIS KA 84 20.89 6.23 -25.25
N ALA KA 85 21.97 5.48 -25.06
CA ALA KA 85 23.07 5.52 -26.02
C ALA KA 85 22.60 5.11 -27.41
N VAL KA 86 21.80 4.06 -27.49
CA VAL KA 86 21.28 3.62 -28.77
C VAL KA 86 20.41 4.71 -29.39
N SER KA 87 19.64 5.40 -28.54
CA SER KA 87 18.79 6.47 -29.03
C SER KA 87 19.61 7.67 -29.52
N GLU KA 88 20.66 8.06 -28.78
CA GLU KA 88 21.49 9.16 -29.25
C GLU KA 88 22.17 8.82 -30.58
N GLY KA 89 22.56 7.56 -30.75
CA GLY KA 89 23.25 7.17 -31.96
C GLY KA 89 22.33 7.10 -33.16
N THR KA 90 21.15 6.52 -33.00
CA THR KA 90 20.19 6.50 -34.10
C THR KA 90 19.77 7.91 -34.50
N LYS KA 91 19.58 8.81 -33.52
CA LYS KA 91 19.15 10.18 -33.85
C LYS KA 91 20.23 10.91 -34.63
N ALA KA 92 21.49 10.80 -34.17
CA ALA KA 92 22.61 11.42 -34.87
C ALA KA 92 22.70 10.93 -36.31
N VAL KA 93 22.53 9.62 -36.51
CA VAL KA 93 22.65 9.07 -37.86
C VAL KA 93 21.51 9.56 -38.75
N THR KA 94 20.26 9.52 -38.24
CA THR KA 94 19.12 10.00 -39.03
C THR KA 94 19.29 11.46 -39.38
N LYS KA 95 19.77 12.26 -38.42
CA LYS KA 95 20.04 13.68 -38.67
C LYS KA 95 21.12 13.84 -39.73
N TYR KA 96 22.25 13.14 -39.53
CA TYR KA 96 23.33 13.16 -40.51
C TYR KA 96 22.82 12.78 -41.90
N THR KA 97 21.88 11.84 -41.98
CA THR KA 97 21.38 11.34 -43.26
C THR KA 97 20.19 12.18 -43.75
N SER KA 98 20.42 13.48 -43.93
CA SER KA 98 19.33 14.33 -44.37
C SER KA 98 19.82 15.48 -45.24
N ARG LA 4 22.89 -48.03 11.23
CA ARG LA 4 23.47 -46.79 11.72
C ARG LA 4 23.47 -45.76 10.61
N TYR LA 5 23.10 -44.51 10.91
CA TYR LA 5 23.21 -43.46 9.92
C TYR LA 5 24.39 -42.58 10.26
N ARG LA 6 25.30 -42.46 9.30
CA ARG LA 6 26.61 -41.83 9.45
C ARG LA 6 26.71 -40.80 8.32
N PRO LA 7 26.18 -39.59 8.53
CA PRO LA 7 26.03 -38.67 7.39
C PRO LA 7 27.35 -38.22 6.81
N GLY LA 8 28.37 -38.04 7.65
CA GLY LA 8 29.68 -37.67 7.13
C GLY LA 8 30.20 -38.67 6.12
N THR LA 9 30.03 -39.97 6.42
CA THR LA 9 30.47 -41.03 5.51
C THR LA 9 29.67 -41.00 4.20
N VAL LA 10 28.36 -40.81 4.29
CA VAL LA 10 27.53 -40.71 3.09
C VAL LA 10 28.00 -39.55 2.21
N ALA LA 11 28.17 -38.38 2.82
CA ALA LA 11 28.51 -37.17 2.06
C ALA LA 11 29.87 -37.31 1.38
N LEU LA 12 30.88 -37.77 2.12
CA LEU LA 12 32.18 -37.98 1.52
C LEU LA 12 32.10 -38.94 0.33
N ARG LA 13 31.37 -40.05 0.50
CA ARG LA 13 31.19 -40.96 -0.61
C ARG LA 13 30.53 -40.28 -1.81
N GLU LA 14 29.59 -39.36 -1.57
CA GLU LA 14 28.98 -38.63 -2.67
C GLU LA 14 29.99 -37.67 -3.31
N ILE LA 15 30.81 -37.02 -2.49
CA ILE LA 15 31.80 -36.11 -3.07
C ILE LA 15 32.70 -36.87 -4.02
N ARG LA 16 33.10 -38.09 -3.64
CA ARG LA 16 34.00 -38.85 -4.51
C ARG LA 16 33.27 -39.32 -5.76
N ARG LA 17 32.00 -39.74 -5.62
CA ARG LA 17 31.22 -40.17 -6.79
C ARG LA 17 31.14 -39.07 -7.85
N TYR LA 18 30.83 -37.83 -7.43
CA TYR LA 18 30.55 -36.75 -8.37
C TYR LA 18 31.79 -35.96 -8.75
N GLN LA 19 32.86 -36.03 -7.96
CA GLN LA 19 34.16 -35.53 -8.39
C GLN LA 19 34.84 -36.49 -9.38
N LYS LA 20 34.38 -37.74 -9.43
CA LYS LA 20 34.92 -38.74 -10.32
C LYS LA 20 34.27 -38.72 -11.69
N SER LA 21 33.00 -38.33 -11.78
CA SER LA 21 32.25 -38.33 -13.02
C SER LA 21 32.27 -36.94 -13.66
N THR LA 22 31.89 -36.91 -14.93
CA THR LA 22 31.78 -35.68 -15.69
C THR LA 22 30.37 -35.45 -16.21
N GLU LA 23 29.44 -36.38 -15.97
CA GLU LA 23 28.07 -36.23 -16.43
C GLU LA 23 27.47 -34.91 -15.94
N LEU LA 24 26.59 -34.34 -16.75
CA LEU LA 24 25.79 -33.20 -16.31
C LEU LA 24 24.88 -33.64 -15.16
N LEU LA 25 24.81 -32.83 -14.11
CA LEU LA 25 24.11 -33.28 -12.91
C LEU LA 25 22.68 -32.77 -12.79
N ILE LA 26 22.28 -31.76 -13.57
CA ILE LA 26 20.88 -31.39 -13.62
C ILE LA 26 20.24 -32.21 -14.72
N ARG LA 27 18.99 -32.64 -14.52
CA ARG LA 27 18.35 -33.45 -15.53
C ARG LA 27 18.04 -32.58 -16.75
N LYS LA 28 18.22 -33.16 -17.94
CA LYS LA 28 18.22 -32.37 -19.16
C LYS LA 28 16.87 -31.71 -19.42
N LEU LA 29 15.77 -32.44 -19.17
CA LEU LA 29 14.45 -31.88 -19.46
C LEU LA 29 14.12 -30.66 -18.60
N PRO LA 30 14.31 -30.67 -17.27
CA PRO LA 30 14.07 -29.43 -16.50
C PRO LA 30 14.94 -28.27 -16.96
N PHE LA 31 16.24 -28.51 -17.16
CA PHE LA 31 17.12 -27.41 -17.56
C PHE LA 31 16.67 -26.81 -18.89
N GLN LA 32 16.21 -27.64 -19.82
CA GLN LA 32 15.67 -27.13 -21.07
C GLN LA 32 14.46 -26.26 -20.81
N ARG LA 33 13.58 -26.69 -19.90
CA ARG LA 33 12.38 -25.91 -19.65
C ARG LA 33 12.70 -24.60 -18.93
N LEU LA 34 13.71 -24.61 -18.06
CA LEU LA 34 14.17 -23.37 -17.43
C LEU LA 34 14.75 -22.42 -18.46
N VAL LA 35 15.60 -22.93 -19.36
CA VAL LA 35 16.15 -22.09 -20.43
C VAL LA 35 15.01 -21.52 -21.28
N ARG LA 36 14.06 -22.38 -21.65
CA ARG LA 36 12.94 -21.97 -22.49
C ARG LA 36 12.16 -20.81 -21.85
N GLU LA 37 11.88 -20.91 -20.55
CA GLU LA 37 11.10 -19.86 -19.89
C GLU LA 37 11.86 -18.53 -19.90
N ILE LA 38 13.14 -18.56 -19.54
CA ILE LA 38 13.94 -17.34 -19.54
C ILE LA 38 14.06 -16.77 -20.95
N ALA LA 39 14.38 -17.64 -21.92
CA ALA LA 39 14.55 -17.19 -23.29
C ALA LA 39 13.24 -16.66 -23.87
N GLN LA 40 12.12 -17.32 -23.56
CA GLN LA 40 10.87 -16.88 -24.15
C GLN LA 40 10.39 -15.56 -23.57
N ASP LA 41 10.82 -15.22 -22.35
CA ASP LA 41 10.49 -13.92 -21.81
C ASP LA 41 11.31 -12.80 -22.46
N PHE LA 42 12.50 -13.11 -22.99
CA PHE LA 42 13.26 -12.10 -23.73
C PHE LA 42 12.59 -11.81 -25.06
N LYS LA 43 12.36 -12.85 -25.86
CA LYS LA 43 11.65 -12.70 -27.10
C LYS LA 43 10.74 -13.91 -27.28
N THR LA 44 9.50 -13.64 -27.70
CA THR LA 44 8.42 -14.64 -27.62
C THR LA 44 8.68 -15.83 -28.54
N ASP LA 45 9.07 -15.56 -29.79
CA ASP LA 45 9.19 -16.59 -30.82
C ASP LA 45 10.62 -17.11 -30.98
N LEU LA 46 11.50 -16.82 -30.01
CA LEU LA 46 12.87 -17.30 -30.09
C LEU LA 46 12.93 -18.81 -30.01
N ARG LA 47 13.82 -19.41 -30.78
CA ARG LA 47 14.07 -20.84 -30.65
C ARG LA 47 15.54 -21.06 -30.34
N PHE LA 48 15.84 -22.27 -29.89
CA PHE LA 48 17.20 -22.67 -29.56
C PHE LA 48 17.52 -23.97 -30.28
N GLN LA 49 18.80 -24.13 -30.64
CA GLN LA 49 19.32 -25.45 -30.99
C GLN LA 49 19.52 -26.27 -29.74
N SER LA 50 19.32 -27.60 -29.85
CA SER LA 50 19.56 -28.46 -28.70
C SER LA 50 21.01 -28.36 -28.24
N SER LA 51 21.94 -28.23 -29.19
CA SER LA 51 23.36 -28.10 -28.81
C SER LA 51 23.61 -26.77 -28.10
N ALA LA 52 22.81 -25.74 -28.38
CA ALA LA 52 22.99 -24.49 -27.65
C ALA LA 52 22.50 -24.62 -26.21
N VAL LA 53 21.43 -25.38 -26.01
CA VAL LA 53 20.96 -25.66 -24.66
C VAL LA 53 22.03 -26.43 -23.90
N MET LA 54 22.68 -27.40 -24.56
CA MET LA 54 23.73 -28.17 -23.91
C MET LA 54 24.93 -27.31 -23.56
N ALA LA 55 25.32 -26.40 -24.46
CA ALA LA 55 26.42 -25.50 -24.13
C ALA LA 55 26.04 -24.65 -22.94
N LEU LA 56 24.79 -24.16 -22.91
CA LEU LA 56 24.30 -23.45 -21.73
C LEU LA 56 24.40 -24.33 -20.48
N GLN LA 57 24.02 -25.61 -20.58
CA GLN LA 57 24.06 -26.46 -19.40
C GLN LA 57 25.49 -26.75 -18.94
N GLU LA 58 26.40 -27.01 -19.89
CA GLU LA 58 27.80 -27.20 -19.52
C GLU LA 58 28.34 -25.96 -18.82
N ALA LA 59 28.08 -24.79 -19.41
CA ALA LA 59 28.55 -23.54 -18.81
C ALA LA 59 27.93 -23.30 -17.44
N SER LA 60 26.60 -23.49 -17.33
CA SER LA 60 25.90 -23.27 -16.07
C SER LA 60 26.41 -24.20 -14.97
N GLU LA 61 26.53 -25.49 -15.27
CA GLU LA 61 26.94 -26.41 -14.22
C GLU LA 61 28.37 -26.12 -13.77
N ALA LA 62 29.27 -25.78 -14.71
CA ALA LA 62 30.64 -25.50 -14.31
C ALA LA 62 30.70 -24.26 -13.44
N TYR LA 63 29.92 -23.23 -13.79
CA TYR LA 63 29.84 -22.03 -12.96
C TYR LA 63 29.38 -22.36 -11.54
N LEU LA 64 28.32 -23.18 -11.40
CA LEU LA 64 27.79 -23.48 -10.06
C LEU LA 64 28.75 -24.32 -9.23
N VAL LA 65 29.40 -25.31 -9.84
CA VAL LA 65 30.37 -26.14 -9.13
C VAL LA 65 31.53 -25.30 -8.61
N ALA LA 66 32.12 -24.48 -9.47
CA ALA LA 66 33.18 -23.57 -9.06
C ALA LA 66 32.70 -22.63 -7.96
N LEU LA 67 31.46 -22.11 -8.08
CA LEU LA 67 30.90 -21.27 -7.02
C LEU LA 67 30.73 -22.04 -5.70
N PHE LA 68 30.38 -23.33 -5.79
CA PHE LA 68 30.28 -24.13 -4.56
C PHE LA 68 31.65 -24.37 -3.94
N GLU LA 69 32.70 -24.48 -4.76
CA GLU LA 69 34.05 -24.57 -4.23
C GLU LA 69 34.41 -23.33 -3.41
N ASP LA 70 34.22 -22.15 -4.00
CA ASP LA 70 34.50 -20.92 -3.28
C ASP LA 70 33.62 -20.78 -2.04
N THR LA 71 32.36 -21.22 -2.17
CA THR LA 71 31.42 -21.19 -1.06
C THR LA 71 31.88 -22.10 0.06
N ASN LA 72 32.28 -23.33 -0.28
CA ASN LA 72 32.91 -24.24 0.68
C ASN LA 72 34.01 -23.54 1.47
N LEU LA 73 34.93 -22.86 0.78
CA LEU LA 73 36.03 -22.17 1.46
C LEU LA 73 35.51 -21.12 2.43
N CYS LA 74 34.43 -20.43 2.06
CA CYS LA 74 33.88 -19.40 2.93
C CYS LA 74 33.26 -20.01 4.18
N ALA LA 75 32.57 -21.14 4.03
CA ALA LA 75 32.03 -21.81 5.21
C ALA LA 75 33.16 -22.29 6.12
N ILE LA 76 34.17 -22.94 5.54
CA ILE LA 76 35.30 -23.42 6.32
C ILE LA 76 36.00 -22.25 7.02
N HIS LA 77 36.19 -21.14 6.30
CA HIS LA 77 36.79 -19.95 6.91
C HIS LA 77 36.08 -19.56 8.18
N ALA LA 78 34.75 -19.72 8.22
CA ALA LA 78 33.97 -19.43 9.42
C ALA LA 78 33.91 -20.63 10.37
N LYS LA 79 34.78 -21.62 10.18
CA LYS LA 79 34.83 -22.81 11.03
C LYS LA 79 33.47 -23.52 11.07
N ARG LA 80 32.87 -23.70 9.89
CA ARG LA 80 31.70 -24.53 9.67
C ARG LA 80 32.00 -25.51 8.55
N VAL LA 81 31.26 -26.61 8.52
CA VAL LA 81 31.23 -27.47 7.34
C VAL LA 81 29.93 -27.33 6.57
N THR LA 82 28.91 -26.72 7.16
CA THR LA 82 27.65 -26.50 6.47
C THR LA 82 27.73 -25.18 5.73
N ILE LA 83 27.69 -25.24 4.40
CA ILE LA 83 27.56 -24.02 3.62
C ILE LA 83 26.17 -23.43 3.83
N MET LA 84 26.10 -22.11 3.86
CA MET LA 84 24.89 -21.36 4.08
C MET LA 84 24.79 -20.28 3.01
N PRO LA 85 23.62 -19.62 2.90
CA PRO LA 85 23.50 -18.56 1.88
C PRO LA 85 24.56 -17.47 2.01
N LYS LA 86 24.92 -17.09 3.24
CA LYS LA 86 25.90 -16.02 3.42
C LYS LA 86 27.26 -16.38 2.86
N ASP LA 87 27.60 -17.67 2.75
CA ASP LA 87 28.83 -18.06 2.08
C ASP LA 87 28.73 -17.86 0.57
N ILE LA 88 27.61 -18.25 -0.02
CA ILE LA 88 27.44 -18.02 -1.44
C ILE LA 88 27.57 -16.53 -1.73
N GLN LA 89 27.00 -15.71 -0.85
CA GLN LA 89 26.95 -14.27 -1.08
C GLN LA 89 28.33 -13.64 -0.94
N LEU LA 90 29.07 -14.04 0.11
CA LEU LA 90 30.46 -13.60 0.26
C LEU LA 90 31.28 -13.98 -0.98
N ALA LA 91 31.21 -15.25 -1.38
CA ALA LA 91 31.95 -15.70 -2.56
C ALA LA 91 31.62 -14.83 -3.77
N ARG LA 92 30.34 -14.59 -4.02
CA ARG LA 92 29.97 -13.81 -5.20
C ARG LA 92 30.41 -12.36 -5.08
N ARG LA 93 30.37 -11.79 -3.87
CA ARG LA 93 30.76 -10.39 -3.71
C ARG LA 93 32.26 -10.21 -3.93
N ILE LA 94 33.07 -11.17 -3.51
CA ILE LA 94 34.51 -11.07 -3.75
C ILE LA 94 34.85 -11.41 -5.19
N ARG LA 95 34.17 -12.40 -5.79
CA ARG LA 95 34.29 -12.65 -7.22
C ARG LA 95 33.95 -11.40 -8.02
N GLY LA 96 33.06 -10.56 -7.50
CA GLY LA 96 32.60 -9.39 -8.20
C GLY LA 96 31.30 -9.61 -8.96
N GLU LA 97 30.32 -10.28 -8.36
CA GLU LA 97 29.01 -10.45 -9.00
C GLU LA 97 27.91 -9.73 -8.23
N GLN MA 9 12.66 -23.37 -10.38
CA GLN MA 9 12.04 -24.21 -9.35
C GLN MA 9 12.02 -25.67 -9.79
N GLY MA 10 12.17 -25.89 -11.10
CA GLY MA 10 12.42 -27.24 -11.61
C GLY MA 10 13.81 -27.76 -11.30
N ILE MA 11 14.70 -26.92 -10.80
CA ILE MA 11 16.03 -27.33 -10.36
C ILE MA 11 15.89 -27.92 -8.96
N THR MA 12 15.99 -29.23 -8.87
CA THR MA 12 15.64 -29.98 -7.67
C THR MA 12 16.74 -29.93 -6.62
N LYS MA 13 16.34 -30.18 -5.37
CA LYS MA 13 17.30 -30.36 -4.30
C LYS MA 13 18.35 -31.40 -4.64
N PRO MA 14 18.02 -32.60 -5.15
CA PRO MA 14 19.10 -33.53 -5.52
C PRO MA 14 20.09 -32.96 -6.51
N ALA MA 15 19.60 -32.34 -7.60
CA ALA MA 15 20.49 -31.75 -8.59
C ALA MA 15 21.41 -30.73 -7.94
N ILE MA 16 20.86 -29.83 -7.14
CA ILE MA 16 21.70 -28.82 -6.50
C ILE MA 16 22.70 -29.49 -5.56
N ARG MA 17 22.24 -30.49 -4.80
CA ARG MA 17 23.12 -31.21 -3.89
C ARG MA 17 24.28 -31.88 -4.64
N ARG MA 18 23.99 -32.54 -5.77
CA ARG MA 18 25.03 -33.22 -6.53
C ARG MA 18 26.10 -32.25 -7.03
N LEU MA 19 25.71 -31.06 -7.48
CA LEU MA 19 26.68 -30.08 -7.94
C LEU MA 19 27.55 -29.61 -6.79
N ALA MA 20 26.93 -29.38 -5.63
CA ALA MA 20 27.68 -29.03 -4.44
C ALA MA 20 28.65 -30.14 -4.06
N ARG MA 21 28.24 -31.40 -4.22
CA ARG MA 21 29.15 -32.52 -3.97
C ARG MA 21 30.37 -32.44 -4.90
N ARG MA 22 30.13 -32.28 -6.19
CA ARG MA 22 31.25 -32.12 -7.12
C ARG MA 22 32.12 -30.95 -6.71
N GLY MA 23 31.52 -29.89 -6.15
CA GLY MA 23 32.28 -28.79 -5.60
C GLY MA 23 32.93 -29.08 -4.25
N GLY MA 24 32.87 -30.33 -3.77
CA GLY MA 24 33.56 -30.68 -2.53
C GLY MA 24 32.86 -30.32 -1.24
N VAL MA 25 31.55 -30.09 -1.28
CA VAL MA 25 30.79 -29.60 -0.13
C VAL MA 25 30.27 -30.79 0.64
N LYS MA 26 30.58 -30.84 1.94
CA LYS MA 26 30.19 -31.98 2.76
C LYS MA 26 28.80 -31.80 3.40
N ARG MA 27 28.42 -30.59 3.78
CA ARG MA 27 27.08 -30.42 4.34
C ARG MA 27 26.45 -29.12 3.85
N ILE MA 28 25.13 -29.17 3.68
CA ILE MA 28 24.36 -28.16 2.95
C ILE MA 28 23.17 -27.73 3.81
N SER MA 29 23.07 -26.43 4.06
CA SER MA 29 21.91 -25.91 4.77
C SER MA 29 20.69 -25.88 3.85
N GLY MA 30 19.51 -26.11 4.44
CA GLY MA 30 18.28 -26.09 3.67
C GLY MA 30 18.04 -24.77 2.94
N LEU MA 31 18.59 -23.68 3.48
CA LEU MA 31 18.37 -22.40 2.80
C LEU MA 31 19.13 -22.28 1.48
N ILE MA 32 20.10 -23.18 1.24
CA ILE MA 32 21.01 -23.07 0.10
C ILE MA 32 20.26 -23.24 -1.22
N TYR MA 33 19.25 -24.10 -1.26
CA TYR MA 33 18.62 -24.47 -2.53
C TYR MA 33 17.91 -23.30 -3.18
N GLU MA 34 17.17 -22.51 -2.40
CA GLU MA 34 16.50 -21.35 -2.97
C GLU MA 34 17.52 -20.32 -3.44
N GLU MA 35 18.60 -20.14 -2.67
CA GLU MA 35 19.66 -19.21 -3.09
C GLU MA 35 20.28 -19.65 -4.41
N THR MA 36 20.62 -20.93 -4.52
CA THR MA 36 21.26 -21.45 -5.73
C THR MA 36 20.37 -21.21 -6.95
N ARG MA 37 19.10 -21.55 -6.86
CA ARG MA 37 18.17 -21.32 -7.96
C ARG MA 37 18.21 -19.86 -8.40
N GLY MA 38 18.20 -18.93 -7.44
CA GLY MA 38 18.26 -17.52 -7.80
C GLY MA 38 19.56 -17.16 -8.47
N VAL MA 39 20.68 -17.67 -7.95
CA VAL MA 39 21.97 -17.41 -8.55
C VAL MA 39 22.03 -18.01 -9.94
N LEU MA 40 21.41 -19.18 -10.15
CA LEU MA 40 21.44 -19.80 -11.48
C LEU MA 40 20.61 -19.01 -12.48
N LYS MA 41 19.49 -18.48 -12.03
CA LYS MA 41 18.63 -17.74 -12.95
C LYS MA 41 19.29 -16.42 -13.37
N VAL MA 42 20.00 -15.75 -12.46
CA VAL MA 42 20.77 -14.58 -12.86
C VAL MA 42 21.84 -14.98 -13.88
N PHE MA 43 22.58 -16.05 -13.62
CA PHE MA 43 23.59 -16.48 -14.58
C PHE MA 43 22.98 -16.70 -15.95
N LEU MA 44 21.86 -17.46 -16.01
CA LEU MA 44 21.27 -17.80 -17.30
C LEU MA 44 20.72 -16.57 -18.00
N GLU MA 45 20.08 -15.67 -17.25
CA GLU MA 45 19.55 -14.47 -17.87
C GLU MA 45 20.65 -13.65 -18.53
N ASN MA 46 21.81 -13.54 -17.89
CA ASN MA 46 22.90 -12.76 -18.47
C ASN MA 46 23.44 -13.42 -19.74
N VAL MA 47 23.66 -14.74 -19.72
CA VAL MA 47 24.15 -15.41 -20.92
C VAL MA 47 23.11 -15.33 -22.04
N ILE MA 48 21.88 -15.73 -21.75
CA ILE MA 48 20.84 -15.77 -22.78
C ILE MA 48 20.65 -14.40 -23.41
N ARG MA 49 20.65 -13.33 -22.61
CA ARG MA 49 20.44 -11.99 -23.15
C ARG MA 49 21.48 -11.65 -24.22
N ASP MA 50 22.77 -11.89 -23.93
CA ASP MA 50 23.80 -11.53 -24.89
C ASP MA 50 23.77 -12.46 -26.10
N ALA MA 51 23.47 -13.74 -25.89
CA ALA MA 51 23.33 -14.67 -27.00
C ALA MA 51 22.17 -14.29 -27.93
N VAL MA 52 21.05 -13.83 -27.36
CA VAL MA 52 19.95 -13.37 -28.19
C VAL MA 52 20.37 -12.14 -29.00
N THR MA 53 21.18 -11.28 -28.39
CA THR MA 53 21.73 -10.12 -29.08
C THR MA 53 22.58 -10.53 -30.28
N TYR MA 54 23.45 -11.53 -30.11
CA TYR MA 54 24.22 -12.03 -31.24
C TYR MA 54 23.28 -12.61 -32.30
N THR MA 55 22.28 -13.37 -31.86
CA THR MA 55 21.37 -14.02 -32.80
C THR MA 55 20.55 -12.99 -33.57
N GLU MA 56 19.99 -12.00 -32.85
CA GLU MA 56 19.19 -10.97 -33.51
C GLU MA 56 20.03 -10.11 -34.43
N HIS MA 57 21.28 -9.82 -34.04
CA HIS MA 57 22.15 -9.07 -34.92
C HIS MA 57 22.31 -9.76 -36.27
N ALA MA 58 22.43 -11.09 -36.26
CA ALA MA 58 22.59 -11.86 -37.49
C ALA MA 58 21.28 -12.07 -38.20
N LYS MA 59 20.21 -11.42 -37.72
CA LYS MA 59 18.87 -11.53 -38.30
C LYS MA 59 18.45 -13.00 -38.41
N ARG MA 60 18.86 -13.80 -37.43
CA ARG MA 60 18.34 -15.14 -37.24
C ARG MA 60 17.34 -15.12 -36.09
N LYS MA 61 16.48 -16.13 -36.04
CA LYS MA 61 15.57 -16.28 -34.90
C LYS MA 61 15.86 -17.51 -34.04
N THR MA 62 16.95 -18.24 -34.31
CA THR MA 62 17.28 -19.47 -33.60
C THR MA 62 18.68 -19.37 -33.03
N VAL MA 63 18.79 -19.41 -31.71
CA VAL MA 63 20.10 -19.28 -31.07
C VAL MA 63 20.87 -20.56 -31.30
N THR MA 64 22.13 -20.42 -31.72
CA THR MA 64 23.02 -21.55 -31.99
C THR MA 64 24.01 -21.73 -30.85
N ALA MA 65 24.61 -22.92 -30.79
CA ALA MA 65 25.66 -23.15 -29.80
C ALA MA 65 26.75 -22.09 -29.91
N MET MA 66 27.09 -21.71 -31.14
CA MET MA 66 28.06 -20.65 -31.39
C MET MA 66 27.63 -19.33 -30.76
N ASP MA 67 26.35 -18.96 -30.91
CA ASP MA 67 25.88 -17.74 -30.26
C ASP MA 67 26.07 -17.83 -28.75
N VAL MA 68 25.87 -19.02 -28.19
CA VAL MA 68 26.12 -19.20 -26.76
C VAL MA 68 27.59 -19.11 -26.44
N VAL MA 69 28.44 -19.70 -27.28
CA VAL MA 69 29.88 -19.61 -27.09
C VAL MA 69 30.36 -18.15 -27.15
N TYR MA 70 29.84 -17.38 -28.12
CA TYR MA 70 30.21 -15.96 -28.18
C TYR MA 70 29.73 -15.20 -26.95
N ALA MA 71 28.52 -15.51 -26.49
CA ALA MA 71 27.99 -14.81 -25.32
C ALA MA 71 28.82 -15.11 -24.07
N LEU MA 72 29.13 -16.39 -23.83
CA LEU MA 72 29.97 -16.73 -22.69
C LEU MA 72 31.31 -16.01 -22.76
N LYS MA 73 31.96 -16.04 -23.93
CA LYS MA 73 33.27 -15.39 -24.04
C LYS MA 73 33.18 -13.92 -23.70
N ARG MA 74 32.17 -13.21 -24.21
CA ARG MA 74 32.01 -11.80 -23.87
C ARG MA 74 31.95 -11.61 -22.35
N GLN MA 75 31.43 -12.58 -21.61
CA GLN MA 75 31.39 -12.50 -20.16
C GLN MA 75 32.61 -13.07 -19.46
N GLY MA 76 33.65 -13.46 -20.21
CA GLY MA 76 34.86 -13.94 -19.58
C GLY MA 76 34.87 -15.41 -19.23
N ARG MA 77 33.96 -16.19 -19.80
CA ARG MA 77 33.76 -17.60 -19.44
C ARG MA 77 33.92 -18.44 -20.70
N THR MA 78 35.14 -18.47 -21.22
CA THR MA 78 35.46 -19.25 -22.39
C THR MA 78 35.04 -20.71 -22.23
N LEU MA 79 34.29 -21.20 -23.20
CA LEU MA 79 33.78 -22.56 -23.19
C LEU MA 79 34.36 -23.33 -24.38
N TYR MA 80 35.06 -24.44 -24.08
CA TYR MA 80 35.64 -25.27 -25.13
C TYR MA 80 34.71 -26.42 -25.46
N GLY MA 81 34.65 -26.79 -26.73
CA GLY MA 81 33.96 -27.98 -27.16
C GLY MA 81 32.68 -27.78 -27.91
N PHE MA 82 32.31 -26.53 -28.24
CA PHE MA 82 31.11 -26.30 -29.01
C PHE MA 82 31.37 -25.43 -30.24
N GLY MA 83 32.61 -25.42 -30.74
CA GLY MA 83 32.98 -24.58 -31.86
C GLY MA 83 33.70 -23.30 -31.46
N GLN NA 11 11.44 -40.54 -16.75
CA GLN NA 11 11.83 -41.65 -17.61
C GLN NA 11 13.18 -41.20 -18.26
N PRO NA 12 13.42 -41.30 -19.59
CA PRO NA 12 14.79 -41.04 -20.07
C PRO NA 12 15.26 -39.63 -19.73
N ASN NA 13 16.58 -39.48 -19.70
CA ASN NA 13 17.19 -38.20 -19.32
C ASN NA 13 17.70 -37.54 -20.59
N GLU NA 14 16.76 -36.99 -21.37
CA GLU NA 14 17.05 -36.43 -22.67
C GLU NA 14 16.48 -35.03 -22.75
N TYR NA 15 16.92 -34.28 -23.77
CA TYR NA 15 16.21 -33.09 -24.16
C TYR NA 15 14.99 -33.47 -24.99
N ASP NA 16 13.87 -32.80 -24.75
CA ASP NA 16 12.65 -33.07 -25.52
C ASP NA 16 12.77 -32.37 -26.86
N LEU NA 17 13.08 -33.14 -27.90
CA LEU NA 17 13.33 -32.54 -29.21
C LEU NA 17 12.04 -32.11 -29.92
N ASN NA 18 10.88 -32.65 -29.52
CA ASN NA 18 9.64 -32.15 -30.11
C ASN NA 18 9.14 -30.89 -29.44
N ASP NA 19 9.89 -30.35 -28.49
CA ASP NA 19 9.54 -29.06 -27.99
C ASP NA 19 9.58 -28.07 -29.11
N SER NA 20 8.59 -27.22 -29.16
CA SER NA 20 8.51 -26.18 -30.15
C SER NA 20 9.59 -25.12 -30.06
N PHE NA 21 10.12 -24.91 -28.88
CA PHE NA 21 11.26 -24.05 -28.60
C PHE NA 21 12.55 -24.48 -29.29
N LEU NA 22 12.78 -25.77 -29.42
CA LEU NA 22 13.95 -26.24 -30.12
C LEU NA 22 13.81 -26.24 -31.64
N ASP NA 23 14.88 -25.85 -32.33
CA ASP NA 23 14.89 -25.87 -33.77
C ASP NA 23 16.14 -26.52 -34.27
N ASP NA 24 16.06 -27.74 -34.75
CA ASP NA 24 17.27 -28.39 -35.22
C ASP NA 24 17.32 -28.53 -36.74
N ASP NA 35 30.02 -40.50 -28.06
CA ASP NA 35 31.34 -39.93 -28.31
C ASP NA 35 32.22 -40.91 -29.09
N SER NA 36 32.35 -40.66 -30.39
CA SER NA 36 33.06 -41.58 -31.27
C SER NA 36 34.56 -41.38 -31.22
N ASP NA 37 35.30 -42.44 -31.51
CA ASP NA 37 36.74 -42.32 -31.75
C ASP NA 37 36.96 -41.44 -32.98
N TRP NA 38 37.87 -40.47 -32.88
CA TRP NA 38 38.13 -39.56 -33.98
C TRP NA 38 39.12 -40.16 -34.97
N GLU NA 39 38.81 -40.01 -36.26
CA GLU NA 39 39.59 -40.61 -37.34
C GLU NA 39 39.77 -39.62 -38.50
N PRO NA 40 40.96 -39.61 -39.14
CA PRO NA 40 41.20 -38.85 -40.37
C PRO NA 40 40.81 -39.62 -41.64
C1 GOL OA . -14.36 -11.62 14.24
O1 GOL OA . -14.57 -10.48 15.07
C2 GOL OA . -13.23 -12.49 14.77
O2 GOL OA . -13.21 -12.45 16.20
C3 GOL OA . -13.29 -13.92 14.29
O3 GOL OA . -12.37 -14.75 15.01
C1 GOL PA . 0.03 -5.85 -23.29
O1 GOL PA . -0.60 -7.04 -22.80
C2 GOL PA . -0.42 -5.51 -24.69
O2 GOL PA . -1.77 -5.93 -24.88
C3 GOL PA . -0.26 -4.06 -25.05
O3 GOL PA . -1.10 -3.23 -24.25
C1 GOL QA . -30.59 -18.43 3.68
O1 GOL QA . -29.87 -19.64 3.43
C2 GOL QA . -29.67 -17.23 3.70
O2 GOL QA . -29.02 -17.09 2.44
C3 GOL QA . -30.37 -15.94 4.08
O3 GOL QA . -29.64 -14.79 3.63
CL CL RA . -40.11 -36.30 31.43
C1 GOL SA . 19.03 4.24 8.47
O1 GOL SA . 18.60 4.23 7.12
C2 GOL SA . 20.54 4.23 8.58
O2 GOL SA . 21.12 4.93 7.48
C3 GOL SA . 21.06 4.79 9.89
O3 GOL SA . 22.41 5.25 9.77
C1 GOL TA . 10.95 -31.63 27.87
O1 GOL TA . 9.66 -31.70 28.47
C2 GOL TA . 11.97 -31.06 28.84
O2 GOL TA . 12.66 -32.11 29.49
C3 GOL TA . 12.97 -30.12 28.17
O3 GOL TA . 13.63 -29.31 29.13
C1 GOL UA . 0.52 -11.96 20.02
O1 GOL UA . 0.62 -11.48 21.36
C2 GOL UA . 1.59 -12.99 19.72
O2 GOL UA . 1.05 -14.02 18.88
C3 GOL UA . 2.85 -12.41 19.09
O3 GOL UA . 3.65 -13.42 18.51
C1 GOL VA . 5.47 9.39 20.42
O1 GOL VA . 4.48 8.37 20.37
C2 GOL VA . 5.27 10.31 21.60
O2 GOL VA . 3.87 10.59 21.77
C3 GOL VA . 5.87 9.79 22.89
O3 GOL VA . 7.22 10.19 23.04
C1 GOL WA . -38.28 22.18 8.61
O1 GOL WA . -38.34 21.28 9.71
C2 GOL WA . -39.36 23.24 8.69
O2 GOL WA . -39.63 23.56 10.05
C3 GOL WA . -39.04 24.49 7.92
O3 GOL WA . -40.18 25.33 7.79
C1 GOL XA . -41.94 36.12 16.99
O1 GOL XA . -42.70 35.95 15.78
C2 GOL XA . -40.46 36.17 16.71
O2 GOL XA . -39.84 34.97 17.16
C3 GOL XA . -39.77 37.37 17.31
O3 GOL XA . -40.22 38.58 16.71
C1 GOL YA . -22.26 23.24 -1.15
O1 GOL YA . -21.63 22.59 -2.25
C2 GOL YA . -22.04 24.73 -1.18
O2 GOL YA . -22.70 25.31 -2.30
C3 GOL YA . -20.57 25.12 -1.19
O3 GOL YA . -20.37 26.42 -1.73
C1 GOL ZA . 36.60 -27.00 -2.17
O1 GOL ZA . 35.35 -27.65 -2.24
C2 GOL ZA . 37.70 -27.82 -2.81
O2 GOL ZA . 37.44 -29.21 -2.64
C3 GOL ZA . 37.91 -27.52 -4.29
O3 GOL ZA . 38.87 -28.38 -4.87
C1 GOL AB . 55.14 6.63 6.59
O1 GOL AB . 55.72 5.39 6.20
C2 GOL AB . 54.94 6.69 8.09
O2 GOL AB . 56.17 6.41 8.76
C3 GOL AB . 54.38 8.01 8.56
O3 GOL AB . 54.17 8.01 9.97
C1 GOL BB . 34.57 -2.73 3.44
O1 GOL BB . 35.67 -2.29 4.23
C2 GOL BB . 33.71 -1.56 3.00
O2 GOL BB . 33.71 -0.54 3.99
C3 GOL BB . 34.11 -0.99 1.65
O3 GOL BB . 33.11 -0.11 1.14
C1 GOL CB . 36.12 17.32 -36.85
O1 GOL CB . 35.62 16.00 -36.78
C2 GOL CB . 35.37 18.25 -35.92
O2 GOL CB . 36.18 19.39 -35.60
C3 GOL CB . 34.03 18.70 -36.46
O3 GOL CB . 33.54 19.82 -35.74
#